data_6GC3
#
_entry.id   6GC3
#
loop_
_entity.id
_entity.type
_entity.pdbx_description
1 polymer 'Protein NRD1'
2 polymer 'Helicase SEN1'
#
loop_
_entity_poly.entity_id
_entity_poly.type
_entity_poly.pdbx_seq_one_letter_code
_entity_poly.pdbx_strand_id
1 'polypeptide(L)'
;MQQDDDFQNFVATLESFKDLKSGISGSRIKKLTTYALDHIDIESKIISLIIDYSRLCPDSHKLGSLYIIDSIGRAYLDET
RSNSNSSSNKPGTCAHAINTLGEVIQELLSDAIAKSNQDHKEKIRMLLDIWDRSGLFQKSYLNAIRSKCFAMDLEHHHHH
H
;
A
2 'polypeptide(L)' DDDEDDYTPSIS B
#
# COMPACT_ATOMS: atom_id res chain seq x y z
N MET A 1 -3.89 11.16 17.30
CA MET A 1 -3.99 12.39 16.51
C MET A 1 -2.64 12.78 15.93
N GLN A 2 -1.57 12.69 16.75
CA GLN A 2 -0.21 13.00 16.32
C GLN A 2 0.73 11.93 16.86
N GLN A 3 1.90 12.31 17.40
CA GLN A 3 2.85 11.37 17.95
C GLN A 3 2.40 10.86 19.33
N ASP A 4 1.12 10.51 19.43
CA ASP A 4 0.53 9.95 20.64
C ASP A 4 0.77 8.45 20.74
N ASP A 5 0.23 7.81 21.78
CA ASP A 5 0.28 6.37 21.94
C ASP A 5 -0.83 5.70 21.13
N ASP A 6 -1.47 6.47 20.26
CA ASP A 6 -2.53 6.00 19.39
C ASP A 6 -1.94 5.09 18.33
N PHE A 7 -0.68 5.37 18.00
CA PHE A 7 0.09 4.67 16.99
C PHE A 7 0.08 3.16 17.25
N GLN A 8 0.11 2.77 18.53
CA GLN A 8 0.17 1.39 18.95
C GLN A 8 -0.92 0.54 18.29
N ASN A 9 -2.11 1.11 18.07
CA ASN A 9 -3.21 0.38 17.47
C ASN A 9 -2.95 0.17 15.99
N PHE A 10 -2.29 1.16 15.36
CA PHE A 10 -1.91 1.10 13.96
C PHE A 10 -0.77 0.10 13.80
N VAL A 11 0.13 0.05 14.78
CA VAL A 11 1.24 -0.89 14.76
C VAL A 11 0.70 -2.32 14.93
N ALA A 12 -0.07 -2.55 15.99
CA ALA A 12 -0.64 -3.86 16.26
C ALA A 12 -1.52 -4.37 15.11
N THR A 13 -2.14 -3.47 14.35
CA THR A 13 -2.92 -3.89 13.19
C THR A 13 -1.98 -4.35 12.08
N LEU A 14 -0.88 -3.61 11.88
CA LEU A 14 0.11 -3.97 10.88
C LEU A 14 0.74 -5.31 11.24
N GLU A 15 1.08 -5.47 12.52
CA GLU A 15 1.67 -6.67 13.08
C GLU A 15 0.68 -7.84 12.94
N SER A 16 -0.62 -7.54 13.00
CA SER A 16 -1.64 -8.56 12.82
C SER A 16 -1.61 -9.07 11.39
N PHE A 17 -1.21 -8.24 10.43
CA PHE A 17 -1.00 -8.73 9.07
C PHE A 17 0.21 -9.66 9.01
N LYS A 18 1.30 -9.28 9.69
CA LYS A 18 2.53 -10.06 9.66
C LYS A 18 2.30 -11.46 10.22
N ASP A 19 1.31 -11.58 11.12
CA ASP A 19 0.98 -12.83 11.76
C ASP A 19 0.25 -13.80 10.82
N LEU A 20 -0.40 -13.28 9.77
CA LEU A 20 -1.13 -14.10 8.82
C LEU A 20 -0.18 -14.77 7.82
N LYS A 21 -0.62 -15.85 7.17
CA LYS A 21 0.18 -16.50 6.13
C LYS A 21 -0.03 -15.79 4.80
N SER A 22 -1.26 -15.31 4.57
CA SER A 22 -1.59 -14.57 3.36
C SER A 22 -1.19 -13.11 3.48
N GLY A 23 -1.04 -12.63 4.71
CA GLY A 23 -0.65 -11.26 5.02
C GLY A 23 -1.74 -10.24 4.71
N ILE A 24 -2.82 -10.67 4.05
CA ILE A 24 -3.97 -9.81 3.77
C ILE A 24 -5.02 -9.94 4.87
N SER A 25 -5.76 -8.86 5.13
CA SER A 25 -6.78 -8.84 6.18
C SER A 25 -7.73 -7.68 5.94
N GLY A 26 -8.72 -7.86 5.07
CA GLY A 26 -9.56 -6.77 4.59
C GLY A 26 -10.17 -5.89 5.67
N SER A 27 -10.71 -6.46 6.76
CA SER A 27 -11.34 -5.60 7.76
C SER A 27 -10.29 -4.83 8.53
N ARG A 28 -9.17 -5.48 8.89
CA ARG A 28 -8.09 -4.82 9.62
C ARG A 28 -7.42 -3.77 8.75
N ILE A 29 -7.25 -4.08 7.46
CA ILE A 29 -6.73 -3.13 6.51
C ILE A 29 -7.62 -1.89 6.53
N LYS A 30 -8.94 -2.08 6.49
CA LYS A 30 -9.89 -0.97 6.57
C LYS A 30 -9.86 -0.27 7.92
N LYS A 31 -9.43 -0.94 9.01
CA LYS A 31 -9.39 -0.29 10.32
C LYS A 31 -8.32 0.80 10.32
N LEU A 32 -7.08 0.47 10.00
CA LEU A 32 -6.04 1.49 10.03
C LEU A 32 -6.15 2.44 8.84
N THR A 33 -6.85 2.02 7.79
CA THR A 33 -7.08 2.87 6.63
C THR A 33 -8.10 3.95 6.99
N THR A 34 -9.10 3.59 7.81
CA THR A 34 -10.15 4.52 8.21
C THR A 34 -9.62 5.50 9.24
N TYR A 35 -8.76 5.05 10.16
CA TYR A 35 -8.19 5.95 11.15
C TYR A 35 -7.21 6.91 10.47
N ALA A 36 -6.56 6.44 9.40
CA ALA A 36 -5.66 7.28 8.63
C ALA A 36 -6.45 8.34 7.87
N LEU A 37 -7.67 8.01 7.43
CA LEU A 37 -8.54 8.94 6.74
C LEU A 37 -9.12 9.95 7.71
N ASP A 38 -9.50 9.48 8.91
CA ASP A 38 -10.01 10.35 9.96
C ASP A 38 -8.93 11.34 10.41
N HIS A 39 -7.66 10.99 10.21
CA HIS A 39 -6.54 11.83 10.64
C HIS A 39 -5.33 11.66 9.72
N ILE A 40 -5.19 12.55 8.74
CA ILE A 40 -4.03 12.58 7.87
C ILE A 40 -2.81 13.09 8.65
N ASP A 41 -3.03 13.68 9.82
CA ASP A 41 -1.96 14.28 10.62
C ASP A 41 -0.87 13.29 10.98
N ILE A 42 -1.17 11.99 10.91
CA ILE A 42 -0.18 10.94 11.16
C ILE A 42 0.23 10.23 9.88
N GLU A 43 -0.06 10.79 8.70
CA GLU A 43 0.34 10.16 7.45
C GLU A 43 1.83 9.83 7.47
N SER A 44 2.63 10.67 8.14
CA SER A 44 4.07 10.47 8.17
C SER A 44 4.45 9.10 8.73
N LYS A 45 3.89 8.73 9.90
CA LYS A 45 4.20 7.44 10.50
C LYS A 45 3.51 6.30 9.74
N ILE A 46 2.38 6.61 9.11
CA ILE A 46 1.61 5.62 8.36
C ILE A 46 2.36 5.21 7.11
N ILE A 47 2.84 6.19 6.36
CA ILE A 47 3.60 5.93 5.14
C ILE A 47 4.89 5.20 5.51
N SER A 48 5.47 5.52 6.67
CA SER A 48 6.68 4.84 7.10
C SER A 48 6.41 3.35 7.34
N LEU A 49 5.23 2.99 7.87
CA LEU A 49 4.92 1.61 8.13
C LEU A 49 4.64 0.80 6.87
N ILE A 50 3.99 1.38 5.85
CA ILE A 50 3.68 0.62 4.66
C ILE A 50 4.95 0.32 3.86
N ILE A 51 5.85 1.31 3.74
CA ILE A 51 7.08 1.08 3.00
C ILE A 51 7.97 0.09 3.75
N ASP A 52 8.03 0.19 5.08
CA ASP A 52 8.85 -0.72 5.87
C ASP A 52 8.24 -2.11 5.91
N TYR A 53 6.90 -2.23 6.03
CA TYR A 53 6.25 -3.53 6.00
C TYR A 53 6.46 -4.16 4.63
N SER A 54 6.15 -3.41 3.57
CA SER A 54 6.17 -3.94 2.21
C SER A 54 7.58 -4.37 1.81
N ARG A 55 8.61 -3.71 2.32
CA ARG A 55 9.98 -4.04 1.95
C ARG A 55 10.50 -5.27 2.72
N LEU A 56 10.23 -5.34 4.03
CA LEU A 56 10.77 -6.41 4.86
C LEU A 56 9.95 -7.69 4.78
N CYS A 57 8.63 -7.56 4.81
CA CYS A 57 7.72 -8.69 4.90
C CYS A 57 7.85 -9.69 3.74
N PRO A 58 7.38 -10.94 3.96
CA PRO A 58 7.32 -12.00 2.97
C PRO A 58 6.47 -11.65 1.76
N ASP A 59 6.50 -12.54 0.77
CA ASP A 59 5.87 -12.32 -0.54
C ASP A 59 4.36 -12.13 -0.43
N SER A 60 3.68 -12.93 0.40
CA SER A 60 2.24 -12.80 0.56
C SER A 60 1.93 -11.50 1.30
N HIS A 61 2.77 -11.14 2.27
CA HIS A 61 2.62 -9.90 3.01
C HIS A 61 2.90 -8.70 2.10
N LYS A 62 3.75 -8.87 1.09
CA LYS A 62 3.97 -7.82 0.10
C LYS A 62 2.67 -7.58 -0.67
N LEU A 63 1.95 -8.65 -1.02
CA LEU A 63 0.66 -8.52 -1.69
C LEU A 63 -0.28 -7.73 -0.77
N GLY A 64 -0.30 -8.10 0.51
CA GLY A 64 -1.17 -7.44 1.48
C GLY A 64 -0.72 -6.01 1.76
N SER A 65 0.57 -5.72 1.61
CA SER A 65 1.07 -4.37 1.80
C SER A 65 0.53 -3.48 0.70
N LEU A 66 0.39 -4.01 -0.51
CA LEU A 66 -0.10 -3.26 -1.65
C LEU A 66 -1.61 -3.07 -1.55
N TYR A 67 -2.32 -3.98 -0.88
CA TYR A 67 -3.74 -3.80 -0.59
C TYR A 67 -3.94 -2.64 0.38
N ILE A 68 -3.05 -2.53 1.38
CA ILE A 68 -3.17 -1.46 2.34
C ILE A 68 -2.86 -0.14 1.64
N ILE A 69 -1.73 -0.09 0.92
CA ILE A 69 -1.29 1.07 0.16
C ILE A 69 -2.34 1.48 -0.87
N ASP A 70 -3.06 0.52 -1.45
CA ASP A 70 -4.11 0.86 -2.39
C ASP A 70 -5.28 1.51 -1.68
N SER A 71 -5.63 1.00 -0.50
CA SER A 71 -6.79 1.48 0.24
C SER A 71 -6.51 2.85 0.82
N ILE A 72 -5.39 2.99 1.55
CA ILE A 72 -5.04 4.24 2.19
C ILE A 72 -4.52 5.24 1.17
N GLY A 73 -3.86 4.72 0.11
CA GLY A 73 -3.25 5.57 -0.89
C GLY A 73 -4.31 6.30 -1.71
N ARG A 74 -5.23 5.54 -2.32
CA ARG A 74 -6.27 6.15 -3.13
C ARG A 74 -7.18 6.99 -2.24
N ALA A 75 -7.56 6.47 -1.08
CA ALA A 75 -8.49 7.20 -0.23
C ALA A 75 -7.86 8.51 0.24
N TYR A 76 -6.53 8.58 0.37
CA TYR A 76 -5.89 9.84 0.72
C TYR A 76 -6.00 10.83 -0.42
N LEU A 77 -5.71 10.43 -1.66
CA LEU A 77 -5.80 11.40 -2.74
C LEU A 77 -7.27 11.77 -2.93
N ASP A 78 -8.17 10.78 -2.93
CA ASP A 78 -9.60 11.03 -3.08
C ASP A 78 -10.15 11.95 -2.00
N GLU A 79 -9.84 11.70 -0.73
CA GLU A 79 -10.35 12.52 0.36
C GLU A 79 -9.85 13.95 0.25
N THR A 80 -8.55 14.12 0.02
CA THR A 80 -7.97 15.44 -0.12
C THR A 80 -8.48 16.11 -1.39
N ARG A 81 -8.75 15.33 -2.45
CA ARG A 81 -9.34 15.82 -3.68
C ARG A 81 -10.77 16.29 -3.45
N SER A 82 -11.42 15.76 -2.41
CA SER A 82 -12.79 16.11 -2.04
C SER A 82 -12.85 17.13 -0.90
N ASN A 83 -11.71 17.49 -0.31
CA ASN A 83 -11.70 18.29 0.91
C ASN A 83 -10.56 19.30 0.92
N SER A 84 -10.58 20.21 1.91
CA SER A 84 -9.57 21.25 2.06
C SER A 84 -8.23 20.69 2.51
N ASN A 85 -8.14 19.37 2.71
CA ASN A 85 -6.91 18.72 3.10
C ASN A 85 -5.88 18.73 1.96
N SER A 86 -6.30 19.16 0.77
CA SER A 86 -5.40 19.34 -0.37
C SER A 86 -4.77 20.73 -0.37
N SER A 87 -5.08 21.54 0.65
CA SER A 87 -4.53 22.89 0.77
C SER A 87 -4.17 23.17 2.23
N SER A 88 -3.19 22.42 2.74
CA SER A 88 -2.73 22.52 4.12
C SER A 88 -1.24 22.20 4.19
N ASN A 89 -0.69 22.07 5.41
CA ASN A 89 0.72 21.81 5.62
C ASN A 89 1.17 20.56 4.85
N LYS A 90 2.44 20.56 4.41
CA LYS A 90 2.97 19.48 3.57
C LYS A 90 2.85 18.12 4.27
N PRO A 91 3.54 17.87 5.39
CA PRO A 91 3.35 16.64 6.13
C PRO A 91 1.96 16.70 6.77
N GLY A 92 1.31 15.55 6.89
CA GLY A 92 -0.03 15.48 7.45
C GLY A 92 -1.10 15.65 6.40
N THR A 93 -0.78 15.37 5.13
CA THR A 93 -1.71 15.41 4.02
C THR A 93 -1.28 14.44 2.93
N CYS A 94 -2.12 14.29 1.91
CA CYS A 94 -1.82 13.48 0.75
C CYS A 94 -0.62 14.05 0.02
N ALA A 95 -0.34 15.34 0.23
CA ALA A 95 0.74 16.02 -0.46
C ALA A 95 2.05 15.31 -0.14
N HIS A 96 2.42 15.23 1.14
CA HIS A 96 3.67 14.60 1.53
C HIS A 96 3.56 13.07 1.45
N ALA A 97 2.36 12.55 1.60
CA ALA A 97 2.13 11.11 1.57
C ALA A 97 2.37 10.55 0.18
N ILE A 98 1.73 11.13 -0.84
CA ILE A 98 1.94 10.67 -2.21
C ILE A 98 3.34 11.07 -2.66
N ASN A 99 3.90 12.14 -2.11
CA ASN A 99 5.26 12.52 -2.44
C ASN A 99 6.26 11.48 -1.95
N THR A 100 6.07 10.98 -0.73
CA THR A 100 7.01 10.03 -0.14
C THR A 100 6.98 8.72 -0.92
N LEU A 101 5.78 8.25 -1.26
CA LEU A 101 5.66 7.02 -2.02
C LEU A 101 6.16 7.21 -3.44
N GLY A 102 6.05 8.43 -3.98
CA GLY A 102 6.45 8.71 -5.34
C GLY A 102 7.94 8.46 -5.58
N GLU A 103 8.74 8.34 -4.52
CA GLU A 103 10.18 8.15 -4.65
C GLU A 103 10.62 6.74 -4.31
N VAL A 104 9.74 5.95 -3.69
CA VAL A 104 10.10 4.61 -3.22
C VAL A 104 9.11 3.53 -3.66
N ILE A 105 8.01 3.90 -4.33
CA ILE A 105 7.03 2.93 -4.81
C ILE A 105 7.70 1.92 -5.75
N GLN A 106 8.82 2.34 -6.36
CA GLN A 106 9.60 1.48 -7.23
C GLN A 106 10.21 0.33 -6.44
N GLU A 107 10.53 0.54 -5.16
CA GLU A 107 11.12 -0.48 -4.32
C GLU A 107 10.06 -1.50 -3.94
N LEU A 108 8.89 -1.01 -3.54
CA LEU A 108 7.81 -1.88 -3.08
C LEU A 108 7.30 -2.75 -4.21
N LEU A 109 6.99 -2.16 -5.36
CA LEU A 109 6.43 -2.90 -6.47
C LEU A 109 7.46 -3.84 -7.07
N SER A 110 8.64 -3.33 -7.46
CA SER A 110 9.64 -4.16 -8.12
C SER A 110 10.01 -5.37 -7.28
N ASP A 111 10.16 -5.18 -5.97
CA ASP A 111 10.47 -6.29 -5.09
C ASP A 111 9.28 -7.22 -5.01
N ALA A 112 8.07 -6.66 -4.92
CA ALA A 112 6.87 -7.46 -4.78
C ALA A 112 6.64 -8.31 -6.03
N ILE A 113 6.97 -7.80 -7.22
CA ILE A 113 6.80 -8.61 -8.43
C ILE A 113 7.79 -9.75 -8.41
N ALA A 114 9.04 -9.46 -8.02
CA ALA A 114 10.09 -10.46 -7.96
C ALA A 114 9.85 -11.48 -6.84
N LYS A 115 9.25 -11.06 -5.73
CA LYS A 115 9.01 -11.94 -4.59
C LYS A 115 7.72 -12.75 -4.74
N SER A 116 6.66 -12.12 -5.25
CA SER A 116 5.33 -12.71 -5.28
C SER A 116 5.12 -13.60 -6.51
N ASN A 117 4.17 -14.53 -6.40
CA ASN A 117 3.87 -15.48 -7.46
C ASN A 117 3.00 -14.85 -8.54
N GLN A 118 2.81 -15.55 -9.67
CA GLN A 118 2.10 -15.01 -10.83
C GLN A 118 0.69 -14.53 -10.50
N ASP A 119 0.00 -15.23 -9.59
CA ASP A 119 -1.33 -14.82 -9.19
C ASP A 119 -1.25 -13.53 -8.39
N HIS A 120 -0.24 -13.43 -7.54
CA HIS A 120 0.00 -12.23 -6.75
C HIS A 120 0.41 -11.08 -7.68
N LYS A 121 1.22 -11.37 -8.70
CA LYS A 121 1.61 -10.35 -9.69
C LYS A 121 0.36 -9.77 -10.33
N GLU A 122 -0.66 -10.61 -10.56
CA GLU A 122 -1.90 -10.17 -11.18
C GLU A 122 -2.72 -9.30 -10.22
N LYS A 123 -2.72 -9.63 -8.92
CA LYS A 123 -3.45 -8.81 -7.95
C LYS A 123 -2.85 -7.41 -7.92
N ILE A 124 -1.53 -7.33 -8.00
CA ILE A 124 -0.85 -6.04 -8.01
C ILE A 124 -1.21 -5.32 -9.30
N ARG A 125 -1.36 -6.09 -10.38
CA ARG A 125 -1.59 -5.52 -11.69
C ARG A 125 -2.96 -4.86 -11.78
N MET A 126 -4.00 -5.49 -11.22
CA MET A 126 -5.30 -4.85 -11.19
C MET A 126 -5.23 -3.63 -10.27
N LEU A 127 -4.41 -3.68 -9.22
CA LEU A 127 -4.20 -2.52 -8.36
C LEU A 127 -3.56 -1.37 -9.16
N LEU A 128 -2.70 -1.65 -10.14
CA LEU A 128 -2.10 -0.57 -10.92
C LEU A 128 -3.17 0.09 -11.78
N ASP A 129 -4.05 -0.69 -12.40
CA ASP A 129 -5.13 -0.10 -13.17
C ASP A 129 -6.05 0.71 -12.27
N ILE A 130 -6.31 0.22 -11.06
CA ILE A 130 -7.13 0.91 -10.08
C ILE A 130 -6.45 2.22 -9.66
N TRP A 131 -5.12 2.24 -9.62
CA TRP A 131 -4.40 3.47 -9.32
C TRP A 131 -4.39 4.44 -10.49
N ASP A 132 -4.45 3.93 -11.73
CA ASP A 132 -4.54 4.80 -12.90
C ASP A 132 -5.94 5.38 -13.03
N ARG A 133 -6.93 4.70 -12.45
CA ARG A 133 -8.30 5.19 -12.38
C ARG A 133 -8.42 6.28 -11.32
N SER A 134 -7.72 6.12 -10.19
CA SER A 134 -7.72 7.10 -9.13
C SER A 134 -6.87 8.32 -9.48
N GLY A 135 -5.80 8.11 -10.25
CA GLY A 135 -4.93 9.20 -10.66
C GLY A 135 -3.76 9.43 -9.72
N LEU A 136 -3.44 8.46 -8.85
CA LEU A 136 -2.30 8.56 -7.96
C LEU A 136 -1.03 8.81 -8.77
N PHE A 137 -0.22 9.78 -8.35
CA PHE A 137 0.96 10.22 -9.08
C PHE A 137 2.14 9.25 -8.96
N GLN A 138 2.04 8.23 -8.12
CA GLN A 138 3.13 7.28 -7.88
C GLN A 138 3.32 6.31 -9.07
N LYS A 139 3.08 6.78 -10.30
CA LYS A 139 3.15 5.98 -11.51
C LYS A 139 4.58 5.78 -11.99
N SER A 140 5.48 5.41 -11.06
CA SER A 140 6.87 5.12 -11.38
C SER A 140 6.99 3.76 -12.08
N TYR A 141 6.19 3.57 -13.15
CA TYR A 141 6.07 2.34 -13.91
C TYR A 141 7.31 2.06 -14.78
N LEU A 142 8.50 2.24 -14.20
CA LEU A 142 9.76 1.97 -14.88
C LEU A 142 9.91 0.47 -15.14
N ASN A 143 10.96 0.09 -15.89
CA ASN A 143 11.18 -1.31 -16.24
C ASN A 143 11.43 -2.17 -14.99
N ALA A 144 11.81 -1.53 -13.88
CA ALA A 144 12.03 -2.24 -12.63
C ALA A 144 10.71 -2.85 -12.16
N ILE A 145 9.59 -2.20 -12.49
CA ILE A 145 8.27 -2.71 -12.14
C ILE A 145 7.93 -3.92 -13.01
N ARG A 146 8.52 -4.02 -14.21
CA ARG A 146 8.30 -5.17 -15.07
C ARG A 146 9.04 -6.37 -14.50
N SER A 147 10.16 -6.11 -13.79
CA SER A 147 10.91 -7.13 -13.07
C SER A 147 11.28 -8.31 -13.97
N LYS A 148 11.47 -8.04 -15.26
CA LYS A 148 11.79 -9.06 -16.26
C LYS A 148 13.10 -9.80 -15.94
N CYS A 149 13.94 -9.26 -15.05
CA CYS A 149 15.18 -9.92 -14.68
C CYS A 149 14.87 -11.16 -13.87
N PHE A 150 14.05 -11.02 -12.82
CA PHE A 150 13.68 -12.13 -11.98
C PHE A 150 12.75 -13.09 -12.72
N ALA A 151 12.17 -12.64 -13.83
CA ALA A 151 11.36 -13.52 -14.67
C ALA A 151 12.27 -14.45 -15.48
N MET A 152 13.43 -13.95 -15.92
CA MET A 152 14.40 -14.77 -16.62
C MET A 152 15.17 -15.67 -15.65
N ASP A 153 15.22 -15.30 -14.38
CA ASP A 153 15.85 -16.12 -13.34
C ASP A 153 15.00 -17.33 -12.98
N LEU A 154 13.79 -17.45 -13.55
CA LEU A 154 12.87 -18.53 -13.25
C LEU A 154 12.34 -19.17 -14.53
N GLU A 155 11.80 -20.39 -14.42
CA GLU A 155 11.23 -21.09 -15.56
C GLU A 155 9.90 -20.47 -15.96
N HIS A 156 9.56 -20.57 -17.26
CA HIS A 156 8.32 -20.04 -17.79
C HIS A 156 7.98 -20.74 -19.10
N HIS A 157 6.69 -20.74 -19.46
CA HIS A 157 6.23 -21.31 -20.71
C HIS A 157 4.90 -20.66 -21.11
N HIS A 158 4.68 -20.47 -22.41
CA HIS A 158 3.46 -19.86 -22.91
C HIS A 158 3.23 -20.22 -24.39
N HIS A 159 3.74 -21.39 -24.80
CA HIS A 159 3.68 -21.82 -26.20
C HIS A 159 3.58 -23.35 -26.27
N ASP B 1 -5.44 -15.39 6.36
CA ASP B 1 -5.96 -16.53 7.14
C ASP B 1 -7.30 -16.16 7.76
N ASP B 2 -7.26 -15.30 8.77
CA ASP B 2 -8.42 -14.74 9.43
C ASP B 2 -8.93 -13.54 8.64
N ASP B 3 -10.07 -12.97 9.06
CA ASP B 3 -10.63 -11.76 8.48
C ASP B 3 -11.01 -11.93 7.00
N GLU B 4 -11.39 -10.83 6.36
CA GLU B 4 -11.66 -10.73 4.94
C GLU B 4 -10.35 -10.93 4.17
N ASP B 5 -9.82 -12.15 4.21
CA ASP B 5 -8.61 -12.51 3.51
C ASP B 5 -8.78 -12.32 2.01
N ASP B 6 -7.68 -12.03 1.32
CA ASP B 6 -7.67 -11.70 -0.10
C ASP B 6 -8.73 -10.65 -0.46
N TYR B 7 -8.72 -9.53 0.27
CA TYR B 7 -9.55 -8.36 -0.02
C TYR B 7 -9.41 -7.95 -1.49
N THR B 8 -10.45 -7.33 -2.05
CA THR B 8 -10.43 -6.94 -3.46
C THR B 8 -11.02 -5.55 -3.66
N PRO B 9 -10.20 -4.56 -4.01
CA PRO B 9 -10.67 -3.24 -4.44
C PRO B 9 -11.22 -3.36 -5.85
N SER B 10 -12.03 -2.38 -6.27
CA SER B 10 -12.60 -2.41 -7.61
C SER B 10 -13.03 -1.02 -8.05
N ILE B 11 -13.06 -0.82 -9.37
CA ILE B 11 -13.49 0.42 -10.01
C ILE B 11 -14.04 0.06 -11.39
N SER B 12 -15.03 0.82 -11.88
CA SER B 12 -15.56 0.67 -13.22
C SER B 12 -14.59 1.30 -14.22
N MET A 1 2.99 1.79 22.56
CA MET A 1 4.39 1.73 23.02
C MET A 1 5.30 2.44 22.03
N GLN A 2 5.02 3.72 21.76
CA GLN A 2 5.78 4.53 20.81
C GLN A 2 5.84 5.97 21.33
N GLN A 3 6.32 6.90 20.51
CA GLN A 3 6.34 8.31 20.88
C GLN A 3 4.90 8.80 21.11
N ASP A 4 3.93 8.07 20.54
CA ASP A 4 2.52 8.28 20.75
C ASP A 4 1.80 6.94 20.60
N ASP A 5 1.03 6.56 21.63
CA ASP A 5 0.41 5.24 21.68
C ASP A 5 -0.89 5.14 20.89
N ASP A 6 -1.11 6.08 19.97
CA ASP A 6 -2.23 5.96 19.04
C ASP A 6 -1.77 5.02 17.93
N PHE A 7 -0.47 5.11 17.61
CA PHE A 7 0.19 4.33 16.61
C PHE A 7 0.14 2.85 16.96
N GLN A 8 0.17 2.54 18.26
CA GLN A 8 0.17 1.18 18.77
C GLN A 8 -0.91 0.33 18.12
N ASN A 9 -2.09 0.90 17.88
CA ASN A 9 -3.20 0.16 17.30
C ASN A 9 -2.93 -0.11 15.82
N PHE A 10 -2.27 0.83 15.15
CA PHE A 10 -1.89 0.70 13.76
C PHE A 10 -0.76 -0.31 13.61
N VAL A 11 0.18 -0.28 14.57
CA VAL A 11 1.30 -1.21 14.59
C VAL A 11 0.77 -2.61 14.83
N ALA A 12 -0.04 -2.79 15.88
CA ALA A 12 -0.61 -4.09 16.21
C ALA A 12 -1.48 -4.64 15.07
N THR A 13 -2.10 -3.76 14.27
CA THR A 13 -2.89 -4.23 13.14
C THR A 13 -1.94 -4.69 12.03
N LEU A 14 -0.81 -4.00 11.88
CA LEU A 14 0.19 -4.38 10.89
C LEU A 14 0.81 -5.72 11.27
N GLU A 15 1.17 -5.84 12.56
CA GLU A 15 1.74 -7.03 13.13
C GLU A 15 0.74 -8.18 13.03
N SER A 16 -0.55 -7.82 13.03
CA SER A 16 -1.61 -8.80 12.87
C SER A 16 -1.62 -9.34 11.45
N PHE A 17 -1.18 -8.54 10.46
CA PHE A 17 -0.99 -9.08 9.12
C PHE A 17 0.23 -9.99 9.07
N LYS A 18 1.28 -9.67 9.82
CA LYS A 18 2.47 -10.51 9.87
C LYS A 18 2.11 -11.88 10.45
N ASP A 19 1.06 -11.88 11.27
CA ASP A 19 0.50 -13.10 11.86
C ASP A 19 -0.33 -13.91 10.85
N LEU A 20 -0.70 -13.29 9.73
CA LEU A 20 -1.50 -13.97 8.73
C LEU A 20 -0.62 -14.76 7.77
N LYS A 21 -1.15 -15.91 7.33
CA LYS A 21 -0.50 -16.80 6.37
C LYS A 21 -0.82 -16.30 4.96
N SER A 22 -1.31 -15.05 4.87
CA SER A 22 -1.75 -14.42 3.64
C SER A 22 -1.37 -12.94 3.58
N GLY A 23 -1.20 -12.29 4.75
CA GLY A 23 -0.75 -10.91 4.85
C GLY A 23 -1.85 -9.90 4.49
N ILE A 24 -2.92 -10.36 3.86
CA ILE A 24 -4.06 -9.53 3.52
C ILE A 24 -5.16 -9.69 4.57
N SER A 25 -5.92 -8.62 4.83
CA SER A 25 -7.11 -8.70 5.67
C SER A 25 -7.92 -7.43 5.49
N GLY A 26 -8.97 -7.49 4.66
CA GLY A 26 -9.71 -6.30 4.30
C GLY A 26 -10.23 -5.55 5.52
N SER A 27 -10.88 -6.23 6.47
CA SER A 27 -11.45 -5.56 7.62
C SER A 27 -10.37 -4.89 8.45
N ARG A 28 -9.25 -5.57 8.68
CA ARG A 28 -8.15 -5.02 9.47
C ARG A 28 -7.46 -3.88 8.71
N ILE A 29 -7.25 -4.07 7.41
CA ILE A 29 -6.71 -3.01 6.57
C ILE A 29 -7.62 -1.80 6.65
N LYS A 30 -8.94 -2.02 6.64
CA LYS A 30 -9.92 -0.95 6.76
C LYS A 30 -9.93 -0.34 8.16
N LYS A 31 -9.45 -1.05 9.19
CA LYS A 31 -9.35 -0.45 10.52
C LYS A 31 -8.30 0.65 10.51
N LEU A 32 -7.07 0.31 10.11
CA LEU A 32 -6.00 1.30 10.12
C LEU A 32 -6.21 2.34 9.02
N THR A 33 -6.91 1.97 7.94
CA THR A 33 -7.19 2.91 6.86
C THR A 33 -8.20 3.95 7.31
N THR A 34 -9.16 3.55 8.14
CA THR A 34 -10.20 4.45 8.61
C THR A 34 -9.64 5.43 9.62
N TYR A 35 -8.72 4.97 10.49
CA TYR A 35 -8.11 5.89 11.43
C TYR A 35 -7.20 6.88 10.69
N ALA A 36 -6.58 6.43 9.60
CA ALA A 36 -5.73 7.29 8.79
C ALA A 36 -6.57 8.33 8.06
N LEU A 37 -7.79 7.97 7.66
CA LEU A 37 -8.71 8.89 7.00
C LEU A 37 -9.26 9.90 7.99
N ASP A 38 -9.56 9.46 9.21
CA ASP A 38 -10.03 10.35 10.26
C ASP A 38 -8.94 11.36 10.63
N HIS A 39 -7.66 11.01 10.41
CA HIS A 39 -6.54 11.85 10.78
C HIS A 39 -5.36 11.66 9.84
N ILE A 40 -5.20 12.57 8.89
CA ILE A 40 -4.11 12.54 7.94
C ILE A 40 -2.81 13.00 8.60
N ASP A 41 -2.88 13.71 9.74
CA ASP A 41 -1.71 14.27 10.39
C ASP A 41 -0.70 13.22 10.86
N ILE A 42 -1.07 11.94 10.80
CA ILE A 42 -0.14 10.86 11.09
C ILE A 42 0.21 10.05 9.83
N GLU A 43 -0.10 10.58 8.63
CA GLU A 43 0.24 9.91 7.39
C GLU A 43 1.73 9.57 7.34
N SER A 44 2.58 10.40 7.94
CA SER A 44 4.02 10.20 7.87
C SER A 44 4.45 8.92 8.60
N LYS A 45 3.87 8.59 9.76
CA LYS A 45 4.21 7.33 10.43
C LYS A 45 3.58 6.17 9.66
N ILE A 46 2.47 6.42 8.97
CA ILE A 46 1.75 5.40 8.24
C ILE A 46 2.52 4.98 7.01
N ILE A 47 3.01 5.96 6.24
CA ILE A 47 3.77 5.68 5.04
C ILE A 47 5.09 4.99 5.41
N SER A 48 5.70 5.41 6.52
CA SER A 48 6.93 4.77 6.98
C SER A 48 6.66 3.34 7.39
N LEU A 49 5.46 3.06 7.93
CA LEU A 49 5.14 1.73 8.42
C LEU A 49 4.85 0.75 7.28
N ILE A 50 4.26 1.20 6.16
CA ILE A 50 4.01 0.30 5.03
C ILE A 50 5.30 -0.03 4.30
N ILE A 51 6.21 0.93 4.14
CA ILE A 51 7.47 0.62 3.47
C ILE A 51 8.28 -0.35 4.32
N ASP A 52 8.25 -0.22 5.64
CA ASP A 52 8.93 -1.14 6.53
C ASP A 52 8.27 -2.52 6.48
N TYR A 53 6.95 -2.58 6.36
CA TYR A 53 6.23 -3.84 6.22
C TYR A 53 6.58 -4.48 4.88
N SER A 54 6.72 -3.66 3.84
CA SER A 54 7.02 -4.12 2.50
C SER A 54 8.47 -4.57 2.36
N ARG A 55 9.34 -4.07 3.24
CA ARG A 55 10.77 -4.37 3.19
C ARG A 55 11.14 -5.65 3.94
N LEU A 56 10.62 -5.81 5.16
CA LEU A 56 10.98 -6.92 6.03
C LEU A 56 10.16 -8.16 5.75
N CYS A 57 8.84 -7.99 5.65
CA CYS A 57 7.90 -9.10 5.53
C CYS A 57 7.94 -9.73 4.12
N PRO A 58 7.45 -10.97 4.00
CA PRO A 58 7.57 -11.81 2.82
C PRO A 58 6.55 -11.43 1.73
N ASP A 59 6.56 -12.21 0.64
CA ASP A 59 5.79 -11.94 -0.56
C ASP A 59 4.31 -11.66 -0.29
N SER A 60 3.67 -12.54 0.48
CA SER A 60 2.24 -12.45 0.73
C SER A 60 1.94 -11.20 1.55
N HIS A 61 2.86 -10.82 2.44
CA HIS A 61 2.71 -9.63 3.25
C HIS A 61 2.97 -8.37 2.42
N LYS A 62 3.78 -8.48 1.36
CA LYS A 62 3.99 -7.37 0.45
C LYS A 62 2.77 -7.19 -0.44
N LEU A 63 2.09 -8.27 -0.81
CA LEU A 63 0.86 -8.19 -1.58
C LEU A 63 -0.17 -7.44 -0.72
N GLY A 64 -0.24 -7.79 0.57
CA GLY A 64 -1.15 -7.17 1.50
C GLY A 64 -0.74 -5.73 1.81
N SER A 65 0.54 -5.40 1.66
CA SER A 65 0.99 -4.03 1.83
C SER A 65 0.46 -3.16 0.70
N LEU A 66 0.41 -3.71 -0.51
CA LEU A 66 -0.10 -2.99 -1.66
C LEU A 66 -1.63 -2.85 -1.56
N TYR A 67 -2.29 -3.77 -0.85
CA TYR A 67 -3.71 -3.61 -0.56
C TYR A 67 -3.92 -2.47 0.44
N ILE A 68 -3.02 -2.33 1.41
CA ILE A 68 -3.13 -1.26 2.37
C ILE A 68 -2.89 0.06 1.64
N ILE A 69 -1.78 0.16 0.91
CA ILE A 69 -1.45 1.31 0.09
C ILE A 69 -2.58 1.66 -0.87
N ASP A 70 -3.29 0.65 -1.40
CA ASP A 70 -4.41 0.94 -2.29
C ASP A 70 -5.56 1.57 -1.52
N SER A 71 -5.82 1.05 -0.33
CA SER A 71 -6.94 1.50 0.48
C SER A 71 -6.67 2.90 1.02
N ILE A 72 -5.56 3.07 1.73
CA ILE A 72 -5.22 4.34 2.35
C ILE A 72 -4.74 5.32 1.30
N GLY A 73 -4.12 4.83 0.22
CA GLY A 73 -3.55 5.68 -0.81
C GLY A 73 -4.64 6.39 -1.60
N ARG A 74 -5.55 5.63 -2.21
CA ARG A 74 -6.61 6.24 -2.99
C ARG A 74 -7.57 7.00 -2.10
N ALA A 75 -7.87 6.45 -0.92
CA ALA A 75 -8.80 7.14 -0.04
C ALA A 75 -8.23 8.48 0.41
N TYR A 76 -6.90 8.60 0.50
CA TYR A 76 -6.29 9.87 0.85
C TYR A 76 -6.40 10.87 -0.30
N LEU A 77 -6.09 10.46 -1.53
CA LEU A 77 -6.17 11.41 -2.62
C LEU A 77 -7.63 11.82 -2.78
N ASP A 78 -8.55 10.86 -2.68
CA ASP A 78 -9.98 11.12 -2.77
C ASP A 78 -10.51 11.99 -1.63
N GLU A 79 -10.10 11.73 -0.39
CA GLU A 79 -10.55 12.53 0.72
C GLU A 79 -10.05 13.97 0.58
N THR A 80 -8.79 14.14 0.16
CA THR A 80 -8.22 15.47 -0.01
C THR A 80 -8.77 16.15 -1.25
N ARG A 81 -9.29 15.38 -2.22
CA ARG A 81 -10.04 15.94 -3.33
C ARG A 81 -11.36 16.51 -2.83
N SER A 82 -11.97 15.85 -1.84
CA SER A 82 -13.27 16.20 -1.30
C SER A 82 -13.18 17.21 -0.15
N ASN A 83 -11.98 17.52 0.33
CA ASN A 83 -11.79 18.32 1.53
C ASN A 83 -10.79 19.45 1.30
N SER A 84 -10.89 20.52 2.10
CA SER A 84 -10.04 21.68 1.97
C SER A 84 -8.70 21.49 2.66
N ASN A 85 -8.40 20.27 3.12
CA ASN A 85 -7.16 19.96 3.80
C ASN A 85 -6.00 19.81 2.81
N SER A 86 -6.25 20.01 1.51
CA SER A 86 -5.23 19.90 0.49
C SER A 86 -4.05 20.82 0.80
N SER A 87 -2.84 20.38 0.47
CA SER A 87 -1.61 21.08 0.79
C SER A 87 -0.52 20.75 -0.22
N SER A 88 0.67 21.33 -0.05
CA SER A 88 1.79 21.08 -0.93
C SER A 88 3.13 21.15 -0.19
N ASN A 89 3.12 21.49 1.10
CA ASN A 89 4.34 21.71 1.87
C ASN A 89 4.14 21.31 3.34
N LYS A 90 3.30 20.29 3.60
CA LYS A 90 2.99 19.87 4.95
C LYS A 90 2.85 18.36 5.05
N PRO A 91 3.56 17.72 5.99
CA PRO A 91 3.34 16.33 6.34
C PRO A 91 2.01 16.29 7.10
N GLY A 92 1.22 15.23 6.88
CA GLY A 92 -0.10 15.19 7.44
C GLY A 92 -1.19 15.42 6.39
N THR A 93 -0.90 15.12 5.12
CA THR A 93 -1.85 15.23 4.02
C THR A 93 -1.47 14.27 2.90
N CYS A 94 -2.35 14.14 1.91
CA CYS A 94 -2.11 13.33 0.73
C CYS A 94 -0.90 13.88 -0.01
N ALA A 95 -0.58 15.16 0.20
CA ALA A 95 0.48 15.80 -0.53
C ALA A 95 1.80 15.13 -0.20
N HIS A 96 2.16 15.10 1.09
CA HIS A 96 3.40 14.48 1.51
C HIS A 96 3.30 12.96 1.39
N ALA A 97 2.11 12.41 1.61
CA ALA A 97 1.91 10.98 1.60
C ALA A 97 2.14 10.42 0.20
N ILE A 98 1.44 10.95 -0.82
CA ILE A 98 1.59 10.42 -2.16
C ILE A 98 2.96 10.77 -2.74
N ASN A 99 3.57 11.90 -2.33
CA ASN A 99 4.90 12.23 -2.79
C ASN A 99 5.95 11.30 -2.20
N THR A 100 5.80 10.92 -0.92
CA THR A 100 6.75 10.02 -0.28
C THR A 100 6.67 8.64 -0.92
N LEU A 101 5.46 8.27 -1.38
CA LEU A 101 5.31 7.03 -2.10
C LEU A 101 5.94 7.17 -3.48
N GLY A 102 5.72 8.31 -4.14
CA GLY A 102 6.21 8.54 -5.48
C GLY A 102 7.73 8.43 -5.59
N GLU A 103 8.45 8.46 -4.44
CA GLU A 103 9.90 8.41 -4.47
C GLU A 103 10.48 7.04 -4.08
N VAL A 104 9.64 6.07 -3.70
CA VAL A 104 10.13 4.72 -3.40
C VAL A 104 9.18 3.62 -3.84
N ILE A 105 7.97 3.95 -4.32
CA ILE A 105 6.98 2.95 -4.69
C ILE A 105 7.48 2.12 -5.87
N GLN A 106 8.38 2.68 -6.68
CA GLN A 106 8.83 2.00 -7.89
C GLN A 106 9.69 0.79 -7.55
N GLU A 107 10.57 0.90 -6.55
CA GLU A 107 11.36 -0.24 -6.12
C GLU A 107 10.55 -1.15 -5.21
N LEU A 108 9.53 -0.60 -4.53
CA LEU A 108 8.65 -1.39 -3.69
C LEU A 108 7.82 -2.33 -4.57
N LEU A 109 7.34 -1.83 -5.71
CA LEU A 109 6.62 -2.63 -6.68
C LEU A 109 7.61 -3.60 -7.33
N SER A 110 8.73 -3.09 -7.85
CA SER A 110 9.80 -3.91 -8.41
C SER A 110 10.10 -5.14 -7.56
N ASP A 111 10.26 -4.95 -6.24
CA ASP A 111 10.54 -6.07 -5.35
C ASP A 111 9.33 -6.98 -5.26
N ALA A 112 8.13 -6.39 -5.20
CA ALA A 112 6.93 -7.18 -5.04
C ALA A 112 6.66 -8.01 -6.31
N ILE A 113 7.01 -7.51 -7.48
CA ILE A 113 6.82 -8.24 -8.73
C ILE A 113 7.78 -9.43 -8.77
N ALA A 114 9.02 -9.24 -8.32
CA ALA A 114 10.00 -10.31 -8.33
C ALA A 114 9.72 -11.34 -7.24
N LYS A 115 9.46 -10.85 -6.02
CA LYS A 115 9.33 -11.67 -4.83
C LYS A 115 7.99 -12.39 -4.73
N SER A 116 6.91 -11.79 -5.27
CA SER A 116 5.58 -12.37 -5.10
C SER A 116 5.25 -13.35 -6.22
N ASN A 117 4.41 -14.35 -5.93
CA ASN A 117 4.11 -15.43 -6.86
C ASN A 117 3.24 -14.91 -8.01
N GLN A 118 3.05 -15.72 -9.07
CA GLN A 118 2.35 -15.27 -10.26
C GLN A 118 0.96 -14.72 -9.94
N ASP A 119 0.27 -15.34 -8.97
CA ASP A 119 -1.05 -14.90 -8.55
C ASP A 119 -0.94 -13.51 -7.90
N HIS A 120 0.17 -13.28 -7.20
CA HIS A 120 0.42 -12.01 -6.54
C HIS A 120 0.82 -10.98 -7.59
N LYS A 121 1.65 -11.37 -8.56
CA LYS A 121 2.05 -10.49 -9.64
C LYS A 121 0.79 -9.94 -10.32
N GLU A 122 -0.19 -10.80 -10.56
CA GLU A 122 -1.43 -10.40 -11.21
C GLU A 122 -2.21 -9.43 -10.32
N LYS A 123 -2.28 -9.69 -9.01
CA LYS A 123 -3.00 -8.78 -8.14
C LYS A 123 -2.29 -7.43 -8.06
N ILE A 124 -0.97 -7.40 -8.22
CA ILE A 124 -0.26 -6.12 -8.20
C ILE A 124 -0.56 -5.34 -9.47
N ARG A 125 -0.66 -6.00 -10.63
CA ARG A 125 -0.94 -5.30 -11.86
C ARG A 125 -2.32 -4.67 -11.83
N MET A 126 -3.33 -5.36 -11.27
CA MET A 126 -4.67 -4.79 -11.23
C MET A 126 -4.73 -3.65 -10.21
N LEU A 127 -3.93 -3.71 -9.14
CA LEU A 127 -3.88 -2.59 -8.19
C LEU A 127 -3.33 -1.35 -8.87
N LEU A 128 -2.36 -1.50 -9.79
CA LEU A 128 -1.81 -0.36 -10.50
C LEU A 128 -2.84 0.22 -11.47
N ASP A 129 -3.67 -0.63 -12.09
CA ASP A 129 -4.73 -0.16 -12.96
C ASP A 129 -5.73 0.66 -12.15
N ILE A 130 -6.10 0.17 -10.97
CA ILE A 130 -7.03 0.86 -10.10
C ILE A 130 -6.48 2.23 -9.71
N TRP A 131 -5.15 2.34 -9.55
CA TRP A 131 -4.57 3.60 -9.15
C TRP A 131 -4.51 4.60 -10.30
N ASP A 132 -4.34 4.13 -11.54
CA ASP A 132 -4.31 5.04 -12.69
C ASP A 132 -5.71 5.52 -13.03
N ARG A 133 -6.74 4.73 -12.71
CA ARG A 133 -8.12 5.12 -12.89
C ARG A 133 -8.48 6.16 -11.83
N SER A 134 -7.92 6.01 -10.62
CA SER A 134 -8.11 6.95 -9.53
C SER A 134 -7.26 8.21 -9.74
N GLY A 135 -6.29 8.16 -10.65
CA GLY A 135 -5.52 9.33 -11.05
C GLY A 135 -4.36 9.67 -10.12
N LEU A 136 -3.93 8.75 -9.23
CA LEU A 136 -2.81 9.02 -8.34
C LEU A 136 -1.49 9.07 -9.13
N PHE A 137 -0.42 9.54 -8.48
CA PHE A 137 0.84 9.87 -9.13
C PHE A 137 1.79 8.69 -9.36
N GLN A 138 1.37 7.44 -9.18
CA GLN A 138 2.25 6.28 -9.40
C GLN A 138 2.52 6.03 -10.89
N LYS A 139 2.54 7.10 -11.70
CA LYS A 139 2.74 7.02 -13.15
C LYS A 139 4.20 6.69 -13.52
N SER A 140 4.99 6.21 -12.55
CA SER A 140 6.38 5.84 -12.75
C SER A 140 6.47 4.51 -13.51
N TYR A 141 5.98 4.47 -14.75
CA TYR A 141 5.98 3.28 -15.61
C TYR A 141 7.38 2.84 -16.03
N LEU A 142 8.40 3.14 -15.22
CA LEU A 142 9.77 2.80 -15.55
C LEU A 142 10.00 1.29 -15.46
N ASN A 143 11.14 0.82 -15.96
CA ASN A 143 11.49 -0.59 -15.94
C ASN A 143 11.49 -1.16 -14.52
N ALA A 144 11.50 -0.27 -13.52
CA ALA A 144 11.44 -0.70 -12.14
C ALA A 144 10.14 -1.45 -11.89
N ILE A 145 9.02 -0.98 -12.46
CA ILE A 145 7.75 -1.65 -12.24
C ILE A 145 7.66 -2.93 -13.06
N ARG A 146 8.44 -2.99 -14.14
CA ARG A 146 8.60 -4.22 -14.91
C ARG A 146 9.50 -5.17 -14.15
N SER A 147 10.20 -4.64 -13.14
CA SER A 147 11.09 -5.35 -12.26
C SER A 147 12.25 -5.95 -13.04
N LYS A 148 13.15 -5.06 -13.47
CA LYS A 148 14.39 -5.41 -14.13
C LYS A 148 15.14 -6.53 -13.39
N CYS A 149 14.93 -6.64 -12.07
CA CYS A 149 15.58 -7.69 -11.30
C CYS A 149 15.01 -9.04 -11.69
N PHE A 150 13.67 -9.16 -11.72
CA PHE A 150 13.02 -10.42 -12.03
C PHE A 150 13.34 -10.84 -13.47
N ALA A 151 13.59 -9.86 -14.34
CA ALA A 151 13.97 -10.12 -15.72
C ALA A 151 15.42 -10.58 -15.82
N MET A 152 16.27 -10.17 -14.88
CA MET A 152 17.64 -10.66 -14.81
C MET A 152 17.69 -12.01 -14.10
N ASP A 153 16.73 -12.26 -13.20
CA ASP A 153 16.63 -13.51 -12.46
C ASP A 153 16.10 -14.63 -13.37
N LEU A 154 15.07 -14.34 -14.16
CA LEU A 154 14.45 -15.30 -15.06
C LEU A 154 14.00 -14.61 -16.35
N GLU A 155 13.89 -15.39 -17.43
CA GLU A 155 13.47 -14.89 -18.74
C GLU A 155 11.97 -14.61 -18.78
N HIS A 156 11.31 -14.57 -17.63
CA HIS A 156 9.86 -14.41 -17.56
C HIS A 156 9.41 -13.02 -18.01
N HIS A 157 8.34 -12.98 -18.79
CA HIS A 157 7.74 -11.74 -19.28
C HIS A 157 6.22 -11.86 -19.33
N HIS A 158 5.68 -12.99 -18.89
CA HIS A 158 4.24 -13.24 -18.83
C HIS A 158 3.65 -12.58 -17.59
N HIS A 159 4.11 -11.35 -17.28
CA HIS A 159 3.69 -10.60 -16.11
C HIS A 159 3.63 -9.11 -16.44
N ASP B 1 -7.56 -18.60 4.77
CA ASP B 1 -7.91 -17.23 5.17
C ASP B 1 -8.35 -17.20 6.63
N ASP B 2 -8.06 -16.11 7.34
CA ASP B 2 -8.42 -15.99 8.74
C ASP B 2 -9.37 -14.81 8.97
N ASP B 3 -9.30 -13.77 8.14
CA ASP B 3 -10.13 -12.59 8.31
C ASP B 3 -10.08 -11.71 7.05
N GLU B 4 -10.99 -11.97 6.09
CA GLU B 4 -11.12 -11.19 4.87
C GLU B 4 -9.79 -11.09 4.13
N ASP B 5 -9.08 -12.20 3.99
CA ASP B 5 -7.75 -12.24 3.38
C ASP B 5 -7.72 -11.91 1.88
N ASP B 6 -8.78 -11.31 1.33
CA ASP B 6 -8.74 -10.88 -0.06
C ASP B 6 -9.67 -9.70 -0.32
N TYR B 7 -9.37 -8.54 0.29
CA TYR B 7 -10.10 -7.33 0.01
C TYR B 7 -10.12 -7.11 -1.49
N THR B 8 -11.33 -6.95 -2.05
CA THR B 8 -11.51 -6.78 -3.48
C THR B 8 -11.93 -5.34 -3.76
N PRO B 9 -11.06 -4.54 -4.38
CA PRO B 9 -11.35 -3.17 -4.75
C PRO B 9 -12.50 -3.08 -5.74
N SER B 10 -13.02 -1.85 -5.93
CA SER B 10 -14.05 -1.57 -6.91
C SER B 10 -13.82 -0.15 -7.42
N ILE B 11 -13.89 0.05 -8.73
CA ILE B 11 -13.61 1.34 -9.33
C ILE B 11 -14.15 1.40 -10.76
N SER B 12 -14.48 2.62 -11.22
CA SER B 12 -14.93 2.85 -12.58
C SER B 12 -13.83 2.44 -13.56
N MET A 1 -5.70 12.93 18.32
CA MET A 1 -5.72 11.70 17.52
C MET A 1 -4.59 11.72 16.49
N GLN A 2 -3.35 11.81 16.97
CA GLN A 2 -2.18 11.84 16.09
C GLN A 2 -0.95 11.25 16.80
N GLN A 3 -0.88 11.35 18.13
CA GLN A 3 0.21 10.81 18.91
C GLN A 3 -0.28 10.57 20.34
N ASP A 4 -1.60 10.39 20.48
CA ASP A 4 -2.29 10.18 21.74
C ASP A 4 -2.06 8.77 22.25
N ASP A 5 -0.91 8.21 21.91
CA ASP A 5 -0.57 6.80 22.07
C ASP A 5 -1.58 5.92 21.33
N ASP A 6 -2.30 6.55 20.39
CA ASP A 6 -3.24 5.89 19.52
C ASP A 6 -2.47 5.18 18.40
N PHE A 7 -1.28 5.72 18.09
CA PHE A 7 -0.38 5.15 17.09
C PHE A 7 -0.19 3.66 17.34
N GLN A 8 -0.08 3.28 18.61
CA GLN A 8 0.17 1.90 19.04
C GLN A 8 -0.81 0.92 18.40
N ASN A 9 -2.06 1.34 18.19
CA ASN A 9 -3.06 0.48 17.60
C ASN A 9 -2.79 0.32 16.10
N PHE A 10 -2.22 1.35 15.47
CA PHE A 10 -1.84 1.31 14.07
C PHE A 10 -0.64 0.38 13.91
N VAL A 11 0.29 0.45 14.88
CA VAL A 11 1.47 -0.40 14.87
C VAL A 11 1.04 -1.86 15.01
N ALA A 12 0.30 -2.16 16.09
CA ALA A 12 -0.17 -3.50 16.36
C ALA A 12 -1.07 -4.03 15.24
N THR A 13 -1.75 -3.16 14.50
CA THR A 13 -2.57 -3.62 13.38
C THR A 13 -1.66 -4.05 12.23
N LEU A 14 -0.60 -3.27 11.98
CA LEU A 14 0.36 -3.61 10.94
C LEU A 14 1.07 -4.91 11.30
N GLU A 15 1.53 -4.99 12.55
CA GLU A 15 2.22 -6.14 13.10
C GLU A 15 1.28 -7.35 13.10
N SER A 16 -0.03 -7.10 13.23
CA SER A 16 -1.00 -8.17 13.19
C SER A 16 -1.07 -8.76 11.80
N PHE A 17 -0.83 -7.96 10.75
CA PHE A 17 -0.73 -8.52 9.40
C PHE A 17 0.51 -9.38 9.27
N LYS A 18 1.62 -8.95 9.87
CA LYS A 18 2.88 -9.68 9.78
C LYS A 18 2.76 -11.05 10.46
N ASP A 19 1.88 -11.13 11.47
CA ASP A 19 1.64 -12.35 12.23
C ASP A 19 0.80 -13.36 11.43
N LEU A 20 0.16 -12.94 10.33
CA LEU A 20 -0.66 -13.84 9.54
C LEU A 20 0.18 -14.75 8.66
N LYS A 21 -0.47 -15.76 8.07
CA LYS A 21 0.17 -16.65 7.12
C LYS A 21 -0.18 -16.22 5.69
N SER A 22 -1.34 -15.58 5.50
CA SER A 22 -1.75 -15.04 4.22
C SER A 22 -1.28 -13.60 4.06
N GLY A 23 -1.06 -12.90 5.18
CA GLY A 23 -0.54 -11.54 5.20
C GLY A 23 -1.56 -10.48 4.83
N ILE A 24 -2.63 -10.85 4.12
CA ILE A 24 -3.74 -9.95 3.85
C ILE A 24 -4.71 -9.98 5.03
N SER A 25 -5.44 -8.89 5.29
CA SER A 25 -6.37 -8.86 6.41
C SER A 25 -7.42 -7.78 6.21
N GLY A 26 -8.45 -8.07 5.41
CA GLY A 26 -9.42 -7.07 5.01
C GLY A 26 -9.96 -6.22 6.16
N SER A 27 -10.43 -6.84 7.25
CA SER A 27 -11.05 -6.07 8.32
C SER A 27 -10.02 -5.14 8.96
N ARG A 28 -8.85 -5.68 9.32
CA ARG A 28 -7.82 -4.90 10.00
C ARG A 28 -7.20 -3.87 9.07
N ILE A 29 -7.07 -4.19 7.78
CA ILE A 29 -6.63 -3.22 6.79
C ILE A 29 -7.61 -2.04 6.82
N LYS A 30 -8.91 -2.35 6.83
CA LYS A 30 -9.95 -1.31 6.89
C LYS A 30 -9.93 -0.57 8.22
N LYS A 31 -9.41 -1.18 9.30
CA LYS A 31 -9.34 -0.50 10.59
C LYS A 31 -8.35 0.65 10.53
N LEU A 32 -7.09 0.38 10.20
CA LEU A 32 -6.10 1.46 10.19
C LEU A 32 -6.27 2.36 8.98
N THR A 33 -6.98 1.91 7.93
CA THR A 33 -7.24 2.73 6.77
C THR A 33 -8.28 3.79 7.10
N THR A 34 -9.29 3.40 7.90
CA THR A 34 -10.35 4.31 8.27
C THR A 34 -9.84 5.34 9.26
N TYR A 35 -8.98 4.93 10.19
CA TYR A 35 -8.37 5.86 11.13
C TYR A 35 -7.49 6.85 10.39
N ALA A 36 -6.79 6.39 9.34
CA ALA A 36 -5.95 7.24 8.53
C ALA A 36 -6.79 8.18 7.66
N LEU A 37 -7.92 7.71 7.11
CA LEU A 37 -8.78 8.53 6.26
C LEU A 37 -9.44 9.63 7.08
N ASP A 38 -9.80 9.34 8.33
CA ASP A 38 -10.38 10.32 9.22
C ASP A 38 -9.34 11.36 9.67
N HIS A 39 -8.06 11.04 9.56
CA HIS A 39 -6.98 11.90 10.03
C HIS A 39 -5.72 11.76 9.19
N ILE A 40 -5.53 12.68 8.23
CA ILE A 40 -4.35 12.72 7.39
C ILE A 40 -3.16 13.27 8.15
N ASP A 41 -3.38 13.87 9.34
CA ASP A 41 -2.31 14.49 10.12
C ASP A 41 -1.20 13.51 10.47
N ILE A 42 -1.50 12.21 10.44
CA ILE A 42 -0.52 11.17 10.72
C ILE A 42 -0.03 10.47 9.44
N GLU A 43 -0.32 11.03 8.27
CA GLU A 43 0.11 10.42 7.01
C GLU A 43 1.60 10.07 7.03
N SER A 44 2.42 10.88 7.72
CA SER A 44 3.86 10.66 7.76
C SER A 44 4.21 9.31 8.41
N LYS A 45 3.65 9.02 9.59
CA LYS A 45 3.95 7.76 10.25
C LYS A 45 3.31 6.60 9.49
N ILE A 46 2.19 6.87 8.80
CA ILE A 46 1.48 5.84 8.06
C ILE A 46 2.31 5.38 6.88
N ILE A 47 2.88 6.32 6.13
CA ILE A 47 3.75 5.99 5.01
C ILE A 47 4.96 5.23 5.53
N SER A 48 5.45 5.60 6.71
CA SER A 48 6.60 4.91 7.28
C SER A 48 6.28 3.45 7.63
N LEU A 49 5.02 3.16 7.98
CA LEU A 49 4.64 1.80 8.32
C LEU A 49 4.39 0.92 7.10
N ILE A 50 3.90 1.46 5.97
CA ILE A 50 3.70 0.62 4.80
C ILE A 50 5.04 0.26 4.17
N ILE A 51 6.00 1.19 4.14
CA ILE A 51 7.31 0.89 3.61
C ILE A 51 8.04 -0.09 4.54
N ASP A 52 7.84 0.02 5.85
CA ASP A 52 8.40 -0.94 6.79
C ASP A 52 7.90 -2.34 6.47
N TYR A 53 6.57 -2.49 6.39
CA TYR A 53 5.97 -3.78 6.16
C TYR A 53 6.41 -4.33 4.80
N SER A 54 6.42 -3.47 3.77
CA SER A 54 6.72 -3.89 2.42
C SER A 54 8.20 -4.23 2.24
N ARG A 55 9.08 -3.69 3.10
CA ARG A 55 10.51 -3.97 3.00
C ARG A 55 10.85 -5.27 3.72
N LEU A 56 10.20 -5.51 4.86
CA LEU A 56 10.45 -6.65 5.71
C LEU A 56 9.70 -7.91 5.29
N CYS A 57 8.39 -7.77 5.08
CA CYS A 57 7.51 -8.91 4.87
C CYS A 57 7.79 -9.68 3.56
N PRO A 58 7.44 -10.98 3.54
CA PRO A 58 7.61 -11.86 2.40
C PRO A 58 6.54 -11.61 1.34
N ASP A 59 6.48 -12.49 0.33
CA ASP A 59 5.66 -12.32 -0.86
C ASP A 59 4.18 -12.06 -0.59
N SER A 60 3.50 -12.98 0.09
CA SER A 60 2.06 -12.88 0.27
C SER A 60 1.70 -11.70 1.18
N HIS A 61 2.58 -11.39 2.14
CA HIS A 61 2.39 -10.25 3.02
C HIS A 61 2.63 -8.96 2.27
N LYS A 62 3.45 -9.00 1.21
CA LYS A 62 3.69 -7.83 0.38
C LYS A 62 2.49 -7.57 -0.52
N LEU A 63 1.75 -8.62 -0.89
CA LEU A 63 0.50 -8.45 -1.61
C LEU A 63 -0.47 -7.73 -0.68
N GLY A 64 -0.51 -8.16 0.59
CA GLY A 64 -1.37 -7.54 1.59
C GLY A 64 -0.89 -6.15 1.95
N SER A 65 0.40 -5.86 1.77
CA SER A 65 0.91 -4.53 2.01
C SER A 65 0.45 -3.60 0.89
N LEU A 66 0.46 -4.08 -0.36
CA LEU A 66 0.02 -3.29 -1.49
C LEU A 66 -1.50 -3.08 -1.40
N TYR A 67 -2.22 -4.01 -0.75
CA TYR A 67 -3.62 -3.81 -0.45
C TYR A 67 -3.80 -2.68 0.54
N ILE A 68 -2.93 -2.61 1.55
CA ILE A 68 -3.01 -1.53 2.52
C ILE A 68 -2.67 -0.22 1.83
N ILE A 69 -1.59 -0.22 1.04
CA ILE A 69 -1.16 0.95 0.30
C ILE A 69 -2.25 1.46 -0.66
N ASP A 70 -3.03 0.58 -1.27
CA ASP A 70 -4.15 1.04 -2.07
C ASP A 70 -5.25 1.55 -1.15
N SER A 71 -5.48 0.86 -0.05
CA SER A 71 -6.53 1.26 0.88
C SER A 71 -6.24 2.66 1.38
N ILE A 72 -5.16 2.84 2.14
CA ILE A 72 -4.84 4.12 2.74
C ILE A 72 -4.30 5.09 1.68
N GLY A 73 -3.40 4.62 0.82
CA GLY A 73 -2.68 5.51 -0.09
C GLY A 73 -3.58 6.03 -1.21
N ARG A 74 -4.30 5.12 -1.88
CA ARG A 74 -5.11 5.54 -3.00
C ARG A 74 -6.41 6.15 -2.49
N ALA A 75 -6.95 5.73 -1.33
CA ALA A 75 -8.11 6.43 -0.80
C ALA A 75 -7.70 7.81 -0.32
N TYR A 76 -6.43 8.02 0.06
CA TYR A 76 -5.96 9.34 0.43
C TYR A 76 -6.03 10.26 -0.77
N LEU A 77 -5.50 9.84 -1.91
CA LEU A 77 -5.53 10.72 -3.07
C LEU A 77 -6.98 10.91 -3.49
N ASP A 78 -7.78 9.84 -3.53
CA ASP A 78 -9.19 9.95 -3.90
C ASP A 78 -9.96 10.88 -2.97
N GLU A 79 -9.79 10.74 -1.64
CA GLU A 79 -10.51 11.54 -0.69
C GLU A 79 -10.09 13.01 -0.73
N THR A 80 -8.78 13.29 -0.71
CA THR A 80 -8.29 14.65 -0.76
C THR A 80 -8.65 15.33 -2.07
N ARG A 81 -8.82 14.54 -3.15
CA ARG A 81 -9.26 15.07 -4.43
C ARG A 81 -10.75 15.38 -4.40
N SER A 82 -11.51 14.61 -3.60
CA SER A 82 -12.94 14.81 -3.47
C SER A 82 -13.29 15.94 -2.52
N ASN A 83 -12.54 16.09 -1.42
CA ASN A 83 -12.91 17.01 -0.36
C ASN A 83 -11.73 17.85 0.10
N SER A 84 -12.00 19.08 0.53
CA SER A 84 -10.98 19.98 1.04
C SER A 84 -10.77 19.73 2.54
N ASN A 85 -9.55 19.36 2.92
CA ASN A 85 -9.20 19.08 4.30
C ASN A 85 -7.71 19.24 4.53
N SER A 86 -7.05 20.09 3.71
CA SER A 86 -5.61 20.25 3.75
C SER A 86 -5.13 20.76 5.10
N SER A 87 -3.95 20.29 5.52
CA SER A 87 -3.31 20.71 6.75
C SER A 87 -2.65 22.07 6.57
N SER A 88 -2.15 22.64 7.67
CA SER A 88 -1.48 23.94 7.66
C SER A 88 -0.05 23.85 7.12
N ASN A 89 0.39 22.66 6.67
CA ASN A 89 1.76 22.43 6.24
C ASN A 89 1.79 21.40 5.11
N LYS A 90 2.98 21.08 4.59
CA LYS A 90 3.13 20.08 3.57
C LYS A 90 2.73 18.68 4.06
N PRO A 91 3.27 18.21 5.21
CA PRO A 91 2.85 16.95 5.80
C PRO A 91 1.41 17.06 6.31
N GLY A 92 0.77 15.91 6.52
CA GLY A 92 -0.60 15.87 7.00
C GLY A 92 -1.62 15.90 5.87
N THR A 93 -1.21 15.56 4.65
CA THR A 93 -2.09 15.50 3.49
C THR A 93 -1.57 14.50 2.47
N CYS A 94 -2.40 14.20 1.47
CA CYS A 94 -2.03 13.37 0.35
C CYS A 94 -0.83 13.97 -0.38
N ALA A 95 -0.61 15.28 -0.26
CA ALA A 95 0.48 15.93 -0.96
C ALA A 95 1.80 15.29 -0.55
N HIS A 96 2.10 15.31 0.75
CA HIS A 96 3.35 14.74 1.24
C HIS A 96 3.29 13.22 1.26
N ALA A 97 2.12 12.65 1.50
CA ALA A 97 1.96 11.21 1.57
C ALA A 97 2.23 10.57 0.21
N ILE A 98 1.62 11.10 -0.86
CA ILE A 98 1.83 10.54 -2.19
C ILE A 98 3.21 10.92 -2.73
N ASN A 99 3.78 12.05 -2.29
CA ASN A 99 5.14 12.39 -2.66
C ASN A 99 6.11 11.36 -2.09
N THR A 100 5.98 11.06 -0.80
CA THR A 100 6.90 10.17 -0.12
C THR A 100 6.63 8.71 -0.52
N LEU A 101 5.39 8.40 -0.90
CA LEU A 101 5.04 7.08 -1.36
C LEU A 101 5.55 6.86 -2.78
N GLY A 102 5.28 7.83 -3.67
CA GLY A 102 5.58 7.71 -5.08
C GLY A 102 7.08 7.61 -5.38
N GLU A 103 7.94 7.96 -4.41
CA GLU A 103 9.37 7.92 -4.63
C GLU A 103 10.01 6.61 -4.15
N VAL A 104 9.25 5.75 -3.47
CA VAL A 104 9.78 4.45 -3.04
C VAL A 104 8.86 3.29 -3.42
N ILE A 105 7.61 3.57 -3.80
CA ILE A 105 6.67 2.54 -4.19
C ILE A 105 7.18 1.75 -5.39
N GLN A 106 8.07 2.37 -6.17
CA GLN A 106 8.69 1.72 -7.32
C GLN A 106 9.56 0.55 -6.87
N GLU A 107 10.18 0.65 -5.68
CA GLU A 107 11.00 -0.43 -5.16
C GLU A 107 10.11 -1.55 -4.62
N LEU A 108 8.97 -1.16 -4.03
CA LEU A 108 8.05 -2.11 -3.43
C LEU A 108 7.27 -2.86 -4.49
N LEU A 109 6.88 -2.17 -5.59
CA LEU A 109 6.18 -2.83 -6.67
C LEU A 109 7.12 -3.77 -7.41
N SER A 110 8.25 -3.26 -7.92
CA SER A 110 9.22 -4.08 -8.62
C SER A 110 9.52 -5.38 -7.88
N ASP A 111 9.89 -5.25 -6.60
CA ASP A 111 10.19 -6.40 -5.79
C ASP A 111 8.97 -7.30 -5.67
N ALA A 112 7.79 -6.71 -5.45
CA ALA A 112 6.60 -7.50 -5.26
C ALA A 112 6.25 -8.25 -6.55
N ILE A 113 6.51 -7.69 -7.73
CA ILE A 113 6.19 -8.39 -8.96
C ILE A 113 7.08 -9.62 -9.11
N ALA A 114 8.38 -9.49 -8.80
CA ALA A 114 9.30 -10.60 -8.92
C ALA A 114 9.14 -11.61 -7.79
N LYS A 115 8.90 -11.13 -6.57
CA LYS A 115 8.82 -11.94 -5.38
C LYS A 115 7.50 -12.68 -5.24
N SER A 116 6.40 -12.09 -5.72
CA SER A 116 5.07 -12.65 -5.53
C SER A 116 4.73 -13.68 -6.61
N ASN A 117 3.74 -14.54 -6.33
CA ASN A 117 3.32 -15.58 -7.25
C ASN A 117 2.40 -14.99 -8.33
N GLN A 118 2.12 -15.76 -9.40
CA GLN A 118 1.39 -15.28 -10.56
C GLN A 118 0.06 -14.62 -10.20
N ASP A 119 -0.68 -15.23 -9.28
CA ASP A 119 -1.96 -14.71 -8.83
C ASP A 119 -1.76 -13.40 -8.09
N HIS A 120 -0.67 -13.30 -7.34
CA HIS A 120 -0.32 -12.09 -6.62
C HIS A 120 0.08 -11.00 -7.60
N LYS A 121 0.84 -11.32 -8.65
CA LYS A 121 1.23 -10.34 -9.65
C LYS A 121 -0.01 -9.73 -10.28
N GLU A 122 -1.02 -10.55 -10.52
CA GLU A 122 -2.27 -10.11 -11.12
C GLU A 122 -3.00 -9.14 -10.21
N LYS A 123 -3.11 -9.46 -8.92
CA LYS A 123 -3.80 -8.60 -7.97
C LYS A 123 -3.06 -7.27 -7.79
N ILE A 124 -1.74 -7.29 -7.91
CA ILE A 124 -0.95 -6.06 -7.82
C ILE A 124 -1.11 -5.25 -9.10
N ARG A 125 -1.27 -5.92 -10.24
CA ARG A 125 -1.47 -5.22 -11.50
C ARG A 125 -2.83 -4.57 -11.59
N MET A 126 -3.88 -5.20 -11.05
CA MET A 126 -5.18 -4.52 -11.02
C MET A 126 -5.11 -3.34 -10.05
N LEU A 127 -4.31 -3.45 -8.98
CA LEU A 127 -4.03 -2.33 -8.10
C LEU A 127 -3.26 -1.24 -8.84
N LEU A 128 -2.40 -1.63 -9.79
CA LEU A 128 -1.63 -0.65 -10.55
C LEU A 128 -2.57 0.14 -11.47
N ASP A 129 -3.51 -0.55 -12.11
CA ASP A 129 -4.51 0.10 -12.95
C ASP A 129 -5.33 1.07 -12.11
N ILE A 130 -5.70 0.67 -10.89
CA ILE A 130 -6.47 1.51 -10.00
C ILE A 130 -5.66 2.76 -9.63
N TRP A 131 -4.35 2.60 -9.47
CA TRP A 131 -3.51 3.73 -9.11
C TRP A 131 -3.25 4.67 -10.29
N ASP A 132 -3.22 4.15 -11.51
CA ASP A 132 -3.07 5.00 -12.68
C ASP A 132 -4.34 5.82 -12.90
N ARG A 133 -5.49 5.27 -12.51
CA ARG A 133 -6.78 5.92 -12.62
C ARG A 133 -6.96 7.00 -11.56
N SER A 134 -6.41 6.78 -10.35
CA SER A 134 -6.58 7.70 -9.24
C SER A 134 -5.74 8.97 -9.43
N GLY A 135 -4.71 8.91 -10.31
CA GLY A 135 -3.84 10.03 -10.54
C GLY A 135 -2.59 9.98 -9.66
N LEU A 136 -2.31 8.80 -9.06
CA LEU A 136 -1.12 8.60 -8.27
C LEU A 136 0.13 8.61 -9.16
N PHE A 137 1.31 8.58 -8.54
CA PHE A 137 2.59 8.74 -9.25
C PHE A 137 3.58 7.61 -8.95
N GLN A 138 3.08 6.37 -8.87
CA GLN A 138 3.88 5.18 -8.63
C GLN A 138 4.83 4.83 -9.77
N LYS A 139 5.11 5.78 -10.67
CA LYS A 139 6.04 5.61 -11.77
C LYS A 139 5.68 4.41 -12.66
N SER A 140 4.39 4.23 -12.96
CA SER A 140 3.92 3.12 -13.78
C SER A 140 4.61 3.09 -15.15
N TYR A 141 5.20 4.21 -15.56
CA TYR A 141 5.89 4.31 -16.83
C TYR A 141 7.30 3.72 -16.77
N LEU A 142 7.78 3.35 -15.58
CA LEU A 142 9.13 2.82 -15.41
C LEU A 142 9.13 1.30 -15.61
N ASN A 143 10.21 0.77 -16.19
CA ASN A 143 10.32 -0.65 -16.48
C ASN A 143 10.39 -1.47 -15.20
N ALA A 144 10.66 -0.83 -14.07
CA ALA A 144 10.78 -1.53 -12.79
C ALA A 144 9.42 -2.09 -12.37
N ILE A 145 8.33 -1.38 -12.68
CA ILE A 145 7.00 -1.84 -12.30
C ILE A 145 6.55 -2.99 -13.20
N ARG A 146 7.02 -3.01 -14.45
CA ARG A 146 6.73 -4.09 -15.38
C ARG A 146 7.53 -5.32 -15.00
N SER A 147 8.80 -5.09 -14.62
CA SER A 147 9.68 -6.11 -14.07
C SER A 147 9.83 -7.30 -15.01
N LYS A 148 10.02 -7.00 -16.30
CA LYS A 148 10.15 -8.02 -17.34
C LYS A 148 11.35 -8.94 -17.10
N CYS A 149 12.26 -8.57 -16.20
CA CYS A 149 13.40 -9.42 -15.89
C CYS A 149 12.92 -10.76 -15.34
N PHE A 150 11.78 -10.78 -14.65
CA PHE A 150 11.24 -12.02 -14.12
C PHE A 150 10.80 -12.93 -15.27
N ALA A 151 10.33 -12.34 -16.37
CA ALA A 151 9.90 -13.09 -17.53
C ALA A 151 11.10 -13.62 -18.31
N MET A 152 12.25 -12.95 -18.21
CA MET A 152 13.48 -13.45 -18.81
C MET A 152 14.05 -14.59 -17.98
N ASP A 153 13.84 -14.54 -16.65
CA ASP A 153 14.29 -15.57 -15.73
C ASP A 153 13.42 -16.82 -15.79
N LEU A 154 12.09 -16.65 -15.79
CA LEU A 154 11.14 -17.75 -15.79
C LEU A 154 9.93 -17.37 -16.65
N GLU A 155 9.15 -18.37 -17.06
CA GLU A 155 7.93 -18.12 -17.81
C GLU A 155 6.87 -17.49 -16.90
N HIS A 156 5.86 -16.86 -17.49
CA HIS A 156 4.84 -16.15 -16.75
C HIS A 156 3.44 -16.42 -17.31
N HIS A 157 3.29 -17.47 -18.11
CA HIS A 157 2.01 -17.80 -18.75
C HIS A 157 1.00 -18.37 -17.75
N HIS A 158 1.45 -18.73 -16.54
CA HIS A 158 0.60 -19.29 -15.51
C HIS A 158 -0.12 -18.21 -14.71
N HIS A 159 -1.16 -18.59 -13.98
CA HIS A 159 -1.95 -17.69 -13.15
C HIS A 159 -2.45 -18.42 -11.92
N ASP B 1 -5.46 -14.54 8.19
CA ASP B 1 -6.07 -15.85 8.46
C ASP B 1 -7.39 -15.68 9.20
N ASP B 2 -7.34 -15.01 10.35
CA ASP B 2 -8.49 -14.70 11.20
C ASP B 2 -9.25 -13.47 10.66
N ASP B 3 -9.26 -13.28 9.33
CA ASP B 3 -9.88 -12.12 8.72
C ASP B 3 -10.33 -12.47 7.30
N GLU B 4 -10.86 -11.49 6.57
CA GLU B 4 -11.33 -11.67 5.20
C GLU B 4 -10.19 -12.14 4.29
N ASP B 5 -8.94 -11.87 4.68
CA ASP B 5 -7.74 -12.17 3.90
C ASP B 5 -7.83 -11.72 2.44
N ASP B 6 -8.77 -10.83 2.11
CA ASP B 6 -8.88 -10.26 0.79
C ASP B 6 -9.55 -8.90 0.89
N TYR B 7 -9.53 -8.13 -0.21
CA TYR B 7 -10.12 -6.81 -0.26
C TYR B 7 -10.49 -6.50 -1.70
N THR B 8 -11.69 -5.92 -1.90
CA THR B 8 -12.20 -5.59 -3.22
C THR B 8 -12.17 -4.08 -3.42
N PRO B 9 -11.23 -3.58 -4.24
CA PRO B 9 -11.13 -2.16 -4.56
C PRO B 9 -12.34 -1.66 -5.34
N SER B 10 -12.50 -0.33 -5.40
CA SER B 10 -13.50 0.32 -6.22
C SER B 10 -12.97 1.67 -6.64
N ILE B 11 -13.20 2.03 -7.91
CA ILE B 11 -12.76 3.29 -8.49
C ILE B 11 -13.45 3.51 -9.83
N SER B 12 -13.65 4.77 -10.21
CA SER B 12 -14.24 5.13 -11.50
C SER B 12 -13.20 5.08 -12.62
N MET A 1 -2.57 8.64 23.77
CA MET A 1 -2.65 9.66 22.72
C MET A 1 -1.39 10.51 22.70
N GLN A 2 -0.94 10.92 21.50
CA GLN A 2 0.20 11.79 21.28
C GLN A 2 1.49 11.31 21.95
N GLN A 3 1.58 9.99 22.19
CA GLN A 3 2.78 9.38 22.76
C GLN A 3 3.01 8.00 22.15
N ASP A 4 2.54 7.84 20.90
CA ASP A 4 2.66 6.62 20.10
C ASP A 4 2.04 5.38 20.72
N ASP A 5 1.19 5.59 21.73
CA ASP A 5 0.37 4.54 22.31
C ASP A 5 -0.94 4.41 21.56
N ASP A 6 -1.11 5.35 20.62
CA ASP A 6 -2.23 5.41 19.69
C ASP A 6 -1.76 4.77 18.39
N PHE A 7 -0.47 4.94 18.09
CA PHE A 7 0.20 4.28 16.98
C PHE A 7 0.18 2.77 17.21
N GLN A 8 0.26 2.36 18.48
CA GLN A 8 0.31 0.98 18.91
C GLN A 8 -0.80 0.13 18.27
N ASN A 9 -1.99 0.71 18.08
CA ASN A 9 -3.10 -0.01 17.49
C ASN A 9 -2.85 -0.23 16.00
N PHE A 10 -2.21 0.74 15.36
CA PHE A 10 -1.84 0.68 13.95
C PHE A 10 -0.72 -0.34 13.78
N VAL A 11 0.23 -0.36 14.73
CA VAL A 11 1.33 -1.30 14.70
C VAL A 11 0.79 -2.71 14.89
N ALA A 12 0.01 -2.93 15.94
CA ALA A 12 -0.55 -4.24 16.24
C ALA A 12 -1.41 -4.76 15.10
N THR A 13 -2.06 -3.87 14.34
CA THR A 13 -2.83 -4.31 13.18
C THR A 13 -1.85 -4.78 12.10
N LEU A 14 -0.71 -4.09 11.97
CA LEU A 14 0.30 -4.46 11.00
C LEU A 14 0.92 -5.81 11.35
N GLU A 15 1.17 -6.00 12.65
CA GLU A 15 1.72 -7.23 13.19
C GLU A 15 0.72 -8.36 12.97
N SER A 16 -0.57 -8.02 12.92
CA SER A 16 -1.61 -8.99 12.67
C SER A 16 -1.56 -9.45 11.21
N PHE A 17 -1.10 -8.58 10.31
CA PHE A 17 -0.85 -9.02 8.93
C PHE A 17 0.34 -9.98 8.90
N LYS A 18 1.35 -9.76 9.76
CA LYS A 18 2.47 -10.68 9.82
C LYS A 18 2.00 -12.04 10.34
N ASP A 19 0.91 -12.04 11.12
CA ASP A 19 0.32 -13.27 11.62
C ASP A 19 -0.41 -14.02 10.51
N LEU A 20 -1.17 -13.31 9.67
CA LEU A 20 -1.90 -13.94 8.58
C LEU A 20 -0.91 -14.51 7.57
N LYS A 21 -1.26 -15.63 6.93
CA LYS A 21 -0.38 -16.26 5.96
C LYS A 21 -0.53 -15.56 4.61
N SER A 22 -1.73 -15.06 4.32
CA SER A 22 -2.00 -14.28 3.12
C SER A 22 -1.52 -12.84 3.30
N GLY A 23 -1.38 -12.40 4.55
CA GLY A 23 -0.96 -11.05 4.92
C GLY A 23 -2.06 -10.02 4.67
N ILE A 24 -2.95 -10.30 3.71
CA ILE A 24 -4.05 -9.42 3.38
C ILE A 24 -5.21 -9.62 4.34
N SER A 25 -5.95 -8.55 4.63
CA SER A 25 -7.16 -8.63 5.42
C SER A 25 -7.93 -7.32 5.25
N GLY A 26 -8.92 -7.31 4.36
CA GLY A 26 -9.66 -6.10 4.08
C GLY A 26 -10.24 -5.52 5.37
N SER A 27 -10.69 -6.39 6.29
CA SER A 27 -11.31 -5.97 7.53
C SER A 27 -10.31 -5.18 8.38
N ARG A 28 -9.13 -5.74 8.59
CA ARG A 28 -8.07 -5.13 9.39
C ARG A 28 -7.47 -3.94 8.67
N ILE A 29 -7.27 -4.07 7.36
CA ILE A 29 -6.80 -2.97 6.55
C ILE A 29 -7.76 -1.79 6.71
N LYS A 30 -9.08 -2.05 6.70
CA LYS A 30 -10.07 -1.01 6.90
C LYS A 30 -10.02 -0.45 8.32
N LYS A 31 -9.57 -1.21 9.31
CA LYS A 31 -9.44 -0.69 10.67
C LYS A 31 -8.40 0.43 10.68
N LEU A 32 -7.17 0.15 10.25
CA LEU A 32 -6.13 1.18 10.31
C LEU A 32 -6.33 2.22 9.21
N THR A 33 -7.06 1.90 8.15
CA THR A 33 -7.37 2.86 7.10
C THR A 33 -8.33 3.90 7.67
N THR A 34 -9.32 3.43 8.45
CA THR A 34 -10.31 4.31 9.02
C THR A 34 -9.66 5.21 10.07
N TYR A 35 -8.78 4.65 10.90
CA TYR A 35 -8.07 5.46 11.90
C TYR A 35 -7.21 6.50 11.20
N ALA A 36 -6.69 6.18 10.02
CA ALA A 36 -5.87 7.12 9.27
C ALA A 36 -6.73 8.22 8.67
N LEU A 37 -8.01 7.96 8.38
CA LEU A 37 -8.88 8.96 7.76
C LEU A 37 -9.38 9.90 8.85
N ASP A 38 -9.58 9.36 10.04
CA ASP A 38 -9.93 10.10 11.22
C ASP A 38 -8.79 11.02 11.65
N HIS A 39 -7.57 10.76 11.15
CA HIS A 39 -6.37 11.50 11.50
C HIS A 39 -5.35 11.47 10.36
N ILE A 40 -5.38 12.44 9.43
CA ILE A 40 -4.34 12.53 8.44
C ILE A 40 -3.05 13.00 9.13
N ASP A 41 -3.19 13.58 10.32
CA ASP A 41 -2.11 14.11 11.14
C ASP A 41 -0.92 13.17 11.22
N ILE A 42 -1.22 11.87 11.37
CA ILE A 42 -0.23 10.84 11.61
C ILE A 42 0.09 10.06 10.33
N GLU A 43 -0.26 10.60 9.16
CA GLU A 43 0.06 9.96 7.88
C GLU A 43 1.56 9.65 7.80
N SER A 44 2.40 10.49 8.39
CA SER A 44 3.85 10.30 8.32
C SER A 44 4.28 8.96 8.88
N LYS A 45 3.76 8.58 10.07
CA LYS A 45 4.11 7.31 10.67
C LYS A 45 3.41 6.16 9.95
N ILE A 46 2.29 6.44 9.27
CA ILE A 46 1.54 5.43 8.55
C ILE A 46 2.28 5.05 7.28
N ILE A 47 2.68 6.04 6.49
CA ILE A 47 3.34 5.80 5.23
C ILE A 47 4.72 5.17 5.45
N SER A 48 5.42 5.59 6.49
CA SER A 48 6.71 4.98 6.78
C SER A 48 6.49 3.52 7.22
N LEU A 49 5.46 3.27 8.02
CA LEU A 49 5.26 1.94 8.58
C LEU A 49 4.86 0.93 7.50
N ILE A 50 4.07 1.34 6.49
CA ILE A 50 3.70 0.41 5.42
C ILE A 50 4.89 0.13 4.51
N ILE A 51 5.66 1.15 4.13
CA ILE A 51 6.81 0.90 3.26
C ILE A 51 7.88 0.08 4.00
N ASP A 52 8.10 0.36 5.28
CA ASP A 52 9.08 -0.38 6.06
C ASP A 52 8.67 -1.85 6.20
N TYR A 53 7.39 -2.10 6.52
CA TYR A 53 6.88 -3.47 6.59
C TYR A 53 6.93 -4.10 5.20
N SER A 54 6.69 -3.31 4.15
CA SER A 54 6.70 -3.81 2.79
C SER A 54 8.06 -4.37 2.41
N ARG A 55 9.16 -3.77 2.91
CA ARG A 55 10.49 -4.28 2.62
C ARG A 55 10.79 -5.54 3.43
N LEU A 56 10.50 -5.51 4.73
CA LEU A 56 10.86 -6.58 5.64
C LEU A 56 9.98 -7.83 5.48
N CYS A 57 8.68 -7.60 5.31
CA CYS A 57 7.69 -8.68 5.26
C CYS A 57 7.91 -9.61 4.05
N PRO A 58 7.43 -10.87 4.16
CA PRO A 58 7.55 -11.88 3.14
C PRO A 58 6.58 -11.63 1.98
N ASP A 59 6.72 -12.44 0.92
CA ASP A 59 6.06 -12.27 -0.36
C ASP A 59 4.56 -11.95 -0.25
N SER A 60 3.80 -12.78 0.49
CA SER A 60 2.36 -12.59 0.58
C SER A 60 2.05 -11.30 1.36
N HIS A 61 2.91 -10.96 2.33
CA HIS A 61 2.74 -9.77 3.12
C HIS A 61 3.11 -8.53 2.30
N LYS A 62 3.98 -8.69 1.28
CA LYS A 62 4.27 -7.59 0.36
C LYS A 62 3.03 -7.27 -0.45
N LEU A 63 2.28 -8.30 -0.88
CA LEU A 63 1.03 -8.06 -1.59
C LEU A 63 0.09 -7.30 -0.66
N GLY A 64 0.07 -7.69 0.63
CA GLY A 64 -0.75 -7.04 1.63
C GLY A 64 -0.28 -5.62 1.91
N SER A 65 1.02 -5.35 1.78
CA SER A 65 1.53 -4.00 1.99
C SER A 65 1.01 -3.08 0.90
N LEU A 66 0.84 -3.60 -0.32
CA LEU A 66 0.30 -2.83 -1.43
C LEU A 66 -1.21 -2.66 -1.26
N TYR A 67 -1.88 -3.61 -0.62
CA TYR A 67 -3.31 -3.49 -0.36
C TYR A 67 -3.56 -2.40 0.67
N ILE A 68 -2.69 -2.27 1.67
CA ILE A 68 -2.88 -1.23 2.66
C ILE A 68 -2.64 0.12 1.99
N ILE A 69 -1.50 0.27 1.32
CA ILE A 69 -1.20 1.45 0.50
C ILE A 69 -2.37 1.78 -0.42
N ASP A 70 -3.07 0.78 -0.98
CA ASP A 70 -4.20 1.04 -1.85
C ASP A 70 -5.38 1.58 -1.07
N SER A 71 -5.72 0.91 0.04
CA SER A 71 -6.87 1.27 0.84
C SER A 71 -6.71 2.66 1.47
N ILE A 72 -5.58 2.88 2.14
CA ILE A 72 -5.32 4.15 2.81
C ILE A 72 -4.95 5.22 1.78
N GLY A 73 -4.27 4.81 0.69
CA GLY A 73 -3.82 5.75 -0.31
C GLY A 73 -4.98 6.36 -1.08
N ARG A 74 -5.93 5.53 -1.53
CA ARG A 74 -7.09 6.07 -2.23
C ARG A 74 -7.97 6.83 -1.27
N ALA A 75 -8.19 6.31 -0.05
CA ALA A 75 -9.03 7.01 0.89
C ALA A 75 -8.44 8.38 1.24
N TYR A 76 -7.11 8.50 1.24
CA TYR A 76 -6.47 9.78 1.46
C TYR A 76 -6.64 10.69 0.26
N LEU A 77 -6.22 10.27 -0.94
CA LEU A 77 -6.29 11.20 -2.05
C LEU A 77 -7.75 11.55 -2.33
N ASP A 78 -8.64 10.57 -2.27
CA ASP A 78 -10.06 10.82 -2.52
C ASP A 78 -10.66 11.82 -1.55
N GLU A 79 -10.49 11.63 -0.23
CA GLU A 79 -11.11 12.55 0.71
C GLU A 79 -10.42 13.91 0.72
N THR A 80 -9.10 13.95 0.55
CA THR A 80 -8.40 15.22 0.55
C THR A 80 -8.69 15.99 -0.73
N ARG A 81 -8.93 15.28 -1.85
CA ARG A 81 -9.27 15.89 -3.13
C ARG A 81 -10.76 16.23 -3.24
N SER A 82 -11.63 15.48 -2.55
CA SER A 82 -13.07 15.72 -2.61
C SER A 82 -13.49 16.89 -1.71
N ASN A 83 -12.63 17.31 -0.78
CA ASN A 83 -12.98 18.34 0.18
C ASN A 83 -11.94 19.45 0.25
N SER A 84 -10.86 19.35 -0.53
CA SER A 84 -9.81 20.35 -0.55
C SER A 84 -8.95 20.19 -1.81
N ASN A 85 -7.95 21.05 -1.98
CA ASN A 85 -7.01 20.96 -3.09
C ASN A 85 -5.99 19.85 -2.86
N SER A 86 -6.13 19.10 -1.75
CA SER A 86 -5.25 18.03 -1.31
C SER A 86 -3.82 18.48 -1.01
N SER A 87 -3.46 19.72 -1.35
CA SER A 87 -2.13 20.29 -1.15
C SER A 87 -1.04 19.49 -1.87
N SER A 88 0.19 20.00 -1.81
CA SER A 88 1.36 19.36 -2.41
C SER A 88 2.58 19.46 -1.50
N ASN A 89 2.38 19.98 -0.29
CA ASN A 89 3.42 20.16 0.72
C ASN A 89 2.83 19.94 2.11
N LYS A 90 3.72 19.94 3.13
CA LYS A 90 3.39 19.74 4.54
C LYS A 90 2.90 18.31 4.86
N PRO A 91 3.41 17.71 5.95
CA PRO A 91 2.97 16.42 6.46
C PRO A 91 1.58 16.54 7.07
N GLY A 92 0.95 15.40 7.36
CA GLY A 92 -0.36 15.40 8.00
C GLY A 92 -1.50 15.56 7.00
N THR A 93 -1.23 15.27 5.72
CA THR A 93 -2.20 15.36 4.65
C THR A 93 -1.77 14.47 3.48
N CYS A 94 -2.67 14.24 2.53
CA CYS A 94 -2.40 13.51 1.31
C CYS A 94 -1.18 14.07 0.59
N ALA A 95 -0.90 15.36 0.78
CA ALA A 95 0.21 16.01 0.11
C ALA A 95 1.50 15.25 0.36
N HIS A 96 1.94 15.15 1.63
CA HIS A 96 3.19 14.48 1.94
C HIS A 96 3.03 12.96 1.81
N ALA A 97 1.84 12.44 2.12
CA ALA A 97 1.59 11.01 2.08
C ALA A 97 1.75 10.45 0.66
N ILE A 98 1.04 11.05 -0.31
CA ILE A 98 1.12 10.58 -1.69
C ILE A 98 2.49 10.92 -2.27
N ASN A 99 3.07 12.06 -1.87
CA ASN A 99 4.39 12.44 -2.35
C ASN A 99 5.43 11.41 -1.92
N THR A 100 5.35 10.95 -0.66
CA THR A 100 6.30 10.00 -0.14
C THR A 100 6.20 8.69 -0.90
N LEU A 101 4.97 8.26 -1.20
CA LEU A 101 4.73 7.04 -1.92
C LEU A 101 5.18 7.14 -3.38
N GLY A 102 5.26 8.36 -3.92
CA GLY A 102 5.64 8.55 -5.30
C GLY A 102 7.13 8.34 -5.55
N GLU A 103 7.98 8.53 -4.54
CA GLU A 103 9.41 8.33 -4.68
C GLU A 103 9.80 6.86 -4.59
N VAL A 104 9.25 6.17 -3.59
CA VAL A 104 9.57 4.78 -3.32
C VAL A 104 8.75 3.82 -4.17
N ILE A 105 7.98 4.37 -5.12
CA ILE A 105 7.06 3.58 -5.93
C ILE A 105 7.82 2.53 -6.74
N GLN A 106 9.01 2.88 -7.24
CA GLN A 106 9.77 1.98 -8.07
C GLN A 106 10.43 0.88 -7.24
N GLU A 107 10.89 1.19 -6.02
CA GLU A 107 11.54 0.19 -5.19
C GLU A 107 10.50 -0.77 -4.61
N LEU A 108 9.34 -0.23 -4.21
CA LEU A 108 8.33 -1.02 -3.55
C LEU A 108 7.62 -1.96 -4.52
N LEU A 109 7.31 -1.47 -5.74
CA LEU A 109 6.64 -2.32 -6.72
C LEU A 109 7.63 -3.33 -7.28
N SER A 110 8.81 -2.89 -7.72
CA SER A 110 9.78 -3.78 -8.32
C SER A 110 10.12 -4.95 -7.40
N ASP A 111 10.23 -4.67 -6.08
CA ASP A 111 10.44 -5.70 -5.09
C ASP A 111 9.26 -6.66 -5.10
N ALA A 112 8.05 -6.10 -5.04
CA ALA A 112 6.85 -6.90 -4.94
C ALA A 112 6.60 -7.72 -6.20
N ILE A 113 6.92 -7.20 -7.40
CA ILE A 113 6.67 -7.96 -8.62
C ILE A 113 7.63 -9.15 -8.70
N ALA A 114 8.89 -8.93 -8.33
CA ALA A 114 9.88 -10.00 -8.39
C ALA A 114 9.68 -11.02 -7.26
N LYS A 115 9.36 -10.54 -6.05
CA LYS A 115 9.18 -11.44 -4.92
C LYS A 115 7.86 -12.20 -4.96
N SER A 116 6.77 -11.55 -5.37
CA SER A 116 5.45 -12.14 -5.29
C SER A 116 5.17 -13.12 -6.44
N ASN A 117 4.17 -13.99 -6.26
CA ASN A 117 3.82 -15.01 -7.24
C ASN A 117 2.81 -14.52 -8.27
N GLN A 118 2.47 -15.39 -9.23
CA GLN A 118 1.56 -15.06 -10.32
C GLN A 118 0.27 -14.40 -9.85
N ASP A 119 -0.47 -15.04 -8.93
CA ASP A 119 -1.71 -14.46 -8.42
C ASP A 119 -1.46 -13.07 -7.85
N HIS A 120 -0.28 -12.88 -7.25
CA HIS A 120 0.07 -11.62 -6.62
C HIS A 120 0.39 -10.58 -7.68
N LYS A 121 1.13 -10.97 -8.73
CA LYS A 121 1.49 -10.06 -9.80
C LYS A 121 0.23 -9.46 -10.43
N GLU A 122 -0.83 -10.25 -10.58
CA GLU A 122 -2.08 -9.79 -11.15
C GLU A 122 -2.76 -8.81 -10.20
N LYS A 123 -2.80 -9.18 -8.92
CA LYS A 123 -3.45 -8.35 -7.92
C LYS A 123 -2.72 -7.03 -7.74
N ILE A 124 -1.40 -7.00 -7.95
CA ILE A 124 -0.64 -5.76 -7.88
C ILE A 124 -0.87 -4.93 -9.14
N ARG A 125 -0.97 -5.58 -10.30
CA ARG A 125 -1.23 -4.88 -11.55
C ARG A 125 -2.64 -4.28 -11.60
N MET A 126 -3.64 -4.92 -10.97
CA MET A 126 -4.95 -4.30 -10.90
C MET A 126 -4.89 -3.14 -9.92
N LEU A 127 -4.08 -3.26 -8.85
CA LEU A 127 -3.89 -2.16 -7.91
C LEU A 127 -3.23 -0.97 -8.63
N LEU A 128 -2.29 -1.25 -9.54
CA LEU A 128 -1.62 -0.18 -10.27
C LEU A 128 -2.62 0.57 -11.15
N ASP A 129 -3.51 -0.18 -11.81
CA ASP A 129 -4.54 0.42 -12.64
C ASP A 129 -5.48 1.26 -11.77
N ILE A 130 -5.92 0.69 -10.64
CA ILE A 130 -6.82 1.38 -9.72
C ILE A 130 -6.22 2.71 -9.27
N TRP A 131 -4.89 2.74 -9.11
CA TRP A 131 -4.22 3.95 -8.68
C TRP A 131 -4.14 5.00 -9.78
N ASP A 132 -3.81 4.62 -11.00
CA ASP A 132 -3.72 5.59 -12.08
C ASP A 132 -5.07 6.22 -12.37
N ARG A 133 -6.17 5.48 -12.10
CA ARG A 133 -7.53 5.98 -12.27
C ARG A 133 -7.89 6.94 -11.14
N SER A 134 -7.40 6.65 -9.92
CA SER A 134 -7.69 7.45 -8.74
C SER A 134 -6.92 8.75 -8.73
N GLY A 135 -5.91 8.88 -9.59
CA GLY A 135 -5.02 10.04 -9.61
C GLY A 135 -3.78 9.80 -8.76
N LEU A 136 -3.62 8.56 -8.26
CA LEU A 136 -2.47 8.15 -7.47
C LEU A 136 -1.30 7.76 -8.38
N PHE A 137 -1.37 8.07 -9.68
CA PHE A 137 -0.31 7.72 -10.61
C PHE A 137 1.01 8.33 -10.18
N GLN A 138 2.12 7.67 -10.52
CA GLN A 138 3.46 8.10 -10.11
C GLN A 138 4.46 7.98 -11.25
N LYS A 139 5.67 8.48 -10.99
CA LYS A 139 6.78 8.46 -11.92
C LYS A 139 7.45 7.09 -11.96
N SER A 140 8.42 6.95 -12.87
CA SER A 140 9.26 5.76 -12.99
C SER A 140 8.49 4.46 -13.25
N TYR A 141 7.43 4.52 -14.07
CA TYR A 141 6.73 3.32 -14.54
C TYR A 141 7.59 2.60 -15.60
N LEU A 142 8.91 2.62 -15.42
CA LEU A 142 9.88 2.07 -16.35
C LEU A 142 10.01 0.56 -16.21
N ASN A 143 10.96 -0.02 -16.95
CA ASN A 143 11.22 -1.46 -16.96
C ASN A 143 11.51 -2.00 -15.56
N ALA A 144 11.83 -1.13 -14.59
CA ALA A 144 12.11 -1.57 -13.23
C ALA A 144 10.86 -2.13 -12.59
N ILE A 145 9.68 -1.62 -12.98
CA ILE A 145 8.43 -2.10 -12.42
C ILE A 145 8.08 -3.46 -13.00
N ARG A 146 8.40 -3.68 -14.28
CA ARG A 146 8.13 -4.95 -14.93
C ARG A 146 9.14 -6.01 -14.49
N SER A 147 10.31 -5.57 -14.01
CA SER A 147 11.35 -6.43 -13.43
C SER A 147 11.56 -7.72 -14.23
N LYS A 148 11.69 -7.57 -15.55
CA LYS A 148 11.93 -8.66 -16.47
C LYS A 148 13.16 -9.50 -16.09
N CYS A 149 14.03 -8.99 -15.21
CA CYS A 149 15.16 -9.75 -14.73
C CYS A 149 14.67 -11.02 -14.03
N PHE A 150 13.49 -10.95 -13.40
CA PHE A 150 12.91 -12.10 -12.73
C PHE A 150 12.58 -13.20 -13.73
N ALA A 151 12.27 -12.81 -14.97
CA ALA A 151 12.00 -13.75 -16.04
C ALA A 151 13.30 -14.37 -16.56
N MET A 152 14.39 -13.60 -16.55
CA MET A 152 15.68 -14.10 -16.98
C MET A 152 16.26 -15.03 -15.93
N ASP A 153 15.95 -14.79 -14.66
CA ASP A 153 16.45 -15.58 -13.54
C ASP A 153 15.75 -16.93 -13.42
N LEU A 154 14.52 -17.06 -13.94
CA LEU A 154 13.70 -18.26 -13.77
C LEU A 154 13.12 -18.74 -15.09
N GLU A 155 13.72 -18.26 -16.19
CA GLU A 155 13.34 -18.56 -17.57
C GLU A 155 11.85 -18.33 -17.88
N HIS A 156 11.11 -17.72 -16.95
CA HIS A 156 9.69 -17.47 -17.08
C HIS A 156 9.29 -16.40 -16.05
N HIS A 157 8.34 -15.53 -16.39
CA HIS A 157 8.02 -14.39 -15.54
C HIS A 157 6.80 -14.64 -14.64
N HIS A 158 5.89 -15.53 -15.05
CA HIS A 158 4.63 -15.70 -14.35
C HIS A 158 4.68 -16.76 -13.26
N HIS A 159 5.78 -16.79 -12.49
CA HIS A 159 5.87 -17.59 -11.28
C HIS A 159 5.17 -16.85 -10.15
N ASP B 1 -6.31 -17.86 8.13
CA ASP B 1 -6.53 -16.41 8.03
C ASP B 1 -8.01 -16.09 8.26
N ASP B 2 -8.86 -16.33 7.27
CA ASP B 2 -10.30 -16.33 7.42
C ASP B 2 -10.84 -14.99 7.94
N ASP B 3 -10.22 -13.88 7.54
CA ASP B 3 -10.59 -12.55 8.01
C ASP B 3 -10.47 -11.54 6.86
N GLU B 4 -11.38 -11.67 5.88
CA GLU B 4 -11.41 -10.85 4.67
C GLU B 4 -10.06 -10.91 3.95
N ASP B 5 -9.56 -12.14 3.76
CA ASP B 5 -8.24 -12.44 3.23
C ASP B 5 -7.96 -11.86 1.84
N ASP B 6 -8.94 -11.26 1.18
CA ASP B 6 -8.70 -10.57 -0.08
C ASP B 6 -9.69 -9.41 -0.26
N TYR B 7 -9.16 -8.19 -0.21
CA TYR B 7 -9.90 -6.95 -0.37
C TYR B 7 -10.42 -6.83 -1.80
N THR B 8 -9.76 -7.50 -2.76
CA THR B 8 -10.12 -7.51 -4.18
C THR B 8 -10.72 -6.17 -4.64
N PRO B 9 -10.01 -5.06 -4.44
CA PRO B 9 -10.53 -3.73 -4.66
C PRO B 9 -10.93 -3.50 -6.12
N SER B 10 -11.82 -2.54 -6.34
CA SER B 10 -12.34 -2.21 -7.65
C SER B 10 -12.67 -0.72 -7.71
N ILE B 11 -12.93 -0.22 -8.93
CA ILE B 11 -13.16 1.20 -9.17
C ILE B 11 -13.93 1.37 -10.48
N SER B 12 -14.68 2.47 -10.59
CA SER B 12 -15.45 2.78 -11.78
C SER B 12 -14.59 3.35 -12.92
N MET A 1 -4.45 11.10 15.50
CA MET A 1 -4.61 11.88 16.73
C MET A 1 -3.28 12.14 17.41
N GLN A 2 -2.33 11.20 17.33
CA GLN A 2 -1.00 11.35 17.91
C GLN A 2 -1.09 11.56 19.42
N GLN A 3 -2.06 10.88 20.05
CA GLN A 3 -2.29 10.97 21.48
C GLN A 3 -2.96 9.68 21.94
N ASP A 4 -2.97 9.42 23.26
CA ASP A 4 -3.56 8.24 23.85
C ASP A 4 -3.04 6.94 23.26
N ASP A 5 -1.81 7.01 22.75
CA ASP A 5 -1.12 5.88 22.13
C ASP A 5 -1.92 5.30 20.97
N ASP A 6 -2.59 6.17 20.20
CA ASP A 6 -3.37 5.72 19.06
C ASP A 6 -2.50 4.92 18.09
N PHE A 7 -1.23 5.32 17.97
CA PHE A 7 -0.27 4.67 17.08
C PHE A 7 -0.14 3.19 17.39
N GLN A 8 -0.08 2.82 18.67
CA GLN A 8 0.13 1.43 19.08
C GLN A 8 -0.88 0.49 18.42
N ASN A 9 -2.11 0.96 18.21
CA ASN A 9 -3.14 0.14 17.58
C ASN A 9 -2.81 -0.09 16.10
N PHE A 10 -2.16 0.91 15.49
CA PHE A 10 -1.71 0.81 14.11
C PHE A 10 -0.53 -0.16 14.02
N VAL A 11 0.35 -0.12 15.01
CA VAL A 11 1.50 -1.01 15.05
C VAL A 11 1.02 -2.46 15.16
N ALA A 12 0.21 -2.74 16.19
CA ALA A 12 -0.34 -4.07 16.42
C ALA A 12 -1.20 -4.55 15.25
N THR A 13 -1.85 -3.65 14.50
CA THR A 13 -2.63 -4.06 13.34
C THR A 13 -1.68 -4.49 12.21
N LEU A 14 -0.57 -3.75 12.04
CA LEU A 14 0.42 -4.07 11.04
C LEU A 14 1.07 -5.41 11.37
N GLU A 15 1.45 -5.56 12.64
CA GLU A 15 2.07 -6.76 13.18
C GLU A 15 1.10 -7.92 13.08
N SER A 16 -0.21 -7.64 13.15
CA SER A 16 -1.22 -8.67 13.01
C SER A 16 -1.24 -9.18 11.58
N PHE A 17 -0.94 -8.34 10.59
CA PHE A 17 -0.80 -8.83 9.23
C PHE A 17 0.38 -9.80 9.17
N LYS A 18 1.49 -9.44 9.84
CA LYS A 18 2.69 -10.28 9.82
C LYS A 18 2.40 -11.65 10.43
N ASP A 19 1.45 -11.68 11.36
CA ASP A 19 1.04 -12.92 12.01
C ASP A 19 0.23 -13.81 11.07
N LEU A 20 -0.72 -13.22 10.32
CA LEU A 20 -1.58 -14.00 9.45
C LEU A 20 -0.76 -14.79 8.43
N LYS A 21 -1.23 -16.00 8.12
CA LYS A 21 -0.59 -16.84 7.12
C LYS A 21 -1.07 -16.45 5.73
N SER A 22 -2.24 -15.81 5.63
CA SER A 22 -2.69 -15.21 4.39
C SER A 22 -1.93 -13.92 4.14
N GLY A 23 -1.41 -13.30 5.21
CA GLY A 23 -0.65 -12.06 5.18
C GLY A 23 -1.52 -10.86 4.84
N ILE A 24 -2.56 -11.06 4.04
CA ILE A 24 -3.56 -10.06 3.74
C ILE A 24 -4.66 -10.10 4.80
N SER A 25 -5.37 -8.98 5.00
CA SER A 25 -6.46 -8.95 5.97
C SER A 25 -7.39 -7.80 5.63
N GLY A 26 -8.30 -8.00 4.67
CA GLY A 26 -9.18 -6.94 4.21
C GLY A 26 -9.88 -6.22 5.36
N SER A 27 -10.20 -6.94 6.45
CA SER A 27 -10.88 -6.30 7.58
C SER A 27 -9.93 -5.40 8.35
N ARG A 28 -8.76 -5.94 8.75
CA ARG A 28 -7.80 -5.19 9.55
C ARG A 28 -7.15 -4.09 8.71
N ILE A 29 -7.00 -4.33 7.40
CA ILE A 29 -6.50 -3.33 6.50
C ILE A 29 -7.47 -2.14 6.54
N LYS A 30 -8.78 -2.39 6.48
CA LYS A 30 -9.74 -1.31 6.57
C LYS A 30 -9.76 -0.69 7.97
N LYS A 31 -9.33 -1.41 9.02
CA LYS A 31 -9.30 -0.82 10.36
C LYS A 31 -8.28 0.32 10.40
N LEU A 32 -7.01 0.04 10.10
CA LEU A 32 -6.01 1.10 10.20
C LEU A 32 -6.10 2.08 9.02
N THR A 33 -6.76 1.69 7.92
CA THR A 33 -6.97 2.59 6.81
C THR A 33 -8.01 3.64 7.20
N THR A 34 -9.04 3.21 7.93
CA THR A 34 -10.09 4.13 8.37
C THR A 34 -9.54 5.09 9.42
N TYR A 35 -8.67 4.58 10.30
CA TYR A 35 -8.00 5.42 11.28
C TYR A 35 -7.15 6.47 10.58
N ALA A 36 -6.51 6.09 9.48
CA ALA A 36 -5.67 7.00 8.74
C ALA A 36 -6.49 8.11 8.08
N LEU A 37 -7.68 7.76 7.58
CA LEU A 37 -8.56 8.73 6.92
C LEU A 37 -9.14 9.71 7.93
N ASP A 38 -9.45 9.24 9.13
CA ASP A 38 -9.95 10.09 10.20
C ASP A 38 -8.83 10.98 10.75
N HIS A 39 -7.57 10.66 10.43
CA HIS A 39 -6.41 11.35 11.00
C HIS A 39 -5.23 11.32 10.03
N ILE A 40 -5.12 12.31 9.15
CA ILE A 40 -3.98 12.43 8.25
C ILE A 40 -2.75 12.94 9.00
N ASP A 41 -2.92 13.45 10.22
CA ASP A 41 -1.84 14.03 11.00
C ASP A 41 -0.69 13.06 11.21
N ILE A 42 -1.00 11.76 11.14
CA ILE A 42 -0.02 10.70 11.29
C ILE A 42 0.31 10.02 9.96
N GLU A 43 0.00 10.64 8.81
CA GLU A 43 0.34 10.04 7.53
C GLU A 43 1.82 9.68 7.43
N SER A 44 2.68 10.41 8.16
CA SER A 44 4.11 10.21 8.08
C SER A 44 4.50 8.83 8.62
N LYS A 45 3.95 8.44 9.78
CA LYS A 45 4.23 7.12 10.35
C LYS A 45 3.46 6.05 9.56
N ILE A 46 2.33 6.43 8.94
CA ILE A 46 1.52 5.49 8.18
C ILE A 46 2.26 5.07 6.93
N ILE A 47 2.80 6.03 6.18
CA ILE A 47 3.59 5.73 4.99
C ILE A 47 4.84 4.98 5.40
N SER A 48 5.45 5.34 6.54
CA SER A 48 6.67 4.69 6.98
C SER A 48 6.44 3.20 7.28
N LEU A 49 5.32 2.86 7.95
CA LEU A 49 5.07 1.48 8.32
C LEU A 49 4.67 0.60 7.14
N ILE A 50 3.92 1.11 6.16
CA ILE A 50 3.51 0.27 5.04
C ILE A 50 4.69 -0.03 4.13
N ILE A 51 5.52 0.97 3.81
CA ILE A 51 6.66 0.73 2.94
C ILE A 51 7.68 -0.19 3.62
N ASP A 52 7.89 -0.04 4.93
CA ASP A 52 8.81 -0.90 5.65
C ASP A 52 8.26 -2.31 5.80
N TYR A 53 6.97 -2.47 6.08
CA TYR A 53 6.37 -3.80 6.15
C TYR A 53 6.45 -4.44 4.77
N SER A 54 6.18 -3.66 3.72
CA SER A 54 6.15 -4.17 2.36
C SER A 54 7.51 -4.72 1.94
N ARG A 55 8.59 -4.04 2.34
CA ARG A 55 9.93 -4.45 1.95
C ARG A 55 10.40 -5.69 2.71
N LEU A 56 10.12 -5.76 4.01
CA LEU A 56 10.59 -6.85 4.85
C LEU A 56 9.75 -8.12 4.73
N CYS A 57 8.43 -7.96 4.74
CA CYS A 57 7.50 -9.07 4.82
C CYS A 57 7.58 -10.04 3.64
N PRO A 58 7.07 -11.28 3.84
CA PRO A 58 6.94 -12.32 2.84
C PRO A 58 6.07 -11.92 1.66
N ASP A 59 5.92 -12.86 0.72
CA ASP A 59 5.22 -12.66 -0.54
C ASP A 59 3.72 -12.42 -0.38
N SER A 60 3.05 -13.17 0.51
CA SER A 60 1.63 -13.00 0.74
C SER A 60 1.38 -11.71 1.51
N HIS A 61 2.28 -11.41 2.45
CA HIS A 61 2.22 -10.17 3.21
C HIS A 61 2.54 -8.99 2.30
N LYS A 62 3.33 -9.23 1.25
CA LYS A 62 3.68 -8.20 0.28
C LYS A 62 2.43 -7.77 -0.49
N LEU A 63 1.61 -8.72 -0.94
CA LEU A 63 0.38 -8.37 -1.63
C LEU A 63 -0.50 -7.57 -0.67
N GLY A 64 -0.56 -8.00 0.59
CA GLY A 64 -1.35 -7.29 1.60
C GLY A 64 -0.79 -5.90 1.88
N SER A 65 0.52 -5.70 1.72
CA SER A 65 1.12 -4.40 1.94
C SER A 65 0.66 -3.43 0.85
N LEU A 66 0.52 -3.93 -0.37
CA LEU A 66 0.07 -3.12 -1.49
C LEU A 66 -1.43 -2.87 -1.41
N TYR A 67 -2.18 -3.74 -0.73
CA TYR A 67 -3.60 -3.50 -0.49
C TYR A 67 -3.78 -2.38 0.50
N ILE A 68 -2.92 -2.29 1.50
CA ILE A 68 -3.03 -1.20 2.44
C ILE A 68 -2.70 0.09 1.69
N ILE A 69 -1.51 0.12 1.06
CA ILE A 69 -1.08 1.22 0.21
C ILE A 69 -2.14 1.60 -0.82
N ASP A 70 -2.87 0.63 -1.38
CA ASP A 70 -3.89 0.92 -2.38
C ASP A 70 -5.10 1.60 -1.75
N SER A 71 -5.68 0.97 -0.73
CA SER A 71 -6.90 1.46 -0.11
C SER A 71 -6.64 2.79 0.60
N ILE A 72 -5.53 2.90 1.34
CA ILE A 72 -5.21 4.13 2.04
C ILE A 72 -4.70 5.17 1.04
N GLY A 73 -3.94 4.73 0.04
CA GLY A 73 -3.32 5.64 -0.90
C GLY A 73 -4.35 6.34 -1.76
N ARG A 74 -5.33 5.60 -2.29
CA ARG A 74 -6.38 6.22 -3.08
C ARG A 74 -7.27 7.05 -2.19
N ALA A 75 -7.62 6.53 -1.01
CA ALA A 75 -8.51 7.25 -0.12
C ALA A 75 -7.87 8.56 0.37
N TYR A 76 -6.54 8.57 0.57
CA TYR A 76 -5.86 9.79 0.97
C TYR A 76 -5.89 10.83 -0.15
N LEU A 77 -5.60 10.42 -1.39
CA LEU A 77 -5.58 11.41 -2.45
C LEU A 77 -7.00 11.92 -2.64
N ASP A 78 -7.97 10.99 -2.75
CA ASP A 78 -9.38 11.35 -2.89
C ASP A 78 -9.88 12.27 -1.80
N GLU A 79 -9.53 12.00 -0.53
CA GLU A 79 -9.99 12.81 0.56
C GLU A 79 -9.51 14.25 0.44
N THR A 80 -8.21 14.44 0.22
CA THR A 80 -7.67 15.79 0.12
C THR A 80 -8.09 16.44 -1.20
N ARG A 81 -8.35 15.63 -2.23
CA ARG A 81 -8.86 16.09 -3.50
C ARG A 81 -10.30 16.56 -3.38
N SER A 82 -11.03 16.05 -2.37
CA SER A 82 -12.42 16.39 -2.16
C SER A 82 -12.61 17.69 -1.37
N ASN A 83 -11.56 18.21 -0.73
CA ASN A 83 -11.72 19.40 0.12
C ASN A 83 -10.47 20.26 0.22
N SER A 84 -9.53 20.05 -0.70
CA SER A 84 -8.33 20.84 -0.82
C SER A 84 -7.39 20.77 0.39
N ASN A 85 -7.50 19.76 1.25
CA ASN A 85 -6.64 19.64 2.42
C ASN A 85 -5.17 19.65 2.03
N SER A 86 -4.85 19.27 0.79
CA SER A 86 -3.47 19.21 0.30
C SER A 86 -2.86 20.62 0.17
N SER A 87 -3.67 21.67 0.35
CA SER A 87 -3.19 23.05 0.32
C SER A 87 -2.62 23.47 1.68
N SER A 88 -2.91 22.70 2.73
CA SER A 88 -2.46 22.99 4.08
C SER A 88 -1.02 22.50 4.27
N ASN A 89 -0.61 22.27 5.54
CA ASN A 89 0.72 21.78 5.87
C ASN A 89 0.99 20.48 5.10
N LYS A 90 2.24 20.29 4.65
CA LYS A 90 2.59 19.13 3.84
C LYS A 90 2.58 17.86 4.68
N PRO A 91 3.46 17.69 5.69
CA PRO A 91 3.34 16.55 6.57
C PRO A 91 1.98 16.61 7.25
N GLY A 92 1.32 15.46 7.38
CA GLY A 92 -0.02 15.41 7.95
C GLY A 92 -1.10 15.55 6.88
N THR A 93 -0.76 15.34 5.61
CA THR A 93 -1.72 15.35 4.50
C THR A 93 -1.27 14.46 3.38
N CYS A 94 -2.17 14.29 2.39
CA CYS A 94 -1.88 13.58 1.16
C CYS A 94 -0.70 14.22 0.45
N ALA A 95 -0.48 15.52 0.68
CA ALA A 95 0.57 16.23 -0.01
C ALA A 95 1.91 15.52 0.23
N HIS A 96 2.29 15.40 1.50
CA HIS A 96 3.54 14.77 1.88
C HIS A 96 3.46 13.25 1.73
N ALA A 97 2.29 12.68 2.02
CA ALA A 97 2.10 11.24 1.98
C ALA A 97 2.28 10.69 0.58
N ILE A 98 1.59 11.28 -0.41
CA ILE A 98 1.66 10.81 -1.78
C ILE A 98 3.01 11.19 -2.40
N ASN A 99 3.58 12.32 -2.00
CA ASN A 99 4.89 12.72 -2.50
C ASN A 99 5.97 11.77 -1.98
N THR A 100 5.95 11.43 -0.69
CA THR A 100 6.98 10.58 -0.11
C THR A 100 6.84 9.15 -0.62
N LEU A 101 5.60 8.71 -0.86
CA LEU A 101 5.33 7.37 -1.33
C LEU A 101 5.72 7.22 -2.80
N GLY A 102 5.64 8.30 -3.58
CA GLY A 102 5.93 8.23 -5.00
C GLY A 102 7.41 8.01 -5.30
N GLU A 103 8.30 8.30 -4.34
CA GLU A 103 9.73 8.12 -4.53
C GLU A 103 10.14 6.67 -4.35
N VAL A 104 9.53 6.00 -3.36
CA VAL A 104 9.92 4.65 -2.99
C VAL A 104 9.03 3.58 -3.61
N ILE A 105 7.91 3.94 -4.24
CA ILE A 105 6.99 2.97 -4.79
C ILE A 105 7.67 2.03 -5.79
N GLN A 106 8.75 2.49 -6.43
CA GLN A 106 9.49 1.67 -7.38
C GLN A 106 10.19 0.52 -6.66
N GLU A 107 10.57 0.71 -5.38
CA GLU A 107 11.19 -0.36 -4.62
C GLU A 107 10.11 -1.36 -4.23
N LEU A 108 8.95 -0.84 -3.83
CA LEU A 108 7.88 -1.67 -3.31
C LEU A 108 7.30 -2.54 -4.41
N LEU A 109 7.09 -1.97 -5.60
CA LEU A 109 6.53 -2.71 -6.72
C LEU A 109 7.53 -3.71 -7.28
N SER A 110 8.78 -3.31 -7.52
CA SER A 110 9.77 -4.23 -8.09
C SER A 110 10.00 -5.40 -7.13
N ASP A 111 10.08 -5.11 -5.83
CA ASP A 111 10.20 -6.14 -4.81
C ASP A 111 8.99 -7.05 -4.91
N ALA A 112 7.82 -6.46 -5.15
CA ALA A 112 6.59 -7.22 -5.17
C ALA A 112 6.54 -8.14 -6.37
N ILE A 113 7.01 -7.70 -7.55
CA ILE A 113 6.93 -8.56 -8.70
C ILE A 113 7.83 -9.77 -8.51
N ALA A 114 9.03 -9.56 -7.99
CA ALA A 114 9.98 -10.64 -7.78
C ALA A 114 9.55 -11.54 -6.62
N LYS A 115 9.17 -10.96 -5.49
CA LYS A 115 8.83 -11.71 -4.29
C LYS A 115 7.46 -12.37 -4.35
N SER A 116 6.46 -11.70 -4.95
CA SER A 116 5.08 -12.16 -4.88
C SER A 116 4.81 -13.34 -5.80
N ASN A 117 3.73 -14.09 -5.53
CA ASN A 117 3.34 -15.24 -6.31
C ASN A 117 2.67 -14.85 -7.61
N GLN A 118 2.49 -15.82 -8.51
CA GLN A 118 1.89 -15.58 -9.81
C GLN A 118 0.54 -14.88 -9.66
N ASP A 119 -0.24 -15.32 -8.69
CA ASP A 119 -1.56 -14.75 -8.45
C ASP A 119 -1.40 -13.32 -7.95
N HIS A 120 -0.32 -13.07 -7.22
CA HIS A 120 -0.05 -11.76 -6.66
C HIS A 120 0.48 -10.83 -7.75
N LYS A 121 1.33 -11.32 -8.65
CA LYS A 121 1.85 -10.52 -9.76
C LYS A 121 0.66 -9.96 -10.53
N GLU A 122 -0.38 -10.77 -10.73
CA GLU A 122 -1.57 -10.31 -11.43
C GLU A 122 -2.37 -9.32 -10.58
N LYS A 123 -2.47 -9.55 -9.26
CA LYS A 123 -3.22 -8.65 -8.40
C LYS A 123 -2.49 -7.32 -8.23
N ILE A 124 -1.16 -7.31 -8.36
CA ILE A 124 -0.40 -6.07 -8.34
C ILE A 124 -0.71 -5.28 -9.60
N ARG A 125 -0.81 -5.98 -10.75
CA ARG A 125 -1.10 -5.31 -12.00
C ARG A 125 -2.46 -4.63 -11.95
N MET A 126 -3.51 -5.31 -11.50
CA MET A 126 -4.81 -4.66 -11.44
C MET A 126 -4.74 -3.49 -10.46
N LEU A 127 -3.88 -3.58 -9.43
CA LEU A 127 -3.68 -2.47 -8.49
C LEU A 127 -3.11 -1.24 -9.21
N LEU A 128 -2.19 -1.43 -10.16
CA LEU A 128 -1.63 -0.29 -10.88
C LEU A 128 -2.66 0.28 -11.84
N ASP A 129 -3.47 -0.59 -12.46
CA ASP A 129 -4.53 -0.15 -13.35
C ASP A 129 -5.58 0.61 -12.53
N ILE A 130 -5.83 0.18 -11.30
CA ILE A 130 -6.75 0.87 -10.40
C ILE A 130 -6.24 2.26 -10.10
N TRP A 131 -4.92 2.41 -9.96
CA TRP A 131 -4.36 3.71 -9.67
C TRP A 131 -4.37 4.65 -10.88
N ASP A 132 -4.27 4.12 -12.10
CA ASP A 132 -4.36 4.96 -13.29
C ASP A 132 -5.78 5.47 -13.49
N ARG A 133 -6.77 4.66 -13.12
CA ARG A 133 -8.19 5.03 -13.20
C ARG A 133 -8.50 6.06 -12.11
N SER A 134 -7.85 5.93 -10.96
CA SER A 134 -8.06 6.80 -9.82
C SER A 134 -7.31 8.12 -9.96
N GLY A 135 -6.36 8.20 -10.91
CA GLY A 135 -5.61 9.42 -11.18
C GLY A 135 -4.39 9.60 -10.27
N LEU A 136 -4.00 8.58 -9.51
CA LEU A 136 -2.82 8.68 -8.66
C LEU A 136 -1.57 8.74 -9.53
N PHE A 137 -0.50 9.34 -9.00
CA PHE A 137 0.73 9.55 -9.77
C PHE A 137 1.55 8.27 -9.88
N GLN A 138 1.37 7.32 -8.97
CA GLN A 138 2.12 6.07 -8.96
C GLN A 138 1.63 5.14 -10.06
N LYS A 139 2.56 4.55 -10.83
CA LYS A 139 2.26 3.57 -11.86
C LYS A 139 3.55 3.01 -12.46
N SER A 140 3.40 2.03 -13.35
CA SER A 140 4.51 1.31 -13.98
C SER A 140 5.23 2.15 -15.05
N TYR A 141 5.87 3.24 -14.65
CA TYR A 141 6.68 4.03 -15.57
C TYR A 141 7.89 3.21 -16.03
N LEU A 142 8.86 3.04 -15.13
CA LEU A 142 10.12 2.37 -15.45
C LEU A 142 9.92 0.87 -15.67
N ASN A 143 10.84 0.26 -16.42
CA ASN A 143 10.82 -1.17 -16.68
C ASN A 143 11.13 -1.95 -15.40
N ALA A 144 11.60 -1.25 -14.35
CA ALA A 144 11.88 -1.87 -13.07
C ALA A 144 10.57 -2.31 -12.40
N ILE A 145 9.49 -1.57 -12.64
CA ILE A 145 8.19 -1.93 -12.10
C ILE A 145 7.68 -3.18 -12.78
N ARG A 146 8.11 -3.42 -14.02
CA ARG A 146 7.74 -4.61 -14.77
C ARG A 146 8.61 -5.79 -14.34
N SER A 147 9.88 -5.53 -14.00
CA SER A 147 10.81 -6.56 -13.55
C SER A 147 10.68 -7.82 -14.38
N LYS A 148 10.73 -7.61 -15.70
CA LYS A 148 10.64 -8.61 -16.73
C LYS A 148 11.35 -9.92 -16.36
N CYS A 149 12.53 -9.84 -15.75
CA CYS A 149 13.30 -11.00 -15.42
C CYS A 149 12.65 -11.76 -14.27
N PHE A 150 12.50 -11.13 -13.10
CA PHE A 150 11.97 -11.83 -11.94
C PHE A 150 10.50 -12.20 -12.13
N ALA A 151 9.85 -11.58 -13.11
CA ALA A 151 8.47 -11.89 -13.45
C ALA A 151 8.40 -13.23 -14.18
N MET A 152 9.26 -13.44 -15.18
CA MET A 152 9.29 -14.66 -15.96
C MET A 152 10.13 -15.76 -15.32
N ASP A 153 11.18 -15.39 -14.59
CA ASP A 153 12.13 -16.30 -13.98
C ASP A 153 11.56 -17.01 -12.76
N LEU A 154 10.42 -16.55 -12.23
CA LEU A 154 9.86 -17.12 -11.02
C LEU A 154 8.40 -17.51 -11.26
N GLU A 155 7.98 -18.61 -10.61
CA GLU A 155 6.65 -19.17 -10.76
C GLU A 155 6.08 -19.62 -9.41
N HIS A 156 6.81 -19.35 -8.32
CA HIS A 156 6.47 -19.85 -7.00
C HIS A 156 5.09 -19.39 -6.56
N HIS A 157 4.27 -20.36 -6.13
CA HIS A 157 2.94 -20.14 -5.58
C HIS A 157 2.53 -21.40 -4.81
N HIS A 158 3.53 -22.22 -4.46
CA HIS A 158 3.33 -23.54 -3.89
C HIS A 158 4.55 -23.94 -3.09
N HIS A 159 4.44 -25.04 -2.33
CA HIS A 159 5.51 -25.54 -1.48
C HIS A 159 5.28 -27.03 -1.21
N ASP B 1 -6.45 -14.80 7.67
CA ASP B 1 -6.83 -16.14 8.13
C ASP B 1 -8.22 -16.12 8.76
N ASP B 2 -8.43 -15.21 9.72
CA ASP B 2 -9.65 -15.10 10.48
C ASP B 2 -10.56 -13.97 9.98
N ASP B 3 -10.25 -13.36 8.83
CA ASP B 3 -11.08 -12.28 8.31
C ASP B 3 -11.22 -12.38 6.79
N GLU B 4 -11.57 -11.25 6.16
CA GLU B 4 -11.82 -11.16 4.73
C GLU B 4 -10.61 -11.58 3.89
N ASP B 5 -9.41 -11.52 4.48
CA ASP B 5 -8.16 -11.78 3.77
C ASP B 5 -8.11 -11.02 2.45
N ASP B 6 -8.03 -11.73 1.33
CA ASP B 6 -7.83 -11.14 0.01
C ASP B 6 -8.90 -10.09 -0.32
N TYR B 7 -8.55 -8.83 -0.08
CA TYR B 7 -9.43 -7.69 -0.30
C TYR B 7 -9.61 -7.42 -1.80
N THR B 8 -10.85 -7.12 -2.19
CA THR B 8 -11.18 -6.81 -3.57
C THR B 8 -11.45 -5.31 -3.69
N PRO B 9 -10.60 -4.58 -4.43
CA PRO B 9 -10.74 -3.14 -4.61
C PRO B 9 -11.88 -2.83 -5.57
N SER B 10 -12.74 -1.87 -5.18
CA SER B 10 -13.77 -1.36 -6.06
C SER B 10 -13.15 -0.27 -6.94
N ILE B 11 -13.49 -0.25 -8.23
CA ILE B 11 -12.90 0.71 -9.14
C ILE B 11 -13.72 0.91 -10.43
N SER B 12 -13.85 2.17 -10.84
CA SER B 12 -14.52 2.53 -12.08
C SER B 12 -13.64 2.15 -13.27
N MET A 1 -1.75 10.12 18.70
CA MET A 1 -1.42 10.79 17.43
C MET A 1 0.08 10.91 17.25
N GLN A 2 0.77 11.72 18.09
CA GLN A 2 2.20 11.90 17.97
C GLN A 2 2.94 11.77 19.31
N GLN A 3 2.24 11.36 20.38
CA GLN A 3 2.86 11.20 21.69
C GLN A 3 2.13 10.16 22.53
N ASP A 4 0.82 10.02 22.33
CA ASP A 4 -0.01 9.03 22.99
C ASP A 4 0.17 7.67 22.32
N ASP A 5 -0.18 6.60 23.04
CA ASP A 5 0.03 5.23 22.60
C ASP A 5 -1.04 4.73 21.63
N ASP A 6 -1.69 5.64 20.91
CA ASP A 6 -2.76 5.24 19.99
C ASP A 6 -2.18 4.44 18.84
N PHE A 7 -0.93 4.77 18.49
CA PHE A 7 -0.18 4.17 17.41
C PHE A 7 -0.11 2.64 17.57
N GLN A 8 -0.03 2.17 18.82
CA GLN A 8 0.10 0.75 19.13
C GLN A 8 -0.98 -0.08 18.47
N ASN A 9 -2.19 0.46 18.34
CA ASN A 9 -3.29 -0.28 17.72
C ASN A 9 -3.07 -0.38 16.22
N PHE A 10 -2.46 0.65 15.64
CA PHE A 10 -2.10 0.69 14.24
C PHE A 10 -0.96 -0.29 13.99
N VAL A 11 -0.02 -0.35 14.94
CA VAL A 11 1.11 -1.26 14.84
C VAL A 11 0.61 -2.69 14.92
N ALA A 12 -0.15 -3.01 15.97
CA ALA A 12 -0.68 -4.35 16.18
C ALA A 12 -1.55 -4.80 14.98
N THR A 13 -2.20 -3.86 14.30
CA THR A 13 -2.97 -4.21 13.11
C THR A 13 -2.00 -4.57 11.98
N LEU A 14 -0.91 -3.81 11.87
CA LEU A 14 0.08 -4.08 10.83
C LEU A 14 0.74 -5.42 11.09
N GLU A 15 1.05 -5.68 12.36
CA GLU A 15 1.65 -6.91 12.82
C GLU A 15 0.69 -8.08 12.58
N SER A 16 -0.61 -7.79 12.57
CA SER A 16 -1.61 -8.80 12.27
C SER A 16 -1.53 -9.19 10.79
N PHE A 17 -1.14 -8.26 9.91
CA PHE A 17 -0.88 -8.65 8.53
C PHE A 17 0.37 -9.52 8.42
N LYS A 18 1.37 -9.27 9.28
CA LYS A 18 2.55 -10.12 9.33
C LYS A 18 2.20 -11.50 9.85
N ASP A 19 1.11 -11.60 10.62
CA ASP A 19 0.59 -12.87 11.10
C ASP A 19 -0.20 -13.59 10.00
N LEU A 20 -1.08 -12.87 9.32
CA LEU A 20 -1.94 -13.45 8.29
C LEU A 20 -1.14 -14.19 7.23
N LYS A 21 -1.50 -15.46 7.00
CA LYS A 21 -0.88 -16.25 5.95
C LYS A 21 -1.40 -15.77 4.60
N SER A 22 -2.58 -15.15 4.59
CA SER A 22 -3.15 -14.55 3.40
C SER A 22 -2.57 -13.15 3.16
N GLY A 23 -2.03 -12.55 4.23
CA GLY A 23 -1.47 -11.20 4.22
C GLY A 23 -2.57 -10.13 4.13
N ILE A 24 -3.56 -10.37 3.27
CA ILE A 24 -4.71 -9.49 3.10
C ILE A 24 -5.69 -9.62 4.26
N SER A 25 -6.40 -8.53 4.58
CA SER A 25 -7.52 -8.55 5.50
C SER A 25 -8.27 -7.24 5.39
N GLY A 26 -9.31 -7.19 4.56
CA GLY A 26 -10.04 -5.96 4.34
C GLY A 26 -10.55 -5.39 5.65
N SER A 27 -10.93 -6.26 6.59
CA SER A 27 -11.44 -5.83 7.87
C SER A 27 -10.38 -5.06 8.62
N ARG A 28 -9.18 -5.64 8.76
CA ARG A 28 -8.07 -5.00 9.47
C ARG A 28 -7.55 -3.82 8.68
N ILE A 29 -7.47 -3.96 7.35
CA ILE A 29 -7.03 -2.90 6.47
C ILE A 29 -7.95 -1.70 6.67
N LYS A 30 -9.26 -1.93 6.74
CA LYS A 30 -10.24 -0.85 6.94
C LYS A 30 -10.13 -0.27 8.34
N LYS A 31 -9.67 -1.04 9.34
CA LYS A 31 -9.51 -0.48 10.68
C LYS A 31 -8.46 0.63 10.67
N LEU A 32 -7.22 0.30 10.27
CA LEU A 32 -6.17 1.32 10.31
C LEU A 32 -6.32 2.33 9.16
N THR A 33 -7.05 1.98 8.09
CA THR A 33 -7.29 2.92 7.01
C THR A 33 -8.22 4.01 7.51
N THR A 34 -9.26 3.62 8.26
CA THR A 34 -10.25 4.57 8.71
C THR A 34 -9.67 5.46 9.80
N TYR A 35 -8.90 4.89 10.74
CA TYR A 35 -8.29 5.71 11.77
C TYR A 35 -7.31 6.70 11.16
N ALA A 36 -6.68 6.30 10.04
CA ALA A 36 -5.82 7.20 9.30
C ALA A 36 -6.64 8.26 8.56
N LEU A 37 -7.90 7.95 8.21
CA LEU A 37 -8.74 8.84 7.43
C LEU A 37 -9.24 9.93 8.36
N ASP A 38 -9.56 9.52 9.59
CA ASP A 38 -9.99 10.39 10.66
C ASP A 38 -8.86 11.31 11.12
N HIS A 39 -7.62 11.01 10.74
CA HIS A 39 -6.45 11.73 11.17
C HIS A 39 -5.31 11.63 10.15
N ILE A 40 -5.24 12.58 9.21
CA ILE A 40 -4.10 12.62 8.29
C ILE A 40 -2.85 13.05 9.05
N ASP A 41 -3.01 13.59 10.26
CA ASP A 41 -1.93 14.10 11.10
C ASP A 41 -0.86 13.06 11.43
N ILE A 42 -1.13 11.79 11.11
CA ILE A 42 -0.22 10.67 11.35
C ILE A 42 0.19 9.99 10.05
N GLU A 43 -0.17 10.58 8.91
CA GLU A 43 0.23 10.07 7.60
C GLU A 43 1.72 9.73 7.54
N SER A 44 2.57 10.44 8.29
CA SER A 44 4.01 10.24 8.22
C SER A 44 4.42 8.93 8.87
N LYS A 45 3.79 8.54 9.99
CA LYS A 45 4.08 7.24 10.59
C LYS A 45 3.46 6.12 9.76
N ILE A 46 2.40 6.44 9.01
CA ILE A 46 1.71 5.47 8.18
C ILE A 46 2.56 5.12 6.97
N ILE A 47 3.10 6.13 6.28
CA ILE A 47 3.97 5.89 5.14
C ILE A 47 5.22 5.14 5.61
N SER A 48 5.70 5.47 6.81
CA SER A 48 6.88 4.79 7.35
C SER A 48 6.62 3.30 7.56
N LEU A 49 5.42 2.93 8.01
CA LEU A 49 5.10 1.53 8.26
C LEU A 49 4.89 0.72 6.99
N ILE A 50 4.31 1.31 5.94
CA ILE A 50 4.07 0.55 4.72
C ILE A 50 5.40 0.25 4.02
N ILE A 51 6.34 1.19 4.00
CA ILE A 51 7.62 0.92 3.37
C ILE A 51 8.39 -0.12 4.18
N ASP A 52 8.39 -0.02 5.51
CA ASP A 52 9.10 -0.97 6.34
C ASP A 52 8.51 -2.37 6.20
N TYR A 53 7.18 -2.48 6.26
CA TYR A 53 6.51 -3.76 6.14
C TYR A 53 6.77 -4.35 4.76
N SER A 54 6.69 -3.54 3.71
CA SER A 54 6.83 -4.04 2.34
C SER A 54 8.24 -4.56 2.08
N ARG A 55 9.25 -4.00 2.75
CA ARG A 55 10.63 -4.42 2.52
C ARG A 55 10.94 -5.75 3.20
N LEU A 56 10.68 -5.84 4.52
CA LEU A 56 11.04 -7.00 5.30
C LEU A 56 10.13 -8.21 5.09
N CYS A 57 8.92 -7.99 4.56
CA CYS A 57 7.93 -9.04 4.47
C CYS A 57 8.08 -9.93 3.23
N PRO A 58 7.55 -11.16 3.29
CA PRO A 58 7.49 -12.12 2.19
C PRO A 58 6.41 -11.75 1.17
N ASP A 59 6.19 -12.63 0.18
CA ASP A 59 5.33 -12.40 -0.97
C ASP A 59 3.89 -12.06 -0.63
N SER A 60 3.25 -12.85 0.24
CA SER A 60 1.83 -12.68 0.54
C SER A 60 1.62 -11.42 1.38
N HIS A 61 2.61 -11.10 2.23
CA HIS A 61 2.58 -9.90 3.03
C HIS A 61 2.89 -8.67 2.17
N LYS A 62 3.65 -8.87 1.09
CA LYS A 62 3.98 -7.79 0.16
C LYS A 62 2.73 -7.38 -0.60
N LEU A 63 1.91 -8.35 -0.99
CA LEU A 63 0.66 -8.09 -1.70
C LEU A 63 -0.36 -7.51 -0.73
N GLY A 64 -0.35 -7.97 0.53
CA GLY A 64 -1.21 -7.43 1.55
C GLY A 64 -0.79 -6.01 1.92
N SER A 65 0.51 -5.70 1.79
CA SER A 65 0.99 -4.35 2.06
C SER A 65 0.52 -3.41 0.96
N LEU A 66 0.59 -3.85 -0.29
CA LEU A 66 0.15 -3.03 -1.42
C LEU A 66 -1.37 -2.85 -1.37
N TYR A 67 -2.08 -3.78 -0.73
CA TYR A 67 -3.51 -3.63 -0.48
C TYR A 67 -3.77 -2.56 0.55
N ILE A 68 -2.94 -2.48 1.59
CA ILE A 68 -3.10 -1.45 2.61
C ILE A 68 -2.79 -0.10 1.97
N ILE A 69 -1.69 -0.02 1.22
CA ILE A 69 -1.31 1.17 0.48
C ILE A 69 -2.41 1.59 -0.50
N ASP A 70 -3.10 0.62 -1.10
CA ASP A 70 -4.19 0.93 -2.02
C ASP A 70 -5.40 1.50 -1.27
N SER A 71 -5.73 0.88 -0.13
CA SER A 71 -6.88 1.29 0.67
C SER A 71 -6.67 2.67 1.26
N ILE A 72 -5.55 2.86 1.98
CA ILE A 72 -5.27 4.12 2.64
C ILE A 72 -4.83 5.16 1.61
N GLY A 73 -4.15 4.73 0.55
CA GLY A 73 -3.61 5.64 -0.45
C GLY A 73 -4.72 6.29 -1.27
N ARG A 74 -5.70 5.52 -1.72
CA ARG A 74 -6.81 6.09 -2.46
C ARG A 74 -7.69 6.89 -1.51
N ALA A 75 -7.94 6.39 -0.30
CA ALA A 75 -8.79 7.09 0.65
C ALA A 75 -8.20 8.46 0.99
N TYR A 76 -6.86 8.56 1.09
CA TYR A 76 -6.23 9.84 1.37
C TYR A 76 -6.34 10.78 0.19
N LEU A 77 -6.02 10.29 -1.02
CA LEU A 77 -6.05 11.18 -2.16
C LEU A 77 -7.50 11.62 -2.40
N ASP A 78 -8.46 10.71 -2.22
CA ASP A 78 -9.88 11.04 -2.35
C ASP A 78 -10.33 12.07 -1.32
N GLU A 79 -9.93 11.89 -0.05
CA GLU A 79 -10.35 12.78 1.01
C GLU A 79 -9.82 14.19 0.77
N THR A 80 -8.53 14.32 0.44
CA THR A 80 -7.93 15.61 0.19
C THR A 80 -8.39 16.21 -1.14
N ARG A 81 -8.90 15.38 -2.06
CA ARG A 81 -9.51 15.88 -3.28
C ARG A 81 -10.90 16.44 -2.97
N SER A 82 -11.62 15.80 -2.05
CA SER A 82 -12.96 16.23 -1.66
C SER A 82 -12.95 17.46 -0.75
N ASN A 83 -11.93 17.57 0.10
CA ASN A 83 -11.92 18.59 1.15
C ASN A 83 -10.66 19.45 1.09
N SER A 84 -10.66 20.56 1.85
CA SER A 84 -9.60 21.56 1.82
C SER A 84 -8.27 21.07 2.43
N ASN A 85 -8.12 19.76 2.64
CA ASN A 85 -6.90 19.20 3.20
C ASN A 85 -5.77 19.14 2.15
N SER A 86 -6.06 19.53 0.90
CA SER A 86 -5.06 19.56 -0.14
C SER A 86 -4.02 20.64 0.19
N SER A 87 -2.75 20.32 -0.02
CA SER A 87 -1.64 21.22 0.30
C SER A 87 -0.37 20.68 -0.35
N SER A 88 0.78 21.28 -0.01
CA SER A 88 2.07 20.83 -0.53
C SER A 88 3.17 21.08 0.50
N ASN A 89 4.25 20.30 0.43
CA ASN A 89 5.42 20.43 1.28
C ASN A 89 5.10 20.40 2.78
N LYS A 90 4.10 19.61 3.20
CA LYS A 90 3.72 19.56 4.61
C LYS A 90 3.22 18.16 5.00
N PRO A 91 3.71 17.61 6.13
CA PRO A 91 3.24 16.35 6.67
C PRO A 91 1.86 16.54 7.29
N GLY A 92 1.20 15.42 7.60
CA GLY A 92 -0.13 15.47 8.19
C GLY A 92 -1.21 15.72 7.15
N THR A 93 -0.88 15.48 5.88
CA THR A 93 -1.77 15.68 4.74
C THR A 93 -1.30 14.80 3.59
N CYS A 94 -2.14 14.64 2.56
CA CYS A 94 -1.80 13.85 1.39
C CYS A 94 -0.56 14.42 0.71
N ALA A 95 -0.22 15.68 0.99
CA ALA A 95 0.91 16.34 0.37
C ALA A 95 2.19 15.55 0.60
N HIS A 96 2.60 15.40 1.85
CA HIS A 96 3.80 14.67 2.18
C HIS A 96 3.61 13.18 1.98
N ALA A 97 2.38 12.70 2.24
CA ALA A 97 2.08 11.28 2.15
C ALA A 97 2.24 10.76 0.71
N ILE A 98 1.58 11.40 -0.26
CA ILE A 98 1.68 10.97 -1.65
C ILE A 98 3.07 11.28 -2.20
N ASN A 99 3.67 12.40 -1.80
CA ASN A 99 4.97 12.78 -2.31
C ASN A 99 6.06 11.82 -1.82
N THR A 100 6.05 11.49 -0.52
CA THR A 100 7.07 10.63 0.03
C THR A 100 6.90 9.20 -0.49
N LEU A 101 5.66 8.80 -0.74
CA LEU A 101 5.37 7.47 -1.25
C LEU A 101 5.76 7.36 -2.73
N GLY A 102 5.54 8.41 -3.52
CA GLY A 102 5.77 8.35 -4.96
C GLY A 102 7.25 8.18 -5.32
N GLU A 103 8.16 8.55 -4.43
CA GLU A 103 9.59 8.41 -4.67
C GLU A 103 10.05 6.97 -4.46
N VAL A 104 9.46 6.30 -3.46
CA VAL A 104 9.90 4.97 -3.07
C VAL A 104 8.94 3.87 -3.54
N ILE A 105 7.76 4.21 -4.08
CA ILE A 105 6.81 3.20 -4.52
C ILE A 105 7.43 2.31 -5.59
N GLN A 106 8.40 2.84 -6.34
CA GLN A 106 9.09 2.06 -7.35
C GLN A 106 9.93 0.96 -6.70
N GLU A 107 10.40 1.18 -5.46
CA GLU A 107 11.14 0.17 -4.73
C GLU A 107 10.20 -0.90 -4.20
N LEU A 108 8.99 -0.48 -3.78
CA LEU A 108 8.01 -1.41 -3.26
C LEU A 108 7.44 -2.27 -4.39
N LEU A 109 7.18 -1.66 -5.56
CA LEU A 109 6.64 -2.39 -6.68
C LEU A 109 7.68 -3.33 -7.29
N SER A 110 8.87 -2.82 -7.64
CA SER A 110 9.96 -3.63 -8.17
C SER A 110 10.16 -4.89 -7.33
N ASP A 111 10.38 -4.69 -6.03
CA ASP A 111 10.61 -5.80 -5.12
C ASP A 111 9.39 -6.71 -5.13
N ALA A 112 8.19 -6.12 -5.23
CA ALA A 112 6.99 -6.93 -5.17
C ALA A 112 6.86 -7.80 -6.41
N ILE A 113 7.24 -7.31 -7.59
CA ILE A 113 7.08 -8.11 -8.79
C ILE A 113 8.04 -9.31 -8.73
N ALA A 114 9.26 -9.10 -8.25
CA ALA A 114 10.23 -10.18 -8.16
C ALA A 114 9.93 -11.12 -7.00
N LYS A 115 9.58 -10.58 -5.83
CA LYS A 115 9.35 -11.34 -4.61
C LYS A 115 8.02 -12.10 -4.63
N SER A 116 6.98 -11.47 -5.18
CA SER A 116 5.63 -12.00 -5.06
C SER A 116 5.40 -13.20 -5.97
N ASN A 117 4.46 -14.07 -5.57
CA ASN A 117 4.08 -15.24 -6.34
C ASN A 117 3.22 -14.81 -7.53
N GLN A 118 3.04 -15.67 -8.53
CA GLN A 118 2.40 -15.32 -9.79
C GLN A 118 1.07 -14.59 -9.56
N ASP A 119 0.18 -15.18 -8.74
CA ASP A 119 -1.11 -14.58 -8.47
C ASP A 119 -0.91 -13.17 -7.89
N HIS A 120 0.05 -13.01 -7.00
CA HIS A 120 0.31 -11.73 -6.40
C HIS A 120 0.88 -10.75 -7.43
N LYS A 121 1.69 -11.23 -8.39
CA LYS A 121 2.22 -10.35 -9.44
C LYS A 121 1.07 -9.69 -10.18
N GLU A 122 0.02 -10.45 -10.50
CA GLU A 122 -1.11 -9.94 -11.25
C GLU A 122 -2.02 -9.08 -10.41
N LYS A 123 -2.13 -9.39 -9.11
CA LYS A 123 -2.93 -8.57 -8.22
C LYS A 123 -2.25 -7.21 -8.05
N ILE A 124 -0.93 -7.14 -8.17
CA ILE A 124 -0.23 -5.85 -8.21
C ILE A 124 -0.55 -5.14 -9.52
N ARG A 125 -0.63 -5.89 -10.63
CA ARG A 125 -0.92 -5.29 -11.92
C ARG A 125 -2.23 -4.52 -11.87
N MET A 126 -3.29 -5.15 -11.34
CA MET A 126 -4.59 -4.49 -11.26
C MET A 126 -4.54 -3.35 -10.24
N LEU A 127 -3.73 -3.47 -9.18
CA LEU A 127 -3.59 -2.40 -8.22
C LEU A 127 -2.98 -1.16 -8.88
N LEU A 128 -2.10 -1.33 -9.89
CA LEU A 128 -1.56 -0.18 -10.59
C LEU A 128 -2.61 0.44 -11.48
N ASP A 129 -3.46 -0.38 -12.11
CA ASP A 129 -4.57 0.14 -12.90
C ASP A 129 -5.53 0.89 -12.00
N ILE A 130 -5.72 0.42 -10.78
CA ILE A 130 -6.62 1.04 -9.81
C ILE A 130 -6.04 2.37 -9.36
N TRP A 131 -4.72 2.48 -9.29
CA TRP A 131 -4.11 3.76 -8.96
C TRP A 131 -4.15 4.73 -10.14
N ASP A 132 -4.19 4.22 -11.37
CA ASP A 132 -4.33 5.06 -12.55
C ASP A 132 -5.76 5.58 -12.67
N ARG A 133 -6.74 4.69 -12.51
CA ARG A 133 -8.15 5.02 -12.68
C ARG A 133 -8.70 5.83 -11.52
N SER A 134 -8.08 5.71 -10.35
CA SER A 134 -8.48 6.46 -9.17
C SER A 134 -7.75 7.80 -9.07
N GLY A 135 -6.79 8.04 -9.96
CA GLY A 135 -6.04 9.29 -10.02
C GLY A 135 -5.02 9.42 -8.88
N LEU A 136 -4.70 8.31 -8.20
CA LEU A 136 -3.76 8.34 -7.09
C LEU A 136 -2.35 8.58 -7.63
N PHE A 137 -1.91 7.72 -8.55
CA PHE A 137 -0.58 7.80 -9.14
C PHE A 137 -0.58 7.03 -10.45
N GLN A 138 -0.06 7.64 -11.50
CA GLN A 138 -0.07 7.05 -12.83
C GLN A 138 1.07 6.04 -13.01
N LYS A 139 0.75 4.90 -13.62
CA LYS A 139 1.72 3.87 -13.97
C LYS A 139 2.73 4.47 -14.96
N SER A 140 4.00 4.51 -14.57
CA SER A 140 5.05 5.12 -15.39
C SER A 140 5.69 4.12 -16.36
N TYR A 141 5.28 2.85 -16.32
CA TYR A 141 5.85 1.80 -17.16
C TYR A 141 7.38 1.73 -17.08
N LEU A 142 7.95 2.28 -16.01
CA LEU A 142 9.40 2.33 -15.81
C LEU A 142 9.95 0.91 -15.66
N ASN A 143 11.19 0.69 -16.11
CA ASN A 143 11.79 -0.64 -16.12
C ASN A 143 11.91 -1.22 -14.71
N ALA A 144 12.01 -0.35 -13.69
CA ALA A 144 12.07 -0.81 -12.32
C ALA A 144 10.75 -1.51 -11.96
N ILE A 145 9.63 -1.01 -12.46
CA ILE A 145 8.33 -1.59 -12.18
C ILE A 145 8.14 -2.87 -12.98
N ARG A 146 8.80 -2.97 -14.14
CA ARG A 146 8.80 -4.20 -14.93
C ARG A 146 9.66 -5.26 -14.25
N SER A 147 10.55 -4.81 -13.36
CA SER A 147 11.39 -5.68 -12.57
C SER A 147 12.22 -6.59 -13.48
N LYS A 148 12.99 -5.97 -14.39
CA LYS A 148 13.75 -6.67 -15.41
C LYS A 148 14.70 -7.71 -14.81
N CYS A 149 15.03 -7.63 -13.52
CA CYS A 149 15.90 -8.63 -12.90
C CYS A 149 15.20 -9.99 -12.92
N PHE A 150 13.90 -10.00 -12.61
CA PHE A 150 13.13 -11.24 -12.61
C PHE A 150 12.97 -11.75 -14.04
N ALA A 151 13.08 -10.84 -15.02
CA ALA A 151 13.04 -11.21 -16.42
C ALA A 151 14.40 -11.73 -16.87
N MET A 152 15.49 -11.27 -16.24
CA MET A 152 16.84 -11.73 -16.54
C MET A 152 17.08 -13.12 -15.96
N ASP A 153 16.28 -13.52 -14.96
CA ASP A 153 16.28 -14.90 -14.47
C ASP A 153 15.78 -15.86 -15.57
N LEU A 154 15.27 -15.30 -16.66
CA LEU A 154 14.79 -16.03 -17.83
C LEU A 154 15.41 -15.41 -19.08
N GLU A 155 15.05 -15.92 -20.26
CA GLU A 155 15.54 -15.37 -21.52
C GLU A 155 14.84 -14.06 -21.88
N HIS A 156 14.00 -13.55 -20.97
CA HIS A 156 13.17 -12.37 -21.18
C HIS A 156 13.97 -11.08 -21.02
N HIS A 157 15.18 -11.03 -21.58
CA HIS A 157 16.08 -9.88 -21.44
C HIS A 157 15.56 -8.63 -22.18
N HIS A 158 14.41 -8.72 -22.84
CA HIS A 158 13.83 -7.58 -23.54
C HIS A 158 13.27 -6.55 -22.57
N HIS A 159 13.03 -5.33 -23.07
CA HIS A 159 12.50 -4.23 -22.28
C HIS A 159 11.09 -4.52 -21.79
N ASP B 1 -4.34 -14.85 12.85
CA ASP B 1 -5.21 -14.74 11.66
C ASP B 1 -6.37 -13.78 11.93
N ASP B 2 -7.00 -13.30 10.85
CA ASP B 2 -8.03 -12.28 10.92
C ASP B 2 -9.06 -12.43 9.80
N ASP B 3 -10.20 -11.76 9.98
CA ASP B 3 -11.34 -11.78 9.07
C ASP B 3 -11.09 -11.03 7.76
N GLU B 4 -11.95 -11.30 6.77
CA GLU B 4 -12.02 -10.61 5.49
C GLU B 4 -10.71 -10.62 4.69
N ASP B 5 -9.97 -11.74 4.67
CA ASP B 5 -8.76 -11.81 3.85
C ASP B 5 -9.12 -11.93 2.38
N ASP B 6 -10.42 -11.95 2.05
CA ASP B 6 -10.94 -12.02 0.69
C ASP B 6 -11.19 -10.62 0.13
N TYR B 7 -10.61 -9.59 0.75
CA TYR B 7 -10.78 -8.21 0.32
C TYR B 7 -10.46 -8.02 -1.16
N THR B 8 -11.15 -7.07 -1.78
CA THR B 8 -10.98 -6.73 -3.19
C THR B 8 -10.93 -5.20 -3.28
N PRO B 9 -9.95 -4.65 -4.01
CA PRO B 9 -9.77 -3.22 -4.13
C PRO B 9 -10.88 -2.57 -4.95
N SER B 10 -10.94 -1.23 -4.94
CA SER B 10 -12.02 -0.48 -5.57
C SER B 10 -11.86 -0.37 -7.08
N ILE B 11 -12.99 -0.09 -7.75
CA ILE B 11 -13.15 0.05 -9.19
C ILE B 11 -12.86 -1.26 -9.95
N SER B 12 -13.74 -1.57 -10.92
CA SER B 12 -13.72 -2.84 -11.63
C SER B 12 -12.72 -2.85 -12.78
N MET A 1 3.71 6.01 25.85
CA MET A 1 3.81 7.33 26.48
C MET A 1 4.83 8.20 25.75
N GLN A 2 4.58 8.43 24.47
CA GLN A 2 5.42 9.27 23.62
C GLN A 2 4.59 9.69 22.42
N GLN A 3 4.52 10.99 22.13
CA GLN A 3 3.69 11.49 21.05
C GLN A 3 2.27 10.95 21.23
N ASP A 4 1.59 10.61 20.14
CA ASP A 4 0.28 9.99 20.20
C ASP A 4 0.44 8.49 20.44
N ASP A 5 0.08 8.00 21.64
CA ASP A 5 0.12 6.58 21.91
C ASP A 5 -0.97 5.83 21.15
N ASP A 6 -1.75 6.58 20.38
CA ASP A 6 -2.80 6.01 19.53
C ASP A 6 -2.14 5.24 18.40
N PHE A 7 -0.86 5.53 18.14
CA PHE A 7 -0.08 4.88 17.10
C PHE A 7 -0.06 3.36 17.34
N GLN A 8 -0.05 2.98 18.62
CA GLN A 8 0.03 1.58 19.05
C GLN A 8 -1.04 0.73 18.39
N ASN A 9 -2.23 1.27 18.16
CA ASN A 9 -3.31 0.52 17.54
C ASN A 9 -3.01 0.31 16.06
N PHE A 10 -2.37 1.31 15.44
CA PHE A 10 -1.97 1.25 14.05
C PHE A 10 -0.82 0.26 13.90
N VAL A 11 0.10 0.25 14.88
CA VAL A 11 1.23 -0.66 14.88
C VAL A 11 0.72 -2.09 15.03
N ALA A 12 -0.05 -2.36 16.08
CA ALA A 12 -0.59 -3.69 16.35
C ALA A 12 -1.42 -4.21 15.19
N THR A 13 -2.09 -3.32 14.43
CA THR A 13 -2.84 -3.75 13.26
C THR A 13 -1.86 -4.17 12.16
N LEU A 14 -0.77 -3.42 12.00
CA LEU A 14 0.27 -3.72 11.03
C LEU A 14 0.93 -5.05 11.41
N GLU A 15 1.24 -5.22 12.70
CA GLU A 15 1.85 -6.42 13.23
C GLU A 15 0.92 -7.60 13.09
N SER A 16 -0.40 -7.35 13.13
CA SER A 16 -1.38 -8.39 12.91
C SER A 16 -1.30 -8.87 11.47
N PHE A 17 -1.00 -7.98 10.52
CA PHE A 17 -0.80 -8.42 9.14
C PHE A 17 0.42 -9.33 9.07
N LYS A 18 1.49 -9.01 9.81
CA LYS A 18 2.71 -9.82 9.80
C LYS A 18 2.45 -11.20 10.38
N ASP A 19 1.50 -11.29 11.32
CA ASP A 19 1.16 -12.54 11.98
C ASP A 19 0.36 -13.44 11.05
N LEU A 20 -0.60 -12.89 10.31
CA LEU A 20 -1.45 -13.73 9.48
C LEU A 20 -0.61 -14.53 8.48
N LYS A 21 -1.02 -15.78 8.27
CA LYS A 21 -0.37 -16.66 7.30
C LYS A 21 -0.88 -16.31 5.90
N SER A 22 -2.06 -15.68 5.80
CA SER A 22 -2.54 -15.11 4.56
C SER A 22 -1.81 -13.80 4.28
N GLY A 23 -1.30 -13.15 5.33
CA GLY A 23 -0.52 -11.92 5.27
C GLY A 23 -1.36 -10.70 4.90
N ILE A 24 -2.45 -10.93 4.14
CA ILE A 24 -3.43 -9.92 3.82
C ILE A 24 -4.51 -9.93 4.90
N SER A 25 -5.23 -8.82 5.11
CA SER A 25 -6.23 -8.78 6.16
C SER A 25 -7.25 -7.67 5.89
N GLY A 26 -8.16 -7.91 4.94
CA GLY A 26 -9.04 -6.87 4.43
C GLY A 26 -9.75 -6.02 5.49
N SER A 27 -10.39 -6.61 6.51
CA SER A 27 -11.11 -5.76 7.46
C SER A 27 -10.14 -4.97 8.33
N ARG A 28 -9.00 -5.57 8.71
CA ARG A 28 -8.00 -4.88 9.51
C ARG A 28 -7.30 -3.80 8.68
N ILE A 29 -7.05 -4.10 7.40
CA ILE A 29 -6.52 -3.13 6.47
C ILE A 29 -7.45 -1.93 6.45
N LYS A 30 -8.76 -2.17 6.39
CA LYS A 30 -9.74 -1.11 6.41
C LYS A 30 -9.81 -0.41 7.78
N LYS A 31 -9.39 -1.07 8.87
CA LYS A 31 -9.39 -0.41 10.18
C LYS A 31 -8.38 0.72 10.20
N LEU A 32 -7.10 0.43 9.96
CA LEU A 32 -6.09 1.48 10.04
C LEU A 32 -6.16 2.41 8.83
N THR A 33 -6.81 1.99 7.73
CA THR A 33 -7.00 2.86 6.58
C THR A 33 -8.05 3.91 6.89
N THR A 34 -9.09 3.53 7.64
CA THR A 34 -10.16 4.43 7.99
C THR A 34 -9.69 5.42 9.06
N TYR A 35 -8.86 4.97 10.00
CA TYR A 35 -8.30 5.85 11.01
C TYR A 35 -7.34 6.84 10.35
N ALA A 36 -6.64 6.40 9.30
CA ALA A 36 -5.75 7.28 8.57
C ALA A 36 -6.52 8.32 7.76
N LEU A 37 -7.72 7.97 7.29
CA LEU A 37 -8.56 8.89 6.55
C LEU A 37 -9.14 9.96 7.46
N ASP A 38 -9.56 9.58 8.67
CA ASP A 38 -10.09 10.53 9.63
C ASP A 38 -9.00 11.49 10.11
N HIS A 39 -7.73 11.08 9.98
CA HIS A 39 -6.60 11.89 10.43
C HIS A 39 -5.39 11.71 9.53
N ILE A 40 -5.26 12.59 8.52
CA ILE A 40 -4.12 12.58 7.63
C ILE A 40 -2.88 13.11 8.33
N ASP A 41 -3.03 13.80 9.47
CA ASP A 41 -1.91 14.41 10.17
C ASP A 41 -0.83 13.40 10.56
N ILE A 42 -1.19 12.12 10.66
CA ILE A 42 -0.23 11.05 10.96
C ILE A 42 0.15 10.27 9.71
N GLU A 43 -0.14 10.78 8.51
CA GLU A 43 0.24 10.10 7.27
C GLU A 43 1.71 9.74 7.27
N SER A 44 2.56 10.57 7.88
CA SER A 44 3.99 10.36 7.88
C SER A 44 4.38 9.01 8.49
N LYS A 45 3.86 8.69 9.68
CA LYS A 45 4.19 7.43 10.33
C LYS A 45 3.53 6.26 9.59
N ILE A 46 2.45 6.55 8.85
CA ILE A 46 1.72 5.54 8.10
C ILE A 46 2.51 5.16 6.85
N ILE A 47 3.08 6.16 6.18
CA ILE A 47 3.93 5.91 5.02
C ILE A 47 5.16 5.11 5.46
N SER A 48 5.65 5.36 6.67
CA SER A 48 6.78 4.58 7.17
C SER A 48 6.39 3.12 7.32
N LEU A 49 5.24 2.82 7.94
CA LEU A 49 4.86 1.45 8.20
C LEU A 49 4.62 0.66 6.91
N ILE A 50 4.12 1.29 5.85
CA ILE A 50 3.91 0.56 4.61
C ILE A 50 5.25 0.21 3.96
N ILE A 51 6.21 1.15 3.92
CA ILE A 51 7.50 0.84 3.32
C ILE A 51 8.30 -0.14 4.19
N ASP A 52 8.25 0.04 5.51
CA ASP A 52 8.97 -0.84 6.41
C ASP A 52 8.44 -2.28 6.32
N TYR A 53 7.11 -2.44 6.39
CA TYR A 53 6.49 -3.75 6.32
C TYR A 53 6.71 -4.37 4.94
N SER A 54 6.47 -3.59 3.88
CA SER A 54 6.52 -4.13 2.53
C SER A 54 7.94 -4.58 2.15
N ARG A 55 8.96 -3.97 2.74
CA ARG A 55 10.35 -4.35 2.47
C ARG A 55 10.69 -5.65 3.18
N LEU A 56 10.41 -5.74 4.49
CA LEU A 56 10.83 -6.86 5.31
C LEU A 56 9.99 -8.12 5.08
N CYS A 57 8.66 -7.92 4.99
CA CYS A 57 7.73 -9.04 4.91
C CYS A 57 7.88 -9.86 3.61
N PRO A 58 7.49 -11.14 3.64
CA PRO A 58 7.57 -12.07 2.52
C PRO A 58 6.41 -11.90 1.53
N ASP A 59 6.35 -12.78 0.53
CA ASP A 59 5.43 -12.75 -0.61
C ASP A 59 4.02 -12.28 -0.24
N SER A 60 3.23 -13.10 0.45
CA SER A 60 1.82 -12.80 0.67
C SER A 60 1.64 -11.51 1.47
N HIS A 61 2.62 -11.20 2.33
CA HIS A 61 2.58 -9.99 3.12
C HIS A 61 2.93 -8.77 2.26
N LYS A 62 3.75 -8.95 1.22
CA LYS A 62 4.02 -7.86 0.29
C LYS A 62 2.75 -7.54 -0.50
N LEU A 63 1.97 -8.56 -0.86
CA LEU A 63 0.71 -8.32 -1.56
C LEU A 63 -0.20 -7.50 -0.65
N GLY A 64 -0.26 -7.88 0.63
CA GLY A 64 -1.10 -7.19 1.60
C GLY A 64 -0.58 -5.79 1.90
N SER A 65 0.73 -5.57 1.77
CA SER A 65 1.31 -4.26 1.99
C SER A 65 0.84 -3.31 0.89
N LEU A 66 0.73 -3.83 -0.34
CA LEU A 66 0.28 -3.05 -1.48
C LEU A 66 -1.22 -2.81 -1.41
N TYR A 67 -1.98 -3.70 -0.77
CA TYR A 67 -3.41 -3.48 -0.57
C TYR A 67 -3.64 -2.35 0.41
N ILE A 68 -2.81 -2.25 1.44
CA ILE A 68 -2.98 -1.18 2.40
C ILE A 68 -2.73 0.12 1.65
N ILE A 69 -1.63 0.17 0.89
CA ILE A 69 -1.26 1.31 0.07
C ILE A 69 -2.34 1.62 -0.96
N ASP A 70 -3.05 0.60 -1.46
CA ASP A 70 -4.11 0.85 -2.43
C ASP A 70 -5.28 1.56 -1.80
N SER A 71 -5.83 1.00 -0.73
CA SER A 71 -7.03 1.54 -0.12
C SER A 71 -6.74 2.88 0.55
N ILE A 72 -5.61 2.99 1.27
CA ILE A 72 -5.25 4.22 1.94
C ILE A 72 -4.74 5.23 0.92
N GLY A 73 -4.06 4.76 -0.13
CA GLY A 73 -3.47 5.62 -1.12
C GLY A 73 -4.52 6.29 -2.00
N ARG A 74 -5.44 5.49 -2.56
CA ARG A 74 -6.49 6.05 -3.38
C ARG A 74 -7.41 6.91 -2.52
N ALA A 75 -7.74 6.44 -1.31
CA ALA A 75 -8.66 7.20 -0.48
C ALA A 75 -8.01 8.51 -0.02
N TYR A 76 -6.70 8.55 0.17
CA TYR A 76 -6.04 9.79 0.55
C TYR A 76 -6.14 10.81 -0.58
N LEU A 77 -5.88 10.39 -1.82
CA LEU A 77 -5.98 11.36 -2.89
C LEU A 77 -7.45 11.71 -3.11
N ASP A 78 -8.33 10.71 -3.15
CA ASP A 78 -9.76 10.93 -3.34
C ASP A 78 -10.36 11.86 -2.28
N GLU A 79 -10.06 11.66 -0.99
CA GLU A 79 -10.61 12.51 0.05
C GLU A 79 -10.11 13.95 -0.09
N THR A 80 -8.80 14.13 -0.25
CA THR A 80 -8.23 15.46 -0.41
C THR A 80 -8.67 16.08 -1.73
N ARG A 81 -9.00 15.25 -2.73
CA ARG A 81 -9.59 15.66 -3.98
C ARG A 81 -11.08 16.00 -3.83
N SER A 82 -11.71 15.50 -2.77
CA SER A 82 -13.14 15.74 -2.52
C SER A 82 -13.37 17.07 -1.82
N ASN A 83 -12.39 17.57 -1.06
CA ASN A 83 -12.50 18.85 -0.39
C ASN A 83 -11.11 19.38 -0.03
N SER A 84 -11.01 20.70 0.16
CA SER A 84 -9.76 21.39 0.46
C SER A 84 -9.22 21.08 1.85
N ASN A 85 -9.39 19.84 2.34
CA ASN A 85 -8.90 19.44 3.65
C ASN A 85 -7.37 19.48 3.67
N SER A 86 -6.78 19.92 4.79
CA SER A 86 -5.34 20.00 4.94
C SER A 86 -4.95 20.07 6.41
N SER A 87 -3.77 19.54 6.73
CA SER A 87 -3.17 19.69 8.05
C SER A 87 -2.47 21.05 8.12
N SER A 88 -1.85 21.35 9.25
CA SER A 88 -1.19 22.63 9.49
C SER A 88 0.14 22.75 8.76
N ASN A 89 0.53 21.75 7.96
CA ASN A 89 1.83 21.75 7.29
C ASN A 89 1.78 20.85 6.05
N LYS A 90 2.91 20.79 5.31
CA LYS A 90 3.04 19.94 4.13
C LYS A 90 2.84 18.46 4.49
N PRO A 91 3.53 17.92 5.52
CA PRO A 91 3.22 16.61 6.04
C PRO A 91 1.85 16.66 6.69
N GLY A 92 1.14 15.52 6.71
CA GLY A 92 -0.20 15.48 7.24
C GLY A 92 -1.27 15.62 6.16
N THR A 93 -0.92 15.37 4.90
CA THR A 93 -1.86 15.45 3.79
C THR A 93 -1.46 14.50 2.66
N CYS A 94 -2.35 14.36 1.68
CA CYS A 94 -2.08 13.57 0.49
C CYS A 94 -0.86 14.15 -0.23
N ALA A 95 -0.58 15.43 -0.02
CA ALA A 95 0.51 16.09 -0.70
C ALA A 95 1.82 15.39 -0.33
N HIS A 96 2.15 15.32 0.95
CA HIS A 96 3.39 14.70 1.39
C HIS A 96 3.29 13.18 1.33
N ALA A 97 2.08 12.63 1.51
CA ALA A 97 1.89 11.19 1.50
C ALA A 97 2.11 10.61 0.11
N ILE A 98 1.45 11.18 -0.90
CA ILE A 98 1.61 10.67 -2.27
C ILE A 98 2.99 11.05 -2.82
N ASN A 99 3.56 12.17 -2.37
CA ASN A 99 4.91 12.54 -2.77
C ASN A 99 5.92 11.52 -2.26
N THR A 100 5.84 11.18 -0.97
CA THR A 100 6.81 10.28 -0.36
C THR A 100 6.61 8.85 -0.86
N LEU A 101 5.35 8.48 -1.11
CA LEU A 101 5.02 7.14 -1.59
C LEU A 101 5.48 6.97 -3.02
N GLY A 102 5.30 8.00 -3.86
CA GLY A 102 5.54 7.89 -5.28
C GLY A 102 7.01 7.63 -5.65
N GLU A 103 7.95 7.96 -4.77
CA GLU A 103 9.37 7.76 -5.08
C GLU A 103 9.89 6.44 -4.53
N VAL A 104 9.12 5.81 -3.64
CA VAL A 104 9.56 4.61 -2.94
C VAL A 104 8.74 3.39 -3.36
N ILE A 105 7.52 3.60 -3.86
CA ILE A 105 6.63 2.52 -4.26
C ILE A 105 7.25 1.67 -5.35
N GLN A 106 8.20 2.23 -6.12
CA GLN A 106 8.86 1.49 -7.18
C GLN A 106 9.68 0.34 -6.59
N GLU A 107 10.20 0.50 -5.37
CA GLU A 107 10.95 -0.56 -4.71
C GLU A 107 9.99 -1.64 -4.20
N LEU A 108 8.84 -1.23 -3.66
CA LEU A 108 7.86 -2.16 -3.11
C LEU A 108 7.25 -2.98 -4.23
N LEU A 109 6.92 -2.35 -5.36
CA LEU A 109 6.31 -3.04 -6.48
C LEU A 109 7.31 -3.99 -7.14
N SER A 110 8.44 -3.47 -7.62
CA SER A 110 9.47 -4.29 -8.28
C SER A 110 9.76 -5.55 -7.49
N ASP A 111 10.07 -5.40 -6.20
CA ASP A 111 10.41 -6.51 -5.36
C ASP A 111 9.22 -7.45 -5.21
N ALA A 112 8.01 -6.88 -5.11
CA ALA A 112 6.82 -7.70 -4.93
C ALA A 112 6.49 -8.46 -6.20
N ILE A 113 6.78 -7.91 -7.39
CA ILE A 113 6.52 -8.64 -8.61
C ILE A 113 7.43 -9.87 -8.65
N ALA A 114 8.70 -9.70 -8.25
CA ALA A 114 9.63 -10.81 -8.25
C ALA A 114 9.37 -11.79 -7.10
N LYS A 115 9.00 -11.27 -5.91
CA LYS A 115 8.79 -12.10 -4.73
C LYS A 115 7.48 -12.88 -4.79
N SER A 116 6.44 -12.30 -5.38
CA SER A 116 5.10 -12.84 -5.28
C SER A 116 4.82 -13.97 -6.26
N ASN A 117 3.86 -14.84 -5.88
CA ASN A 117 3.39 -15.94 -6.72
C ASN A 117 2.54 -15.41 -7.88
N GLN A 118 2.29 -16.25 -8.90
CA GLN A 118 1.66 -15.81 -10.13
C GLN A 118 0.34 -15.06 -9.91
N ASP A 119 -0.49 -15.52 -8.97
CA ASP A 119 -1.75 -14.85 -8.72
C ASP A 119 -1.51 -13.52 -8.01
N HIS A 120 -0.57 -13.53 -7.06
CA HIS A 120 -0.19 -12.35 -6.31
C HIS A 120 0.46 -11.32 -7.25
N LYS A 121 1.22 -11.77 -8.26
CA LYS A 121 1.79 -10.88 -9.25
C LYS A 121 0.65 -10.16 -9.98
N GLU A 122 -0.36 -10.93 -10.38
CA GLU A 122 -1.48 -10.40 -11.14
C GLU A 122 -2.31 -9.43 -10.31
N LYS A 123 -2.48 -9.72 -9.02
CA LYS A 123 -3.21 -8.82 -8.13
C LYS A 123 -2.45 -7.50 -8.02
N ILE A 124 -1.12 -7.54 -8.10
CA ILE A 124 -0.34 -6.30 -8.09
C ILE A 124 -0.49 -5.59 -9.44
N ARG A 125 -0.58 -6.33 -10.55
CA ARG A 125 -0.71 -5.69 -11.86
C ARG A 125 -2.02 -4.91 -11.94
N MET A 126 -3.11 -5.45 -11.38
CA MET A 126 -4.36 -4.71 -11.38
C MET A 126 -4.23 -3.52 -10.44
N LEU A 127 -3.46 -3.64 -9.35
CA LEU A 127 -3.23 -2.50 -8.47
C LEU A 127 -2.56 -1.36 -9.24
N LEU A 128 -1.71 -1.66 -10.23
CA LEU A 128 -1.11 -0.60 -11.03
C LEU A 128 -2.15 0.05 -11.92
N ASP A 129 -3.03 -0.76 -12.53
CA ASP A 129 -4.10 -0.21 -13.35
C ASP A 129 -5.01 0.67 -12.50
N ILE A 130 -5.36 0.17 -11.31
CA ILE A 130 -6.25 0.86 -10.39
C ILE A 130 -5.64 2.20 -9.97
N TRP A 131 -4.32 2.27 -9.80
CA TRP A 131 -3.70 3.52 -9.41
C TRP A 131 -3.56 4.51 -10.56
N ASP A 132 -3.38 4.02 -11.79
CA ASP A 132 -3.30 4.91 -12.94
C ASP A 132 -4.69 5.43 -13.31
N ARG A 133 -5.75 4.71 -12.91
CA ARG A 133 -7.13 5.18 -13.06
C ARG A 133 -7.45 6.24 -12.02
N SER A 134 -6.89 6.08 -10.81
CA SER A 134 -7.13 7.02 -9.72
C SER A 134 -6.39 8.34 -9.95
N GLY A 135 -5.42 8.36 -10.86
CA GLY A 135 -4.66 9.58 -11.13
C GLY A 135 -3.58 9.82 -10.08
N LEU A 136 -3.25 8.80 -9.26
CA LEU A 136 -2.19 8.89 -8.27
C LEU A 136 -0.86 9.18 -8.98
N PHE A 137 0.10 9.75 -8.25
CA PHE A 137 1.34 10.23 -8.82
C PHE A 137 2.24 9.12 -9.36
N GLN A 138 2.24 7.94 -8.72
CA GLN A 138 3.03 6.82 -9.20
C GLN A 138 2.42 6.28 -10.49
N LYS A 139 3.25 5.70 -11.36
CA LYS A 139 2.79 5.23 -12.67
C LYS A 139 3.40 3.88 -13.01
N SER A 140 2.60 3.04 -13.68
CA SER A 140 3.00 1.70 -14.08
C SER A 140 3.95 1.70 -15.27
N TYR A 141 4.24 2.89 -15.84
CA TYR A 141 5.02 3.00 -17.05
C TYR A 141 6.52 2.79 -16.82
N LEU A 142 6.99 2.88 -15.58
CA LEU A 142 8.42 2.78 -15.31
C LEU A 142 8.88 1.33 -15.43
N ASN A 143 10.07 1.12 -16.02
CA ASN A 143 10.58 -0.22 -16.26
C ASN A 143 10.92 -0.93 -14.95
N ALA A 144 11.00 -0.18 -13.84
CA ALA A 144 11.22 -0.78 -12.54
C ALA A 144 9.97 -1.57 -12.14
N ILE A 145 8.79 -1.09 -12.53
CA ILE A 145 7.54 -1.77 -12.20
C ILE A 145 7.33 -2.97 -13.13
N ARG A 146 7.92 -2.92 -14.33
CA ARG A 146 7.89 -4.03 -15.27
C ARG A 146 8.80 -5.14 -14.79
N SER A 147 9.79 -4.78 -13.97
CA SER A 147 10.67 -5.71 -13.27
C SER A 147 11.19 -6.80 -14.20
N LYS A 148 11.85 -6.37 -15.29
CA LYS A 148 12.39 -7.26 -16.31
C LYS A 148 13.33 -8.32 -15.73
N CYS A 149 13.78 -8.16 -14.49
CA CYS A 149 14.62 -9.16 -13.86
C CYS A 149 13.85 -10.47 -13.72
N PHE A 150 12.52 -10.42 -13.57
CA PHE A 150 11.72 -11.62 -13.45
C PHE A 150 11.68 -12.36 -14.78
N ALA A 151 11.87 -11.64 -15.89
CA ALA A 151 11.97 -12.27 -17.19
C ALA A 151 13.34 -12.92 -17.36
N MET A 152 14.37 -12.34 -16.72
CA MET A 152 15.71 -12.92 -16.74
C MET A 152 15.78 -14.18 -15.88
N ASP A 153 14.90 -14.32 -14.89
CA ASP A 153 14.81 -15.52 -14.07
C ASP A 153 14.31 -16.72 -14.87
N LEU A 154 13.77 -16.48 -16.08
CA LEU A 154 13.26 -17.54 -16.94
C LEU A 154 14.38 -18.26 -17.68
N GLU A 155 15.50 -18.48 -16.99
CA GLU A 155 16.68 -19.13 -17.56
C GLU A 155 16.44 -20.64 -17.73
N HIS A 156 17.49 -21.37 -18.14
CA HIS A 156 17.42 -22.78 -18.48
C HIS A 156 17.09 -23.68 -17.28
N HIS A 157 16.92 -23.10 -16.09
CA HIS A 157 16.61 -23.86 -14.89
C HIS A 157 15.83 -22.99 -13.90
N HIS A 158 15.06 -23.64 -13.02
CA HIS A 158 14.29 -22.95 -11.99
C HIS A 158 15.17 -22.63 -10.78
N HIS A 159 14.70 -21.74 -9.92
CA HIS A 159 15.38 -21.38 -8.69
C HIS A 159 14.84 -22.21 -7.53
N ASP B 1 -6.52 -15.56 7.49
CA ASP B 1 -6.76 -16.58 8.52
C ASP B 1 -8.08 -16.33 9.25
N ASP B 2 -8.21 -15.14 9.84
CA ASP B 2 -9.39 -14.77 10.64
C ASP B 2 -10.01 -13.48 10.10
N ASP B 3 -9.71 -13.13 8.84
CA ASP B 3 -10.15 -11.89 8.23
C ASP B 3 -10.50 -12.13 6.77
N GLU B 4 -10.94 -11.08 6.08
CA GLU B 4 -11.30 -11.13 4.66
C GLU B 4 -10.15 -11.61 3.79
N ASP B 5 -8.93 -11.66 4.35
CA ASP B 5 -7.74 -12.05 3.60
C ASP B 5 -7.66 -11.30 2.28
N ASP B 6 -7.52 -12.04 1.16
CA ASP B 6 -7.29 -11.46 -0.16
C ASP B 6 -8.40 -10.48 -0.56
N TYR B 7 -8.19 -9.21 -0.21
CA TYR B 7 -9.09 -8.10 -0.51
C TYR B 7 -9.21 -7.90 -2.02
N THR B 8 -10.42 -7.55 -2.47
CA THR B 8 -10.68 -7.29 -3.87
C THR B 8 -10.99 -5.80 -4.04
N PRO B 9 -10.17 -5.06 -4.80
CA PRO B 9 -10.33 -3.64 -5.01
C PRO B 9 -11.47 -3.35 -5.99
N SER B 10 -11.87 -2.07 -6.05
CA SER B 10 -12.88 -1.61 -6.98
C SER B 10 -12.61 -0.16 -7.36
N ILE B 11 -12.85 0.20 -8.62
CA ILE B 11 -12.61 1.54 -9.14
C ILE B 11 -13.27 1.70 -10.50
N SER B 12 -13.58 2.95 -10.86
CA SER B 12 -14.12 3.29 -12.18
C SER B 12 -13.13 2.87 -13.26
N MET A 1 4.20 5.30 25.68
CA MET A 1 3.69 5.60 27.03
C MET A 1 3.33 7.08 27.14
N GLN A 2 2.75 7.64 26.08
CA GLN A 2 2.38 9.05 26.04
C GLN A 2 1.28 9.23 25.00
N GLN A 3 1.00 10.48 24.58
CA GLN A 3 -0.07 10.74 23.62
C GLN A 3 0.18 10.05 22.26
N ASP A 4 1.38 9.50 22.05
CA ASP A 4 1.71 8.81 20.80
C ASP A 4 1.31 7.34 20.83
N ASP A 5 0.57 6.96 21.85
CA ASP A 5 0.16 5.57 22.05
C ASP A 5 -1.06 5.21 21.22
N ASP A 6 -1.42 6.09 20.29
CA ASP A 6 -2.49 5.82 19.33
C ASP A 6 -1.92 4.88 18.28
N PHE A 7 -0.61 5.06 18.03
CA PHE A 7 0.16 4.36 17.03
C PHE A 7 0.18 2.86 17.31
N GLN A 8 0.21 2.47 18.58
CA GLN A 8 0.27 1.07 18.99
C GLN A 8 -0.79 0.24 18.27
N ASN A 9 -1.97 0.81 18.05
CA ASN A 9 -3.05 0.09 17.39
C ASN A 9 -2.72 -0.10 15.91
N PHE A 10 -2.14 0.92 15.29
CA PHE A 10 -1.73 0.87 13.89
C PHE A 10 -0.56 -0.09 13.73
N VAL A 11 0.35 -0.12 14.71
CA VAL A 11 1.50 -1.02 14.69
C VAL A 11 0.99 -2.45 14.80
N ALA A 12 0.14 -2.72 15.80
CA ALA A 12 -0.43 -4.03 16.02
C ALA A 12 -1.28 -4.49 14.83
N THR A 13 -1.83 -3.54 14.05
CA THR A 13 -2.58 -3.88 12.85
C THR A 13 -1.59 -4.31 11.76
N LEU A 14 -0.44 -3.63 11.71
CA LEU A 14 0.61 -3.96 10.77
C LEU A 14 1.17 -5.34 11.12
N GLU A 15 1.39 -5.57 12.42
CA GLU A 15 1.87 -6.84 12.94
C GLU A 15 0.82 -7.92 12.73
N SER A 16 -0.46 -7.51 12.69
CA SER A 16 -1.56 -8.43 12.45
C SER A 16 -1.47 -8.96 11.01
N PHE A 17 -1.03 -8.13 10.06
CA PHE A 17 -0.81 -8.62 8.71
C PHE A 17 0.36 -9.59 8.68
N LYS A 18 1.43 -9.31 9.45
CA LYS A 18 2.58 -10.22 9.48
C LYS A 18 2.12 -11.60 9.95
N ASP A 19 1.11 -11.63 10.83
CA ASP A 19 0.51 -12.86 11.32
C ASP A 19 -0.42 -13.46 10.26
N LEU A 20 -1.28 -12.65 9.65
CA LEU A 20 -2.31 -13.10 8.74
C LEU A 20 -1.77 -14.10 7.71
N LYS A 21 -2.55 -15.17 7.50
CA LYS A 21 -2.16 -16.28 6.65
C LYS A 21 -2.04 -15.87 5.18
N SER A 22 -2.54 -14.68 4.84
CA SER A 22 -2.53 -14.16 3.48
C SER A 22 -1.79 -12.83 3.36
N GLY A 23 -1.45 -12.23 4.51
CA GLY A 23 -0.83 -10.91 4.57
C GLY A 23 -1.84 -9.81 4.28
N ILE A 24 -2.94 -10.16 3.59
CA ILE A 24 -4.05 -9.27 3.31
C ILE A 24 -5.13 -9.45 4.38
N SER A 25 -5.94 -8.41 4.62
CA SER A 25 -7.13 -8.54 5.43
C SER A 25 -8.01 -7.30 5.29
N GLY A 26 -9.14 -7.41 4.60
CA GLY A 26 -10.00 -6.25 4.44
C GLY A 26 -10.36 -5.67 5.80
N SER A 27 -10.62 -6.51 6.79
CA SER A 27 -11.01 -6.04 8.12
C SER A 27 -9.90 -5.22 8.76
N ARG A 28 -8.68 -5.76 8.81
CA ARG A 28 -7.55 -5.06 9.43
C ARG A 28 -7.18 -3.84 8.58
N ILE A 29 -7.21 -3.98 7.25
CA ILE A 29 -6.88 -2.90 6.35
C ILE A 29 -7.87 -1.75 6.57
N LYS A 30 -9.18 -2.04 6.63
CA LYS A 30 -10.19 -1.01 6.83
C LYS A 30 -10.05 -0.36 8.20
N LYS A 31 -9.53 -1.09 9.20
CA LYS A 31 -9.36 -0.53 10.54
C LYS A 31 -8.33 0.59 10.53
N LEU A 32 -7.09 0.31 10.11
CA LEU A 32 -6.07 1.35 10.14
C LEU A 32 -6.33 2.40 9.06
N THR A 33 -7.08 2.05 8.01
CA THR A 33 -7.40 2.99 6.95
C THR A 33 -8.40 4.01 7.47
N THR A 34 -9.38 3.55 8.25
CA THR A 34 -10.42 4.43 8.75
C THR A 34 -9.83 5.40 9.77
N TYR A 35 -8.92 4.93 10.62
CA TYR A 35 -8.28 5.83 11.57
C TYR A 35 -7.42 6.85 10.83
N ALA A 36 -6.81 6.44 9.71
CA ALA A 36 -5.98 7.35 8.92
C ALA A 36 -6.84 8.38 8.19
N LEU A 37 -8.06 8.02 7.78
CA LEU A 37 -8.96 8.94 7.10
C LEU A 37 -9.54 9.94 8.07
N ASP A 38 -9.79 9.51 9.31
CA ASP A 38 -10.27 10.40 10.36
C ASP A 38 -9.18 11.41 10.74
N HIS A 39 -7.92 11.09 10.46
CA HIS A 39 -6.78 11.92 10.86
C HIS A 39 -5.60 11.76 9.89
N ILE A 40 -5.45 12.69 8.95
CA ILE A 40 -4.31 12.70 8.06
C ILE A 40 -3.06 13.20 8.78
N ASP A 41 -3.21 13.83 9.95
CA ASP A 41 -2.10 14.38 10.71
C ASP A 41 -1.04 13.33 11.07
N ILE A 42 -1.40 12.04 10.98
CA ILE A 42 -0.47 10.95 11.24
C ILE A 42 -0.04 10.25 9.95
N GLU A 43 -0.32 10.83 8.78
CA GLU A 43 0.10 10.25 7.52
C GLU A 43 1.59 9.94 7.51
N SER A 44 2.39 10.71 8.25
CA SER A 44 3.83 10.51 8.31
C SER A 44 4.21 9.14 8.89
N LYS A 45 3.62 8.75 10.03
CA LYS A 45 3.92 7.46 10.63
C LYS A 45 3.30 6.35 9.78
N ILE A 46 2.23 6.67 9.04
CA ILE A 46 1.52 5.71 8.21
C ILE A 46 2.38 5.34 7.01
N ILE A 47 2.90 6.34 6.29
CA ILE A 47 3.74 6.10 5.13
C ILE A 47 5.03 5.40 5.57
N SER A 48 5.52 5.74 6.75
CA SER A 48 6.75 5.14 7.27
C SER A 48 6.57 3.63 7.50
N LEU A 49 5.41 3.21 7.99
CA LEU A 49 5.17 1.79 8.26
C LEU A 49 4.86 0.98 7.00
N ILE A 50 4.21 1.56 5.97
CA ILE A 50 3.95 0.79 4.77
C ILE A 50 5.25 0.51 4.02
N ILE A 51 6.16 1.49 3.95
CA ILE A 51 7.42 1.27 3.25
C ILE A 51 8.30 0.29 4.03
N ASP A 52 8.32 0.40 5.36
CA ASP A 52 9.10 -0.53 6.18
C ASP A 52 8.55 -1.95 6.07
N TYR A 53 7.22 -2.11 6.25
CA TYR A 53 6.59 -3.41 6.16
C TYR A 53 6.76 -3.97 4.76
N SER A 54 6.57 -3.15 3.73
CA SER A 54 6.67 -3.60 2.35
C SER A 54 8.08 -4.12 2.03
N ARG A 55 9.11 -3.56 2.67
CA ARG A 55 10.47 -3.98 2.40
C ARG A 55 10.82 -5.25 3.16
N LEU A 56 10.45 -5.32 4.45
CA LEU A 56 10.79 -6.43 5.32
C LEU A 56 9.95 -7.68 5.10
N CYS A 57 8.62 -7.50 5.03
CA CYS A 57 7.68 -8.60 5.05
C CYS A 57 7.84 -9.57 3.87
N PRO A 58 7.34 -10.80 4.04
CA PRO A 58 7.31 -11.85 3.05
C PRO A 58 6.55 -11.47 1.78
N ASP A 59 6.60 -12.37 0.79
CA ASP A 59 6.06 -12.14 -0.54
C ASP A 59 4.56 -11.84 -0.52
N SER A 60 3.78 -12.63 0.20
CA SER A 60 2.35 -12.46 0.28
C SER A 60 2.01 -11.20 1.09
N HIS A 61 2.88 -10.87 2.03
CA HIS A 61 2.73 -9.67 2.85
C HIS A 61 3.09 -8.43 2.05
N LYS A 62 3.97 -8.57 1.04
CA LYS A 62 4.24 -7.48 0.11
C LYS A 62 3.00 -7.22 -0.74
N LEU A 63 2.26 -8.26 -1.13
CA LEU A 63 0.99 -8.06 -1.82
C LEU A 63 0.04 -7.35 -0.88
N GLY A 64 0.04 -7.76 0.40
CA GLY A 64 -0.83 -7.18 1.41
C GLY A 64 -0.44 -5.73 1.72
N SER A 65 0.85 -5.39 1.60
CA SER A 65 1.30 -4.03 1.83
C SER A 65 0.77 -3.13 0.74
N LEU A 66 0.78 -3.59 -0.51
CA LEU A 66 0.28 -2.82 -1.63
C LEU A 66 -1.24 -2.73 -1.56
N TYR A 67 -1.89 -3.68 -0.87
CA TYR A 67 -3.33 -3.63 -0.63
C TYR A 67 -3.66 -2.59 0.42
N ILE A 68 -2.83 -2.46 1.46
CA ILE A 68 -3.00 -1.43 2.46
C ILE A 68 -2.79 -0.08 1.81
N ILE A 69 -1.67 0.07 1.09
CA ILE A 69 -1.34 1.27 0.34
C ILE A 69 -2.44 1.62 -0.66
N ASP A 70 -3.13 0.62 -1.21
CA ASP A 70 -4.22 0.91 -2.15
C ASP A 70 -5.40 1.55 -1.45
N SER A 71 -5.86 0.93 -0.36
CA SER A 71 -7.05 1.40 0.33
C SER A 71 -6.81 2.74 0.99
N ILE A 72 -5.70 2.89 1.72
CA ILE A 72 -5.39 4.15 2.39
C ILE A 72 -4.89 5.17 1.38
N GLY A 73 -4.16 4.72 0.35
CA GLY A 73 -3.57 5.60 -0.62
C GLY A 73 -4.65 6.26 -1.47
N ARG A 74 -5.60 5.47 -1.99
CA ARG A 74 -6.67 6.05 -2.77
C ARG A 74 -7.58 6.88 -1.89
N ALA A 75 -7.91 6.39 -0.69
CA ALA A 75 -8.79 7.12 0.19
C ALA A 75 -8.16 8.46 0.57
N TYR A 76 -6.83 8.55 0.66
CA TYR A 76 -6.18 9.82 0.95
C TYR A 76 -6.27 10.76 -0.24
N LEU A 77 -5.89 10.32 -1.44
CA LEU A 77 -5.92 11.25 -2.55
C LEU A 77 -7.36 11.59 -2.90
N ASP A 78 -8.28 10.63 -2.81
CA ASP A 78 -9.68 10.86 -3.09
C ASP A 78 -10.30 11.83 -2.10
N GLU A 79 -10.04 11.66 -0.80
CA GLU A 79 -10.59 12.56 0.20
C GLU A 79 -10.04 13.97 0.03
N THR A 80 -8.72 14.12 -0.09
CA THR A 80 -8.13 15.44 -0.21
C THR A 80 -8.51 16.08 -1.55
N ARG A 81 -8.81 15.26 -2.57
CA ARG A 81 -9.33 15.74 -3.84
C ARG A 81 -10.80 16.16 -3.73
N SER A 82 -11.55 15.52 -2.84
CA SER A 82 -12.98 15.77 -2.70
C SER A 82 -13.28 17.08 -1.98
N ASN A 83 -12.39 17.53 -1.10
CA ASN A 83 -12.59 18.77 -0.36
C ASN A 83 -11.27 19.31 0.18
N SER A 84 -11.24 20.61 0.47
CA SER A 84 -10.03 21.34 0.86
C SER A 84 -9.54 21.00 2.27
N ASN A 85 -9.90 19.84 2.82
CA ASN A 85 -9.42 19.44 4.13
C ASN A 85 -7.89 19.33 4.09
N SER A 86 -7.22 19.89 5.11
CA SER A 86 -5.78 19.91 5.16
C SER A 86 -5.30 20.16 6.59
N SER A 87 -4.04 19.83 6.86
CA SER A 87 -3.42 20.00 8.16
C SER A 87 -2.72 21.36 8.26
N SER A 88 -2.14 21.66 9.43
CA SER A 88 -1.48 22.93 9.67
C SER A 88 -0.13 23.04 8.96
N ASN A 89 0.32 21.96 8.31
CA ASN A 89 1.64 21.93 7.67
C ASN A 89 1.61 21.03 6.43
N LYS A 90 2.73 20.95 5.73
CA LYS A 90 2.86 20.07 4.57
C LYS A 90 2.62 18.61 4.98
N PRO A 91 3.32 18.07 5.99
CA PRO A 91 2.99 16.77 6.55
C PRO A 91 1.60 16.84 7.18
N GLY A 92 0.92 15.71 7.23
CA GLY A 92 -0.44 15.66 7.74
C GLY A 92 -1.48 15.75 6.64
N THR A 93 -1.10 15.53 5.38
CA THR A 93 -2.02 15.55 4.25
C THR A 93 -1.56 14.64 3.13
N CYS A 94 -2.46 14.41 2.17
CA CYS A 94 -2.19 13.68 0.95
C CYS A 94 -1.00 14.31 0.23
N ALA A 95 -0.78 15.61 0.43
CA ALA A 95 0.30 16.29 -0.24
C ALA A 95 1.61 15.62 0.11
N HIS A 96 1.93 15.55 1.41
CA HIS A 96 3.16 14.94 1.86
C HIS A 96 3.10 13.42 1.77
N ALA A 97 1.92 12.83 1.96
CA ALA A 97 1.76 11.40 1.96
C ALA A 97 2.01 10.82 0.58
N ILE A 98 1.39 11.39 -0.45
CA ILE A 98 1.58 10.90 -1.81
C ILE A 98 2.96 11.29 -2.32
N ASN A 99 3.51 12.42 -1.87
CA ASN A 99 4.86 12.80 -2.24
C ASN A 99 5.88 11.80 -1.68
N THR A 100 5.76 11.47 -0.39
CA THR A 100 6.72 10.62 0.29
C THR A 100 6.57 9.17 -0.18
N LEU A 101 5.37 8.80 -0.64
CA LEU A 101 5.10 7.46 -1.14
C LEU A 101 5.60 7.31 -2.57
N GLY A 102 5.46 8.36 -3.38
CA GLY A 102 5.82 8.31 -4.79
C GLY A 102 7.32 8.35 -5.01
N GLU A 103 8.10 8.90 -4.08
CA GLU A 103 9.54 8.97 -4.22
C GLU A 103 10.21 7.63 -3.91
N VAL A 104 9.42 6.62 -3.51
CA VAL A 104 9.94 5.27 -3.26
C VAL A 104 9.01 4.19 -3.79
N ILE A 105 7.98 4.55 -4.56
CA ILE A 105 7.00 3.58 -5.02
C ILE A 105 7.64 2.51 -5.90
N GLN A 106 8.76 2.85 -6.56
CA GLN A 106 9.45 1.88 -7.40
C GLN A 106 10.08 0.79 -6.54
N GLU A 107 10.42 1.10 -5.29
CA GLU A 107 11.05 0.14 -4.40
C GLU A 107 10.02 -0.86 -3.90
N LEU A 108 8.84 -0.37 -3.53
CA LEU A 108 7.78 -1.23 -3.01
C LEU A 108 7.25 -2.11 -4.13
N LEU A 109 7.03 -1.53 -5.31
CA LEU A 109 6.54 -2.31 -6.43
C LEU A 109 7.59 -3.32 -6.88
N SER A 110 8.73 -2.84 -7.37
CA SER A 110 9.77 -3.69 -7.95
C SER A 110 10.13 -4.86 -7.04
N ASP A 111 10.22 -4.62 -5.73
CA ASP A 111 10.54 -5.67 -4.78
C ASP A 111 9.39 -6.68 -4.69
N ALA A 112 8.16 -6.17 -4.63
CA ALA A 112 7.00 -7.04 -4.52
C ALA A 112 6.77 -7.83 -5.80
N ILE A 113 7.07 -7.23 -6.96
CA ILE A 113 6.90 -7.93 -8.22
C ILE A 113 7.90 -9.08 -8.30
N ALA A 114 9.11 -8.88 -7.76
CA ALA A 114 10.12 -9.90 -7.73
C ALA A 114 9.82 -10.99 -6.69
N LYS A 115 9.36 -10.59 -5.50
CA LYS A 115 9.15 -11.55 -4.42
C LYS A 115 7.87 -12.33 -4.59
N SER A 116 6.82 -11.69 -5.10
CA SER A 116 5.48 -12.27 -5.13
C SER A 116 5.28 -13.23 -6.31
N ASN A 117 4.31 -14.14 -6.16
CA ASN A 117 4.01 -15.15 -7.17
C ASN A 117 3.22 -14.54 -8.33
N GLN A 118 3.11 -15.25 -9.45
CA GLN A 118 2.52 -14.72 -10.67
C GLN A 118 1.11 -14.15 -10.45
N ASP A 119 0.33 -14.79 -9.59
CA ASP A 119 -1.02 -14.31 -9.29
C ASP A 119 -0.94 -13.02 -8.48
N HIS A 120 0.00 -12.98 -7.54
CA HIS A 120 0.24 -11.79 -6.74
C HIS A 120 0.72 -10.64 -7.62
N LYS A 121 1.57 -10.94 -8.62
CA LYS A 121 2.03 -9.90 -9.55
C LYS A 121 0.82 -9.29 -10.24
N GLU A 122 -0.14 -10.13 -10.66
CA GLU A 122 -1.30 -9.68 -11.39
C GLU A 122 -2.20 -8.82 -10.50
N LYS A 123 -2.37 -9.16 -9.22
CA LYS A 123 -3.16 -8.34 -8.33
C LYS A 123 -2.50 -6.97 -8.13
N ILE A 124 -1.17 -6.91 -8.23
CA ILE A 124 -0.48 -5.63 -8.12
C ILE A 124 -0.68 -4.83 -9.39
N ARG A 125 -0.69 -5.50 -10.55
CA ARG A 125 -0.88 -4.82 -11.84
C ARG A 125 -2.27 -4.21 -11.93
N MET A 126 -3.32 -4.93 -11.50
CA MET A 126 -4.64 -4.33 -11.50
C MET A 126 -4.70 -3.21 -10.48
N LEU A 127 -3.91 -3.29 -9.39
CA LEU A 127 -3.78 -2.21 -8.44
C LEU A 127 -3.18 -0.98 -9.12
N LEU A 128 -2.34 -1.15 -10.15
CA LEU A 128 -1.82 0.00 -10.88
C LEU A 128 -2.93 0.65 -11.68
N ASP A 129 -3.79 -0.14 -12.35
CA ASP A 129 -4.92 0.44 -13.07
C ASP A 129 -5.83 1.19 -12.10
N ILE A 130 -6.01 0.62 -10.91
CA ILE A 130 -6.84 1.22 -9.88
C ILE A 130 -6.20 2.53 -9.39
N TRP A 131 -4.88 2.56 -9.31
CA TRP A 131 -4.19 3.77 -8.90
C TRP A 131 -4.15 4.83 -10.01
N ASP A 132 -4.14 4.42 -11.27
CA ASP A 132 -4.20 5.37 -12.37
C ASP A 132 -5.56 6.06 -12.39
N ARG A 133 -6.62 5.35 -11.97
CA ARG A 133 -7.97 5.88 -11.91
C ARG A 133 -8.12 6.87 -10.75
N SER A 134 -7.49 6.59 -9.61
CA SER A 134 -7.52 7.53 -8.49
C SER A 134 -6.57 8.70 -8.75
N GLY A 135 -5.67 8.58 -9.72
CA GLY A 135 -4.74 9.64 -10.07
C GLY A 135 -3.47 9.61 -9.22
N LEU A 136 -3.25 8.54 -8.46
CA LEU A 136 -2.07 8.43 -7.61
C LEU A 136 -0.80 8.27 -8.43
N PHE A 137 -0.91 7.58 -9.58
CA PHE A 137 0.26 7.24 -10.39
C PHE A 137 -0.15 7.05 -11.85
N GLN A 138 0.78 6.51 -12.65
CA GLN A 138 0.58 6.23 -14.06
C GLN A 138 1.41 5.00 -14.41
N LYS A 139 1.23 4.46 -15.63
CA LYS A 139 1.92 3.26 -16.08
C LYS A 139 3.39 3.53 -16.38
N SER A 140 4.15 3.94 -15.37
CA SER A 140 5.59 4.09 -15.41
C SER A 140 6.26 2.71 -15.41
N TYR A 141 5.79 1.82 -16.30
CA TYR A 141 6.18 0.43 -16.40
C TYR A 141 7.60 0.23 -16.92
N LEU A 142 8.58 0.97 -16.39
CA LEU A 142 9.97 0.78 -16.75
C LEU A 142 10.44 -0.58 -16.23
N ASN A 143 11.63 -1.01 -16.65
CA ASN A 143 12.15 -2.32 -16.27
C ASN A 143 12.28 -2.46 -14.75
N ALA A 144 12.23 -1.35 -14.02
CA ALA A 144 12.26 -1.37 -12.57
C ALA A 144 10.94 -1.93 -12.04
N ILE A 145 9.81 -1.37 -12.50
CA ILE A 145 8.50 -1.85 -12.08
C ILE A 145 8.20 -3.21 -12.72
N ARG A 146 8.73 -3.44 -13.92
CA ARG A 146 8.64 -4.75 -14.55
C ARG A 146 9.47 -5.73 -13.71
N SER A 147 10.46 -5.19 -12.99
CA SER A 147 11.31 -5.93 -12.08
C SER A 147 12.01 -7.09 -12.79
N LYS A 148 13.04 -6.75 -13.57
CA LYS A 148 13.91 -7.74 -14.21
C LYS A 148 14.61 -8.61 -13.15
N CYS A 149 14.53 -8.22 -11.88
CA CYS A 149 15.12 -9.00 -10.80
C CYS A 149 14.47 -10.39 -10.76
N PHE A 150 13.18 -10.46 -11.10
CA PHE A 150 12.47 -11.73 -11.05
C PHE A 150 13.06 -12.70 -12.07
N ALA A 151 13.59 -12.16 -13.18
CA ALA A 151 14.23 -12.98 -14.20
C ALA A 151 15.63 -13.41 -13.74
N MET A 152 16.26 -12.59 -12.89
CA MET A 152 17.53 -12.97 -12.28
C MET A 152 17.32 -13.96 -11.14
N ASP A 153 16.16 -13.90 -10.48
CA ASP A 153 15.81 -14.75 -9.36
C ASP A 153 15.43 -16.17 -9.81
N LEU A 154 14.61 -16.28 -10.87
CA LEU A 154 14.10 -17.57 -11.34
C LEU A 154 14.04 -17.62 -12.87
N GLU A 155 13.80 -18.81 -13.41
CA GLU A 155 13.64 -19.03 -14.84
C GLU A 155 12.38 -18.34 -15.36
N HIS A 156 11.51 -17.88 -14.43
CA HIS A 156 10.33 -17.11 -14.76
C HIS A 156 10.75 -15.70 -15.17
N HIS A 157 11.32 -15.57 -16.37
CA HIS A 157 11.80 -14.30 -16.90
C HIS A 157 10.68 -13.29 -17.13
N HIS A 158 9.42 -13.66 -16.88
CA HIS A 158 8.27 -12.80 -17.08
C HIS A 158 7.27 -12.99 -15.95
N HIS A 159 6.29 -12.08 -15.85
CA HIS A 159 5.26 -12.13 -14.81
C HIS A 159 4.37 -13.36 -14.98
N ASP B 1 -3.54 -11.36 13.32
CA ASP B 1 -4.67 -12.24 13.65
C ASP B 1 -5.59 -12.39 12.45
N ASP B 2 -6.15 -13.59 12.27
CA ASP B 2 -6.96 -13.91 11.11
C ASP B 2 -8.37 -13.33 11.21
N ASP B 3 -8.87 -12.84 10.07
CA ASP B 3 -10.18 -12.21 9.93
C ASP B 3 -10.48 -12.14 8.43
N GLU B 4 -11.40 -11.26 8.00
CA GLU B 4 -11.69 -11.01 6.58
C GLU B 4 -10.37 -10.90 5.81
N ASP B 5 -10.30 -11.54 4.63
CA ASP B 5 -9.08 -11.62 3.85
C ASP B 5 -9.12 -10.68 2.63
N ASP B 6 -9.11 -11.25 1.42
CA ASP B 6 -8.95 -10.49 0.18
C ASP B 6 -10.07 -9.47 -0.02
N TYR B 7 -9.78 -8.20 0.32
CA TYR B 7 -10.73 -7.11 0.14
C TYR B 7 -10.80 -6.72 -1.33
N THR B 8 -11.98 -6.31 -1.80
CA THR B 8 -12.16 -5.89 -3.18
C THR B 8 -11.79 -4.41 -3.32
N PRO B 9 -10.74 -4.09 -4.09
CA PRO B 9 -10.31 -2.72 -4.31
C PRO B 9 -11.22 -2.03 -5.32
N SER B 10 -12.51 -1.89 -4.98
CA SER B 10 -13.49 -1.29 -5.87
C SER B 10 -13.14 0.17 -6.17
N ILE B 11 -13.41 0.58 -7.41
CA ILE B 11 -13.14 1.93 -7.88
C ILE B 11 -13.91 2.18 -9.18
N SER B 12 -14.17 3.46 -9.48
CA SER B 12 -14.79 3.89 -10.72
C SER B 12 -13.88 3.52 -11.90
N MET A 1 -4.30 17.83 14.02
CA MET A 1 -3.07 17.30 14.64
C MET A 1 -3.42 16.23 15.67
N GLN A 2 -2.72 15.10 15.62
CA GLN A 2 -2.96 14.00 16.54
C GLN A 2 -1.70 13.15 16.71
N GLN A 3 -1.40 12.81 17.96
CA GLN A 3 -0.32 11.90 18.33
C GLN A 3 -0.53 11.46 19.77
N ASP A 4 -0.51 10.14 19.99
CA ASP A 4 -0.74 9.54 21.29
C ASP A 4 -0.22 8.10 21.26
N ASP A 5 -0.45 7.34 22.33
CA ASP A 5 -0.15 5.91 22.33
C ASP A 5 -1.17 5.14 21.51
N ASP A 6 -1.94 5.85 20.68
CA ASP A 6 -2.95 5.26 19.82
C ASP A 6 -2.26 4.54 18.67
N PHE A 7 -1.06 5.04 18.32
CA PHE A 7 -0.22 4.47 17.29
C PHE A 7 -0.02 2.97 17.51
N GLN A 8 0.09 2.55 18.78
CA GLN A 8 0.31 1.17 19.14
C GLN A 8 -0.74 0.25 18.51
N ASN A 9 -1.97 0.72 18.38
CA ASN A 9 -3.03 -0.09 17.81
C ASN A 9 -2.81 -0.23 16.31
N PHE A 10 -2.23 0.78 15.67
CA PHE A 10 -1.88 0.75 14.26
C PHE A 10 -0.73 -0.22 14.07
N VAL A 11 0.24 -0.20 15.00
CA VAL A 11 1.39 -1.09 14.93
C VAL A 11 0.90 -2.53 15.08
N ALA A 12 0.15 -2.81 16.15
CA ALA A 12 -0.39 -4.13 16.40
C ALA A 12 -1.29 -4.60 15.27
N THR A 13 -1.92 -3.68 14.53
CA THR A 13 -2.74 -4.06 13.39
C THR A 13 -1.84 -4.48 12.23
N LEU A 14 -0.73 -3.75 12.05
CA LEU A 14 0.24 -4.09 11.02
C LEU A 14 0.85 -5.45 11.33
N GLU A 15 1.23 -5.64 12.59
CA GLU A 15 1.80 -6.87 13.10
C GLU A 15 0.78 -8.00 13.00
N SER A 16 -0.51 -7.67 13.05
CA SER A 16 -1.56 -8.65 12.90
C SER A 16 -1.61 -9.13 11.45
N PHE A 17 -1.20 -8.30 10.49
CA PHE A 17 -1.05 -8.79 9.13
C PHE A 17 0.12 -9.74 9.04
N LYS A 18 1.24 -9.41 9.71
CA LYS A 18 2.44 -10.26 9.66
C LYS A 18 2.15 -11.64 10.23
N ASP A 19 1.19 -11.70 11.15
CA ASP A 19 0.79 -12.94 11.81
C ASP A 19 0.03 -13.88 10.85
N LEU A 20 -0.65 -13.33 9.85
CA LEU A 20 -1.44 -14.13 8.93
C LEU A 20 -0.54 -14.90 7.97
N LYS A 21 -1.03 -16.05 7.48
CA LYS A 21 -0.28 -16.82 6.49
C LYS A 21 -0.41 -16.17 5.11
N SER A 22 -1.55 -15.51 4.84
CA SER A 22 -1.79 -14.84 3.57
C SER A 22 -1.27 -13.41 3.61
N GLY A 23 -1.12 -12.85 4.81
CA GLY A 23 -0.62 -11.49 5.01
C GLY A 23 -1.63 -10.43 4.62
N ILE A 24 -2.59 -10.76 3.76
CA ILE A 24 -3.70 -9.87 3.44
C ILE A 24 -4.72 -9.94 4.58
N SER A 25 -5.44 -8.84 4.83
CA SER A 25 -6.47 -8.83 5.86
C SER A 25 -7.47 -7.73 5.58
N GLY A 26 -8.45 -7.97 4.70
CA GLY A 26 -9.42 -6.95 4.38
C GLY A 26 -9.99 -6.31 5.64
N SER A 27 -10.12 -7.09 6.72
CA SER A 27 -10.69 -6.60 7.97
C SER A 27 -9.77 -5.58 8.62
N ARG A 28 -8.55 -6.00 8.99
CA ARG A 28 -7.64 -5.13 9.70
C ARG A 28 -7.09 -4.03 8.78
N ILE A 29 -7.02 -4.29 7.46
CA ILE A 29 -6.64 -3.25 6.51
C ILE A 29 -7.64 -2.11 6.61
N LYS A 30 -8.95 -2.42 6.63
CA LYS A 30 -9.98 -1.39 6.75
C LYS A 30 -9.89 -0.69 8.10
N LYS A 31 -9.46 -1.40 9.15
CA LYS A 31 -9.38 -0.83 10.49
C LYS A 31 -8.37 0.32 10.55
N LEU A 32 -7.09 0.06 10.23
CA LEU A 32 -6.10 1.12 10.32
C LEU A 32 -6.22 2.10 9.15
N THR A 33 -6.90 1.72 8.06
CA THR A 33 -7.16 2.63 6.95
C THR A 33 -8.20 3.66 7.40
N THR A 34 -9.20 3.21 8.17
CA THR A 34 -10.24 4.10 8.66
C THR A 34 -9.67 5.05 9.70
N TYR A 35 -8.74 4.58 10.53
CA TYR A 35 -8.07 5.43 11.50
C TYR A 35 -7.25 6.49 10.78
N ALA A 36 -6.65 6.12 9.66
CA ALA A 36 -5.86 7.05 8.86
C ALA A 36 -6.72 8.09 8.17
N LEU A 37 -7.93 7.70 7.73
CA LEU A 37 -8.84 8.61 7.06
C LEU A 37 -9.38 9.64 8.05
N ASP A 38 -9.55 9.26 9.31
CA ASP A 38 -9.99 10.18 10.34
C ASP A 38 -8.89 11.20 10.66
N HIS A 39 -7.63 10.87 10.36
CA HIS A 39 -6.50 11.72 10.70
C HIS A 39 -5.34 11.57 9.72
N ILE A 40 -5.19 12.54 8.81
CA ILE A 40 -4.02 12.62 7.95
C ILE A 40 -2.83 13.13 8.75
N ASP A 41 -3.06 13.59 9.98
CA ASP A 41 -2.05 14.13 10.86
C ASP A 41 -0.91 13.15 11.12
N ILE A 42 -1.16 11.87 10.84
CA ILE A 42 -0.20 10.80 11.04
C ILE A 42 0.13 10.09 9.74
N GLU A 43 -0.16 10.71 8.58
CA GLU A 43 0.18 10.11 7.30
C GLU A 43 1.64 9.69 7.24
N SER A 44 2.53 10.44 7.90
CA SER A 44 3.95 10.14 7.89
C SER A 44 4.26 8.76 8.47
N LYS A 45 3.69 8.40 9.63
CA LYS A 45 3.95 7.10 10.23
C LYS A 45 3.23 6.01 9.45
N ILE A 46 2.16 6.38 8.74
CA ILE A 46 1.37 5.44 7.96
C ILE A 46 2.15 5.00 6.73
N ILE A 47 2.71 5.98 5.99
CA ILE A 47 3.51 5.68 4.82
C ILE A 47 4.76 4.92 5.24
N SER A 48 5.33 5.24 6.40
CA SER A 48 6.53 4.55 6.87
C SER A 48 6.29 3.08 7.11
N LEU A 49 5.17 2.72 7.74
CA LEU A 49 4.90 1.33 8.08
C LEU A 49 4.48 0.49 6.88
N ILE A 50 3.76 1.05 5.90
CA ILE A 50 3.36 0.26 4.74
C ILE A 50 4.55 -0.03 3.85
N ILE A 51 5.41 0.96 3.58
CA ILE A 51 6.57 0.70 2.75
C ILE A 51 7.48 -0.33 3.42
N ASP A 52 7.65 -0.24 4.75
CA ASP A 52 8.45 -1.21 5.47
C ASP A 52 7.77 -2.57 5.53
N TYR A 53 6.43 -2.61 5.63
CA TYR A 53 5.72 -3.88 5.63
C TYR A 53 5.85 -4.55 4.27
N SER A 54 5.89 -3.76 3.19
CA SER A 54 6.06 -4.30 1.84
C SER A 54 7.52 -4.59 1.53
N ARG A 55 8.45 -4.01 2.27
CA ARG A 55 9.88 -4.20 2.04
C ARG A 55 10.48 -5.33 2.86
N LEU A 56 10.10 -5.42 4.14
CA LEU A 56 10.69 -6.40 5.05
C LEU A 56 9.99 -7.75 5.02
N CYS A 57 8.66 -7.75 5.12
CA CYS A 57 7.87 -8.95 5.30
C CYS A 57 7.80 -9.82 4.02
N PRO A 58 7.33 -11.07 4.17
CA PRO A 58 7.28 -12.08 3.12
C PRO A 58 6.40 -11.67 1.94
N ASP A 59 6.54 -12.43 0.85
CA ASP A 59 5.96 -12.15 -0.45
C ASP A 59 4.45 -11.94 -0.41
N SER A 60 3.72 -12.78 0.31
CA SER A 60 2.27 -12.66 0.40
C SER A 60 1.90 -11.44 1.25
N HIS A 61 2.77 -11.08 2.21
CA HIS A 61 2.58 -9.91 3.03
C HIS A 61 2.93 -8.65 2.23
N LYS A 62 3.86 -8.77 1.26
CA LYS A 62 4.16 -7.67 0.36
C LYS A 62 2.91 -7.33 -0.45
N LEU A 63 2.16 -8.33 -0.92
CA LEU A 63 0.93 -8.06 -1.65
C LEU A 63 -0.05 -7.35 -0.71
N GLY A 64 -0.19 -7.86 0.51
CA GLY A 64 -1.11 -7.30 1.49
C GLY A 64 -0.76 -5.86 1.84
N SER A 65 0.52 -5.48 1.71
CA SER A 65 0.90 -4.10 1.96
C SER A 65 0.47 -3.21 0.80
N LEU A 66 0.60 -3.71 -0.44
CA LEU A 66 0.16 -2.97 -1.60
C LEU A 66 -1.36 -2.80 -1.58
N TYR A 67 -2.06 -3.69 -0.87
CA TYR A 67 -3.50 -3.56 -0.67
C TYR A 67 -3.80 -2.45 0.33
N ILE A 68 -2.98 -2.33 1.39
CA ILE A 68 -3.20 -1.25 2.32
C ILE A 68 -2.95 0.05 1.58
N ILE A 69 -1.79 0.14 0.92
CA ILE A 69 -1.41 1.26 0.07
C ILE A 69 -2.51 1.60 -0.94
N ASP A 70 -3.22 0.60 -1.48
CA ASP A 70 -4.27 0.87 -2.44
C ASP A 70 -5.47 1.53 -1.77
N SER A 71 -5.99 0.91 -0.71
CA SER A 71 -7.19 1.41 -0.06
C SER A 71 -6.93 2.74 0.63
N ILE A 72 -5.83 2.85 1.38
CA ILE A 72 -5.52 4.09 2.08
C ILE A 72 -5.02 5.13 1.08
N GLY A 73 -4.28 4.70 0.06
CA GLY A 73 -3.68 5.60 -0.91
C GLY A 73 -4.73 6.33 -1.73
N ARG A 74 -5.68 5.59 -2.30
CA ARG A 74 -6.73 6.21 -3.08
C ARG A 74 -7.68 7.00 -2.17
N ALA A 75 -7.97 6.46 -0.98
CA ALA A 75 -8.88 7.14 -0.07
C ALA A 75 -8.26 8.45 0.42
N TYR A 76 -6.94 8.51 0.58
CA TYR A 76 -6.28 9.74 0.98
C TYR A 76 -6.37 10.76 -0.14
N LEU A 77 -6.13 10.37 -1.39
CA LEU A 77 -6.23 11.34 -2.46
C LEU A 77 -7.69 11.80 -2.55
N ASP A 78 -8.63 10.85 -2.55
CA ASP A 78 -10.05 11.16 -2.66
C ASP A 78 -10.54 12.09 -1.55
N GLU A 79 -10.13 11.84 -0.30
CA GLU A 79 -10.60 12.65 0.80
C GLU A 79 -10.12 14.09 0.65
N THR A 80 -8.83 14.27 0.30
CA THR A 80 -8.26 15.60 0.19
C THR A 80 -8.84 16.34 -1.01
N ARG A 81 -9.09 15.66 -2.14
CA ARG A 81 -9.67 16.33 -3.30
C ARG A 81 -11.16 16.58 -3.11
N SER A 82 -11.79 15.89 -2.15
CA SER A 82 -13.21 16.08 -1.88
C SER A 82 -13.48 17.16 -0.83
N ASN A 83 -12.61 17.26 0.18
CA ASN A 83 -12.81 18.18 1.29
C ASN A 83 -11.70 19.20 1.44
N SER A 84 -11.03 19.48 0.32
CA SER A 84 -10.02 20.51 0.21
C SER A 84 -8.84 20.34 1.17
N ASN A 85 -8.67 19.15 1.77
CA ASN A 85 -7.55 18.88 2.67
C ASN A 85 -6.25 18.65 1.88
N SER A 86 -6.25 19.01 0.59
CA SER A 86 -5.09 18.88 -0.28
C SER A 86 -4.01 19.92 0.10
N SER A 87 -2.79 19.68 -0.35
CA SER A 87 -1.66 20.56 -0.08
C SER A 87 -0.59 20.36 -1.15
N SER A 88 0.52 21.08 -1.03
CA SER A 88 1.67 20.94 -1.91
C SER A 88 2.97 21.01 -1.10
N ASN A 89 2.85 20.98 0.24
CA ASN A 89 4.00 21.07 1.12
C ASN A 89 3.62 20.56 2.52
N LYS A 90 4.64 20.18 3.30
CA LYS A 90 4.54 19.70 4.68
C LYS A 90 3.75 18.38 4.82
N PRO A 91 4.09 17.58 5.84
CA PRO A 91 3.40 16.35 6.18
C PRO A 91 2.01 16.65 6.74
N GLY A 92 1.19 15.61 6.89
CA GLY A 92 -0.13 15.75 7.48
C GLY A 92 -1.23 15.88 6.42
N THR A 93 -0.94 15.51 5.16
CA THR A 93 -1.90 15.50 4.08
C THR A 93 -1.51 14.44 3.06
N CYS A 94 -2.40 14.15 2.12
CA CYS A 94 -2.13 13.18 1.08
C CYS A 94 -1.03 13.70 0.17
N ALA A 95 -0.77 15.02 0.23
CA ALA A 95 0.22 15.63 -0.65
C ALA A 95 1.59 15.05 -0.36
N HIS A 96 2.04 15.16 0.90
CA HIS A 96 3.33 14.63 1.30
C HIS A 96 3.28 13.11 1.36
N ALA A 97 2.12 12.56 1.68
CA ALA A 97 1.96 11.12 1.81
C ALA A 97 2.14 10.41 0.47
N ILE A 98 1.36 10.80 -0.55
CA ILE A 98 1.47 10.15 -1.86
C ILE A 98 2.81 10.49 -2.51
N ASN A 99 3.33 11.70 -2.29
CA ASN A 99 4.61 12.08 -2.86
C ASN A 99 5.76 11.27 -2.25
N THR A 100 5.78 11.10 -0.93
CA THR A 100 6.87 10.40 -0.27
C THR A 100 6.83 8.91 -0.61
N LEU A 101 5.63 8.39 -0.86
CA LEU A 101 5.44 7.00 -1.21
C LEU A 101 5.90 6.73 -2.63
N GLY A 102 5.73 7.71 -3.53
CA GLY A 102 6.06 7.55 -4.93
C GLY A 102 7.57 7.43 -5.16
N GLU A 103 8.39 7.82 -4.18
CA GLU A 103 9.84 7.74 -4.32
C GLU A 103 10.34 6.32 -4.07
N VAL A 104 9.58 5.55 -3.29
CA VAL A 104 10.01 4.21 -2.88
C VAL A 104 9.10 3.12 -3.41
N ILE A 105 7.97 3.46 -4.04
CA ILE A 105 7.04 2.46 -4.55
C ILE A 105 7.71 1.56 -5.61
N GLN A 106 8.79 2.05 -6.24
CA GLN A 106 9.55 1.26 -7.18
C GLN A 106 10.16 0.04 -6.49
N GLU A 107 10.56 0.17 -5.22
CA GLU A 107 11.14 -0.93 -4.47
C GLU A 107 10.06 -1.95 -4.15
N LEU A 108 8.88 -1.46 -3.78
CA LEU A 108 7.80 -2.29 -3.29
C LEU A 108 7.18 -3.08 -4.44
N LEU A 109 7.00 -2.43 -5.60
CA LEU A 109 6.45 -3.09 -6.77
C LEU A 109 7.45 -4.12 -7.29
N SER A 110 8.63 -3.67 -7.74
CA SER A 110 9.63 -4.57 -8.31
C SER A 110 9.82 -5.82 -7.47
N ASP A 111 10.00 -5.65 -6.16
CA ASP A 111 10.27 -6.76 -5.28
C ASP A 111 9.04 -7.65 -5.13
N ALA A 112 7.85 -7.06 -5.11
CA ALA A 112 6.63 -7.83 -4.93
C ALA A 112 6.32 -8.63 -6.19
N ILE A 113 6.67 -8.11 -7.37
CA ILE A 113 6.46 -8.84 -8.61
C ILE A 113 7.41 -10.04 -8.64
N ALA A 114 8.64 -9.82 -8.18
CA ALA A 114 9.68 -10.83 -8.18
C ALA A 114 9.43 -11.89 -7.10
N LYS A 115 8.94 -11.50 -5.92
CA LYS A 115 8.78 -12.43 -4.82
C LYS A 115 7.42 -13.12 -4.79
N SER A 116 6.35 -12.43 -5.21
CA SER A 116 5.00 -12.94 -4.97
C SER A 116 4.48 -13.86 -6.07
N ASN A 117 3.46 -14.66 -5.73
CA ASN A 117 2.91 -15.69 -6.60
C ASN A 117 2.05 -15.09 -7.71
N GLN A 118 1.67 -15.92 -8.69
CA GLN A 118 0.96 -15.49 -9.89
C GLN A 118 -0.32 -14.71 -9.58
N ASP A 119 -1.05 -15.11 -8.53
CA ASP A 119 -2.27 -14.42 -8.16
C ASP A 119 -1.92 -13.03 -7.62
N HIS A 120 -0.89 -12.96 -6.78
CA HIS A 120 -0.42 -11.70 -6.23
C HIS A 120 0.22 -10.83 -7.31
N LYS A 121 0.93 -11.43 -8.28
CA LYS A 121 1.50 -10.69 -9.38
C LYS A 121 0.37 -9.97 -10.13
N GLU A 122 -0.76 -10.65 -10.31
CA GLU A 122 -1.91 -10.09 -11.00
C GLU A 122 -2.62 -9.06 -10.12
N LYS A 123 -2.66 -9.29 -8.80
CA LYS A 123 -3.27 -8.34 -7.89
C LYS A 123 -2.49 -7.04 -7.91
N ILE A 124 -1.16 -7.10 -8.02
CA ILE A 124 -0.35 -5.90 -8.17
C ILE A 124 -0.65 -5.22 -9.51
N ARG A 125 -0.85 -6.02 -10.57
CA ARG A 125 -1.09 -5.49 -11.90
C ARG A 125 -2.42 -4.74 -11.99
N MET A 126 -3.48 -5.29 -11.37
CA MET A 126 -4.75 -4.57 -11.36
C MET A 126 -4.61 -3.32 -10.49
N LEU A 127 -3.78 -3.38 -9.45
CA LEU A 127 -3.55 -2.22 -8.59
C LEU A 127 -2.90 -1.11 -9.40
N LEU A 128 -2.03 -1.44 -10.37
CA LEU A 128 -1.43 -0.42 -11.21
C LEU A 128 -2.47 0.20 -12.12
N ASP A 129 -3.42 -0.59 -12.63
CA ASP A 129 -4.50 -0.05 -13.42
C ASP A 129 -5.40 0.84 -12.55
N ILE A 130 -5.73 0.37 -11.36
CA ILE A 130 -6.59 1.09 -10.44
C ILE A 130 -5.96 2.42 -10.04
N TRP A 131 -4.62 2.44 -9.95
CA TRP A 131 -3.92 3.66 -9.61
C TRP A 131 -3.78 4.63 -10.79
N ASP A 132 -3.79 4.13 -12.02
CA ASP A 132 -3.75 5.01 -13.19
C ASP A 132 -5.12 5.63 -13.45
N ARG A 133 -6.20 4.94 -13.05
CA ARG A 133 -7.55 5.45 -13.18
C ARG A 133 -7.80 6.54 -12.14
N SER A 134 -7.34 6.32 -10.91
CA SER A 134 -7.44 7.30 -9.83
C SER A 134 -6.34 8.36 -9.95
N GLY A 135 -5.31 8.09 -10.76
CA GLY A 135 -4.25 9.04 -11.07
C GLY A 135 -3.23 9.18 -9.94
N LEU A 136 -3.65 9.76 -8.81
CA LEU A 136 -2.80 10.07 -7.66
C LEU A 136 -1.61 10.96 -8.02
N PHE A 137 -1.57 11.49 -9.25
CA PHE A 137 -0.55 12.42 -9.72
C PHE A 137 0.89 11.94 -9.54
N GLN A 138 1.09 10.63 -9.32
CA GLN A 138 2.43 10.05 -9.19
C GLN A 138 2.45 8.69 -9.89
N LYS A 139 3.61 8.36 -10.49
CA LYS A 139 3.80 7.11 -11.22
C LYS A 139 5.23 6.61 -11.05
N SER A 140 5.44 5.33 -11.36
CA SER A 140 6.73 4.69 -11.14
C SER A 140 6.97 3.56 -12.14
N TYR A 141 6.49 3.72 -13.39
CA TYR A 141 6.70 2.76 -14.46
C TYR A 141 8.15 2.75 -14.95
N LEU A 142 9.11 2.76 -14.02
CA LEU A 142 10.53 2.69 -14.33
C LEU A 142 10.87 1.30 -14.84
N ASN A 143 12.02 1.16 -15.51
CA ASN A 143 12.42 -0.12 -16.10
C ASN A 143 12.56 -1.21 -15.05
N ALA A 144 12.74 -0.84 -13.78
CA ALA A 144 12.85 -1.81 -12.70
C ALA A 144 11.55 -2.58 -12.54
N ILE A 145 10.42 -1.91 -12.77
CA ILE A 145 9.11 -2.57 -12.70
C ILE A 145 8.85 -3.37 -13.97
N ARG A 146 9.37 -2.88 -15.12
CA ARG A 146 9.14 -3.51 -16.41
C ARG A 146 9.96 -4.78 -16.59
N SER A 147 11.00 -4.96 -15.78
CA SER A 147 11.85 -6.15 -15.80
C SER A 147 11.10 -7.36 -15.25
N LYS A 148 10.02 -7.69 -15.95
CA LYS A 148 9.20 -8.88 -15.77
C LYS A 148 10.01 -10.16 -15.62
N CYS A 149 11.30 -10.14 -15.99
CA CYS A 149 12.12 -11.34 -15.98
C CYS A 149 12.19 -11.94 -14.58
N PHE A 150 12.09 -11.13 -13.53
CA PHE A 150 12.16 -11.64 -12.17
C PHE A 150 11.01 -12.60 -11.90
N ALA A 151 9.86 -12.36 -12.55
CA ALA A 151 8.70 -13.20 -12.42
C ALA A 151 8.85 -14.45 -13.29
N MET A 152 9.34 -14.28 -14.52
CA MET A 152 9.48 -15.37 -15.48
C MET A 152 10.48 -16.42 -14.99
N ASP A 153 11.47 -15.99 -14.20
CA ASP A 153 12.45 -16.87 -13.60
C ASP A 153 11.86 -17.64 -12.41
N LEU A 154 10.71 -17.21 -11.90
CA LEU A 154 10.11 -17.74 -10.68
C LEU A 154 8.64 -18.11 -10.86
N GLU A 155 8.31 -18.70 -12.01
CA GLU A 155 6.95 -19.14 -12.28
C GLU A 155 6.93 -20.28 -13.29
N HIS A 156 5.92 -21.15 -13.16
CA HIS A 156 5.74 -22.30 -14.03
C HIS A 156 5.14 -21.92 -15.38
N HIS A 157 4.58 -20.71 -15.48
CA HIS A 157 3.96 -20.23 -16.71
C HIS A 157 3.95 -18.70 -16.71
N HIS A 158 4.18 -18.10 -17.88
CA HIS A 158 4.27 -16.65 -18.01
C HIS A 158 2.89 -16.02 -18.11
N HIS A 159 2.78 -14.77 -17.67
CA HIS A 159 1.52 -14.03 -17.63
C HIS A 159 1.80 -12.53 -17.64
N ASP B 1 -6.22 -19.13 10.76
CA ASP B 1 -6.21 -17.66 10.93
C ASP B 1 -7.52 -17.07 10.43
N ASP B 2 -8.56 -17.14 11.26
CA ASP B 2 -9.88 -16.66 10.90
C ASP B 2 -9.88 -15.15 10.74
N ASP B 3 -10.27 -14.68 9.55
CA ASP B 3 -10.28 -13.25 9.22
C ASP B 3 -11.04 -13.07 7.90
N GLU B 4 -11.27 -11.82 7.49
CA GLU B 4 -11.86 -11.53 6.19
C GLU B 4 -10.86 -11.87 5.08
N ASP B 5 -9.60 -12.13 5.47
CA ASP B 5 -8.51 -12.52 4.60
C ASP B 5 -8.36 -11.58 3.39
N ASP B 6 -8.67 -12.08 2.18
CA ASP B 6 -8.45 -11.35 0.94
C ASP B 6 -9.29 -10.07 0.85
N TYR B 7 -8.99 -9.26 -0.17
CA TYR B 7 -9.64 -7.98 -0.42
C TYR B 7 -9.78 -7.79 -1.93
N THR B 8 -10.78 -7.01 -2.33
CA THR B 8 -11.05 -6.75 -3.74
C THR B 8 -11.38 -5.27 -3.91
N PRO B 9 -10.58 -4.55 -4.71
CA PRO B 9 -10.78 -3.14 -4.95
C PRO B 9 -11.95 -2.91 -5.91
N SER B 10 -12.36 -1.64 -6.04
CA SER B 10 -13.40 -1.22 -6.97
C SER B 10 -13.13 0.22 -7.37
N ILE B 11 -13.32 0.54 -8.66
CA ILE B 11 -13.02 1.85 -9.19
C ILE B 11 -13.67 2.03 -10.56
N SER B 12 -13.94 3.29 -10.93
CA SER B 12 -14.44 3.65 -12.24
C SER B 12 -13.45 3.21 -13.31
N MET A 1 5.96 3.84 23.00
CA MET A 1 7.10 4.54 23.61
C MET A 1 7.72 5.50 22.60
N GLN A 2 6.92 6.45 22.09
CA GLN A 2 7.36 7.43 21.12
C GLN A 2 6.75 8.79 21.48
N GLN A 3 6.84 9.76 20.56
CA GLN A 3 6.18 11.04 20.76
C GLN A 3 4.66 10.84 20.93
N ASP A 4 4.15 9.70 20.47
CA ASP A 4 2.78 9.28 20.67
C ASP A 4 2.70 7.76 20.58
N ASP A 5 1.84 7.15 21.40
CA ASP A 5 1.69 5.70 21.44
C ASP A 5 0.35 5.24 20.87
N ASP A 6 -0.30 6.11 20.11
CA ASP A 6 -1.54 5.77 19.42
C ASP A 6 -1.21 4.78 18.31
N PHE A 7 0.01 4.91 17.80
CA PHE A 7 0.57 4.14 16.71
C PHE A 7 0.49 2.65 17.00
N GLN A 8 0.56 2.27 18.28
CA GLN A 8 0.54 0.89 18.73
C GLN A 8 -0.61 0.10 18.11
N ASN A 9 -1.77 0.73 17.92
CA ASN A 9 -2.92 0.05 17.36
C ASN A 9 -2.72 -0.20 15.86
N PHE A 10 -2.06 0.77 15.19
CA PHE A 10 -1.76 0.68 13.78
C PHE A 10 -0.65 -0.36 13.58
N VAL A 11 0.31 -0.38 14.52
CA VAL A 11 1.42 -1.31 14.48
C VAL A 11 0.89 -2.72 14.71
N ALA A 12 0.11 -2.93 15.78
CA ALA A 12 -0.43 -4.24 16.12
C ALA A 12 -1.33 -4.78 15.01
N THR A 13 -2.01 -3.91 14.27
CA THR A 13 -2.83 -4.35 13.15
C THR A 13 -1.90 -4.89 12.06
N LEU A 14 -0.81 -4.17 11.79
CA LEU A 14 0.15 -4.57 10.77
C LEU A 14 0.91 -5.82 11.18
N GLU A 15 1.27 -5.91 12.47
CA GLU A 15 1.96 -7.04 13.03
C GLU A 15 1.09 -8.28 12.92
N SER A 16 -0.23 -8.08 13.04
CA SER A 16 -1.19 -9.16 12.88
C SER A 16 -1.14 -9.64 11.44
N PHE A 17 -0.89 -8.75 10.48
CA PHE A 17 -0.73 -9.15 9.09
C PHE A 17 0.56 -9.94 8.87
N LYS A 18 1.64 -9.61 9.60
CA LYS A 18 2.87 -10.38 9.51
C LYS A 18 2.61 -11.80 10.03
N ASP A 19 1.63 -11.91 10.92
CA ASP A 19 1.21 -13.20 11.47
C ASP A 19 0.30 -13.96 10.50
N LEU A 20 -0.36 -13.27 9.56
CA LEU A 20 -1.23 -13.96 8.62
C LEU A 20 -0.41 -14.74 7.59
N LYS A 21 -0.98 -15.85 7.13
CA LYS A 21 -0.40 -16.68 6.09
C LYS A 21 -0.81 -16.14 4.71
N SER A 22 -1.23 -14.87 4.68
CA SER A 22 -1.72 -14.21 3.48
C SER A 22 -1.37 -12.72 3.47
N GLY A 23 -1.33 -12.09 4.65
CA GLY A 23 -0.93 -10.69 4.79
C GLY A 23 -2.05 -9.69 4.46
N ILE A 24 -3.07 -10.13 3.71
CA ILE A 24 -4.23 -9.31 3.40
C ILE A 24 -5.29 -9.48 4.47
N SER A 25 -6.04 -8.42 4.78
CA SER A 25 -7.14 -8.52 5.74
C SER A 25 -8.02 -7.29 5.68
N GLY A 26 -9.03 -7.31 4.81
CA GLY A 26 -9.84 -6.14 4.50
C GLY A 26 -10.34 -5.36 5.72
N SER A 27 -11.05 -5.99 6.65
CA SER A 27 -11.61 -5.27 7.79
C SER A 27 -10.51 -4.67 8.67
N ARG A 28 -9.39 -5.37 8.84
CA ARG A 28 -8.29 -4.86 9.65
C ARG A 28 -7.55 -3.77 8.88
N ILE A 29 -7.39 -3.94 7.56
CA ILE A 29 -6.83 -2.90 6.72
C ILE A 29 -7.71 -1.65 6.86
N LYS A 30 -9.03 -1.86 6.86
CA LYS A 30 -9.99 -0.77 7.02
C LYS A 30 -9.94 -0.17 8.43
N LYS A 31 -9.48 -0.93 9.43
CA LYS A 31 -9.33 -0.39 10.78
C LYS A 31 -8.22 0.66 10.81
N LEU A 32 -7.02 0.33 10.29
CA LEU A 32 -5.94 1.31 10.28
C LEU A 32 -6.19 2.36 9.19
N THR A 33 -6.97 2.04 8.17
CA THR A 33 -7.30 3.00 7.11
C THR A 33 -8.26 4.05 7.66
N THR A 34 -9.21 3.61 8.50
CA THR A 34 -10.21 4.52 9.04
C THR A 34 -9.54 5.46 10.05
N TYR A 35 -8.65 4.95 10.89
CA TYR A 35 -7.98 5.82 11.84
C TYR A 35 -7.08 6.80 11.10
N ALA A 36 -6.55 6.39 9.94
CA ALA A 36 -5.76 7.27 9.11
C ALA A 36 -6.62 8.35 8.45
N LEU A 37 -7.91 8.06 8.21
CA LEU A 37 -8.81 9.03 7.59
C LEU A 37 -9.30 10.00 8.64
N ASP A 38 -9.58 9.48 9.83
CA ASP A 38 -9.95 10.25 10.98
C ASP A 38 -8.85 11.26 11.33
N HIS A 39 -7.60 10.92 11.04
CA HIS A 39 -6.46 11.78 11.30
C HIS A 39 -5.34 11.55 10.30
N ILE A 40 -5.22 12.47 9.33
CA ILE A 40 -4.11 12.47 8.38
C ILE A 40 -2.87 13.00 9.08
N ASP A 41 -3.02 13.55 10.29
CA ASP A 41 -1.94 14.13 11.07
C ASP A 41 -0.78 13.16 11.26
N ILE A 42 -1.08 11.85 11.20
CA ILE A 42 -0.09 10.81 11.37
C ILE A 42 0.26 10.14 10.04
N GLU A 43 -0.06 10.75 8.90
CA GLU A 43 0.28 10.18 7.60
C GLU A 43 1.77 9.83 7.52
N SER A 44 2.60 10.61 8.23
CA SER A 44 4.05 10.41 8.20
C SER A 44 4.45 9.03 8.75
N LYS A 45 3.90 8.62 9.90
CA LYS A 45 4.24 7.32 10.47
C LYS A 45 3.55 6.21 9.67
N ILE A 46 2.46 6.53 8.98
CA ILE A 46 1.71 5.57 8.21
C ILE A 46 2.47 5.20 6.94
N ILE A 47 2.96 6.21 6.21
CA ILE A 47 3.71 5.97 4.99
C ILE A 47 5.04 5.29 5.32
N SER A 48 5.67 5.70 6.43
CA SER A 48 6.92 5.08 6.85
C SER A 48 6.70 3.61 7.21
N LEU A 49 5.52 3.29 7.77
CA LEU A 49 5.25 1.93 8.22
C LEU A 49 4.96 0.98 7.06
N ILE A 50 4.31 1.45 5.99
CA ILE A 50 4.04 0.59 4.84
C ILE A 50 5.34 0.29 4.09
N ILE A 51 6.19 1.29 3.87
CA ILE A 51 7.43 1.05 3.13
C ILE A 51 8.35 0.10 3.89
N ASP A 52 8.42 0.25 5.22
CA ASP A 52 9.25 -0.61 6.04
C ASP A 52 8.75 -2.05 6.01
N TYR A 53 7.45 -2.26 6.29
CA TYR A 53 6.89 -3.60 6.31
C TYR A 53 6.96 -4.22 4.92
N SER A 54 6.59 -3.46 3.87
CA SER A 54 6.53 -4.00 2.52
C SER A 54 7.91 -4.41 1.99
N ARG A 55 8.98 -3.74 2.43
CA ARG A 55 10.29 -4.09 1.92
C ARG A 55 10.88 -5.29 2.65
N LEU A 56 10.62 -5.40 3.96
CA LEU A 56 11.15 -6.49 4.78
C LEU A 56 10.32 -7.77 4.65
N CYS A 57 8.99 -7.63 4.67
CA CYS A 57 8.07 -8.76 4.69
C CYS A 57 8.19 -9.65 3.44
N PRO A 58 7.71 -10.90 3.53
CA PRO A 58 7.73 -11.86 2.44
C PRO A 58 6.67 -11.51 1.41
N ASP A 59 6.71 -12.18 0.25
CA ASP A 59 5.92 -11.88 -0.92
C ASP A 59 4.43 -11.72 -0.64
N SER A 60 3.82 -12.64 0.11
CA SER A 60 2.39 -12.55 0.33
C SER A 60 2.07 -11.31 1.18
N HIS A 61 2.99 -10.94 2.07
CA HIS A 61 2.83 -9.76 2.90
C HIS A 61 3.11 -8.50 2.08
N LYS A 62 3.95 -8.62 1.03
CA LYS A 62 4.17 -7.50 0.13
C LYS A 62 2.88 -7.20 -0.62
N LEU A 63 2.15 -8.25 -1.03
CA LEU A 63 0.87 -8.09 -1.69
C LEU A 63 -0.09 -7.42 -0.71
N GLY A 64 -0.05 -7.83 0.56
CA GLY A 64 -0.91 -7.30 1.60
C GLY A 64 -0.60 -5.85 1.92
N SER A 65 0.67 -5.44 1.80
CA SER A 65 1.03 -4.05 2.06
C SER A 65 0.57 -3.16 0.91
N LEU A 66 0.57 -3.69 -0.32
CA LEU A 66 0.06 -2.95 -1.47
C LEU A 66 -1.46 -2.86 -1.38
N TYR A 67 -2.10 -3.81 -0.68
CA TYR A 67 -3.53 -3.76 -0.44
C TYR A 67 -3.85 -2.67 0.58
N ILE A 68 -2.99 -2.49 1.59
CA ILE A 68 -3.16 -1.41 2.54
C ILE A 68 -2.97 -0.08 1.82
N ILE A 69 -1.88 0.04 1.06
CA ILE A 69 -1.61 1.22 0.25
C ILE A 69 -2.77 1.53 -0.69
N ASP A 70 -3.47 0.53 -1.21
CA ASP A 70 -4.63 0.81 -2.04
C ASP A 70 -5.76 1.42 -1.21
N SER A 71 -6.00 0.84 -0.03
CA SER A 71 -7.09 1.27 0.83
C SER A 71 -6.82 2.65 1.39
N ILE A 72 -5.69 2.84 2.07
CA ILE A 72 -5.35 4.11 2.69
C ILE A 72 -4.91 5.12 1.65
N GLY A 73 -4.30 4.64 0.55
CA GLY A 73 -3.74 5.51 -0.46
C GLY A 73 -4.84 6.23 -1.23
N ARG A 74 -5.80 5.49 -1.78
CA ARG A 74 -6.90 6.11 -2.51
C ARG A 74 -7.80 6.85 -1.54
N ALA A 75 -8.02 6.31 -0.35
CA ALA A 75 -8.87 6.98 0.62
C ALA A 75 -8.30 8.35 0.96
N TYR A 76 -6.97 8.47 1.05
CA TYR A 76 -6.34 9.74 1.35
C TYR A 76 -6.52 10.73 0.20
N LEU A 77 -6.14 10.35 -1.01
CA LEU A 77 -6.20 11.31 -2.09
C LEU A 77 -7.66 11.63 -2.39
N ASP A 78 -8.54 10.62 -2.42
CA ASP A 78 -9.95 10.84 -2.68
C ASP A 78 -10.62 11.74 -1.62
N GLU A 79 -10.44 11.46 -0.33
CA GLU A 79 -11.09 12.28 0.69
C GLU A 79 -10.56 13.71 0.70
N THR A 80 -9.23 13.86 0.60
CA THR A 80 -8.65 15.20 0.57
C THR A 80 -9.11 15.92 -0.70
N ARG A 81 -9.25 15.19 -1.81
CA ARG A 81 -9.69 15.75 -3.08
C ARG A 81 -11.15 16.17 -3.03
N SER A 82 -12.02 15.35 -2.44
CA SER A 82 -13.45 15.62 -2.40
C SER A 82 -13.87 16.56 -1.28
N ASN A 83 -13.21 16.47 -0.11
CA ASN A 83 -13.75 17.14 1.08
C ASN A 83 -12.75 17.99 1.86
N SER A 84 -11.45 17.95 1.55
CA SER A 84 -10.49 18.77 2.28
C SER A 84 -9.18 18.94 1.50
N ASN A 85 -9.18 19.81 0.50
CA ASN A 85 -7.97 20.08 -0.27
C ASN A 85 -6.93 20.73 0.63
N SER A 86 -5.66 20.31 0.53
CA SER A 86 -4.60 20.86 1.36
C SER A 86 -4.06 22.17 0.78
N SER A 87 -4.34 22.43 -0.50
CA SER A 87 -3.86 23.59 -1.25
C SER A 87 -2.34 23.70 -1.32
N SER A 88 -1.61 22.83 -0.62
CA SER A 88 -0.15 22.83 -0.61
C SER A 88 0.38 21.51 -0.08
N ASN A 89 1.65 21.22 -0.35
CA ASN A 89 2.31 20.03 0.18
C ASN A 89 2.80 20.30 1.60
N LYS A 90 2.21 19.60 2.57
CA LYS A 90 2.58 19.72 3.98
C LYS A 90 2.32 18.37 4.66
N PRO A 91 3.19 17.94 5.59
CA PRO A 91 2.97 16.75 6.38
C PRO A 91 1.60 16.82 7.04
N GLY A 92 0.94 15.67 7.17
CA GLY A 92 -0.39 15.63 7.75
C GLY A 92 -1.49 15.73 6.71
N THR A 93 -1.19 15.43 5.43
CA THR A 93 -2.17 15.41 4.36
C THR A 93 -1.74 14.42 3.28
N CYS A 94 -2.69 14.12 2.37
CA CYS A 94 -2.44 13.27 1.23
C CYS A 94 -1.33 13.86 0.37
N ALA A 95 -1.15 15.19 0.45
CA ALA A 95 -0.22 15.87 -0.42
C ALA A 95 1.19 15.36 -0.16
N HIS A 96 1.65 15.48 1.09
CA HIS A 96 2.97 15.05 1.45
C HIS A 96 3.04 13.52 1.54
N ALA A 97 1.92 12.89 1.87
CA ALA A 97 1.86 11.44 2.00
C ALA A 97 2.04 10.74 0.66
N ILE A 98 1.22 11.10 -0.34
CA ILE A 98 1.32 10.48 -1.66
C ILE A 98 2.60 10.91 -2.35
N ASN A 99 3.08 12.14 -2.10
CA ASN A 99 4.33 12.57 -2.68
C ASN A 99 5.52 11.83 -2.08
N THR A 100 5.49 11.55 -0.79
CA THR A 100 6.57 10.83 -0.14
C THR A 100 6.56 9.36 -0.54
N LEU A 101 5.36 8.79 -0.69
CA LEU A 101 5.23 7.39 -1.09
C LEU A 101 5.53 7.21 -2.57
N GLY A 102 5.22 8.22 -3.40
CA GLY A 102 5.38 8.12 -4.83
C GLY A 102 6.84 7.93 -5.24
N GLU A 103 7.79 8.28 -4.37
CA GLU A 103 9.20 8.10 -4.65
C GLU A 103 9.68 6.71 -4.25
N VAL A 104 9.07 6.16 -3.19
CA VAL A 104 9.47 4.88 -2.64
C VAL A 104 8.63 3.71 -3.16
N ILE A 105 7.43 3.98 -3.70
CA ILE A 105 6.53 2.94 -4.17
C ILE A 105 7.19 2.04 -5.23
N GLN A 106 8.19 2.56 -5.95
CA GLN A 106 8.89 1.77 -6.95
C GLN A 106 9.70 0.66 -6.27
N GLU A 107 10.10 0.84 -5.00
CA GLU A 107 10.80 -0.19 -4.26
C GLU A 107 9.83 -1.28 -3.84
N LEU A 108 8.62 -0.88 -3.41
CA LEU A 108 7.62 -1.83 -2.95
C LEU A 108 7.09 -2.63 -4.13
N LEU A 109 6.87 -1.97 -5.27
CA LEU A 109 6.39 -2.65 -6.46
C LEU A 109 7.47 -3.58 -7.00
N SER A 110 8.63 -3.05 -7.39
CA SER A 110 9.72 -3.85 -7.96
C SER A 110 9.95 -5.13 -7.18
N ASP A 111 10.11 -5.01 -5.87
CA ASP A 111 10.38 -6.14 -5.00
C ASP A 111 9.22 -7.12 -5.02
N ALA A 112 7.99 -6.60 -4.99
CA ALA A 112 6.82 -7.46 -4.97
C ALA A 112 6.60 -8.12 -6.33
N ILE A 113 6.89 -7.45 -7.44
CA ILE A 113 6.63 -8.05 -8.75
C ILE A 113 7.58 -9.20 -8.97
N ALA A 114 8.84 -9.06 -8.53
CA ALA A 114 9.82 -10.11 -8.70
C ALA A 114 9.58 -11.25 -7.70
N LYS A 115 9.33 -10.92 -6.44
CA LYS A 115 9.24 -11.94 -5.39
C LYS A 115 7.87 -12.61 -5.32
N SER A 116 6.80 -11.92 -5.66
CA SER A 116 5.45 -12.45 -5.47
C SER A 116 5.09 -13.49 -6.53
N ASN A 117 4.14 -14.38 -6.20
CA ASN A 117 3.70 -15.44 -7.08
C ASN A 117 2.85 -14.89 -8.23
N GLN A 118 2.62 -15.68 -9.28
CA GLN A 118 1.96 -15.21 -10.49
C GLN A 118 0.61 -14.54 -10.21
N ASP A 119 -0.15 -15.07 -9.25
CA ASP A 119 -1.44 -14.51 -8.89
C ASP A 119 -1.25 -13.19 -8.15
N HIS A 120 -0.22 -13.14 -7.30
CA HIS A 120 0.13 -11.93 -6.58
C HIS A 120 0.60 -10.85 -7.56
N LYS A 121 1.38 -11.23 -8.58
CA LYS A 121 1.85 -10.28 -9.58
C LYS A 121 0.64 -9.64 -10.25
N GLU A 122 -0.37 -10.45 -10.57
CA GLU A 122 -1.55 -9.97 -11.26
C GLU A 122 -2.44 -9.15 -10.35
N LYS A 123 -2.56 -9.53 -9.07
CA LYS A 123 -3.36 -8.76 -8.13
C LYS A 123 -2.77 -7.36 -7.99
N ILE A 124 -1.43 -7.24 -8.04
CA ILE A 124 -0.77 -5.95 -7.97
C ILE A 124 -1.04 -5.16 -9.25
N ARG A 125 -1.10 -5.86 -10.39
CA ARG A 125 -1.32 -5.19 -11.67
C ARG A 125 -2.73 -4.60 -11.77
N MET A 126 -3.73 -5.27 -11.20
CA MET A 126 -5.06 -4.69 -11.17
C MET A 126 -5.09 -3.53 -10.17
N LEU A 127 -4.25 -3.58 -9.13
CA LEU A 127 -4.12 -2.46 -8.21
C LEU A 127 -3.51 -1.26 -8.94
N LEU A 128 -2.64 -1.48 -9.94
CA LEU A 128 -2.11 -0.37 -10.71
C LEU A 128 -3.21 0.23 -11.59
N ASP A 129 -4.08 -0.60 -12.16
CA ASP A 129 -5.21 -0.09 -12.93
C ASP A 129 -6.09 0.76 -12.02
N ILE A 130 -6.33 0.27 -10.80
CA ILE A 130 -7.16 0.98 -9.84
C ILE A 130 -6.54 2.32 -9.48
N TRP A 131 -5.22 2.36 -9.35
CA TRP A 131 -4.55 3.60 -8.99
C TRP A 131 -4.48 4.58 -10.16
N ASP A 132 -4.37 4.10 -11.39
CA ASP A 132 -4.35 4.98 -12.55
C ASP A 132 -5.73 5.60 -12.79
N ARG A 133 -6.79 4.90 -12.37
CA ARG A 133 -8.15 5.40 -12.47
C ARG A 133 -8.38 6.50 -11.44
N SER A 134 -7.89 6.29 -10.22
CA SER A 134 -8.02 7.27 -9.16
C SER A 134 -7.01 8.41 -9.32
N GLY A 135 -5.95 8.20 -10.11
CA GLY A 135 -4.99 9.24 -10.45
C GLY A 135 -3.80 9.34 -9.50
N LEU A 136 -3.59 8.33 -8.64
CA LEU A 136 -2.46 8.34 -7.72
C LEU A 136 -1.16 8.09 -8.48
N PHE A 137 -0.03 8.56 -7.94
CA PHE A 137 1.27 8.33 -8.54
C PHE A 137 1.74 6.91 -8.23
N GLN A 138 2.51 6.29 -9.13
CA GLN A 138 2.97 4.93 -8.94
C GLN A 138 4.31 4.61 -9.60
N LYS A 139 4.90 5.55 -10.35
CA LYS A 139 6.14 5.30 -11.09
C LYS A 139 6.04 4.01 -11.93
N SER A 140 4.83 3.66 -12.37
CA SER A 140 4.54 2.43 -13.11
C SER A 140 5.14 2.44 -14.53
N TYR A 141 6.22 3.19 -14.74
CA TYR A 141 6.90 3.27 -16.02
C TYR A 141 8.42 3.23 -15.84
N LEU A 142 8.88 3.08 -14.59
CA LEU A 142 10.31 2.95 -14.30
C LEU A 142 10.73 1.50 -14.56
N ASN A 143 11.98 1.31 -14.99
CA ASN A 143 12.52 0.00 -15.30
C ASN A 143 12.58 -0.90 -14.05
N ALA A 144 12.44 -0.31 -12.86
CA ALA A 144 12.44 -1.07 -11.62
C ALA A 144 11.14 -1.85 -11.48
N ILE A 145 10.02 -1.32 -11.99
CA ILE A 145 8.73 -1.98 -11.87
C ILE A 145 8.69 -3.23 -12.75
N ARG A 146 9.35 -3.17 -13.91
CA ARG A 146 9.47 -4.31 -14.80
C ARG A 146 10.45 -5.32 -14.20
N SER A 147 11.46 -4.83 -13.47
CA SER A 147 12.44 -5.69 -12.83
C SER A 147 12.93 -6.77 -13.80
N LYS A 148 13.38 -6.30 -14.97
CA LYS A 148 13.80 -7.13 -16.08
C LYS A 148 14.79 -8.24 -15.68
N CYS A 149 15.44 -8.12 -14.52
CA CYS A 149 16.35 -9.15 -14.07
C CYS A 149 15.60 -10.46 -13.85
N PHE A 150 14.35 -10.38 -13.39
CA PHE A 150 13.53 -11.56 -13.15
C PHE A 150 13.16 -12.22 -14.48
N ALA A 151 13.08 -11.43 -15.56
CA ALA A 151 12.79 -11.95 -16.88
C ALA A 151 14.03 -12.61 -17.47
N MET A 152 15.23 -12.17 -17.06
CA MET A 152 16.47 -12.81 -17.48
C MET A 152 16.68 -14.11 -16.73
N ASP A 153 16.12 -14.22 -15.52
CA ASP A 153 16.16 -15.46 -14.76
C ASP A 153 15.21 -16.49 -15.36
N LEU A 154 14.01 -16.04 -15.73
CA LEU A 154 13.00 -16.88 -16.37
C LEU A 154 12.24 -16.08 -17.42
N GLU A 155 12.28 -16.55 -18.68
CA GLU A 155 11.56 -15.90 -19.77
C GLU A 155 10.06 -16.18 -19.68
N HIS A 156 9.64 -16.90 -18.65
CA HIS A 156 8.26 -17.33 -18.45
C HIS A 156 7.36 -16.21 -17.95
N HIS A 157 7.83 -14.95 -17.99
CA HIS A 157 7.10 -13.82 -17.44
C HIS A 157 7.13 -12.61 -18.36
N HIS A 158 6.05 -11.83 -18.33
CA HIS A 158 5.91 -10.60 -19.10
C HIS A 158 4.91 -9.66 -18.44
N HIS A 159 4.42 -10.05 -17.27
CA HIS A 159 3.36 -9.36 -16.54
C HIS A 159 3.84 -7.99 -16.05
N ASP B 1 -7.29 -16.66 13.08
CA ASP B 1 -6.76 -15.64 12.16
C ASP B 1 -7.91 -14.82 11.56
N ASP B 2 -7.56 -13.86 10.69
CA ASP B 2 -8.54 -12.97 10.07
C ASP B 2 -9.45 -13.69 9.08
N ASP B 3 -10.42 -12.96 8.53
CA ASP B 3 -11.51 -13.52 7.74
C ASP B 3 -11.80 -12.69 6.48
N GLU B 4 -10.84 -11.91 5.98
CA GLU B 4 -11.07 -11.05 4.83
C GLU B 4 -9.78 -10.88 4.02
N ASP B 5 -9.10 -12.00 3.74
CA ASP B 5 -7.81 -12.01 3.06
C ASP B 5 -7.87 -11.56 1.59
N ASP B 6 -8.99 -10.97 1.15
CA ASP B 6 -9.08 -10.38 -0.18
C ASP B 6 -10.17 -9.32 -0.22
N TYR B 7 -9.90 -8.15 0.39
CA TYR B 7 -10.84 -7.04 0.34
C TYR B 7 -11.08 -6.65 -1.12
N THR B 8 -12.34 -6.50 -1.51
CA THR B 8 -12.68 -6.12 -2.87
C THR B 8 -12.57 -4.60 -3.00
N PRO B 9 -11.65 -4.09 -3.82
CA PRO B 9 -11.45 -2.67 -4.00
C PRO B 9 -12.57 -2.07 -4.84
N SER B 10 -13.28 -1.09 -4.28
CA SER B 10 -14.27 -0.33 -5.02
C SER B 10 -13.55 0.71 -5.87
N ILE B 11 -13.81 0.72 -7.19
CA ILE B 11 -13.11 1.61 -8.10
C ILE B 11 -13.96 1.98 -9.32
N SER B 12 -13.99 3.27 -9.63
CA SER B 12 -14.67 3.79 -10.81
C SER B 12 -13.93 3.32 -12.07
N MET A 1 -3.01 6.50 27.21
CA MET A 1 -4.03 5.69 26.52
C MET A 1 -5.42 6.30 26.68
N GLN A 2 -5.59 7.59 26.35
CA GLN A 2 -6.87 8.26 26.49
C GLN A 2 -7.04 9.38 25.46
N GLN A 3 -5.92 9.85 24.88
CA GLN A 3 -5.90 10.82 23.79
C GLN A 3 -4.56 10.68 23.08
N ASP A 4 -3.94 9.51 23.28
CA ASP A 4 -2.57 9.21 22.93
C ASP A 4 -2.44 7.69 22.83
N ASP A 5 -1.22 7.20 22.52
CA ASP A 5 -0.93 5.79 22.38
C ASP A 5 -1.82 5.08 21.37
N ASP A 6 -2.42 5.86 20.48
CA ASP A 6 -3.33 5.35 19.45
C ASP A 6 -2.53 4.61 18.37
N PHE A 7 -1.28 5.03 18.18
CA PHE A 7 -0.39 4.43 17.21
C PHE A 7 -0.30 2.92 17.45
N GLN A 8 -0.30 2.50 18.72
CA GLN A 8 -0.16 1.11 19.10
C GLN A 8 -1.23 0.22 18.45
N ASN A 9 -2.44 0.77 18.22
CA ASN A 9 -3.49 0.01 17.56
C ASN A 9 -3.16 -0.17 16.09
N PHE A 10 -2.51 0.84 15.49
CA PHE A 10 -2.06 0.79 14.12
C PHE A 10 -0.91 -0.22 14.00
N VAL A 11 -0.03 -0.25 15.00
CA VAL A 11 1.08 -1.18 15.03
C VAL A 11 0.54 -2.60 15.11
N ALA A 12 -0.29 -2.87 16.12
CA ALA A 12 -0.87 -4.19 16.34
C ALA A 12 -1.71 -4.65 15.15
N THR A 13 -2.29 -3.73 14.39
CA THR A 13 -3.05 -4.11 13.21
C THR A 13 -2.08 -4.51 12.09
N LEU A 14 -0.97 -3.77 11.97
CA LEU A 14 0.02 -4.08 10.96
C LEU A 14 0.66 -5.43 11.27
N GLU A 15 0.99 -5.62 12.54
CA GLU A 15 1.56 -6.85 13.06
C GLU A 15 0.56 -7.99 12.87
N SER A 16 -0.72 -7.67 12.89
CA SER A 16 -1.76 -8.67 12.68
C SER A 16 -1.74 -9.13 11.22
N PHE A 17 -1.30 -8.29 10.28
CA PHE A 17 -1.09 -8.76 8.92
C PHE A 17 0.12 -9.67 8.83
N LYS A 18 1.19 -9.36 9.59
CA LYS A 18 2.37 -10.19 9.62
C LYS A 18 2.04 -11.57 10.17
N ASP A 19 0.97 -11.66 10.95
CA ASP A 19 0.48 -12.92 11.49
C ASP A 19 -0.28 -13.75 10.44
N LEU A 20 -0.70 -13.14 9.33
CA LEU A 20 -1.54 -13.83 8.36
C LEU A 20 -0.71 -14.63 7.35
N LYS A 21 -1.33 -15.59 6.67
CA LYS A 21 -0.64 -16.36 5.64
C LYS A 21 -0.66 -15.56 4.34
N SER A 22 -1.77 -14.85 4.09
CA SER A 22 -1.98 -14.04 2.90
C SER A 22 -1.49 -12.61 3.11
N GLY A 23 -1.46 -12.17 4.37
CA GLY A 23 -1.08 -10.81 4.73
C GLY A 23 -2.21 -9.81 4.45
N ILE A 24 -3.27 -10.24 3.76
CA ILE A 24 -4.43 -9.41 3.46
C ILE A 24 -5.55 -9.64 4.48
N SER A 25 -6.33 -8.58 4.75
CA SER A 25 -7.48 -8.66 5.64
C SER A 25 -8.31 -7.39 5.48
N GLY A 26 -9.39 -7.46 4.72
CA GLY A 26 -10.18 -6.27 4.43
C GLY A 26 -10.60 -5.54 5.70
N SER A 27 -11.11 -6.26 6.71
CA SER A 27 -11.59 -5.63 7.91
C SER A 27 -10.45 -4.93 8.67
N ARG A 28 -9.30 -5.57 8.78
CA ARG A 28 -8.17 -4.99 9.51
C ARG A 28 -7.54 -3.87 8.71
N ILE A 29 -7.44 -4.05 7.39
CA ILE A 29 -6.96 -3.00 6.52
C ILE A 29 -7.87 -1.78 6.66
N LYS A 30 -9.19 -2.00 6.65
CA LYS A 30 -10.16 -0.91 6.77
C LYS A 30 -10.13 -0.30 8.17
N LYS A 31 -9.70 -1.06 9.19
CA LYS A 31 -9.61 -0.52 10.55
C LYS A 31 -8.54 0.57 10.60
N LEU A 32 -7.30 0.25 10.21
CA LEU A 32 -6.26 1.27 10.27
C LEU A 32 -6.40 2.28 9.14
N THR A 33 -7.15 1.95 8.08
CA THR A 33 -7.42 2.88 7.00
C THR A 33 -8.38 3.96 7.48
N THR A 34 -9.41 3.55 8.23
CA THR A 34 -10.40 4.47 8.72
C THR A 34 -9.81 5.39 9.78
N TYR A 35 -8.93 4.85 10.63
CA TYR A 35 -8.24 5.66 11.62
C TYR A 35 -7.36 6.69 10.91
N ALA A 36 -6.70 6.30 9.82
CA ALA A 36 -5.84 7.19 9.07
C ALA A 36 -6.65 8.24 8.32
N LEU A 37 -7.86 7.88 7.90
CA LEU A 37 -8.74 8.80 7.17
C LEU A 37 -9.28 9.87 8.10
N ASP A 38 -9.62 9.48 9.33
CA ASP A 38 -10.10 10.41 10.34
C ASP A 38 -8.99 11.39 10.74
N HIS A 39 -7.72 11.00 10.54
CA HIS A 39 -6.58 11.80 10.95
C HIS A 39 -5.38 11.60 10.04
N ILE A 40 -5.19 12.53 9.09
CA ILE A 40 -4.05 12.53 8.20
C ILE A 40 -2.80 13.04 8.93
N ASP A 41 -2.98 13.60 10.14
CA ASP A 41 -1.88 14.16 10.91
C ASP A 41 -0.79 13.12 11.17
N ILE A 42 -1.15 11.84 11.14
CA ILE A 42 -0.21 10.74 11.33
C ILE A 42 0.19 10.09 10.01
N GLU A 43 -0.07 10.72 8.87
CA GLU A 43 0.30 10.14 7.58
C GLU A 43 1.78 9.74 7.57
N SER A 44 2.62 10.46 8.34
CA SER A 44 4.04 10.19 8.39
C SER A 44 4.35 8.79 8.93
N LYS A 45 3.80 8.42 10.09
CA LYS A 45 4.05 7.09 10.65
C LYS A 45 3.39 6.04 9.78
N ILE A 46 2.33 6.42 9.07
CA ILE A 46 1.55 5.50 8.27
C ILE A 46 2.33 5.12 7.01
N ILE A 47 2.91 6.11 6.33
CA ILE A 47 3.71 5.86 5.14
C ILE A 47 4.95 5.04 5.53
N SER A 48 5.50 5.29 6.72
CA SER A 48 6.65 4.51 7.16
C SER A 48 6.27 3.04 7.31
N LEU A 49 5.14 2.76 7.97
CA LEU A 49 4.76 1.39 8.25
C LEU A 49 4.43 0.61 6.98
N ILE A 50 3.92 1.25 5.92
CA ILE A 50 3.67 0.50 4.69
C ILE A 50 4.99 0.16 4.01
N ILE A 51 5.94 1.10 3.94
CA ILE A 51 7.22 0.78 3.30
C ILE A 51 7.99 -0.24 4.14
N ASP A 52 8.01 -0.06 5.47
CA ASP A 52 8.73 -0.96 6.35
C ASP A 52 8.14 -2.37 6.28
N TYR A 53 6.81 -2.48 6.16
CA TYR A 53 6.16 -3.78 6.02
C TYR A 53 6.41 -4.36 4.62
N SER A 54 6.60 -3.49 3.63
CA SER A 54 6.86 -3.92 2.26
C SER A 54 8.29 -4.42 2.09
N ARG A 55 9.22 -4.02 2.97
CA ARG A 55 10.60 -4.45 2.86
C ARG A 55 10.90 -5.68 3.70
N LEU A 56 10.58 -5.63 4.99
CA LEU A 56 11.00 -6.65 5.95
C LEU A 56 10.22 -7.96 5.79
N CYS A 57 8.89 -7.84 5.68
CA CYS A 57 8.01 -8.99 5.60
C CYS A 57 8.10 -9.69 4.24
N PRO A 58 7.71 -10.96 4.16
CA PRO A 58 7.92 -11.85 3.02
C PRO A 58 6.95 -11.56 1.89
N ASP A 59 7.14 -12.25 0.77
CA ASP A 59 6.44 -12.02 -0.50
C ASP A 59 4.93 -11.87 -0.33
N SER A 60 4.31 -12.77 0.42
CA SER A 60 2.88 -12.78 0.61
C SER A 60 2.43 -11.54 1.39
N HIS A 61 3.26 -11.11 2.35
CA HIS A 61 2.96 -9.92 3.12
C HIS A 61 3.24 -8.66 2.29
N LYS A 62 4.10 -8.77 1.27
CA LYS A 62 4.29 -7.65 0.35
C LYS A 62 3.02 -7.46 -0.48
N LEU A 63 2.32 -8.55 -0.82
CA LEU A 63 1.04 -8.44 -1.52
C LEU A 63 0.05 -7.74 -0.58
N GLY A 64 0.04 -8.16 0.69
CA GLY A 64 -0.84 -7.60 1.69
C GLY A 64 -0.50 -6.15 1.98
N SER A 65 0.77 -5.76 1.82
CA SER A 65 1.18 -4.39 2.02
C SER A 65 0.62 -3.50 0.91
N LEU A 66 0.71 -3.98 -0.33
CA LEU A 66 0.18 -3.24 -1.46
C LEU A 66 -1.34 -3.14 -1.36
N TYR A 67 -1.97 -4.09 -0.65
CA TYR A 67 -3.39 -4.04 -0.38
C TYR A 67 -3.72 -2.95 0.65
N ILE A 68 -2.85 -2.77 1.65
CA ILE A 68 -3.05 -1.70 2.62
C ILE A 68 -2.81 -0.36 1.93
N ILE A 69 -1.72 -0.27 1.18
CA ILE A 69 -1.38 0.92 0.41
C ILE A 69 -2.49 1.27 -0.57
N ASP A 70 -3.18 0.27 -1.12
CA ASP A 70 -4.28 0.53 -2.02
C ASP A 70 -5.46 1.15 -1.28
N SER A 71 -5.77 0.61 -0.10
CA SER A 71 -6.91 1.07 0.68
C SER A 71 -6.65 2.47 1.24
N ILE A 72 -5.55 2.64 1.97
CA ILE A 72 -5.25 3.92 2.61
C ILE A 72 -4.76 4.92 1.56
N GLY A 73 -4.07 4.43 0.52
CA GLY A 73 -3.49 5.29 -0.49
C GLY A 73 -4.56 6.01 -1.28
N ARG A 74 -5.48 5.24 -1.88
CA ARG A 74 -6.53 5.84 -2.67
C ARG A 74 -7.46 6.66 -1.78
N ALA A 75 -7.79 6.15 -0.59
CA ALA A 75 -8.70 6.87 0.28
C ALA A 75 -8.11 8.20 0.72
N TYR A 76 -6.77 8.29 0.84
CA TYR A 76 -6.13 9.54 1.21
C TYR A 76 -6.24 10.56 0.09
N LEU A 77 -5.95 10.16 -1.16
CA LEU A 77 -6.05 11.14 -2.22
C LEU A 77 -7.52 11.45 -2.49
N ASP A 78 -8.39 10.45 -2.43
CA ASP A 78 -9.82 10.64 -2.65
C ASP A 78 -10.45 11.58 -1.62
N GLU A 79 -10.19 11.41 -0.32
CA GLU A 79 -10.78 12.29 0.67
C GLU A 79 -10.22 13.70 0.55
N THR A 80 -8.91 13.86 0.41
CA THR A 80 -8.33 15.19 0.27
C THR A 80 -8.80 15.86 -1.02
N ARG A 81 -9.06 15.07 -2.07
CA ARG A 81 -9.60 15.59 -3.31
C ARG A 81 -11.08 15.99 -3.17
N SER A 82 -11.80 15.31 -2.28
CA SER A 82 -13.24 15.51 -2.13
C SER A 82 -13.60 16.53 -1.07
N ASN A 83 -12.72 16.76 -0.08
CA ASN A 83 -13.02 17.59 1.07
C ASN A 83 -11.89 18.53 1.46
N SER A 84 -10.95 18.81 0.55
CA SER A 84 -9.88 19.75 0.84
C SER A 84 -9.40 20.46 -0.42
N ASN A 85 -8.86 21.68 -0.26
CA ASN A 85 -8.27 22.43 -1.34
C ASN A 85 -6.82 22.01 -1.52
N SER A 86 -6.20 22.42 -2.64
CA SER A 86 -4.80 22.13 -2.91
C SER A 86 -3.91 22.91 -1.94
N SER A 87 -2.72 22.37 -1.66
CA SER A 87 -1.77 22.98 -0.75
C SER A 87 -0.34 22.52 -1.06
N SER A 88 0.65 23.18 -0.47
CA SER A 88 2.05 22.83 -0.66
C SER A 88 2.36 21.51 0.03
N ASN A 89 3.49 20.88 -0.34
CA ASN A 89 3.90 19.63 0.25
C ASN A 89 4.25 19.83 1.72
N LYS A 90 3.36 19.39 2.61
CA LYS A 90 3.56 19.47 4.05
C LYS A 90 3.02 18.18 4.69
N PRO A 91 3.72 17.65 5.71
CA PRO A 91 3.26 16.47 6.44
C PRO A 91 1.85 16.68 6.98
N GLY A 92 1.13 15.58 7.17
CA GLY A 92 -0.23 15.64 7.71
C GLY A 92 -1.29 15.76 6.62
N THR A 93 -0.96 15.46 5.36
CA THR A 93 -1.90 15.50 4.26
C THR A 93 -1.47 14.54 3.16
N CYS A 94 -2.38 14.31 2.22
CA CYS A 94 -2.13 13.49 1.04
C CYS A 94 -0.96 14.06 0.24
N ALA A 95 -0.70 15.36 0.39
CA ALA A 95 0.33 16.01 -0.39
C ALA A 95 1.68 15.37 -0.10
N HIS A 96 2.11 15.41 1.16
CA HIS A 96 3.38 14.84 1.55
C HIS A 96 3.32 13.31 1.55
N ALA A 97 2.15 12.75 1.89
CA ALA A 97 1.98 11.31 1.97
C ALA A 97 2.12 10.65 0.60
N ILE A 98 1.37 11.11 -0.40
CA ILE A 98 1.44 10.51 -1.73
C ILE A 98 2.78 10.84 -2.38
N ASN A 99 3.33 12.02 -2.13
CA ASN A 99 4.61 12.40 -2.72
C ASN A 99 5.75 11.56 -2.15
N THR A 100 5.77 11.34 -0.83
CA THR A 100 6.85 10.59 -0.21
C THR A 100 6.80 9.13 -0.63
N LEU A 101 5.59 8.57 -0.75
CA LEU A 101 5.40 7.20 -1.15
C LEU A 101 5.65 7.01 -2.64
N GLY A 102 5.24 7.99 -3.46
CA GLY A 102 5.33 7.88 -4.90
C GLY A 102 6.76 7.81 -5.40
N GLU A 103 7.73 8.30 -4.62
CA GLU A 103 9.13 8.23 -5.00
C GLU A 103 9.67 6.81 -4.90
N VAL A 104 9.34 6.15 -3.79
CA VAL A 104 9.88 4.83 -3.47
C VAL A 104 8.97 3.70 -3.98
N ILE A 105 7.83 4.02 -4.59
CA ILE A 105 6.90 3.00 -5.02
C ILE A 105 7.48 2.15 -6.14
N GLN A 106 8.45 2.69 -6.89
CA GLN A 106 9.05 1.97 -7.99
C GLN A 106 9.95 0.86 -7.45
N GLU A 107 10.63 1.08 -6.31
CA GLU A 107 11.45 0.04 -5.71
C GLU A 107 10.58 -1.03 -5.07
N LEU A 108 9.47 -0.62 -4.45
CA LEU A 108 8.60 -1.55 -3.76
C LEU A 108 7.83 -2.42 -4.75
N LEU A 109 7.33 -1.84 -5.85
CA LEU A 109 6.61 -2.62 -6.84
C LEU A 109 7.57 -3.55 -7.57
N SER A 110 8.64 -3.02 -8.16
CA SER A 110 9.58 -3.84 -8.93
C SER A 110 10.02 -5.07 -8.15
N ASP A 111 10.47 -4.86 -6.91
CA ASP A 111 10.97 -5.96 -6.12
C ASP A 111 9.84 -6.89 -5.72
N ALA A 112 8.62 -6.35 -5.54
CA ALA A 112 7.49 -7.18 -5.18
C ALA A 112 7.05 -8.02 -6.39
N ILE A 113 7.21 -7.52 -7.60
CA ILE A 113 6.88 -8.32 -8.79
C ILE A 113 7.85 -9.50 -8.86
N ALA A 114 9.11 -9.27 -8.48
CA ALA A 114 10.12 -10.32 -8.46
C ALA A 114 9.93 -11.27 -7.27
N LYS A 115 9.58 -10.75 -6.10
CA LYS A 115 9.47 -11.56 -4.89
C LYS A 115 8.18 -12.38 -4.86
N SER A 116 7.09 -11.82 -5.36
CA SER A 116 5.77 -12.41 -5.21
C SER A 116 5.52 -13.55 -6.20
N ASN A 117 4.63 -14.49 -5.81
CA ASN A 117 4.29 -15.66 -6.61
C ASN A 117 3.37 -15.26 -7.77
N GLN A 118 3.18 -16.16 -8.74
CA GLN A 118 2.42 -15.89 -9.95
C GLN A 118 1.11 -15.17 -9.64
N ASP A 119 0.28 -15.75 -8.78
CA ASP A 119 -1.02 -15.20 -8.44
C ASP A 119 -0.88 -13.85 -7.76
N HIS A 120 0.14 -13.70 -6.93
CA HIS A 120 0.44 -12.44 -6.28
C HIS A 120 0.82 -11.39 -7.32
N LYS A 121 1.58 -11.76 -8.36
CA LYS A 121 1.97 -10.82 -9.39
C LYS A 121 0.73 -10.20 -10.01
N GLU A 122 -0.27 -11.04 -10.36
CA GLU A 122 -1.48 -10.58 -11.01
C GLU A 122 -2.27 -9.64 -10.12
N LYS A 123 -2.36 -9.97 -8.83
CA LYS A 123 -3.10 -9.12 -7.91
C LYS A 123 -2.44 -7.74 -7.80
N ILE A 124 -1.12 -7.68 -7.99
CA ILE A 124 -0.43 -6.40 -7.99
C ILE A 124 -0.68 -5.67 -9.30
N ARG A 125 -0.83 -6.40 -10.41
CA ARG A 125 -1.08 -5.76 -11.70
C ARG A 125 -2.45 -5.08 -11.70
N MET A 126 -3.46 -5.70 -11.08
CA MET A 126 -4.77 -5.08 -11.02
C MET A 126 -4.74 -3.91 -10.02
N LEU A 127 -3.93 -4.03 -8.96
CA LEU A 127 -3.76 -2.92 -8.03
C LEU A 127 -3.09 -1.75 -8.73
N LEU A 128 -2.19 -2.03 -9.68
CA LEU A 128 -1.52 -0.99 -10.43
C LEU A 128 -2.52 -0.23 -11.31
N ASP A 129 -3.43 -0.97 -11.94
CA ASP A 129 -4.46 -0.37 -12.77
C ASP A 129 -5.41 0.47 -11.91
N ILE A 130 -5.81 -0.07 -10.76
CA ILE A 130 -6.72 0.63 -9.86
C ILE A 130 -6.12 1.96 -9.42
N TRP A 131 -4.79 2.01 -9.25
CA TRP A 131 -4.15 3.25 -8.84
C TRP A 131 -4.05 4.27 -9.97
N ASP A 132 -3.82 3.83 -11.21
CA ASP A 132 -3.75 4.75 -12.34
C ASP A 132 -5.12 5.37 -12.58
N ARG A 133 -6.18 4.62 -12.27
CA ARG A 133 -7.55 5.10 -12.37
C ARG A 133 -7.86 6.06 -11.23
N SER A 134 -7.24 5.84 -10.08
CA SER A 134 -7.41 6.69 -8.90
C SER A 134 -6.69 8.02 -9.04
N GLY A 135 -5.83 8.17 -10.05
CA GLY A 135 -5.09 9.40 -10.28
C GLY A 135 -3.95 9.61 -9.30
N LEU A 136 -3.57 8.57 -8.54
CA LEU A 136 -2.47 8.66 -7.61
C LEU A 136 -1.17 8.95 -8.37
N PHE A 137 -0.28 9.71 -7.74
CA PHE A 137 0.97 10.18 -8.35
C PHE A 137 2.05 9.10 -8.40
N GLN A 138 1.65 7.82 -8.52
CA GLN A 138 2.60 6.72 -8.52
C GLN A 138 3.46 6.72 -9.79
N LYS A 139 4.67 6.18 -9.69
CA LYS A 139 5.57 6.01 -10.83
C LYS A 139 5.13 4.83 -11.70
N SER A 140 3.82 4.56 -11.72
CA SER A 140 3.23 3.44 -12.44
C SER A 140 3.36 3.60 -13.95
N TYR A 141 3.94 4.70 -14.42
CA TYR A 141 4.18 4.92 -15.84
C TYR A 141 5.54 4.38 -16.28
N LEU A 142 6.39 3.94 -15.34
CA LEU A 142 7.71 3.42 -15.67
C LEU A 142 7.64 1.96 -16.08
N ASN A 143 8.56 1.55 -16.97
CA ASN A 143 8.65 0.17 -17.44
C ASN A 143 9.28 -0.73 -16.38
N ALA A 144 9.95 -0.14 -15.38
CA ALA A 144 10.55 -0.91 -14.30
C ALA A 144 9.47 -1.63 -13.50
N ILE A 145 8.26 -1.05 -13.44
CA ILE A 145 7.15 -1.65 -12.74
C ILE A 145 6.69 -2.93 -13.45
N ARG A 146 6.94 -3.03 -14.77
CA ARG A 146 6.56 -4.22 -15.52
C ARG A 146 7.59 -5.31 -15.28
N SER A 147 8.87 -5.02 -15.55
CA SER A 147 9.97 -5.96 -15.38
C SER A 147 9.55 -7.38 -15.77
N LYS A 148 9.11 -7.53 -17.02
CA LYS A 148 8.58 -8.79 -17.54
C LYS A 148 9.53 -9.96 -17.34
N CYS A 149 10.82 -9.70 -17.07
CA CYS A 149 11.78 -10.76 -16.87
C CYS A 149 11.36 -11.62 -15.68
N PHE A 150 10.75 -11.02 -14.66
CA PHE A 150 10.31 -11.76 -13.48
C PHE A 150 9.18 -12.73 -13.82
N ALA A 151 8.56 -12.55 -14.99
CA ALA A 151 7.54 -13.46 -15.49
C ALA A 151 8.11 -14.41 -16.54
N MET A 152 9.30 -14.11 -17.06
CA MET A 152 10.02 -14.99 -17.97
C MET A 152 10.91 -15.98 -17.21
N ASP A 153 11.35 -15.59 -16.01
CA ASP A 153 12.22 -16.40 -15.16
C ASP A 153 11.51 -17.64 -14.64
N LEU A 154 10.17 -17.62 -14.60
CA LEU A 154 9.35 -18.72 -14.15
C LEU A 154 8.20 -18.95 -15.13
N GLU A 155 7.54 -20.10 -15.05
CA GLU A 155 6.46 -20.43 -15.98
C GLU A 155 5.25 -19.54 -15.73
N HIS A 156 4.50 -19.24 -16.79
CA HIS A 156 3.27 -18.48 -16.67
C HIS A 156 2.29 -18.94 -17.75
N HIS A 157 0.99 -18.85 -17.45
CA HIS A 157 -0.06 -19.40 -18.29
C HIS A 157 -0.33 -18.54 -19.53
N HIS A 158 0.46 -17.47 -19.74
CA HIS A 158 0.36 -16.66 -20.93
C HIS A 158 1.54 -16.93 -21.88
N HIS A 159 2.42 -17.87 -21.54
CA HIS A 159 3.52 -18.27 -22.40
C HIS A 159 2.99 -18.99 -23.63
N ASP B 1 -4.55 -14.12 13.23
CA ASP B 1 -5.79 -14.81 12.78
C ASP B 1 -6.28 -14.20 11.48
N ASP B 2 -6.28 -15.00 10.41
CA ASP B 2 -6.68 -14.53 9.08
C ASP B 2 -8.18 -14.33 8.98
N ASP B 3 -8.59 -13.24 8.33
CA ASP B 3 -9.99 -12.94 8.05
C ASP B 3 -10.09 -11.99 6.86
N GLU B 4 -11.23 -12.01 6.16
CA GLU B 4 -11.49 -11.16 5.01
C GLU B 4 -10.29 -11.08 4.07
N ASP B 5 -9.64 -12.22 3.84
CA ASP B 5 -8.51 -12.30 2.92
C ASP B 5 -8.99 -11.91 1.52
N ASP B 6 -8.17 -11.14 0.82
CA ASP B 6 -8.51 -10.48 -0.44
C ASP B 6 -9.83 -9.73 -0.34
N TYR B 7 -9.78 -8.47 0.12
CA TYR B 7 -10.97 -7.67 0.30
C TYR B 7 -11.67 -7.36 -1.01
N THR B 8 -11.15 -7.87 -2.14
CA THR B 8 -11.74 -7.72 -3.46
C THR B 8 -11.99 -6.25 -3.79
N PRO B 9 -10.93 -5.51 -4.16
CA PRO B 9 -11.00 -4.11 -4.50
C PRO B 9 -11.82 -3.89 -5.76
N SER B 10 -12.37 -2.68 -5.90
CA SER B 10 -13.17 -2.29 -7.05
C SER B 10 -13.08 -0.78 -7.27
N ILE B 11 -13.29 -0.33 -8.50
CA ILE B 11 -13.17 1.06 -8.88
C ILE B 11 -13.86 1.31 -10.22
N SER B 12 -14.36 2.54 -10.42
CA SER B 12 -14.93 2.96 -11.68
C SER B 12 -13.82 3.44 -12.62
N MET A 1 5.15 6.81 25.10
CA MET A 1 6.27 6.04 24.53
C MET A 1 6.90 6.80 23.38
N GLN A 2 6.11 7.08 22.35
CA GLN A 2 6.53 7.88 21.20
C GLN A 2 6.02 9.31 21.42
N GLN A 3 6.13 10.17 20.39
CA GLN A 3 5.55 11.50 20.47
C GLN A 3 4.03 11.39 20.60
N ASP A 4 3.48 10.24 20.22
CA ASP A 4 2.07 9.93 20.33
C ASP A 4 1.91 8.41 20.36
N ASP A 5 1.22 7.89 21.38
CA ASP A 5 1.05 6.45 21.55
C ASP A 5 -0.21 5.91 20.87
N ASP A 6 -0.76 6.70 19.94
CA ASP A 6 -1.94 6.28 19.19
C ASP A 6 -1.52 5.22 18.18
N PHE A 7 -0.27 5.34 17.75
CA PHE A 7 0.36 4.51 16.75
C PHE A 7 0.28 3.03 17.12
N GLN A 8 0.34 2.72 18.42
CA GLN A 8 0.33 1.36 18.91
C GLN A 8 -0.82 0.53 18.33
N ASN A 9 -1.99 1.15 18.15
CA ASN A 9 -3.14 0.44 17.61
C ASN A 9 -2.93 0.14 16.13
N PHE A 10 -2.29 1.07 15.42
CA PHE A 10 -1.94 0.92 14.02
C PHE A 10 -0.85 -0.12 13.87
N VAL A 11 0.12 -0.12 14.80
CA VAL A 11 1.21 -1.08 14.78
C VAL A 11 0.66 -2.47 15.03
N ALA A 12 -0.13 -2.65 16.10
CA ALA A 12 -0.70 -3.95 16.43
C ALA A 12 -1.58 -4.48 15.30
N THR A 13 -2.24 -3.60 14.55
CA THR A 13 -3.03 -4.04 13.41
C THR A 13 -2.09 -4.48 12.29
N LEU A 14 -0.99 -3.76 12.11
CA LEU A 14 -0.01 -4.12 11.10
C LEU A 14 0.63 -5.46 11.43
N GLU A 15 0.94 -5.63 12.71
CA GLU A 15 1.51 -6.85 13.26
C GLU A 15 0.53 -7.99 13.11
N SER A 16 -0.77 -7.67 13.08
CA SER A 16 -1.79 -8.68 12.82
C SER A 16 -1.73 -9.14 11.36
N PHE A 17 -1.26 -8.29 10.44
CA PHE A 17 -1.00 -8.77 9.09
C PHE A 17 0.22 -9.68 9.06
N LYS A 18 1.29 -9.33 9.79
CA LYS A 18 2.47 -10.18 9.89
C LYS A 18 2.11 -11.53 10.51
N ASP A 19 1.04 -11.56 11.30
CA ASP A 19 0.54 -12.77 11.95
C ASP A 19 -0.11 -13.69 10.91
N LEU A 20 -0.96 -13.14 10.06
CA LEU A 20 -1.66 -13.92 9.05
C LEU A 20 -0.67 -14.46 8.03
N LYS A 21 -0.83 -15.73 7.67
CA LYS A 21 0.02 -16.34 6.65
C LYS A 21 -0.41 -15.84 5.28
N SER A 22 -1.68 -15.41 5.17
CA SER A 22 -2.23 -14.83 3.95
C SER A 22 -1.86 -13.35 3.86
N GLY A 23 -1.54 -12.73 5.00
CA GLY A 23 -1.11 -11.34 5.11
C GLY A 23 -2.25 -10.35 4.87
N ILE A 24 -3.19 -10.70 3.98
CA ILE A 24 -4.34 -9.87 3.69
C ILE A 24 -5.36 -9.97 4.82
N SER A 25 -6.09 -8.88 5.08
CA SER A 25 -7.23 -8.88 6.00
C SER A 25 -8.08 -7.66 5.75
N GLY A 26 -9.12 -7.79 4.92
CA GLY A 26 -9.89 -6.63 4.49
C GLY A 26 -10.43 -5.84 5.67
N SER A 27 -10.86 -6.52 6.74
CA SER A 27 -11.44 -5.84 7.89
C SER A 27 -10.36 -5.09 8.68
N ARG A 28 -9.24 -5.74 8.99
CA ARG A 28 -8.17 -5.10 9.75
C ARG A 28 -7.56 -3.97 8.92
N ILE A 29 -7.43 -4.19 7.61
CA ILE A 29 -6.96 -3.17 6.70
C ILE A 29 -7.89 -1.98 6.77
N LYS A 30 -9.21 -2.21 6.76
CA LYS A 30 -10.18 -1.13 6.88
C LYS A 30 -10.12 -0.46 8.24
N LYS A 31 -9.66 -1.15 9.30
CA LYS A 31 -9.57 -0.53 10.61
C LYS A 31 -8.52 0.57 10.61
N LEU A 32 -7.27 0.24 10.27
CA LEU A 32 -6.23 1.26 10.32
C LEU A 32 -6.34 2.24 9.14
N THR A 33 -7.02 1.85 8.07
CA THR A 33 -7.26 2.75 6.95
C THR A 33 -8.26 3.81 7.38
N THR A 34 -9.26 3.40 8.17
CA THR A 34 -10.28 4.33 8.62
C THR A 34 -9.70 5.32 9.63
N TYR A 35 -8.78 4.86 10.48
CA TYR A 35 -8.14 5.77 11.42
C TYR A 35 -7.26 6.76 10.68
N ALA A 36 -6.64 6.32 9.58
CA ALA A 36 -5.80 7.18 8.77
C ALA A 36 -6.65 8.22 8.05
N LEU A 37 -7.85 7.84 7.60
CA LEU A 37 -8.75 8.75 6.90
C LEU A 37 -9.31 9.78 7.87
N ASP A 38 -9.55 9.36 9.12
CA ASP A 38 -10.02 10.26 10.16
C ASP A 38 -8.93 11.29 10.51
N HIS A 39 -7.66 10.94 10.29
CA HIS A 39 -6.55 11.79 10.66
C HIS A 39 -5.35 11.62 9.73
N ILE A 40 -5.20 12.55 8.78
CA ILE A 40 -4.04 12.58 7.90
C ILE A 40 -2.82 13.11 8.66
N ASP A 41 -3.03 13.71 9.83
CA ASP A 41 -1.97 14.34 10.61
C ASP A 41 -0.85 13.34 10.95
N ILE A 42 -1.13 12.04 10.84
CA ILE A 42 -0.15 10.99 11.07
C ILE A 42 0.18 10.22 9.78
N GLU A 43 -0.11 10.80 8.61
CA GLU A 43 0.19 10.14 7.35
C GLU A 43 1.65 9.73 7.25
N SER A 44 2.55 10.46 7.93
CA SER A 44 3.97 10.18 7.84
C SER A 44 4.32 8.83 8.49
N LYS A 45 3.76 8.52 9.66
CA LYS A 45 4.02 7.22 10.29
C LYS A 45 3.26 6.13 9.54
N ILE A 46 2.14 6.49 8.92
CA ILE A 46 1.29 5.56 8.20
C ILE A 46 1.96 5.10 6.91
N ILE A 47 2.37 6.05 6.07
CA ILE A 47 2.96 5.75 4.78
C ILE A 47 4.31 5.08 4.95
N SER A 48 5.10 5.55 5.93
CA SER A 48 6.41 4.96 6.15
C SER A 48 6.28 3.53 6.68
N LEU A 49 5.25 3.25 7.49
CA LEU A 49 5.09 1.93 8.06
C LEU A 49 4.60 0.89 7.04
N ILE A 50 3.72 1.27 6.11
CA ILE A 50 3.24 0.32 5.12
C ILE A 50 4.32 -0.01 4.08
N ILE A 51 5.06 1.00 3.61
CA ILE A 51 6.13 0.71 2.66
C ILE A 51 7.24 -0.12 3.33
N ASP A 52 7.57 0.16 4.59
CA ASP A 52 8.57 -0.61 5.29
C ASP A 52 8.08 -2.03 5.57
N TYR A 53 6.79 -2.20 5.87
CA TYR A 53 6.24 -3.54 6.03
C TYR A 53 6.39 -4.29 4.72
N SER A 54 6.05 -3.64 3.61
CA SER A 54 6.05 -4.24 2.29
C SER A 54 7.44 -4.69 1.86
N ARG A 55 8.47 -3.95 2.27
CA ARG A 55 9.84 -4.25 1.85
C ARG A 55 10.44 -5.40 2.67
N LEU A 56 10.21 -5.40 3.99
CA LEU A 56 10.77 -6.43 4.86
C LEU A 56 10.02 -7.75 4.77
N CYS A 57 8.69 -7.66 4.76
CA CYS A 57 7.82 -8.83 4.81
C CYS A 57 7.91 -9.71 3.55
N PRO A 58 7.47 -10.97 3.66
CA PRO A 58 7.37 -11.90 2.54
C PRO A 58 6.22 -11.52 1.62
N ASP A 59 6.05 -12.30 0.55
CA ASP A 59 5.09 -12.03 -0.51
C ASP A 59 3.65 -11.85 -0.02
N SER A 60 3.11 -12.80 0.75
CA SER A 60 1.70 -12.71 1.12
C SER A 60 1.44 -11.47 1.97
N HIS A 61 2.38 -11.15 2.88
CA HIS A 61 2.30 -9.94 3.67
C HIS A 61 2.45 -8.71 2.77
N LYS A 62 3.27 -8.83 1.72
CA LYS A 62 3.53 -7.75 0.80
C LYS A 62 2.33 -7.47 -0.11
N LEU A 63 1.53 -8.47 -0.46
CA LEU A 63 0.37 -8.22 -1.29
C LEU A 63 -0.70 -7.56 -0.42
N GLY A 64 -0.78 -7.98 0.85
CA GLY A 64 -1.69 -7.39 1.81
C GLY A 64 -1.27 -5.97 2.21
N SER A 65 0.04 -5.71 2.23
CA SER A 65 0.51 -4.37 2.54
C SER A 65 0.21 -3.42 1.40
N LEU A 66 0.21 -3.92 0.16
CA LEU A 66 -0.17 -3.13 -1.00
C LEU A 66 -1.70 -2.95 -1.04
N TYR A 67 -2.45 -3.86 -0.43
CA TYR A 67 -3.88 -3.66 -0.29
C TYR A 67 -4.14 -2.49 0.63
N ILE A 68 -3.31 -2.34 1.67
CA ILE A 68 -3.48 -1.22 2.57
C ILE A 68 -3.14 0.06 1.83
N ILE A 69 -1.93 0.13 1.26
CA ILE A 69 -1.47 1.24 0.44
C ILE A 69 -2.50 1.63 -0.62
N ASP A 70 -3.20 0.66 -1.21
CA ASP A 70 -4.21 0.96 -2.21
C ASP A 70 -5.42 1.62 -1.57
N SER A 71 -5.87 1.08 -0.43
CA SER A 71 -7.07 1.54 0.22
C SER A 71 -6.86 2.94 0.79
N ILE A 72 -5.78 3.10 1.58
CA ILE A 72 -5.47 4.35 2.25
C ILE A 72 -4.96 5.36 1.24
N GLY A 73 -4.28 4.89 0.19
CA GLY A 73 -3.66 5.77 -0.79
C GLY A 73 -4.70 6.52 -1.62
N ARG A 74 -5.63 5.78 -2.23
CA ARG A 74 -6.66 6.40 -3.04
C ARG A 74 -7.61 7.19 -2.16
N ALA A 75 -7.96 6.66 -0.98
CA ALA A 75 -8.88 7.36 -0.10
C ALA A 75 -8.26 8.67 0.40
N TYR A 76 -6.93 8.73 0.54
CA TYR A 76 -6.27 9.98 0.94
C TYR A 76 -6.37 11.01 -0.17
N LEU A 77 -6.06 10.63 -1.41
CA LEU A 77 -6.10 11.62 -2.46
C LEU A 77 -7.54 12.05 -2.73
N ASP A 78 -8.48 11.11 -2.66
CA ASP A 78 -9.89 11.41 -2.91
C ASP A 78 -10.51 12.30 -1.84
N GLU A 79 -10.20 12.09 -0.55
CA GLU A 79 -10.67 13.01 0.47
C GLU A 79 -10.04 14.38 0.29
N THR A 80 -8.72 14.46 0.11
CA THR A 80 -8.06 15.74 -0.07
C THR A 80 -8.47 16.41 -1.37
N ARG A 81 -8.87 15.63 -2.38
CA ARG A 81 -9.47 16.15 -3.60
C ARG A 81 -10.82 16.79 -3.29
N SER A 82 -11.58 16.19 -2.37
CA SER A 82 -12.91 16.65 -2.03
C SER A 82 -12.88 17.84 -1.08
N ASN A 83 -12.00 17.81 -0.09
CA ASN A 83 -11.90 18.85 0.93
C ASN A 83 -10.61 18.71 1.74
N SER A 84 -10.14 19.81 2.33
CA SER A 84 -8.98 19.77 3.21
C SER A 84 -9.45 19.39 4.61
N ASN A 85 -9.37 18.10 4.95
CA ASN A 85 -9.79 17.61 6.26
C ASN A 85 -8.84 18.09 7.36
N SER A 86 -7.67 18.60 7.00
CA SER A 86 -6.67 19.09 7.93
C SER A 86 -5.69 20.02 7.22
N SER A 87 -4.80 20.67 7.96
CA SER A 87 -3.82 21.59 7.40
C SER A 87 -2.51 21.48 8.18
N SER A 88 -1.39 21.65 7.48
CA SER A 88 -0.06 21.50 8.07
C SER A 88 0.99 22.14 7.18
N ASN A 89 2.22 22.29 7.69
CA ASN A 89 3.30 22.91 6.95
C ASN A 89 3.77 22.04 5.78
N LYS A 90 3.75 20.71 5.95
CA LYS A 90 4.08 19.78 4.87
C LYS A 90 3.55 18.38 5.15
N PRO A 91 4.01 17.67 6.20
CA PRO A 91 3.50 16.35 6.53
C PRO A 91 2.09 16.50 7.11
N GLY A 92 1.31 15.43 7.11
CA GLY A 92 -0.05 15.48 7.64
C GLY A 92 -1.12 15.68 6.57
N THR A 93 -0.79 15.46 5.29
CA THR A 93 -1.74 15.59 4.18
C THR A 93 -1.33 14.66 3.04
N CYS A 94 -2.24 14.51 2.06
CA CYS A 94 -1.98 13.74 0.87
C CYS A 94 -0.76 14.29 0.14
N ALA A 95 -0.43 15.57 0.38
CA ALA A 95 0.71 16.19 -0.29
C ALA A 95 1.98 15.41 0.05
N HIS A 96 2.28 15.27 1.34
CA HIS A 96 3.46 14.57 1.77
C HIS A 96 3.29 13.06 1.66
N ALA A 97 2.05 12.57 1.80
CA ALA A 97 1.77 11.15 1.73
C ALA A 97 2.03 10.62 0.32
N ILE A 98 1.46 11.29 -0.70
CA ILE A 98 1.68 10.87 -2.07
C ILE A 98 3.11 11.19 -2.51
N ASN A 99 3.75 12.21 -1.92
CA ASN A 99 5.16 12.46 -2.18
C ASN A 99 6.01 11.30 -1.70
N THR A 100 5.72 10.80 -0.49
CA THR A 100 6.50 9.75 0.13
C THR A 100 6.39 8.45 -0.66
N LEU A 101 5.21 8.19 -1.22
CA LEU A 101 4.99 7.03 -2.06
C LEU A 101 5.62 7.24 -3.43
N GLY A 102 5.60 8.48 -3.96
CA GLY A 102 6.09 8.78 -5.28
C GLY A 102 7.61 8.81 -5.37
N GLU A 103 8.29 9.17 -4.28
CA GLU A 103 9.74 9.29 -4.27
C GLU A 103 10.41 7.92 -4.23
N VAL A 104 9.65 6.84 -4.06
CA VAL A 104 10.18 5.47 -4.10
C VAL A 104 9.23 4.53 -4.84
N ILE A 105 8.35 5.06 -5.69
CA ILE A 105 7.32 4.26 -6.34
C ILE A 105 7.94 3.19 -7.24
N GLN A 106 9.02 3.51 -7.96
CA GLN A 106 9.65 2.54 -8.84
C GLN A 106 10.41 1.50 -8.03
N GLU A 107 10.95 1.89 -6.87
CA GLU A 107 11.70 0.98 -6.01
C GLU A 107 10.75 0.04 -5.27
N LEU A 108 9.63 0.58 -4.78
CA LEU A 108 8.66 -0.18 -4.01
C LEU A 108 7.93 -1.17 -4.91
N LEU A 109 7.61 -0.78 -6.14
CA LEU A 109 6.96 -1.69 -7.07
C LEU A 109 7.95 -2.73 -7.57
N SER A 110 9.18 -2.31 -7.90
CA SER A 110 10.20 -3.24 -8.37
C SER A 110 10.47 -4.32 -7.32
N ASP A 111 10.56 -3.93 -6.04
CA ASP A 111 10.70 -4.90 -4.97
C ASP A 111 9.45 -5.76 -4.91
N ALA A 112 8.28 -5.13 -5.10
CA ALA A 112 7.03 -5.85 -4.98
C ALA A 112 6.86 -6.90 -6.06
N ILE A 113 7.28 -6.62 -7.30
CA ILE A 113 7.15 -7.61 -8.36
C ILE A 113 8.13 -8.74 -8.15
N ALA A 114 9.35 -8.43 -7.70
CA ALA A 114 10.38 -9.41 -7.42
C ALA A 114 10.07 -10.24 -6.18
N LYS A 115 9.46 -9.64 -5.16
CA LYS A 115 9.08 -10.33 -3.94
C LYS A 115 7.86 -11.22 -4.18
N SER A 116 6.97 -10.80 -5.06
CA SER A 116 5.68 -11.45 -5.22
C SER A 116 5.68 -12.56 -6.25
N ASN A 117 4.94 -13.64 -5.98
CA ASN A 117 4.73 -14.73 -6.91
C ASN A 117 3.71 -14.29 -7.96
N GLN A 118 3.53 -15.09 -9.02
CA GLN A 118 2.73 -14.68 -10.18
C GLN A 118 1.29 -14.35 -9.80
N ASP A 119 0.73 -15.02 -8.78
CA ASP A 119 -0.60 -14.71 -8.28
C ASP A 119 -0.61 -13.29 -7.73
N HIS A 120 0.35 -13.00 -6.84
CA HIS A 120 0.43 -11.71 -6.19
C HIS A 120 0.92 -10.64 -7.16
N LYS A 121 1.67 -11.01 -8.20
CA LYS A 121 2.03 -10.07 -9.26
C LYS A 121 0.76 -9.57 -9.93
N GLU A 122 -0.18 -10.48 -10.22
CA GLU A 122 -1.41 -10.13 -10.92
C GLU A 122 -2.30 -9.26 -10.05
N LYS A 123 -2.31 -9.50 -8.73
CA LYS A 123 -3.10 -8.68 -7.83
C LYS A 123 -2.50 -7.28 -7.69
N ILE A 124 -1.17 -7.16 -7.81
CA ILE A 124 -0.54 -5.85 -7.86
C ILE A 124 -0.93 -5.17 -9.18
N ARG A 125 -1.01 -5.93 -10.27
CA ARG A 125 -1.36 -5.39 -11.57
C ARG A 125 -2.74 -4.77 -11.56
N MET A 126 -3.74 -5.45 -10.99
CA MET A 126 -5.06 -4.85 -10.93
C MET A 126 -5.01 -3.61 -10.03
N LEU A 127 -4.18 -3.62 -8.98
CA LEU A 127 -4.00 -2.45 -8.15
C LEU A 127 -3.37 -1.30 -8.94
N LEU A 128 -2.40 -1.58 -9.82
CA LEU A 128 -1.76 -0.55 -10.61
C LEU A 128 -2.72 0.00 -11.66
N ASP A 129 -3.64 -0.82 -12.16
CA ASP A 129 -4.64 -0.35 -13.11
C ASP A 129 -5.68 0.49 -12.39
N ILE A 130 -6.02 0.12 -11.15
CA ILE A 130 -6.93 0.91 -10.33
C ILE A 130 -6.32 2.30 -10.09
N TRP A 131 -4.99 2.36 -9.93
CA TRP A 131 -4.33 3.63 -9.70
C TRP A 131 -4.26 4.50 -10.95
N ASP A 132 -4.12 3.91 -12.14
CA ASP A 132 -4.13 4.70 -13.37
C ASP A 132 -5.51 5.32 -13.58
N ARG A 133 -6.57 4.59 -13.19
CA ARG A 133 -7.94 5.07 -13.32
C ARG A 133 -8.23 6.12 -12.26
N SER A 134 -7.61 5.99 -11.10
CA SER A 134 -7.78 6.91 -9.99
C SER A 134 -7.02 8.21 -10.20
N GLY A 135 -6.07 8.22 -11.16
CA GLY A 135 -5.27 9.39 -11.45
C GLY A 135 -4.35 9.74 -10.28
N LEU A 136 -4.16 8.81 -9.34
CA LEU A 136 -3.33 9.04 -8.16
C LEU A 136 -1.88 9.21 -8.61
N PHE A 137 -1.38 8.24 -9.38
CA PHE A 137 -0.06 8.28 -9.98
C PHE A 137 -0.03 7.27 -11.13
N GLN A 138 0.66 7.61 -12.21
CA GLN A 138 0.70 6.77 -13.40
C GLN A 138 1.59 5.56 -13.17
N LYS A 139 1.15 4.40 -13.64
CA LYS A 139 1.90 3.15 -13.60
C LYS A 139 3.27 3.35 -14.24
N SER A 140 4.33 2.93 -13.55
CA SER A 140 5.69 3.03 -14.04
C SER A 140 5.93 2.00 -15.14
N TYR A 141 6.89 2.28 -16.02
CA TYR A 141 7.17 1.43 -17.18
C TYR A 141 8.64 1.05 -17.28
N LEU A 142 9.45 1.41 -16.28
CA LEU A 142 10.87 1.10 -16.29
C LEU A 142 11.06 -0.41 -16.12
N ASN A 143 12.16 -0.94 -16.67
CA ASN A 143 12.45 -2.36 -16.59
C ASN A 143 12.70 -2.79 -15.13
N ALA A 144 12.87 -1.82 -14.23
CA ALA A 144 12.99 -2.12 -12.82
C ALA A 144 11.68 -2.72 -12.32
N ILE A 145 10.55 -2.21 -12.81
CA ILE A 145 9.25 -2.76 -12.47
C ILE A 145 9.11 -4.15 -13.07
N ARG A 146 9.60 -4.32 -14.31
CA ARG A 146 9.49 -5.58 -15.04
C ARG A 146 10.18 -6.70 -14.27
N SER A 147 11.22 -6.36 -13.49
CA SER A 147 11.90 -7.30 -12.61
C SER A 147 12.26 -8.60 -13.35
N LYS A 148 12.63 -8.45 -14.63
CA LYS A 148 12.87 -9.55 -15.55
C LYS A 148 13.62 -10.72 -14.92
N CYS A 149 14.64 -10.46 -14.11
CA CYS A 149 15.42 -11.52 -13.50
C CYS A 149 14.61 -12.27 -12.45
N PHE A 150 14.23 -11.58 -11.37
CA PHE A 150 13.54 -12.20 -10.26
C PHE A 150 12.19 -12.76 -10.68
N ALA A 151 11.62 -12.24 -11.78
CA ALA A 151 10.36 -12.75 -12.29
C ALA A 151 10.56 -14.08 -13.01
N MET A 152 11.63 -14.21 -13.80
CA MET A 152 11.92 -15.46 -14.49
C MET A 152 12.50 -16.53 -13.56
N ASP A 153 13.10 -16.12 -12.45
CA ASP A 153 13.69 -17.04 -11.49
C ASP A 153 12.64 -17.87 -10.75
N LEU A 154 11.36 -17.48 -10.80
CA LEU A 154 10.30 -18.18 -10.12
C LEU A 154 9.87 -19.45 -10.86
N GLU A 155 9.23 -20.36 -10.13
CA GLU A 155 8.79 -21.66 -10.65
C GLU A 155 7.60 -21.54 -11.60
N HIS A 156 7.04 -20.34 -11.74
CA HIS A 156 5.94 -20.07 -12.67
C HIS A 156 6.13 -18.68 -13.27
N HIS A 157 5.63 -18.50 -14.49
CA HIS A 157 5.73 -17.24 -15.22
C HIS A 157 4.34 -16.76 -15.62
N HIS A 158 4.21 -15.44 -15.81
CA HIS A 158 2.93 -14.80 -16.14
C HIS A 158 3.18 -13.38 -16.65
N HIS A 159 4.34 -12.82 -16.29
CA HIS A 159 4.79 -11.49 -16.70
C HIS A 159 5.18 -11.49 -18.17
N ASP B 1 -4.74 -11.78 13.62
CA ASP B 1 -6.14 -12.22 13.53
C ASP B 1 -6.78 -11.71 12.23
N ASP B 2 -7.91 -12.29 11.84
CA ASP B 2 -8.61 -11.89 10.62
C ASP B 2 -10.07 -12.34 10.66
N ASP B 3 -10.88 -11.74 9.80
CA ASP B 3 -12.25 -12.13 9.60
C ASP B 3 -12.74 -11.70 8.20
N GLU B 4 -11.81 -11.27 7.34
CA GLU B 4 -12.03 -10.95 5.93
C GLU B 4 -10.76 -11.33 5.18
N ASP B 5 -10.72 -12.55 4.65
CA ASP B 5 -9.52 -13.12 4.04
C ASP B 5 -9.13 -12.46 2.72
N ASP B 6 -9.90 -11.47 2.25
CA ASP B 6 -9.60 -10.77 1.01
C ASP B 6 -10.17 -9.37 1.03
N TYR B 7 -9.89 -8.60 -0.04
CA TYR B 7 -10.36 -7.24 -0.22
C TYR B 7 -10.58 -7.03 -1.71
N THR B 8 -11.75 -6.48 -2.06
CA THR B 8 -12.14 -6.32 -3.45
C THR B 8 -12.51 -4.86 -3.72
N PRO B 9 -11.60 -4.09 -4.34
CA PRO B 9 -11.85 -2.71 -4.72
C PRO B 9 -12.81 -2.65 -5.91
N SER B 10 -13.31 -1.46 -6.20
CA SER B 10 -14.20 -1.23 -7.33
C SER B 10 -13.93 0.16 -7.89
N ILE B 11 -13.94 0.28 -9.22
CA ILE B 11 -13.61 1.53 -9.88
C ILE B 11 -14.08 1.49 -11.34
N SER B 12 -14.28 2.67 -11.94
CA SER B 12 -14.63 2.80 -13.34
C SER B 12 -13.51 2.28 -14.22
N MET A 1 -3.45 1.78 22.69
CA MET A 1 -4.39 1.32 23.75
C MET A 1 -5.81 1.79 23.41
N GLN A 2 -6.81 1.31 24.15
CA GLN A 2 -8.21 1.70 23.94
C GLN A 2 -8.41 3.20 24.21
N GLN A 3 -7.45 3.81 24.89
CA GLN A 3 -7.41 5.24 25.16
C GLN A 3 -5.95 5.65 25.19
N ASP A 4 -5.60 6.74 24.50
CA ASP A 4 -4.21 7.13 24.27
C ASP A 4 -3.44 6.01 23.57
N ASP A 5 -2.18 6.26 23.20
CA ASP A 5 -1.37 5.25 22.51
C ASP A 5 -2.11 4.71 21.30
N ASP A 6 -2.71 5.60 20.52
CA ASP A 6 -3.50 5.21 19.36
C ASP A 6 -2.61 4.53 18.33
N PHE A 7 -1.35 4.96 18.24
CA PHE A 7 -0.42 4.39 17.28
C PHE A 7 -0.26 2.88 17.50
N GLN A 8 -0.17 2.46 18.76
CA GLN A 8 0.00 1.05 19.10
C GLN A 8 -1.10 0.20 18.48
N ASN A 9 -2.31 0.75 18.34
CA ASN A 9 -3.40 0.00 17.76
C ASN A 9 -3.16 -0.18 16.26
N PHE A 10 -2.55 0.83 15.63
CA PHE A 10 -2.16 0.79 14.23
C PHE A 10 -1.02 -0.21 14.06
N VAL A 11 -0.06 -0.19 14.99
CA VAL A 11 1.08 -1.09 14.95
C VAL A 11 0.58 -2.53 15.07
N ALA A 12 -0.26 -2.81 16.07
CA ALA A 12 -0.81 -4.13 16.30
C ALA A 12 -1.65 -4.59 15.10
N THR A 13 -2.24 -3.66 14.36
CA THR A 13 -2.98 -4.01 13.16
C THR A 13 -1.99 -4.37 12.04
N LEU A 14 -0.88 -3.64 11.97
CA LEU A 14 0.18 -3.91 11.01
C LEU A 14 0.79 -5.27 11.31
N GLU A 15 1.03 -5.54 12.60
CA GLU A 15 1.58 -6.79 13.09
C GLU A 15 0.59 -7.93 12.82
N SER A 16 -0.70 -7.62 12.80
CA SER A 16 -1.73 -8.60 12.49
C SER A 16 -1.64 -8.99 11.03
N PHE A 17 -1.18 -8.08 10.16
CA PHE A 17 -0.94 -8.44 8.77
C PHE A 17 0.25 -9.41 8.69
N LYS A 18 1.30 -9.16 9.48
CA LYS A 18 2.47 -10.04 9.50
C LYS A 18 2.08 -11.42 10.05
N ASP A 19 1.05 -11.44 10.88
CA ASP A 19 0.55 -12.65 11.53
C ASP A 19 -0.34 -13.50 10.61
N LEU A 20 -0.68 -13.00 9.42
CA LEU A 20 -1.59 -13.71 8.53
C LEU A 20 -0.86 -14.58 7.52
N LYS A 21 -1.53 -15.67 7.11
CA LYS A 21 -1.04 -16.62 6.13
C LYS A 21 -1.02 -16.05 4.70
N SER A 22 -1.56 -14.84 4.51
CA SER A 22 -1.66 -14.23 3.19
C SER A 22 -1.31 -12.75 3.20
N GLY A 23 -1.13 -12.16 4.38
CA GLY A 23 -0.80 -10.76 4.54
C GLY A 23 -1.98 -9.84 4.25
N ILE A 24 -2.93 -10.30 3.42
CA ILE A 24 -4.15 -9.57 3.13
C ILE A 24 -5.09 -9.74 4.32
N SER A 25 -5.81 -8.68 4.68
CA SER A 25 -6.65 -8.71 5.86
C SER A 25 -7.71 -7.62 5.79
N GLY A 26 -8.79 -7.87 5.04
CA GLY A 26 -9.77 -6.84 4.74
C GLY A 26 -10.22 -6.04 5.95
N SER A 27 -10.64 -6.68 7.06
CA SER A 27 -11.19 -5.92 8.17
C SER A 27 -10.10 -5.16 8.92
N ARG A 28 -8.89 -5.71 9.01
CA ARG A 28 -7.80 -4.99 9.67
C ARG A 28 -7.32 -3.87 8.75
N ILE A 29 -7.30 -4.10 7.44
CA ILE A 29 -6.95 -3.07 6.47
C ILE A 29 -7.95 -1.92 6.58
N LYS A 30 -9.25 -2.24 6.62
CA LYS A 30 -10.29 -1.22 6.72
C LYS A 30 -10.20 -0.48 8.06
N LYS A 31 -9.73 -1.16 9.13
CA LYS A 31 -9.62 -0.54 10.43
C LYS A 31 -8.58 0.58 10.43
N LEU A 32 -7.31 0.27 10.11
CA LEU A 32 -6.30 1.32 10.15
C LEU A 32 -6.41 2.25 8.93
N THR A 33 -7.12 1.84 7.87
CA THR A 33 -7.38 2.73 6.75
C THR A 33 -8.36 3.81 7.22
N THR A 34 -9.38 3.40 7.96
CA THR A 34 -10.39 4.33 8.43
C THR A 34 -9.77 5.31 9.43
N TYR A 35 -8.91 4.81 10.32
CA TYR A 35 -8.21 5.65 11.27
C TYR A 35 -7.35 6.67 10.54
N ALA A 36 -6.75 6.26 9.42
CA ALA A 36 -5.92 7.15 8.63
C ALA A 36 -6.75 8.19 7.89
N LEU A 37 -8.01 7.88 7.56
CA LEU A 37 -8.86 8.80 6.81
C LEU A 37 -9.46 9.80 7.78
N ASP A 38 -9.73 9.33 9.00
CA ASP A 38 -10.19 10.17 10.08
C ASP A 38 -9.13 11.19 10.48
N HIS A 39 -7.84 10.86 10.26
CA HIS A 39 -6.74 11.73 10.61
C HIS A 39 -5.54 11.51 9.68
N ILE A 40 -5.30 12.48 8.78
CA ILE A 40 -4.13 12.49 7.92
C ILE A 40 -2.94 13.04 8.70
N ASP A 41 -3.18 13.59 9.88
CA ASP A 41 -2.16 14.20 10.73
C ASP A 41 -1.02 13.23 11.01
N ILE A 42 -1.31 11.93 10.93
CA ILE A 42 -0.36 10.87 11.17
C ILE A 42 0.05 10.15 9.88
N GLU A 43 -0.18 10.76 8.72
CA GLU A 43 0.21 10.14 7.45
C GLU A 43 1.68 9.73 7.44
N SER A 44 2.53 10.46 8.18
CA SER A 44 3.97 10.21 8.18
C SER A 44 4.30 8.84 8.77
N LYS A 45 3.68 8.46 9.90
CA LYS A 45 3.94 7.17 10.50
C LYS A 45 3.28 6.06 9.70
N ILE A 46 2.21 6.40 8.95
CA ILE A 46 1.47 5.46 8.14
C ILE A 46 2.29 5.08 6.91
N ILE A 47 2.83 6.08 6.21
CA ILE A 47 3.65 5.84 5.04
C ILE A 47 4.90 5.07 5.44
N SER A 48 5.46 5.36 6.62
CA SER A 48 6.63 4.63 7.07
C SER A 48 6.31 3.15 7.24
N LEU A 49 5.19 2.82 7.89
CA LEU A 49 4.88 1.43 8.17
C LEU A 49 4.61 0.62 6.91
N ILE A 50 4.02 1.21 5.85
CA ILE A 50 3.82 0.44 4.63
C ILE A 50 5.15 0.17 3.95
N ILE A 51 6.05 1.15 3.87
CA ILE A 51 7.34 0.92 3.23
C ILE A 51 8.22 0.00 4.08
N ASP A 52 8.22 0.18 5.40
CA ASP A 52 9.00 -0.65 6.31
C ASP A 52 8.49 -2.08 6.29
N TYR A 53 7.17 -2.28 6.29
CA TYR A 53 6.59 -3.60 6.25
C TYR A 53 6.92 -4.26 4.91
N SER A 54 6.78 -3.52 3.81
CA SER A 54 7.03 -4.07 2.47
C SER A 54 8.48 -4.48 2.30
N ARG A 55 9.40 -3.79 2.99
CA ARG A 55 10.82 -4.05 2.86
C ARG A 55 11.21 -5.34 3.60
N LEU A 56 10.71 -5.50 4.83
CA LEU A 56 11.07 -6.61 5.70
C LEU A 56 10.27 -7.88 5.42
N CYS A 57 8.96 -7.73 5.23
CA CYS A 57 8.05 -8.84 5.12
C CYS A 57 8.31 -9.73 3.89
N PRO A 58 7.91 -11.02 3.97
CA PRO A 58 8.07 -12.00 2.91
C PRO A 58 7.08 -11.78 1.77
N ASP A 59 7.26 -12.54 0.69
CA ASP A 59 6.53 -12.43 -0.57
C ASP A 59 5.02 -12.25 -0.39
N SER A 60 4.39 -13.10 0.43
CA SER A 60 2.95 -13.05 0.61
C SER A 60 2.52 -11.78 1.35
N HIS A 61 3.34 -11.35 2.31
CA HIS A 61 3.08 -10.14 3.07
C HIS A 61 3.37 -8.90 2.22
N LYS A 62 4.25 -9.01 1.21
CA LYS A 62 4.46 -7.92 0.28
C LYS A 62 3.18 -7.68 -0.51
N LEU A 63 2.55 -8.74 -1.04
CA LEU A 63 1.29 -8.58 -1.75
C LEU A 63 0.28 -7.94 -0.79
N GLY A 64 0.25 -8.43 0.46
CA GLY A 64 -0.67 -7.93 1.46
C GLY A 64 -0.40 -6.46 1.77
N SER A 65 0.88 -6.04 1.74
CA SER A 65 1.23 -4.65 1.96
C SER A 65 0.71 -3.80 0.80
N LEU A 66 0.80 -4.33 -0.42
CA LEU A 66 0.31 -3.63 -1.59
C LEU A 66 -1.21 -3.46 -1.51
N TYR A 67 -1.90 -4.37 -0.82
CA TYR A 67 -3.34 -4.26 -0.61
C TYR A 67 -3.63 -3.12 0.37
N ILE A 68 -2.84 -2.99 1.43
CA ILE A 68 -2.99 -1.91 2.38
C ILE A 68 -2.72 -0.57 1.70
N ILE A 69 -1.61 -0.49 0.95
CA ILE A 69 -1.24 0.71 0.21
C ILE A 69 -2.33 1.10 -0.78
N ASP A 70 -3.05 0.14 -1.38
CA ASP A 70 -4.14 0.50 -2.28
C ASP A 70 -5.29 1.11 -1.51
N SER A 71 -5.60 0.54 -0.35
CA SER A 71 -6.72 0.98 0.47
C SER A 71 -6.46 2.38 1.01
N ILE A 72 -5.38 2.56 1.77
CA ILE A 72 -5.08 3.84 2.38
C ILE A 72 -4.54 4.81 1.33
N GLY A 73 -3.81 4.30 0.33
CA GLY A 73 -3.14 5.15 -0.64
C GLY A 73 -4.14 5.86 -1.54
N ARG A 74 -5.08 5.11 -2.13
CA ARG A 74 -6.07 5.73 -2.98
C ARG A 74 -7.06 6.52 -2.14
N ALA A 75 -7.45 6.01 -0.97
CA ALA A 75 -8.39 6.74 -0.14
C ALA A 75 -7.79 8.08 0.29
N TYR A 76 -6.47 8.16 0.44
CA TYR A 76 -5.82 9.42 0.76
C TYR A 76 -5.88 10.39 -0.40
N LEU A 77 -5.42 9.99 -1.59
CA LEU A 77 -5.38 10.96 -2.66
C LEU A 77 -6.80 11.28 -3.12
N ASP A 78 -7.72 10.31 -3.06
CA ASP A 78 -9.10 10.54 -3.47
C ASP A 78 -9.83 11.49 -2.52
N GLU A 79 -9.70 11.28 -1.21
CA GLU A 79 -10.36 12.14 -0.26
C GLU A 79 -9.79 13.55 -0.33
N THR A 80 -8.46 13.70 -0.29
CA THR A 80 -7.84 15.01 -0.34
C THR A 80 -8.10 15.70 -1.68
N ARG A 81 -8.31 14.94 -2.75
CA ARG A 81 -8.66 15.48 -4.05
C ARG A 81 -10.12 15.94 -4.07
N SER A 82 -10.98 15.27 -3.29
CA SER A 82 -12.39 15.59 -3.22
C SER A 82 -12.67 16.71 -2.21
N ASN A 83 -11.78 16.88 -1.23
CA ASN A 83 -11.94 17.86 -0.17
C ASN A 83 -11.34 19.21 -0.57
N SER A 84 -11.77 20.27 0.12
CA SER A 84 -11.31 21.63 -0.12
C SER A 84 -10.02 21.93 0.66
N ASN A 85 -9.38 20.89 1.19
CA ASN A 85 -8.20 21.03 2.04
C ASN A 85 -7.04 21.70 1.31
N SER A 86 -6.25 22.45 2.08
CA SER A 86 -5.04 23.12 1.62
C SER A 86 -4.22 23.51 2.85
N SER A 87 -2.89 23.56 2.72
CA SER A 87 -2.04 23.86 3.86
C SER A 87 -0.65 24.33 3.42
N SER A 88 -0.04 25.19 4.25
CA SER A 88 1.33 25.64 4.00
C SER A 88 2.29 24.49 4.26
N ASN A 89 1.97 23.66 5.26
CA ASN A 89 2.71 22.43 5.51
C ASN A 89 2.29 21.39 4.47
N LYS A 90 3.04 20.29 4.38
CA LYS A 90 2.74 19.21 3.46
C LYS A 90 2.60 17.88 4.20
N PRO A 91 3.36 17.63 5.28
CA PRO A 91 3.10 16.51 6.18
C PRO A 91 1.72 16.69 6.80
N GLY A 92 1.05 15.58 7.12
CA GLY A 92 -0.29 15.62 7.68
C GLY A 92 -1.35 15.72 6.58
N THR A 93 -0.95 15.48 5.33
CA THR A 93 -1.81 15.54 4.16
C THR A 93 -1.27 14.62 3.07
N CYS A 94 -2.09 14.33 2.06
CA CYS A 94 -1.70 13.51 0.92
C CYS A 94 -0.47 14.09 0.23
N ALA A 95 -0.20 15.39 0.42
CA ALA A 95 0.88 16.05 -0.26
C ALA A 95 2.21 15.36 0.06
N HIS A 96 2.62 15.37 1.33
CA HIS A 96 3.87 14.74 1.71
C HIS A 96 3.75 13.23 1.65
N ALA A 97 2.56 12.69 1.95
CA ALA A 97 2.33 11.26 1.99
C ALA A 97 2.56 10.62 0.63
N ILE A 98 1.90 11.14 -0.42
CA ILE A 98 2.04 10.57 -1.76
C ILE A 98 3.41 10.88 -2.34
N ASN A 99 3.96 12.07 -2.06
CA ASN A 99 5.27 12.42 -2.59
C ASN A 99 6.38 11.58 -1.95
N THR A 100 6.29 11.30 -0.65
CA THR A 100 7.33 10.52 0.02
C THR A 100 7.25 9.06 -0.38
N LEU A 101 6.02 8.57 -0.61
CA LEU A 101 5.80 7.20 -1.00
C LEU A 101 6.20 6.99 -2.46
N GLY A 102 5.93 7.97 -3.33
CA GLY A 102 6.13 7.84 -4.76
C GLY A 102 7.58 7.61 -5.14
N GLU A 103 8.53 8.00 -4.27
CA GLU A 103 9.94 7.83 -4.53
C GLU A 103 10.42 6.41 -4.25
N VAL A 104 9.91 5.80 -3.17
CA VAL A 104 10.36 4.48 -2.76
C VAL A 104 9.42 3.36 -3.18
N ILE A 105 8.19 3.70 -3.58
CA ILE A 105 7.20 2.68 -3.95
C ILE A 105 7.66 1.88 -5.16
N GLN A 106 8.49 2.48 -6.03
CA GLN A 106 8.97 1.80 -7.21
C GLN A 106 9.87 0.62 -6.84
N GLU A 107 10.58 0.72 -5.71
CA GLU A 107 11.43 -0.38 -5.27
C GLU A 107 10.55 -1.49 -4.73
N LEU A 108 9.50 -1.13 -3.99
CA LEU A 108 8.64 -2.09 -3.31
C LEU A 108 7.71 -2.79 -4.30
N LEU A 109 7.24 -2.07 -5.32
CA LEU A 109 6.40 -2.69 -6.33
C LEU A 109 7.24 -3.63 -7.19
N SER A 110 8.36 -3.14 -7.73
CA SER A 110 9.22 -3.95 -8.60
C SER A 110 9.72 -5.20 -7.86
N ASP A 111 10.03 -5.05 -6.57
CA ASP A 111 10.41 -6.18 -5.72
C ASP A 111 9.24 -7.15 -5.64
N ALA A 112 8.04 -6.61 -5.40
CA ALA A 112 6.88 -7.46 -5.22
C ALA A 112 6.55 -8.21 -6.52
N ILE A 113 6.85 -7.64 -7.70
CA ILE A 113 6.60 -8.35 -8.94
C ILE A 113 7.53 -9.54 -9.05
N ALA A 114 8.84 -9.30 -8.86
CA ALA A 114 9.83 -10.34 -9.03
C ALA A 114 9.73 -11.40 -7.94
N LYS A 115 9.50 -10.97 -6.69
CA LYS A 115 9.45 -11.85 -5.53
C LYS A 115 8.16 -12.65 -5.43
N SER A 116 7.00 -12.05 -5.73
CA SER A 116 5.73 -12.70 -5.42
C SER A 116 5.34 -13.74 -6.47
N ASN A 117 4.48 -14.68 -6.05
CA ASN A 117 4.08 -15.84 -6.87
C ASN A 117 3.13 -15.42 -8.00
N GLN A 118 2.82 -16.34 -8.91
CA GLN A 118 1.99 -16.08 -10.07
C GLN A 118 0.67 -15.43 -9.68
N ASP A 119 0.05 -15.94 -8.62
CA ASP A 119 -1.23 -15.42 -8.13
C ASP A 119 -1.04 -14.01 -7.59
N HIS A 120 0.13 -13.75 -7.03
CA HIS A 120 0.46 -12.47 -6.44
C HIS A 120 0.76 -11.45 -7.54
N LYS A 121 1.57 -11.82 -8.55
CA LYS A 121 1.88 -10.91 -9.64
C LYS A 121 0.59 -10.45 -10.29
N GLU A 122 -0.38 -11.36 -10.42
CA GLU A 122 -1.67 -11.04 -11.02
C GLU A 122 -2.40 -9.99 -10.20
N LYS A 123 -2.53 -10.23 -8.89
CA LYS A 123 -3.19 -9.28 -8.01
C LYS A 123 -2.44 -7.95 -7.93
N ILE A 124 -1.13 -7.97 -8.14
CA ILE A 124 -0.37 -6.72 -8.16
C ILE A 124 -0.65 -5.99 -9.48
N ARG A 125 -0.73 -6.72 -10.60
CA ARG A 125 -1.02 -6.09 -11.87
C ARG A 125 -2.36 -5.37 -11.84
N MET A 126 -3.39 -5.97 -11.24
CA MET A 126 -4.65 -5.25 -11.15
C MET A 126 -4.44 -4.04 -10.24
N LEU A 127 -3.69 -4.17 -9.14
CA LEU A 127 -3.45 -3.06 -8.23
C LEU A 127 -2.70 -1.92 -8.92
N LEU A 128 -1.76 -2.22 -9.81
CA LEU A 128 -1.04 -1.18 -10.52
C LEU A 128 -1.97 -0.43 -11.47
N ASP A 129 -2.83 -1.17 -12.18
CA ASP A 129 -3.78 -0.57 -13.10
C ASP A 129 -4.86 0.17 -12.32
N ILE A 130 -5.21 -0.31 -11.13
CA ILE A 130 -6.17 0.37 -10.27
C ILE A 130 -5.65 1.75 -9.89
N TRP A 131 -4.35 1.85 -9.61
CA TRP A 131 -3.78 3.14 -9.24
C TRP A 131 -3.64 4.08 -10.44
N ASP A 132 -3.41 3.53 -11.64
CA ASP A 132 -3.31 4.35 -12.84
C ASP A 132 -4.69 4.83 -13.30
N ARG A 133 -5.75 4.05 -13.01
CA ARG A 133 -7.12 4.46 -13.31
C ARG A 133 -7.56 5.55 -12.36
N SER A 134 -7.12 5.44 -11.09
CA SER A 134 -7.50 6.35 -10.03
C SER A 134 -6.79 7.70 -10.14
N GLY A 135 -5.83 7.83 -11.06
CA GLY A 135 -5.16 9.10 -11.30
C GLY A 135 -3.95 9.32 -10.40
N LEU A 136 -3.49 8.29 -9.68
CA LEU A 136 -2.33 8.40 -8.81
C LEU A 136 -1.04 8.40 -9.64
N PHE A 137 -0.99 9.19 -10.72
CA PHE A 137 0.18 9.27 -11.59
C PHE A 137 1.35 10.00 -10.92
N GLN A 138 1.17 10.51 -9.71
CA GLN A 138 2.21 11.25 -9.01
C GLN A 138 3.28 10.30 -8.46
N LYS A 139 2.98 9.00 -8.41
CA LYS A 139 3.94 7.98 -8.01
C LYS A 139 4.85 7.66 -9.19
N SER A 140 5.99 7.00 -8.93
CA SER A 140 6.82 6.53 -10.03
C SER A 140 6.09 5.43 -10.79
N TYR A 141 6.11 5.51 -12.12
CA TYR A 141 5.39 4.57 -12.97
C TYR A 141 6.29 4.06 -14.10
N LEU A 142 7.62 4.13 -13.88
CA LEU A 142 8.61 3.70 -14.85
C LEU A 142 8.45 2.21 -15.17
N ASN A 143 9.13 1.76 -16.22
CA ASN A 143 9.06 0.37 -16.66
C ASN A 143 9.51 -0.61 -15.58
N ALA A 144 10.17 -0.11 -14.53
CA ALA A 144 10.61 -0.95 -13.42
C ALA A 144 9.43 -1.52 -12.65
N ILE A 145 8.29 -0.82 -12.66
CA ILE A 145 7.10 -1.27 -11.94
C ILE A 145 6.49 -2.50 -12.62
N ARG A 146 6.29 -2.45 -13.94
CA ARG A 146 5.79 -3.61 -14.66
C ARG A 146 6.90 -4.65 -14.79
N SER A 147 8.16 -4.18 -14.79
CA SER A 147 9.38 -4.99 -14.74
C SER A 147 9.56 -6.02 -15.86
N LYS A 148 8.61 -6.10 -16.79
CA LYS A 148 8.64 -6.93 -17.97
C LYS A 148 8.98 -8.39 -17.66
N CYS A 149 10.27 -8.74 -17.63
CA CYS A 149 10.70 -10.12 -17.51
C CYS A 149 10.34 -10.72 -16.15
N PHE A 150 10.39 -9.91 -15.08
CA PHE A 150 10.08 -10.41 -13.75
C PHE A 150 8.57 -10.60 -13.57
N ALA A 151 7.75 -10.07 -14.48
CA ALA A 151 6.33 -10.34 -14.48
C ALA A 151 6.01 -11.52 -15.40
N MET A 152 6.72 -11.62 -16.53
CA MET A 152 6.57 -12.70 -17.49
C MET A 152 7.27 -13.97 -17.04
N ASP A 153 8.09 -13.89 -15.99
CA ASP A 153 8.92 -15.00 -15.53
C ASP A 153 8.10 -16.28 -15.31
N LEU A 154 6.86 -16.15 -14.82
CA LEU A 154 5.97 -17.26 -14.54
C LEU A 154 4.55 -16.95 -14.98
N GLU A 155 4.42 -16.26 -16.11
CA GLU A 155 3.12 -15.85 -16.63
C GLU A 155 2.29 -17.05 -17.09
N HIS A 156 0.99 -16.84 -17.25
CA HIS A 156 0.07 -17.87 -17.72
C HIS A 156 0.28 -18.15 -19.21
N HIS A 157 -0.22 -19.29 -19.67
CA HIS A 157 -0.09 -19.71 -21.05
C HIS A 157 -0.92 -18.81 -21.96
N HIS A 158 -0.49 -18.68 -23.22
CA HIS A 158 -1.16 -17.85 -24.21
C HIS A 158 -1.85 -18.69 -25.27
N HIS A 159 -1.74 -20.02 -25.17
CA HIS A 159 -2.28 -20.96 -26.15
C HIS A 159 -3.23 -21.94 -25.45
N ASP B 1 -3.28 -14.07 12.40
CA ASP B 1 -4.41 -14.92 12.79
C ASP B 1 -5.31 -15.19 11.58
N ASP B 2 -6.54 -14.68 11.59
CA ASP B 2 -7.49 -14.83 10.51
C ASP B 2 -8.35 -13.57 10.38
N ASP B 3 -8.86 -13.32 9.17
CA ASP B 3 -9.69 -12.17 8.86
C ASP B 3 -10.55 -12.54 7.64
N GLU B 4 -11.23 -11.56 7.04
CA GLU B 4 -11.94 -11.78 5.79
C GLU B 4 -10.95 -12.09 4.66
N ASP B 5 -9.64 -11.94 4.95
CA ASP B 5 -8.52 -12.29 4.08
C ASP B 5 -8.61 -11.78 2.64
N ASP B 6 -9.50 -10.83 2.35
CA ASP B 6 -9.62 -10.27 1.01
C ASP B 6 -10.15 -8.84 1.09
N TYR B 7 -10.11 -8.11 -0.03
CA TYR B 7 -10.54 -6.73 -0.11
C TYR B 7 -10.84 -6.38 -1.57
N THR B 8 -11.90 -5.61 -1.81
CA THR B 8 -12.28 -5.22 -3.16
C THR B 8 -11.95 -3.73 -3.39
N PRO B 9 -11.22 -3.40 -4.45
CA PRO B 9 -10.77 -2.05 -4.73
C PRO B 9 -11.89 -1.13 -5.22
N SER B 10 -13.02 -1.68 -5.64
CA SER B 10 -14.16 -0.92 -6.14
C SER B 10 -13.74 0.06 -7.24
N ILE B 11 -12.76 -0.34 -8.06
CA ILE B 11 -12.14 0.52 -9.05
C ILE B 11 -12.99 0.76 -10.30
N SER B 12 -13.09 2.04 -10.69
CA SER B 12 -13.71 2.47 -11.93
C SER B 12 -12.85 2.02 -13.11
N MET A 1 -12.10 11.21 15.24
CA MET A 1 -11.04 12.24 15.32
C MET A 1 -10.41 12.26 16.71
N GLN A 2 -9.34 11.49 16.88
CA GLN A 2 -8.62 11.38 18.15
C GLN A 2 -7.16 11.02 17.88
N GLN A 3 -6.29 11.33 18.85
CA GLN A 3 -4.86 11.10 18.72
C GLN A 3 -4.31 10.32 19.92
N ASP A 4 -5.19 9.89 20.84
CA ASP A 4 -4.79 9.12 22.00
C ASP A 4 -4.38 7.71 21.57
N ASP A 5 -3.18 7.28 21.98
CA ASP A 5 -2.63 5.99 21.59
C ASP A 5 -2.74 5.76 20.08
N ASP A 6 -2.61 6.85 19.31
CA ASP A 6 -2.84 6.84 17.88
C ASP A 6 -2.02 5.77 17.18
N PHE A 7 -0.73 5.73 17.47
CA PHE A 7 0.15 4.88 16.72
C PHE A 7 0.00 3.41 17.11
N GLN A 8 -0.13 3.14 18.40
CA GLN A 8 -0.21 1.78 18.92
C GLN A 8 -1.27 0.96 18.20
N ASN A 9 -2.41 1.57 17.85
CA ASN A 9 -3.45 0.84 17.16
C ASN A 9 -3.03 0.54 15.72
N PHE A 10 -2.29 1.47 15.10
CA PHE A 10 -1.80 1.31 13.74
C PHE A 10 -0.67 0.29 13.70
N VAL A 11 0.18 0.27 14.73
CA VAL A 11 1.29 -0.66 14.80
C VAL A 11 0.73 -2.08 14.92
N ALA A 12 -0.08 -2.31 15.96
CA ALA A 12 -0.64 -3.62 16.24
C ALA A 12 -1.49 -4.14 15.09
N THR A 13 -2.14 -3.26 14.31
CA THR A 13 -2.89 -3.72 13.15
C THR A 13 -1.92 -4.19 12.06
N LEU A 14 -0.80 -3.48 11.88
CA LEU A 14 0.16 -3.86 10.88
C LEU A 14 0.87 -5.15 11.26
N GLU A 15 1.18 -5.28 12.55
CA GLU A 15 1.81 -6.47 13.10
C GLU A 15 0.86 -7.64 12.94
N SER A 16 -0.45 -7.37 12.95
CA SER A 16 -1.45 -8.40 12.77
C SER A 16 -1.47 -8.86 11.31
N PHE A 17 -1.11 -7.97 10.36
CA PHE A 17 -0.95 -8.41 8.98
C PHE A 17 0.24 -9.34 8.83
N LYS A 18 1.33 -9.10 9.58
CA LYS A 18 2.46 -10.02 9.52
C LYS A 18 2.03 -11.39 10.01
N ASP A 19 1.16 -11.42 11.01
CA ASP A 19 0.66 -12.65 11.61
C ASP A 19 -0.47 -13.29 10.80
N LEU A 20 -1.15 -12.52 9.93
CA LEU A 20 -2.23 -13.02 9.09
C LEU A 20 -1.76 -14.07 8.08
N LYS A 21 -0.43 -14.28 7.97
CA LYS A 21 0.22 -15.23 7.09
C LYS A 21 0.01 -14.89 5.61
N SER A 22 -1.25 -14.63 5.21
CA SER A 22 -1.57 -14.19 3.86
C SER A 22 -1.43 -12.67 3.74
N GLY A 23 -1.31 -11.98 4.89
CA GLY A 23 -1.08 -10.55 4.97
C GLY A 23 -2.34 -9.72 4.75
N ILE A 24 -3.25 -10.17 3.88
CA ILE A 24 -4.48 -9.45 3.57
C ILE A 24 -5.53 -9.67 4.66
N SER A 25 -6.34 -8.64 4.91
CA SER A 25 -7.49 -8.71 5.81
C SER A 25 -8.31 -7.44 5.64
N GLY A 26 -9.36 -7.48 4.83
CA GLY A 26 -10.16 -6.31 4.54
C GLY A 26 -10.64 -5.62 5.82
N SER A 27 -10.94 -6.39 6.87
CA SER A 27 -11.44 -5.81 8.11
C SER A 27 -10.35 -4.97 8.78
N ARG A 28 -9.14 -5.51 8.93
CA ARG A 28 -8.03 -4.81 9.57
C ARG A 28 -7.48 -3.73 8.64
N ILE A 29 -7.47 -3.99 7.33
CA ILE A 29 -7.07 -2.99 6.36
C ILE A 29 -7.98 -1.77 6.49
N LYS A 30 -9.30 -1.99 6.49
CA LYS A 30 -10.25 -0.90 6.63
C LYS A 30 -10.13 -0.22 8.00
N LYS A 31 -9.70 -0.94 9.03
CA LYS A 31 -9.54 -0.35 10.36
C LYS A 31 -8.48 0.74 10.35
N LEU A 32 -7.24 0.43 9.98
CA LEU A 32 -6.22 1.47 10.00
C LEU A 32 -6.37 2.43 8.83
N THR A 33 -7.09 2.03 7.77
CA THR A 33 -7.35 2.92 6.64
C THR A 33 -8.32 4.00 7.10
N THR A 34 -9.34 3.60 7.87
CA THR A 34 -10.35 4.53 8.33
C THR A 34 -9.77 5.50 9.35
N TYR A 35 -8.88 5.02 10.22
CA TYR A 35 -8.25 5.92 11.19
C TYR A 35 -7.29 6.88 10.50
N ALA A 36 -6.68 6.46 9.39
CA ALA A 36 -5.82 7.33 8.63
C ALA A 36 -6.62 8.43 7.97
N LEU A 37 -7.87 8.14 7.58
CA LEU A 37 -8.76 9.16 7.04
C LEU A 37 -9.32 10.02 8.17
N ASP A 38 -9.54 9.41 9.34
CA ASP A 38 -9.97 10.13 10.53
C ASP A 38 -8.94 11.18 10.94
N HIS A 39 -7.67 10.97 10.54
CA HIS A 39 -6.61 11.96 10.71
C HIS A 39 -5.47 11.70 9.74
N ILE A 40 -5.31 12.60 8.75
CA ILE A 40 -4.18 12.56 7.84
C ILE A 40 -2.94 13.12 8.54
N ASP A 41 -3.11 13.74 9.71
CA ASP A 41 -2.02 14.36 10.44
C ASP A 41 -0.93 13.35 10.80
N ILE A 42 -1.27 12.05 10.80
CA ILE A 42 -0.31 10.98 11.06
C ILE A 42 0.12 10.28 9.77
N GLU A 43 -0.17 10.85 8.60
CA GLU A 43 0.20 10.24 7.33
C GLU A 43 1.69 9.88 7.28
N SER A 44 2.54 10.68 7.94
CA SER A 44 3.97 10.47 7.88
C SER A 44 4.37 9.10 8.43
N LYS A 45 3.88 8.74 9.62
CA LYS A 45 4.20 7.46 10.22
C LYS A 45 3.50 6.34 9.45
N ILE A 46 2.39 6.66 8.79
CA ILE A 46 1.61 5.69 8.04
C ILE A 46 2.35 5.29 6.77
N ILE A 47 2.88 6.28 6.04
CA ILE A 47 3.65 6.00 4.83
C ILE A 47 4.90 5.22 5.20
N SER A 48 5.50 5.51 6.35
CA SER A 48 6.68 4.76 6.76
C SER A 48 6.32 3.30 6.98
N LEU A 49 5.17 3.01 7.60
CA LEU A 49 4.80 1.65 7.91
C LEU A 49 4.51 0.82 6.65
N ILE A 50 3.88 1.41 5.62
CA ILE A 50 3.61 0.64 4.42
C ILE A 50 4.90 0.30 3.68
N ILE A 51 5.83 1.26 3.58
CA ILE A 51 7.09 0.98 2.91
C ILE A 51 7.96 0.05 3.73
N ASP A 52 7.98 0.24 5.06
CA ASP A 52 8.78 -0.60 5.94
C ASP A 52 8.26 -2.03 6.01
N TYR A 53 6.94 -2.22 6.08
CA TYR A 53 6.37 -3.55 6.12
C TYR A 53 6.62 -4.24 4.78
N SER A 54 6.34 -3.54 3.67
CA SER A 54 6.49 -4.11 2.34
C SER A 54 7.95 -4.41 2.03
N ARG A 55 8.88 -3.66 2.64
CA ARG A 55 10.31 -3.83 2.42
C ARG A 55 10.87 -5.05 3.14
N LEU A 56 10.42 -5.30 4.38
CA LEU A 56 10.95 -6.40 5.19
C LEU A 56 10.20 -7.71 4.94
N CYS A 57 8.87 -7.63 4.85
CA CYS A 57 8.01 -8.80 4.78
C CYS A 57 8.18 -9.59 3.47
N PRO A 58 7.83 -10.89 3.49
CA PRO A 58 7.89 -11.79 2.34
C PRO A 58 6.79 -11.47 1.34
N ASP A 59 6.83 -12.14 0.17
CA ASP A 59 5.95 -11.86 -0.95
C ASP A 59 4.46 -11.85 -0.58
N SER A 60 4.01 -12.79 0.23
CA SER A 60 2.60 -12.88 0.58
C SER A 60 2.18 -11.67 1.42
N HIS A 61 3.05 -11.24 2.35
CA HIS A 61 2.79 -10.07 3.16
C HIS A 61 3.03 -8.80 2.33
N LYS A 62 3.85 -8.91 1.28
CA LYS A 62 4.16 -7.81 0.38
C LYS A 62 2.95 -7.55 -0.51
N LEU A 63 2.21 -8.60 -0.89
CA LEU A 63 0.95 -8.46 -1.61
C LEU A 63 -0.04 -7.78 -0.67
N GLY A 64 -0.09 -8.23 0.59
CA GLY A 64 -0.98 -7.64 1.58
C GLY A 64 -0.60 -6.20 1.88
N SER A 65 0.69 -5.88 1.77
CA SER A 65 1.16 -4.51 1.99
C SER A 65 0.63 -3.61 0.89
N LEU A 66 0.64 -4.10 -0.36
CA LEU A 66 0.13 -3.34 -1.48
C LEU A 66 -1.39 -3.22 -1.41
N TYR A 67 -2.06 -4.15 -0.71
CA TYR A 67 -3.50 -4.07 -0.50
C TYR A 67 -3.81 -2.96 0.50
N ILE A 68 -2.98 -2.81 1.53
CA ILE A 68 -3.14 -1.74 2.51
C ILE A 68 -2.86 -0.41 1.84
N ILE A 69 -1.78 -0.34 1.05
CA ILE A 69 -1.42 0.83 0.28
C ILE A 69 -2.54 1.21 -0.69
N ASP A 70 -3.29 0.21 -1.19
CA ASP A 70 -4.38 0.49 -2.10
C ASP A 70 -5.54 1.20 -1.40
N SER A 71 -5.95 0.69 -0.23
CA SER A 71 -7.08 1.25 0.47
C SER A 71 -6.74 2.62 1.06
N ILE A 72 -5.59 2.73 1.73
CA ILE A 72 -5.20 3.98 2.35
C ILE A 72 -4.70 4.96 1.29
N GLY A 73 -4.05 4.45 0.23
CA GLY A 73 -3.45 5.28 -0.79
C GLY A 73 -4.52 6.03 -1.57
N ARG A 74 -5.51 5.30 -2.10
CA ARG A 74 -6.57 5.93 -2.86
C ARG A 74 -7.48 6.74 -1.95
N ALA A 75 -7.78 6.25 -0.75
CA ALA A 75 -8.67 6.98 0.13
C ALA A 75 -8.04 8.33 0.50
N TYR A 76 -6.70 8.38 0.57
CA TYR A 76 -6.01 9.64 0.85
C TYR A 76 -6.13 10.59 -0.34
N LEU A 77 -5.79 10.16 -1.55
CA LEU A 77 -5.84 11.12 -2.64
C LEU A 77 -7.29 11.46 -2.95
N ASP A 78 -8.17 10.46 -3.03
CA ASP A 78 -9.56 10.67 -3.40
C ASP A 78 -10.25 11.65 -2.46
N GLU A 79 -10.10 11.49 -1.14
CA GLU A 79 -10.74 12.39 -0.21
C GLU A 79 -10.10 13.78 -0.22
N THR A 80 -8.77 13.87 -0.29
CA THR A 80 -8.13 15.18 -0.30
C THR A 80 -8.33 15.90 -1.62
N ARG A 81 -8.49 15.15 -2.72
CA ARG A 81 -8.72 15.71 -4.05
C ARG A 81 -10.18 16.09 -4.27
N SER A 82 -11.12 15.31 -3.71
CA SER A 82 -12.53 15.59 -3.87
C SER A 82 -13.11 16.50 -2.78
N ASN A 83 -12.59 16.38 -1.55
CA ASN A 83 -13.22 17.00 -0.40
C ASN A 83 -12.22 17.72 0.51
N SER A 84 -12.74 18.41 1.53
CA SER A 84 -11.91 19.13 2.48
C SER A 84 -11.05 18.15 3.29
N ASN A 85 -9.94 18.64 3.84
CA ASN A 85 -9.00 17.81 4.57
C ASN A 85 -8.24 18.67 5.58
N SER A 86 -7.21 18.11 6.23
CA SER A 86 -6.45 18.79 7.27
C SER A 86 -5.78 20.07 6.75
N SER A 87 -5.67 20.21 5.42
CA SER A 87 -5.16 21.41 4.78
C SER A 87 -3.78 21.84 5.30
N SER A 88 -2.98 20.89 5.77
CA SER A 88 -1.66 21.16 6.31
C SER A 88 -0.73 21.69 5.22
N ASN A 89 0.38 22.32 5.63
CA ASN A 89 1.31 22.95 4.71
C ASN A 89 1.99 21.93 3.80
N LYS A 90 2.27 20.72 4.31
CA LYS A 90 2.84 19.66 3.50
C LYS A 90 2.63 18.28 4.15
N PRO A 91 3.25 17.97 5.30
CA PRO A 91 3.00 16.73 6.01
C PRO A 91 1.62 16.81 6.67
N GLY A 92 0.98 15.66 6.88
CA GLY A 92 -0.35 15.64 7.45
C GLY A 92 -1.45 15.74 6.39
N THR A 93 -1.09 15.53 5.13
CA THR A 93 -2.01 15.58 4.00
C THR A 93 -1.53 14.68 2.87
N CYS A 94 -2.43 14.38 1.93
CA CYS A 94 -2.10 13.60 0.75
C CYS A 94 -0.90 14.19 0.03
N ALA A 95 -0.65 15.49 0.18
CA ALA A 95 0.44 16.14 -0.53
C ALA A 95 1.76 15.44 -0.23
N HIS A 96 2.15 15.37 1.05
CA HIS A 96 3.40 14.73 1.44
C HIS A 96 3.27 13.22 1.38
N ALA A 97 2.08 12.68 1.67
CA ALA A 97 1.87 11.25 1.73
C ALA A 97 2.04 10.61 0.36
N ILE A 98 1.35 11.14 -0.66
CA ILE A 98 1.44 10.60 -2.01
C ILE A 98 2.80 10.92 -2.62
N ASN A 99 3.37 12.09 -2.31
CA ASN A 99 4.68 12.43 -2.84
C ASN A 99 5.76 11.52 -2.27
N THR A 100 5.77 11.29 -0.96
CA THR A 100 6.82 10.50 -0.34
C THR A 100 6.72 9.04 -0.77
N LEU A 101 5.50 8.54 -0.97
CA LEU A 101 5.28 7.16 -1.36
C LEU A 101 5.61 6.97 -2.84
N GLY A 102 5.24 7.93 -3.69
CA GLY A 102 5.41 7.81 -5.13
C GLY A 102 6.88 7.77 -5.55
N GLU A 103 7.78 8.18 -4.67
CA GLU A 103 9.21 8.20 -4.96
C GLU A 103 9.83 6.80 -4.83
N VAL A 104 9.33 6.02 -3.89
CA VAL A 104 9.90 4.71 -3.56
C VAL A 104 8.97 3.55 -3.93
N ILE A 105 7.83 3.84 -4.56
CA ILE A 105 6.86 2.81 -4.91
C ILE A 105 7.40 1.89 -6.02
N GLN A 106 8.30 2.39 -6.87
CA GLN A 106 8.82 1.56 -7.94
C GLN A 106 9.73 0.48 -7.38
N GLU A 107 10.43 0.75 -6.27
CA GLU A 107 11.27 -0.26 -5.66
C GLU A 107 10.41 -1.34 -4.99
N LEU A 108 9.30 -0.94 -4.37
CA LEU A 108 8.44 -1.88 -3.67
C LEU A 108 7.63 -2.70 -4.68
N LEU A 109 7.21 -2.10 -5.79
CA LEU A 109 6.52 -2.84 -6.83
C LEU A 109 7.49 -3.77 -7.55
N SER A 110 8.65 -3.27 -7.95
CA SER A 110 9.65 -4.06 -8.65
C SER A 110 10.05 -5.28 -7.81
N ASP A 111 10.19 -5.08 -6.49
CA ASP A 111 10.49 -6.16 -5.58
C ASP A 111 9.34 -7.15 -5.58
N ALA A 112 8.10 -6.62 -5.55
CA ALA A 112 6.94 -7.47 -5.45
C ALA A 112 6.70 -8.26 -6.74
N ILE A 113 6.92 -7.66 -7.92
CA ILE A 113 6.67 -8.42 -9.14
C ILE A 113 7.70 -9.53 -9.27
N ALA A 114 8.95 -9.23 -8.90
CA ALA A 114 10.04 -10.19 -8.92
C ALA A 114 9.83 -11.31 -7.90
N LYS A 115 9.49 -10.95 -6.66
CA LYS A 115 9.42 -11.91 -5.56
C LYS A 115 8.09 -12.66 -5.47
N SER A 116 6.98 -12.01 -5.82
CA SER A 116 5.65 -12.56 -5.63
C SER A 116 5.29 -13.60 -6.69
N ASN A 117 4.32 -14.47 -6.38
CA ASN A 117 3.88 -15.53 -7.26
C ASN A 117 2.92 -15.01 -8.33
N GLN A 118 2.68 -15.80 -9.38
CA GLN A 118 1.81 -15.45 -10.49
C GLN A 118 0.50 -14.82 -10.04
N ASP A 119 -0.18 -15.45 -9.08
CA ASP A 119 -1.44 -14.95 -8.55
C ASP A 119 -1.22 -13.57 -7.90
N HIS A 120 -0.10 -13.40 -7.21
CA HIS A 120 0.20 -12.14 -6.55
C HIS A 120 0.47 -11.06 -7.59
N LYS A 121 1.20 -11.41 -8.65
CA LYS A 121 1.51 -10.47 -9.73
C LYS A 121 0.21 -9.97 -10.34
N GLU A 122 -0.82 -10.82 -10.41
CA GLU A 122 -2.11 -10.44 -10.96
C GLU A 122 -2.80 -9.41 -10.06
N LYS A 123 -2.81 -9.64 -8.75
CA LYS A 123 -3.49 -8.71 -7.84
C LYS A 123 -2.76 -7.38 -7.80
N ILE A 124 -1.43 -7.38 -7.88
CA ILE A 124 -0.70 -6.12 -7.91
C ILE A 124 -1.02 -5.38 -9.19
N ARG A 125 -1.16 -6.12 -10.30
CA ARG A 125 -1.31 -5.49 -11.59
C ARG A 125 -2.62 -4.74 -11.71
N MET A 126 -3.71 -5.33 -11.21
CA MET A 126 -4.98 -4.61 -11.20
C MET A 126 -4.88 -3.43 -10.24
N LEU A 127 -4.12 -3.57 -9.15
CA LEU A 127 -3.90 -2.47 -8.23
C LEU A 127 -3.21 -1.31 -8.93
N LEU A 128 -2.30 -1.58 -9.89
CA LEU A 128 -1.64 -0.50 -10.60
C LEU A 128 -2.63 0.25 -11.47
N ASP A 129 -3.50 -0.48 -12.19
CA ASP A 129 -4.50 0.18 -13.01
C ASP A 129 -5.48 0.95 -12.13
N ILE A 130 -5.83 0.38 -10.96
CA ILE A 130 -6.73 1.03 -10.02
C ILE A 130 -6.12 2.33 -9.51
N TRP A 131 -4.79 2.36 -9.32
CA TRP A 131 -4.14 3.55 -8.81
C TRP A 131 -4.03 4.65 -9.87
N ASP A 132 -3.84 4.28 -11.14
CA ASP A 132 -3.82 5.29 -12.20
C ASP A 132 -5.21 5.89 -12.40
N ARG A 133 -6.26 5.13 -12.09
CA ARG A 133 -7.63 5.60 -12.17
C ARG A 133 -7.94 6.59 -11.05
N SER A 134 -7.34 6.39 -9.87
CA SER A 134 -7.47 7.37 -8.80
C SER A 134 -6.62 8.61 -9.08
N GLY A 135 -5.64 8.49 -9.98
CA GLY A 135 -4.76 9.60 -10.33
C GLY A 135 -3.54 9.68 -9.40
N LEU A 136 -3.24 8.60 -8.68
CA LEU A 136 -2.09 8.58 -7.76
C LEU A 136 -0.80 8.77 -8.55
N PHE A 137 0.06 9.67 -8.05
CA PHE A 137 1.37 9.88 -8.64
C PHE A 137 2.28 8.72 -8.26
N GLN A 138 2.93 8.10 -9.25
CA GLN A 138 3.82 6.98 -9.01
C GLN A 138 4.79 6.79 -10.16
N LYS A 139 5.97 6.24 -9.85
CA LYS A 139 6.98 5.89 -10.84
C LYS A 139 6.70 4.50 -11.42
N SER A 140 5.48 4.00 -11.24
CA SER A 140 5.07 2.66 -11.64
C SER A 140 4.98 2.47 -13.16
N TYR A 141 5.75 3.24 -13.93
CA TYR A 141 5.71 3.19 -15.37
C TYR A 141 7.06 2.83 -15.98
N LEU A 142 8.11 2.74 -15.16
CA LEU A 142 9.45 2.38 -15.61
C LEU A 142 9.57 0.86 -15.80
N ASN A 143 10.60 0.43 -16.54
CA ASN A 143 10.82 -0.98 -16.83
C ASN A 143 11.16 -1.79 -15.59
N ALA A 144 11.53 -1.12 -14.50
CA ALA A 144 11.88 -1.80 -13.27
C ALA A 144 10.64 -2.50 -12.69
N ILE A 145 9.46 -1.93 -12.92
CA ILE A 145 8.22 -2.52 -12.47
C ILE A 145 7.97 -3.85 -13.17
N ARG A 146 8.44 -3.99 -14.41
CA ARG A 146 8.25 -5.23 -15.15
C ARG A 146 9.19 -6.30 -14.63
N SER A 147 10.51 -6.04 -14.66
CA SER A 147 11.53 -6.99 -14.21
C SER A 147 11.18 -8.42 -14.60
N LYS A 148 10.74 -8.60 -15.84
CA LYS A 148 10.27 -9.88 -16.37
C LYS A 148 11.27 -11.01 -16.14
N CYS A 149 12.56 -10.67 -15.98
CA CYS A 149 13.58 -11.68 -15.76
C CYS A 149 13.36 -12.36 -14.42
N PHE A 150 13.41 -11.59 -13.33
CA PHE A 150 13.26 -12.14 -11.99
C PHE A 150 11.90 -12.77 -11.81
N ALA A 151 10.90 -12.24 -12.52
CA ALA A 151 9.54 -12.76 -12.43
C ALA A 151 9.45 -14.17 -13.02
N MET A 152 10.22 -14.43 -14.08
CA MET A 152 10.25 -15.74 -14.71
C MET A 152 11.30 -16.65 -14.08
N ASP A 153 12.22 -16.10 -13.28
CA ASP A 153 13.24 -16.89 -12.61
C ASP A 153 12.72 -17.68 -11.42
N LEU A 154 11.59 -17.27 -10.82
CA LEU A 154 11.11 -17.88 -9.58
C LEU A 154 9.85 -18.72 -9.77
N GLU A 155 9.41 -18.87 -11.01
CA GLU A 155 8.25 -19.70 -11.34
C GLU A 155 8.25 -20.05 -12.82
N HIS A 156 7.33 -20.95 -13.22
CA HIS A 156 7.21 -21.37 -14.61
C HIS A 156 6.84 -20.19 -15.51
N HIS A 157 7.21 -20.29 -16.79
CA HIS A 157 7.05 -19.21 -17.75
C HIS A 157 5.62 -19.11 -18.30
N HIS A 158 4.66 -19.70 -17.58
CA HIS A 158 3.24 -19.69 -17.93
C HIS A 158 2.97 -20.38 -19.28
N HIS A 159 3.94 -21.07 -19.85
CA HIS A 159 3.78 -21.79 -21.11
C HIS A 159 2.94 -23.04 -20.91
N ASP B 1 -5.67 -14.80 5.99
CA ASP B 1 -6.34 -15.71 6.92
C ASP B 1 -7.36 -14.95 7.76
N ASP B 2 -7.97 -15.62 8.74
CA ASP B 2 -8.98 -15.07 9.64
C ASP B 2 -10.23 -14.54 8.93
N ASP B 3 -10.13 -13.40 8.26
CA ASP B 3 -11.28 -12.71 7.69
C ASP B 3 -10.88 -11.81 6.52
N GLU B 4 -11.80 -11.65 5.56
CA GLU B 4 -11.65 -10.76 4.42
C GLU B 4 -10.26 -10.87 3.79
N ASP B 5 -9.75 -12.08 3.60
CA ASP B 5 -8.42 -12.32 3.04
C ASP B 5 -8.28 -11.77 1.62
N ASP B 6 -9.37 -11.20 1.08
CA ASP B 6 -9.36 -10.42 -0.15
C ASP B 6 -10.54 -9.46 -0.07
N TYR B 7 -10.25 -8.17 0.20
CA TYR B 7 -11.30 -7.19 0.38
C TYR B 7 -11.99 -6.85 -0.94
N THR B 8 -11.55 -7.47 -2.04
CA THR B 8 -12.13 -7.29 -3.37
C THR B 8 -12.11 -5.81 -3.77
N PRO B 9 -10.94 -5.28 -4.16
CA PRO B 9 -10.79 -3.90 -4.58
C PRO B 9 -11.57 -3.64 -5.87
N SER B 10 -12.10 -2.42 -6.01
CA SER B 10 -12.89 -2.04 -7.16
C SER B 10 -12.86 -0.52 -7.35
N ILE B 11 -13.06 -0.06 -8.58
CA ILE B 11 -13.02 1.35 -8.92
C ILE B 11 -13.67 1.54 -10.29
N SER B 12 -14.07 2.78 -10.61
CA SER B 12 -14.59 3.14 -11.92
C SER B 12 -13.54 2.89 -12.99
N MET A 1 2.70 3.84 26.15
CA MET A 1 3.70 3.72 27.22
C MET A 1 4.93 2.99 26.71
N GLN A 2 4.75 1.74 26.29
CA GLN A 2 5.76 0.93 25.62
C GLN A 2 6.16 1.57 24.30
N GLN A 3 5.26 2.41 23.77
CA GLN A 3 5.44 3.16 22.55
C GLN A 3 4.38 4.28 22.57
N ASP A 4 4.25 5.07 21.50
CA ASP A 4 3.18 6.05 21.44
C ASP A 4 1.85 5.29 21.22
N ASP A 5 0.90 5.48 22.14
CA ASP A 5 -0.32 4.68 22.19
C ASP A 5 -1.37 5.07 21.17
N ASP A 6 -1.00 5.93 20.23
CA ASP A 6 -1.85 6.22 19.08
C ASP A 6 -1.43 5.29 17.96
N PHE A 7 -0.11 5.12 17.82
CA PHE A 7 0.47 4.29 16.79
C PHE A 7 0.31 2.82 17.17
N GLN A 8 0.38 2.52 18.47
CA GLN A 8 0.34 1.17 18.99
C GLN A 8 -0.79 0.33 18.39
N ASN A 9 -1.96 0.96 18.19
CA ASN A 9 -3.11 0.27 17.64
C ASN A 9 -2.89 -0.04 16.17
N PHE A 10 -2.26 0.91 15.47
CA PHE A 10 -1.94 0.81 14.05
C PHE A 10 -0.83 -0.21 13.86
N VAL A 11 0.13 -0.26 14.79
CA VAL A 11 1.24 -1.19 14.74
C VAL A 11 0.72 -2.59 14.97
N ALA A 12 -0.03 -2.81 16.05
CA ALA A 12 -0.58 -4.11 16.38
C ALA A 12 -1.44 -4.66 15.25
N THR A 13 -2.13 -3.78 14.51
CA THR A 13 -2.90 -4.22 13.35
C THR A 13 -1.93 -4.68 12.26
N LEU A 14 -0.86 -3.92 12.05
CA LEU A 14 0.16 -4.24 11.05
C LEU A 14 0.85 -5.56 11.41
N GLU A 15 1.12 -5.75 12.71
CA GLU A 15 1.76 -6.95 13.23
C GLU A 15 0.86 -8.16 13.00
N SER A 16 -0.46 -7.94 13.07
CA SER A 16 -1.40 -9.01 12.79
C SER A 16 -1.27 -9.44 11.33
N PHE A 17 -0.97 -8.50 10.44
CA PHE A 17 -0.75 -8.83 9.04
C PHE A 17 0.53 -9.65 8.85
N LYS A 18 1.56 -9.38 9.68
CA LYS A 18 2.77 -10.19 9.64
C LYS A 18 2.49 -11.59 10.17
N ASP A 19 1.46 -11.70 11.01
CA ASP A 19 1.03 -12.98 11.58
C ASP A 19 0.21 -13.80 10.57
N LEU A 20 -0.41 -13.15 9.58
CA LEU A 20 -1.19 -13.84 8.57
C LEU A 20 -0.28 -14.52 7.54
N LYS A 21 -0.87 -15.42 6.75
CA LYS A 21 -0.16 -16.13 5.69
C LYS A 21 -0.37 -15.37 4.39
N SER A 22 -1.61 -14.96 4.11
CA SER A 22 -1.95 -14.25 2.89
C SER A 22 -1.60 -12.76 3.00
N GLY A 23 -1.38 -12.27 4.23
CA GLY A 23 -1.01 -10.89 4.50
C GLY A 23 -2.16 -9.90 4.30
N ILE A 24 -3.11 -10.20 3.41
CA ILE A 24 -4.27 -9.37 3.20
C ILE A 24 -5.26 -9.57 4.33
N SER A 25 -6.00 -8.52 4.70
CA SER A 25 -6.95 -8.60 5.79
C SER A 25 -7.93 -7.43 5.73
N GLY A 26 -8.92 -7.52 4.85
CA GLY A 26 -9.82 -6.43 4.54
C GLY A 26 -10.35 -5.68 5.76
N SER A 27 -10.94 -6.36 6.74
CA SER A 27 -11.54 -5.66 7.87
C SER A 27 -10.48 -4.93 8.67
N ARG A 28 -9.36 -5.59 8.97
CA ARG A 28 -8.28 -4.98 9.75
C ARG A 28 -7.57 -3.90 8.96
N ILE A 29 -7.37 -4.10 7.66
CA ILE A 29 -6.85 -3.05 6.80
C ILE A 29 -7.76 -1.84 6.91
N LYS A 30 -9.08 -2.07 6.90
CA LYS A 30 -10.05 -1.01 7.01
C LYS A 30 -10.08 -0.42 8.44
N LYS A 31 -9.57 -1.13 9.44
CA LYS A 31 -9.48 -0.56 10.79
C LYS A 31 -8.44 0.54 10.80
N LEU A 32 -7.20 0.24 10.38
CA LEU A 32 -6.16 1.25 10.41
C LEU A 32 -6.35 2.26 9.27
N THR A 33 -7.10 1.91 8.23
CA THR A 33 -7.40 2.84 7.16
C THR A 33 -8.38 3.88 7.68
N THR A 34 -9.40 3.43 8.42
CA THR A 34 -10.42 4.34 8.91
C THR A 34 -9.83 5.30 9.94
N TYR A 35 -8.91 4.81 10.78
CA TYR A 35 -8.26 5.66 11.76
C TYR A 35 -7.35 6.66 11.06
N ALA A 36 -6.72 6.27 9.95
CA ALA A 36 -5.87 7.16 9.19
C ALA A 36 -6.70 8.25 8.53
N LEU A 37 -7.92 7.91 8.08
CA LEU A 37 -8.82 8.86 7.44
C LEU A 37 -9.34 9.86 8.46
N ASP A 38 -9.54 9.41 9.71
CA ASP A 38 -9.95 10.28 10.80
C ASP A 38 -8.82 11.25 11.18
N HIS A 39 -7.57 10.91 10.85
CA HIS A 39 -6.42 11.71 11.25
C HIS A 39 -5.26 11.60 10.25
N ILE A 40 -5.16 12.56 9.32
CA ILE A 40 -4.05 12.61 8.38
C ILE A 40 -2.80 13.11 9.09
N ASP A 41 -2.94 13.67 10.30
CA ASP A 41 -1.82 14.23 11.05
C ASP A 41 -0.70 13.21 11.27
N ILE A 42 -1.03 11.92 11.22
CA ILE A 42 -0.06 10.84 11.39
C ILE A 42 0.22 10.11 10.09
N GLU A 43 -0.10 10.71 8.94
CA GLU A 43 0.24 10.10 7.65
C GLU A 43 1.74 9.78 7.62
N SER A 44 2.51 10.56 8.38
CA SER A 44 3.96 10.41 8.46
C SER A 44 4.36 9.02 8.93
N LYS A 45 3.85 8.59 10.09
CA LYS A 45 4.17 7.27 10.63
C LYS A 45 3.45 6.17 9.84
N ILE A 46 2.37 6.52 9.14
CA ILE A 46 1.61 5.55 8.36
C ILE A 46 2.38 5.19 7.09
N ILE A 47 2.92 6.19 6.39
CA ILE A 47 3.68 5.96 5.18
C ILE A 47 4.98 5.22 5.54
N SER A 48 5.60 5.57 6.66
CA SER A 48 6.79 4.87 7.08
C SER A 48 6.46 3.40 7.36
N LEU A 49 5.30 3.14 7.96
CA LEU A 49 4.96 1.80 8.38
C LEU A 49 4.63 0.87 7.20
N ILE A 50 4.06 1.40 6.11
CA ILE A 50 3.82 0.57 4.94
C ILE A 50 5.13 0.22 4.25
N ILE A 51 6.06 1.18 4.14
CA ILE A 51 7.34 0.88 3.50
C ILE A 51 8.20 -0.03 4.39
N ASP A 52 8.17 0.18 5.71
CA ASP A 52 8.91 -0.65 6.64
C ASP A 52 8.38 -2.09 6.65
N TYR A 53 7.05 -2.27 6.68
CA TYR A 53 6.49 -3.62 6.61
C TYR A 53 6.91 -4.26 5.29
N SER A 54 6.85 -3.49 4.20
CA SER A 54 7.18 -4.00 2.88
C SER A 54 8.67 -4.30 2.75
N ARG A 55 9.52 -3.60 3.52
CA ARG A 55 10.96 -3.80 3.44
C ARG A 55 11.38 -5.09 4.13
N LEU A 56 10.70 -5.45 5.22
CA LEU A 56 11.05 -6.63 6.00
C LEU A 56 10.33 -7.89 5.51
N CYS A 57 9.03 -7.74 5.21
CA CYS A 57 8.15 -8.86 4.94
C CYS A 57 8.48 -9.66 3.67
N PRO A 58 8.01 -10.91 3.62
CA PRO A 58 8.12 -11.81 2.48
C PRO A 58 7.08 -11.48 1.40
N ASP A 59 6.89 -12.39 0.44
CA ASP A 59 6.08 -12.20 -0.75
C ASP A 59 4.60 -11.95 -0.46
N SER A 60 3.97 -12.82 0.33
CA SER A 60 2.54 -12.75 0.58
C SER A 60 2.20 -11.50 1.39
N HIS A 61 3.09 -11.10 2.28
CA HIS A 61 2.93 -9.88 3.05
C HIS A 61 3.20 -8.66 2.17
N LYS A 62 3.97 -8.85 1.09
CA LYS A 62 4.23 -7.78 0.13
C LYS A 62 2.93 -7.43 -0.59
N LEU A 63 2.15 -8.45 -0.92
CA LEU A 63 0.86 -8.26 -1.56
C LEU A 63 -0.10 -7.58 -0.57
N GLY A 64 -0.07 -8.03 0.69
CA GLY A 64 -0.92 -7.45 1.73
C GLY A 64 -0.52 -6.02 2.02
N SER A 65 0.76 -5.69 1.87
CA SER A 65 1.25 -4.33 2.07
C SER A 65 0.68 -3.42 1.00
N LEU A 66 0.67 -3.89 -0.25
CA LEU A 66 0.15 -3.12 -1.37
C LEU A 66 -1.37 -2.97 -1.25
N TYR A 67 -2.04 -3.90 -0.58
CA TYR A 67 -3.46 -3.78 -0.33
C TYR A 67 -3.75 -2.68 0.68
N ILE A 68 -2.90 -2.54 1.69
CA ILE A 68 -3.06 -1.47 2.66
C ILE A 68 -2.79 -0.13 1.96
N ILE A 69 -1.70 -0.07 1.19
CA ILE A 69 -1.33 1.11 0.41
C ILE A 69 -2.44 1.48 -0.57
N ASP A 70 -3.12 0.49 -1.16
CA ASP A 70 -4.21 0.76 -2.08
C ASP A 70 -5.41 1.32 -1.32
N SER A 71 -5.73 0.74 -0.16
CA SER A 71 -6.87 1.14 0.63
C SER A 71 -6.69 2.53 1.19
N ILE A 72 -5.61 2.76 1.94
CA ILE A 72 -5.37 4.04 2.59
C ILE A 72 -4.90 5.06 1.55
N GLY A 73 -4.16 4.60 0.53
CA GLY A 73 -3.59 5.48 -0.47
C GLY A 73 -4.66 6.20 -1.27
N ARG A 74 -5.62 5.45 -1.81
CA ARG A 74 -6.69 6.07 -2.57
C ARG A 74 -7.63 6.82 -1.64
N ALA A 75 -7.93 6.27 -0.46
CA ALA A 75 -8.83 6.93 0.46
C ALA A 75 -8.27 8.28 0.90
N TYR A 76 -6.94 8.41 1.02
CA TYR A 76 -6.34 9.70 1.34
C TYR A 76 -6.46 10.66 0.17
N LEU A 77 -6.07 10.24 -1.04
CA LEU A 77 -6.09 11.19 -2.14
C LEU A 77 -7.53 11.57 -2.47
N ASP A 78 -8.48 10.63 -2.35
CA ASP A 78 -9.89 10.90 -2.58
C ASP A 78 -10.47 11.85 -1.53
N GLU A 79 -10.20 11.61 -0.25
CA GLU A 79 -10.73 12.45 0.80
C GLU A 79 -10.16 13.86 0.69
N THR A 80 -8.83 13.97 0.54
CA THR A 80 -8.19 15.27 0.42
C THR A 80 -8.61 15.96 -0.88
N ARG A 81 -8.94 15.21 -1.93
CA ARG A 81 -9.46 15.79 -3.16
C ARG A 81 -10.87 16.31 -2.91
N SER A 82 -11.59 15.73 -1.95
CA SER A 82 -12.96 16.10 -1.66
C SER A 82 -13.07 17.28 -0.69
N ASN A 83 -12.09 17.46 0.21
CA ASN A 83 -12.17 18.46 1.27
C ASN A 83 -10.88 19.25 1.48
N SER A 84 -9.90 19.11 0.59
CA SER A 84 -8.61 19.78 0.75
C SER A 84 -7.94 19.98 -0.62
N ASN A 85 -6.62 20.16 -0.62
CA ASN A 85 -5.85 20.34 -1.86
C ASN A 85 -4.42 19.82 -1.67
N SER A 86 -3.90 19.13 -2.69
CA SER A 86 -2.59 18.49 -2.61
C SER A 86 -1.43 19.47 -2.73
N SER A 87 -1.71 20.75 -3.00
CA SER A 87 -0.66 21.78 -3.04
C SER A 87 -0.21 22.12 -1.62
N SER A 88 -0.90 21.56 -0.61
CA SER A 88 -0.55 21.72 0.79
C SER A 88 0.65 20.83 1.13
N ASN A 89 1.75 20.97 0.37
CA ASN A 89 2.96 20.18 0.47
C ASN A 89 3.64 20.32 1.83
N LYS A 90 3.08 19.63 2.84
CA LYS A 90 3.66 19.50 4.17
C LYS A 90 3.11 18.23 4.81
N PRO A 91 3.75 17.72 5.88
CA PRO A 91 3.30 16.55 6.60
C PRO A 91 1.88 16.73 7.13
N GLY A 92 1.17 15.62 7.34
CA GLY A 92 -0.17 15.66 7.92
C GLY A 92 -1.27 15.81 6.87
N THR A 93 -0.97 15.53 5.61
CA THR A 93 -1.93 15.60 4.51
C THR A 93 -1.47 14.70 3.37
N CYS A 94 -2.38 14.43 2.43
CA CYS A 94 -2.10 13.60 1.26
C CYS A 94 -0.91 14.16 0.48
N ALA A 95 -0.63 15.46 0.64
CA ALA A 95 0.41 16.11 -0.11
C ALA A 95 1.76 15.45 0.18
N HIS A 96 2.19 15.45 1.44
CA HIS A 96 3.45 14.83 1.80
C HIS A 96 3.34 13.31 1.76
N ALA A 97 2.15 12.78 2.05
CA ALA A 97 1.95 11.33 2.07
C ALA A 97 2.14 10.73 0.68
N ILE A 98 1.43 11.24 -0.34
CA ILE A 98 1.55 10.70 -1.69
C ILE A 98 2.92 11.08 -2.27
N ASN A 99 3.45 12.25 -1.94
CA ASN A 99 4.77 12.65 -2.43
C ASN A 99 5.85 11.71 -1.91
N THR A 100 5.77 11.32 -0.64
CA THR A 100 6.77 10.43 -0.04
C THR A 100 6.58 9.00 -0.54
N LEU A 101 5.33 8.62 -0.81
CA LEU A 101 5.00 7.29 -1.28
C LEU A 101 5.50 7.07 -2.72
N GLY A 102 5.34 8.07 -3.58
CA GLY A 102 5.63 7.94 -5.00
C GLY A 102 7.11 7.64 -5.28
N GLU A 103 8.01 7.94 -4.34
CA GLU A 103 9.43 7.69 -4.53
C GLU A 103 9.84 6.28 -4.14
N VAL A 104 9.21 5.73 -3.10
CA VAL A 104 9.54 4.40 -2.59
C VAL A 104 8.68 3.33 -3.24
N ILE A 105 7.47 3.67 -3.69
CA ILE A 105 6.53 2.68 -4.20
C ILE A 105 7.08 1.97 -5.44
N GLN A 106 7.98 2.62 -6.18
CA GLN A 106 8.52 2.02 -7.38
C GLN A 106 9.44 0.84 -7.03
N GLU A 107 10.26 0.97 -5.99
CA GLU A 107 11.10 -0.13 -5.55
C GLU A 107 10.31 -1.12 -4.70
N LEU A 108 9.25 -0.64 -4.04
CA LEU A 108 8.38 -1.49 -3.26
C LEU A 108 7.62 -2.42 -4.20
N LEU A 109 7.14 -1.88 -5.33
CA LEU A 109 6.52 -2.69 -6.37
C LEU A 109 7.59 -3.56 -7.02
N SER A 110 8.75 -3.00 -7.35
CA SER A 110 9.84 -3.74 -7.96
C SER A 110 10.11 -5.04 -7.19
N ASP A 111 10.28 -4.95 -5.87
CA ASP A 111 10.52 -6.13 -5.06
C ASP A 111 9.31 -7.06 -5.16
N ALA A 112 8.11 -6.49 -5.07
CA ALA A 112 6.90 -7.28 -5.07
C ALA A 112 6.69 -8.01 -6.41
N ILE A 113 6.98 -7.38 -7.54
CA ILE A 113 6.72 -8.04 -8.81
C ILE A 113 7.68 -9.21 -8.99
N ALA A 114 8.94 -9.05 -8.60
CA ALA A 114 9.90 -10.13 -8.71
C ALA A 114 9.68 -11.21 -7.65
N LYS A 115 9.44 -10.80 -6.40
CA LYS A 115 9.36 -11.71 -5.26
C LYS A 115 8.00 -12.42 -5.14
N SER A 116 6.91 -11.78 -5.58
CA SER A 116 5.59 -12.33 -5.38
C SER A 116 5.26 -13.40 -6.41
N ASN A 117 4.31 -14.29 -6.07
CA ASN A 117 3.89 -15.39 -6.94
C ASN A 117 3.00 -14.86 -8.07
N GLN A 118 2.77 -15.68 -9.10
CA GLN A 118 2.06 -15.25 -10.30
C GLN A 118 0.70 -14.64 -10.00
N ASP A 119 -0.04 -15.19 -9.04
CA ASP A 119 -1.34 -14.67 -8.65
C ASP A 119 -1.17 -13.32 -7.96
N HIS A 120 -0.11 -13.20 -7.16
CA HIS A 120 0.20 -11.95 -6.50
C HIS A 120 0.57 -10.89 -7.54
N LYS A 121 1.35 -11.27 -8.56
CA LYS A 121 1.73 -10.34 -9.62
C LYS A 121 0.46 -9.78 -10.27
N GLU A 122 -0.56 -10.63 -10.44
CA GLU A 122 -1.83 -10.22 -11.02
C GLU A 122 -2.58 -9.26 -10.10
N LYS A 123 -2.74 -9.60 -8.82
CA LYS A 123 -3.41 -8.73 -7.87
C LYS A 123 -2.72 -7.37 -7.79
N ILE A 124 -1.40 -7.33 -7.95
CA ILE A 124 -0.67 -6.08 -7.91
C ILE A 124 -0.91 -5.32 -9.22
N ARG A 125 -0.99 -6.04 -10.34
CA ARG A 125 -1.15 -5.39 -11.64
C ARG A 125 -2.53 -4.73 -11.75
N MET A 126 -3.56 -5.36 -11.19
CA MET A 126 -4.88 -4.76 -11.19
C MET A 126 -4.94 -3.63 -10.15
N LEU A 127 -4.11 -3.71 -9.10
CA LEU A 127 -3.98 -2.60 -8.17
C LEU A 127 -3.45 -1.35 -8.88
N LEU A 128 -2.49 -1.53 -9.81
CA LEU A 128 -1.96 -0.40 -10.55
C LEU A 128 -3.02 0.13 -11.51
N ASP A 129 -3.82 -0.75 -12.12
CA ASP A 129 -4.91 -0.31 -12.98
C ASP A 129 -5.87 0.55 -12.16
N ILE A 130 -6.20 0.11 -10.94
CA ILE A 130 -7.10 0.85 -10.07
C ILE A 130 -6.54 2.23 -9.77
N TRP A 131 -5.21 2.34 -9.63
CA TRP A 131 -4.60 3.62 -9.31
C TRP A 131 -4.57 4.58 -10.49
N ASP A 132 -4.39 4.06 -11.71
CA ASP A 132 -4.37 4.92 -12.89
C ASP A 132 -5.76 5.48 -13.17
N ARG A 133 -6.80 4.72 -12.81
CA ARG A 133 -8.18 5.14 -12.93
C ARG A 133 -8.53 6.14 -11.84
N SER A 134 -7.93 5.95 -10.67
CA SER A 134 -8.15 6.82 -9.51
C SER A 134 -7.39 8.13 -9.65
N GLY A 135 -6.43 8.20 -10.58
CA GLY A 135 -5.72 9.44 -10.89
C GLY A 135 -4.60 9.77 -9.90
N LEU A 136 -4.16 8.81 -9.08
CA LEU A 136 -3.09 9.08 -8.13
C LEU A 136 -1.76 9.25 -8.86
N PHE A 137 -1.60 8.60 -10.02
CA PHE A 137 -0.43 8.74 -10.89
C PHE A 137 0.89 8.75 -10.11
N GLN A 138 1.14 7.71 -9.30
CA GLN A 138 2.32 7.60 -8.46
C GLN A 138 3.61 7.39 -9.28
N LYS A 139 3.66 7.88 -10.52
CA LYS A 139 4.77 7.74 -11.45
C LYS A 139 5.29 6.30 -11.56
N SER A 140 4.48 5.33 -11.16
CA SER A 140 4.81 3.91 -11.18
C SER A 140 4.73 3.34 -12.60
N TYR A 141 5.45 3.96 -13.55
CA TYR A 141 5.40 3.56 -14.95
C TYR A 141 6.79 3.33 -15.53
N LEU A 142 7.83 3.45 -14.69
CA LEU A 142 9.21 3.25 -15.11
C LEU A 142 9.54 1.76 -15.13
N ASN A 143 10.66 1.42 -15.77
CA ASN A 143 11.13 0.03 -15.84
C ASN A 143 11.42 -0.52 -14.44
N ALA A 144 11.50 0.36 -13.44
CA ALA A 144 11.70 -0.06 -12.07
C ALA A 144 10.57 -0.99 -11.64
N ILE A 145 9.36 -0.77 -12.17
CA ILE A 145 8.23 -1.63 -11.85
C ILE A 145 8.36 -2.97 -12.56
N ARG A 146 9.05 -2.98 -13.71
CA ARG A 146 9.34 -4.20 -14.42
C ARG A 146 10.40 -5.00 -13.64
N SER A 147 11.05 -4.31 -12.69
CA SER A 147 11.91 -4.93 -11.69
C SER A 147 13.17 -5.58 -12.28
N LYS A 148 13.80 -4.88 -13.22
CA LYS A 148 15.11 -5.16 -13.79
C LYS A 148 15.34 -6.65 -14.10
N CYS A 149 15.80 -7.42 -13.11
CA CYS A 149 16.06 -8.83 -13.30
C CYS A 149 14.79 -9.55 -13.76
N PHE A 150 13.63 -9.18 -13.21
CA PHE A 150 12.38 -9.82 -13.59
C PHE A 150 12.00 -9.44 -15.01
N ALA A 151 12.57 -8.37 -15.56
CA ALA A 151 12.33 -7.99 -16.94
C ALA A 151 13.08 -8.92 -17.88
N MET A 152 14.32 -9.28 -17.51
CA MET A 152 15.09 -10.24 -18.29
C MET A 152 14.58 -11.66 -18.04
N ASP A 153 14.18 -11.92 -16.79
CA ASP A 153 13.70 -13.20 -16.31
C ASP A 153 12.19 -13.39 -16.51
N LEU A 154 11.54 -12.56 -17.34
CA LEU A 154 10.10 -12.62 -17.51
C LEU A 154 9.65 -14.01 -17.97
N GLU A 155 8.39 -14.34 -17.68
CA GLU A 155 7.81 -15.61 -18.06
C GLU A 155 7.29 -15.55 -19.49
N HIS A 156 6.64 -14.44 -19.84
CA HIS A 156 6.02 -14.22 -21.13
C HIS A 156 5.90 -12.72 -21.39
N HIS A 157 5.64 -12.35 -22.65
CA HIS A 157 5.46 -10.96 -23.04
C HIS A 157 4.02 -10.50 -22.81
N HIS A 158 3.16 -11.36 -22.26
CA HIS A 158 1.76 -11.03 -22.05
C HIS A 158 1.55 -10.03 -20.92
N HIS A 159 2.60 -9.69 -20.17
CA HIS A 159 2.52 -8.73 -19.08
C HIS A 159 3.89 -8.13 -18.78
N ASP B 1 -7.22 -16.85 4.70
CA ASP B 1 -6.96 -16.75 6.15
C ASP B 1 -8.20 -16.24 6.87
N ASP B 2 -8.07 -15.83 8.13
CA ASP B 2 -9.13 -15.14 8.83
C ASP B 2 -9.26 -13.74 8.25
N ASP B 3 -10.39 -13.08 8.50
CA ASP B 3 -10.71 -11.80 7.89
C ASP B 3 -10.83 -11.92 6.37
N GLU B 4 -11.32 -10.85 5.73
CA GLU B 4 -11.50 -10.74 4.29
C GLU B 4 -10.14 -10.73 3.59
N ASP B 5 -9.64 -11.91 3.21
CA ASP B 5 -8.30 -12.04 2.64
C ASP B 5 -8.19 -11.49 1.21
N ASP B 6 -9.25 -10.84 0.72
CA ASP B 6 -9.21 -10.07 -0.52
C ASP B 6 -10.32 -9.02 -0.44
N TYR B 7 -9.97 -7.80 -0.01
CA TYR B 7 -10.95 -6.76 0.23
C TYR B 7 -11.62 -6.25 -1.04
N THR B 8 -11.27 -6.85 -2.19
CA THR B 8 -11.94 -6.66 -3.47
C THR B 8 -12.24 -5.18 -3.74
N PRO B 9 -11.21 -4.38 -4.08
CA PRO B 9 -11.35 -2.95 -4.27
C PRO B 9 -12.24 -2.66 -5.49
N SER B 10 -13.32 -1.91 -5.25
CA SER B 10 -14.23 -1.50 -6.30
C SER B 10 -13.59 -0.38 -7.12
N ILE B 11 -13.84 -0.36 -8.43
CA ILE B 11 -13.26 0.63 -9.32
C ILE B 11 -14.07 0.73 -10.61
N SER B 12 -14.22 1.96 -11.13
CA SER B 12 -14.98 2.23 -12.33
C SER B 12 -14.16 3.13 -13.27
N MET A 1 -4.41 11.12 16.33
CA MET A 1 -3.65 12.22 16.95
C MET A 1 -3.60 12.05 18.47
N GLN A 2 -2.42 11.67 18.98
CA GLN A 2 -2.19 11.50 20.40
C GLN A 2 -0.67 11.57 20.63
N GLN A 3 -0.19 11.15 21.80
CA GLN A 3 1.23 11.16 22.14
C GLN A 3 2.00 10.07 21.40
N ASP A 4 1.69 9.87 20.11
CA ASP A 4 2.24 8.80 19.28
C ASP A 4 2.00 7.41 19.86
N ASP A 5 1.10 7.34 20.83
CA ASP A 5 0.66 6.10 21.45
C ASP A 5 -0.67 5.65 20.87
N ASP A 6 -1.12 6.40 19.87
CA ASP A 6 -2.28 6.05 19.06
C ASP A 6 -1.75 5.25 17.87
N PHE A 7 -0.52 5.59 17.47
CA PHE A 7 0.21 4.90 16.43
C PHE A 7 0.28 3.41 16.75
N GLN A 8 0.37 3.09 18.05
CA GLN A 8 0.50 1.73 18.56
C GLN A 8 -0.59 0.82 18.00
N ASN A 9 -1.80 1.35 17.80
CA ASN A 9 -2.90 0.55 17.28
C ASN A 9 -2.68 0.28 15.79
N PHE A 10 -2.08 1.24 15.09
CA PHE A 10 -1.72 1.09 13.70
C PHE A 10 -0.58 0.10 13.57
N VAL A 11 0.37 0.13 14.52
CA VAL A 11 1.49 -0.79 14.52
C VAL A 11 0.98 -2.20 14.75
N ALA A 12 0.20 -2.40 15.83
CA ALA A 12 -0.38 -3.70 16.14
C ALA A 12 -1.24 -4.23 14.99
N THR A 13 -1.85 -3.32 14.20
CA THR A 13 -2.61 -3.75 13.03
C THR A 13 -1.66 -4.24 11.94
N LEU A 14 -0.52 -3.54 11.80
CA LEU A 14 0.50 -3.90 10.83
C LEU A 14 1.10 -5.25 11.20
N GLU A 15 1.40 -5.43 12.49
CA GLU A 15 1.94 -6.67 13.01
C GLU A 15 0.91 -7.79 12.84
N SER A 16 -0.37 -7.43 12.92
CA SER A 16 -1.44 -8.40 12.71
C SER A 16 -1.43 -8.90 11.27
N PHE A 17 -1.08 -8.05 10.29
CA PHE A 17 -0.99 -8.53 8.93
C PHE A 17 0.17 -9.50 8.78
N LYS A 18 1.31 -9.23 9.45
CA LYS A 18 2.46 -10.13 9.34
C LYS A 18 2.08 -11.51 9.84
N ASP A 19 1.16 -11.54 10.81
CA ASP A 19 0.67 -12.77 11.43
C ASP A 19 -0.30 -13.54 10.51
N LEU A 20 -0.83 -12.90 9.47
CA LEU A 20 -1.80 -13.57 8.61
C LEU A 20 -1.15 -14.61 7.71
N LYS A 21 -1.97 -15.54 7.23
CA LYS A 21 -1.57 -16.57 6.28
C LYS A 21 -1.97 -16.15 4.86
N SER A 22 -2.64 -15.00 4.72
CA SER A 22 -3.08 -14.46 3.44
C SER A 22 -2.48 -13.09 3.19
N GLY A 23 -2.03 -12.43 4.26
CA GLY A 23 -1.42 -11.10 4.21
C GLY A 23 -2.46 -9.99 4.03
N ILE A 24 -3.58 -10.31 3.37
CA ILE A 24 -4.70 -9.39 3.21
C ILE A 24 -5.60 -9.50 4.44
N SER A 25 -6.28 -8.41 4.79
CA SER A 25 -7.32 -8.45 5.81
C SER A 25 -8.20 -7.22 5.67
N GLY A 26 -9.30 -7.33 4.94
CA GLY A 26 -10.18 -6.19 4.72
C GLY A 26 -10.60 -5.57 6.04
N SER A 27 -10.80 -6.39 7.08
CA SER A 27 -11.20 -5.85 8.37
C SER A 27 -10.09 -4.98 8.94
N ARG A 28 -8.88 -5.53 9.05
CA ARG A 28 -7.75 -4.82 9.64
C ARG A 28 -7.32 -3.66 8.75
N ILE A 29 -7.36 -3.84 7.44
CA ILE A 29 -7.04 -2.79 6.50
C ILE A 29 -8.02 -1.64 6.73
N LYS A 30 -9.32 -1.94 6.90
CA LYS A 30 -10.32 -0.91 7.17
C LYS A 30 -10.10 -0.25 8.52
N LYS A 31 -9.50 -0.97 9.50
CA LYS A 31 -9.28 -0.38 10.82
C LYS A 31 -8.28 0.77 10.71
N LEU A 32 -7.08 0.49 10.22
CA LEU A 32 -6.05 1.53 10.17
C LEU A 32 -6.31 2.53 9.05
N THR A 33 -7.13 2.16 8.06
CA THR A 33 -7.50 3.08 6.99
C THR A 33 -8.43 4.12 7.57
N THR A 34 -9.37 3.69 8.43
CA THR A 34 -10.33 4.60 9.02
C THR A 34 -9.63 5.56 9.98
N TYR A 35 -8.63 5.06 10.72
CA TYR A 35 -7.84 5.91 11.60
C TYR A 35 -7.09 6.96 10.79
N ALA A 36 -6.61 6.57 9.60
CA ALA A 36 -5.86 7.47 8.74
C ALA A 36 -6.79 8.49 8.08
N LEU A 37 -8.01 8.09 7.73
CA LEU A 37 -8.99 8.97 7.12
C LEU A 37 -9.52 9.97 8.14
N ASP A 38 -9.65 9.56 9.39
CA ASP A 38 -10.06 10.43 10.48
C ASP A 38 -8.96 11.45 10.80
N HIS A 39 -7.70 11.15 10.45
CA HIS A 39 -6.58 12.00 10.79
C HIS A 39 -5.43 11.87 9.78
N ILE A 40 -5.33 12.84 8.87
CA ILE A 40 -4.22 12.92 7.92
C ILE A 40 -2.99 13.48 8.61
N ASP A 41 -3.16 14.05 9.80
CA ASP A 41 -2.09 14.68 10.56
C ASP A 41 -0.92 13.74 10.84
N ILE A 42 -1.16 12.43 10.75
CA ILE A 42 -0.14 11.41 10.96
C ILE A 42 0.18 10.67 9.65
N GLU A 43 -0.16 11.25 8.50
CA GLU A 43 0.14 10.62 7.21
C GLU A 43 1.62 10.25 7.09
N SER A 44 2.50 10.99 7.79
CA SER A 44 3.93 10.76 7.71
C SER A 44 4.31 9.39 8.27
N LYS A 45 3.82 9.03 9.46
CA LYS A 45 4.13 7.73 10.05
C LYS A 45 3.38 6.62 9.32
N ILE A 46 2.26 6.98 8.67
CA ILE A 46 1.43 6.03 7.95
C ILE A 46 2.12 5.58 6.67
N ILE A 47 2.58 6.53 5.86
CA ILE A 47 3.26 6.22 4.62
C ILE A 47 4.59 5.54 4.89
N SER A 48 5.30 5.97 5.94
CA SER A 48 6.58 5.38 6.25
C SER A 48 6.43 3.94 6.74
N LEU A 49 5.35 3.63 7.47
CA LEU A 49 5.19 2.30 8.01
C LEU A 49 4.73 1.29 6.97
N ILE A 50 3.90 1.70 5.99
CA ILE A 50 3.48 0.77 4.94
C ILE A 50 4.66 0.44 4.02
N ILE A 51 5.46 1.44 3.63
CA ILE A 51 6.61 1.14 2.80
C ILE A 51 7.60 0.24 3.52
N ASP A 52 7.78 0.43 4.84
CA ASP A 52 8.67 -0.41 5.60
C ASP A 52 8.13 -1.83 5.73
N TYR A 53 6.83 -2.01 5.96
CA TYR A 53 6.26 -3.35 6.02
C TYR A 53 6.40 -4.02 4.66
N SER A 54 6.12 -3.26 3.59
CA SER A 54 6.14 -3.81 2.25
C SER A 54 7.56 -4.17 1.79
N ARG A 55 8.59 -3.54 2.35
CA ARG A 55 9.97 -3.83 1.97
C ARG A 55 10.54 -5.01 2.75
N LEU A 56 10.10 -5.19 4.00
CA LEU A 56 10.60 -6.28 4.84
C LEU A 56 9.85 -7.59 4.62
N CYS A 57 8.53 -7.51 4.53
CA CYS A 57 7.65 -8.68 4.46
C CYS A 57 7.93 -9.58 3.25
N PRO A 58 7.57 -10.87 3.35
CA PRO A 58 7.69 -11.86 2.29
C PRO A 58 6.61 -11.69 1.22
N ASP A 59 6.59 -12.56 0.22
CA ASP A 59 5.75 -12.47 -0.97
C ASP A 59 4.25 -12.35 -0.69
N SER A 60 3.69 -13.22 0.14
CA SER A 60 2.25 -13.19 0.38
C SER A 60 1.87 -11.92 1.12
N HIS A 61 2.72 -11.51 2.07
CA HIS A 61 2.52 -10.29 2.83
C HIS A 61 2.87 -9.07 1.97
N LYS A 62 3.61 -9.27 0.87
CA LYS A 62 3.91 -8.23 -0.09
C LYS A 62 2.62 -7.82 -0.80
N LEU A 63 1.83 -8.81 -1.21
CA LEU A 63 0.55 -8.57 -1.85
C LEU A 63 -0.37 -7.87 -0.85
N GLY A 64 -0.36 -8.34 0.41
CA GLY A 64 -1.16 -7.74 1.46
C GLY A 64 -0.69 -6.32 1.79
N SER A 65 0.60 -6.05 1.69
CA SER A 65 1.15 -4.72 1.94
C SER A 65 0.62 -3.74 0.89
N LEU A 66 0.60 -4.17 -0.37
CA LEU A 66 0.11 -3.33 -1.45
C LEU A 66 -1.40 -3.10 -1.31
N TYR A 67 -2.11 -4.04 -0.69
CA TYR A 67 -3.53 -3.89 -0.43
C TYR A 67 -3.79 -2.80 0.62
N ILE A 68 -2.95 -2.71 1.64
CA ILE A 68 -3.06 -1.67 2.63
C ILE A 68 -2.77 -0.32 1.98
N ILE A 69 -1.62 -0.21 1.32
CA ILE A 69 -1.23 0.96 0.54
C ILE A 69 -2.33 1.38 -0.43
N ASP A 70 -3.06 0.43 -1.03
CA ASP A 70 -4.12 0.74 -1.97
C ASP A 70 -5.30 1.38 -1.26
N SER A 71 -5.71 0.80 -0.12
CA SER A 71 -6.87 1.25 0.61
C SER A 71 -6.66 2.66 1.12
N ILE A 72 -5.59 2.88 1.89
CA ILE A 72 -5.32 4.18 2.48
C ILE A 72 -4.83 5.16 1.42
N GLY A 73 -4.10 4.66 0.42
CA GLY A 73 -3.49 5.51 -0.58
C GLY A 73 -4.54 6.21 -1.45
N ARG A 74 -5.42 5.42 -2.07
CA ARG A 74 -6.46 6.02 -2.90
C ARG A 74 -7.46 6.78 -2.03
N ALA A 75 -7.78 6.25 -0.84
CA ALA A 75 -8.73 6.93 0.02
C ALA A 75 -8.19 8.28 0.47
N TYR A 76 -6.85 8.42 0.60
CA TYR A 76 -6.26 9.70 0.94
C TYR A 76 -6.40 10.67 -0.22
N LEU A 77 -6.11 10.25 -1.45
CA LEU A 77 -6.23 11.17 -2.56
C LEU A 77 -7.70 11.54 -2.71
N ASP A 78 -8.58 10.53 -2.73
CA ASP A 78 -10.02 10.74 -2.87
C ASP A 78 -10.59 11.67 -1.81
N GLU A 79 -10.21 11.49 -0.54
CA GLU A 79 -10.74 12.32 0.52
C GLU A 79 -10.35 13.78 0.33
N THR A 80 -9.06 14.07 0.14
CA THR A 80 -8.61 15.43 -0.05
C THR A 80 -9.17 16.01 -1.35
N ARG A 81 -9.47 15.13 -2.32
CA ARG A 81 -10.10 15.48 -3.57
C ARG A 81 -11.60 15.74 -3.36
N SER A 82 -12.17 15.24 -2.26
CA SER A 82 -13.58 15.41 -1.94
C SER A 82 -13.80 16.59 -0.99
N ASN A 83 -12.87 16.81 -0.05
CA ASN A 83 -13.01 17.85 0.97
C ASN A 83 -11.64 18.44 1.31
N SER A 84 -11.63 19.69 1.81
CA SER A 84 -10.39 20.29 2.29
C SER A 84 -10.08 19.78 3.69
N ASN A 85 -8.81 19.50 3.98
CA ASN A 85 -8.38 19.06 5.30
C ASN A 85 -8.08 20.27 6.19
N SER A 86 -8.00 20.04 7.51
CA SER A 86 -7.69 21.06 8.48
C SER A 86 -6.17 21.28 8.59
N SER A 87 -5.41 20.74 7.65
CA SER A 87 -3.96 20.88 7.62
C SER A 87 -3.55 22.32 7.34
N SER A 88 -2.29 22.66 7.66
CA SER A 88 -1.73 23.97 7.43
C SER A 88 -0.28 23.88 6.93
N ASN A 89 0.11 22.67 6.51
CA ASN A 89 1.46 22.39 6.04
C ASN A 89 1.38 21.29 4.98
N LYS A 90 2.51 21.00 4.31
CA LYS A 90 2.51 19.93 3.33
C LYS A 90 2.29 18.56 3.99
N PRO A 91 3.05 18.21 5.06
CA PRO A 91 2.76 17.01 5.83
C PRO A 91 1.45 17.19 6.57
N GLY A 92 0.79 16.08 6.90
CA GLY A 92 -0.51 16.12 7.54
C GLY A 92 -1.62 16.23 6.50
N THR A 93 -1.29 15.95 5.24
CA THR A 93 -2.21 16.03 4.11
C THR A 93 -1.74 15.11 3.00
N CYS A 94 -2.61 14.86 2.01
CA CYS A 94 -2.28 14.02 0.87
C CYS A 94 -1.07 14.56 0.12
N ALA A 95 -0.75 15.84 0.31
CA ALA A 95 0.34 16.48 -0.40
C ALA A 95 1.65 15.76 -0.13
N HIS A 96 2.08 15.70 1.13
CA HIS A 96 3.33 15.04 1.47
C HIS A 96 3.17 13.53 1.39
N ALA A 97 1.96 13.03 1.70
CA ALA A 97 1.69 11.61 1.74
C ALA A 97 1.83 10.99 0.35
N ILE A 98 1.14 11.53 -0.64
CA ILE A 98 1.18 10.99 -1.99
C ILE A 98 2.53 11.31 -2.63
N ASN A 99 3.13 12.45 -2.31
CA ASN A 99 4.44 12.79 -2.85
C ASN A 99 5.51 11.84 -2.33
N THR A 100 5.48 11.49 -1.04
CA THR A 100 6.49 10.62 -0.46
C THR A 100 6.31 9.18 -0.92
N LEU A 101 5.06 8.77 -1.15
CA LEU A 101 4.77 7.40 -1.53
C LEU A 101 5.20 7.12 -2.98
N GLY A 102 4.97 8.08 -3.89
CA GLY A 102 5.21 7.87 -5.31
C GLY A 102 6.69 7.74 -5.68
N GLU A 103 7.60 8.15 -4.80
CA GLU A 103 9.03 8.05 -5.05
C GLU A 103 9.58 6.70 -4.61
N VAL A 104 8.99 6.14 -3.54
CA VAL A 104 9.44 4.88 -2.96
C VAL A 104 8.67 3.68 -3.52
N ILE A 105 7.49 3.91 -4.09
CA ILE A 105 6.64 2.81 -4.57
C ILE A 105 7.33 1.98 -5.65
N GLN A 106 8.32 2.55 -6.34
CA GLN A 106 9.07 1.80 -7.34
C GLN A 106 9.91 0.71 -6.69
N GLU A 107 10.28 0.90 -5.41
CA GLU A 107 11.02 -0.13 -4.68
C GLU A 107 10.10 -1.28 -4.32
N LEU A 108 8.89 -0.93 -3.86
CA LEU A 108 7.90 -1.91 -3.43
C LEU A 108 7.42 -2.72 -4.61
N LEU A 109 7.12 -2.07 -5.74
CA LEU A 109 6.61 -2.76 -6.91
C LEU A 109 7.68 -3.68 -7.49
N SER A 110 8.89 -3.16 -7.77
CA SER A 110 9.95 -3.96 -8.36
C SER A 110 10.20 -5.21 -7.52
N ASP A 111 10.32 -5.03 -6.20
CA ASP A 111 10.52 -6.14 -5.28
C ASP A 111 9.33 -7.08 -5.34
N ALA A 112 8.12 -6.50 -5.36
CA ALA A 112 6.92 -7.31 -5.33
C ALA A 112 6.75 -8.13 -6.60
N ILE A 113 7.10 -7.59 -7.77
CA ILE A 113 6.93 -8.37 -8.98
C ILE A 113 7.90 -9.55 -8.98
N ALA A 114 9.15 -9.33 -8.56
CA ALA A 114 10.13 -10.41 -8.54
C ALA A 114 9.89 -11.39 -7.39
N LYS A 115 9.52 -10.91 -6.20
CA LYS A 115 9.33 -11.75 -5.03
C LYS A 115 8.00 -12.50 -5.04
N SER A 116 6.93 -11.84 -5.49
CA SER A 116 5.59 -12.42 -5.38
C SER A 116 5.37 -13.55 -6.39
N ASN A 117 4.42 -14.43 -6.10
CA ASN A 117 4.11 -15.57 -6.95
C ASN A 117 3.23 -15.14 -8.14
N GLN A 118 3.10 -16.01 -9.15
CA GLN A 118 2.40 -15.69 -10.38
C GLN A 118 1.02 -15.07 -10.15
N ASP A 119 0.26 -15.67 -9.24
CA ASP A 119 -1.09 -15.19 -8.89
C ASP A 119 -1.02 -13.83 -8.22
N HIS A 120 0.02 -13.60 -7.42
CA HIS A 120 0.23 -12.32 -6.77
C HIS A 120 0.58 -11.27 -7.80
N LYS A 121 1.47 -11.60 -8.76
CA LYS A 121 1.88 -10.68 -9.80
C LYS A 121 0.65 -10.19 -10.56
N GLU A 122 -0.31 -11.08 -10.81
CA GLU A 122 -1.54 -10.74 -11.51
C GLU A 122 -2.37 -9.76 -10.67
N LYS A 123 -2.55 -10.05 -9.39
CA LYS A 123 -3.33 -9.19 -8.51
C LYS A 123 -2.66 -7.84 -8.32
N ILE A 124 -1.33 -7.79 -8.41
CA ILE A 124 -0.61 -6.53 -8.33
C ILE A 124 -0.87 -5.71 -9.58
N ARG A 125 -0.84 -6.35 -10.76
CA ARG A 125 -1.08 -5.62 -12.00
C ARG A 125 -2.44 -4.96 -12.00
N MET A 126 -3.50 -5.68 -11.61
CA MET A 126 -4.81 -5.05 -11.58
C MET A 126 -4.83 -3.94 -10.53
N LEU A 127 -4.10 -4.11 -9.43
CA LEU A 127 -4.04 -3.11 -8.37
C LEU A 127 -3.29 -1.85 -8.83
N LEU A 128 -2.30 -2.00 -9.71
CA LEU A 128 -1.56 -0.86 -10.24
C LEU A 128 -2.40 -0.13 -11.28
N ASP A 129 -3.15 -0.87 -12.10
CA ASP A 129 -4.05 -0.26 -13.07
C ASP A 129 -5.07 0.58 -12.34
N ILE A 130 -5.54 0.10 -11.18
CA ILE A 130 -6.46 0.81 -10.31
C ILE A 130 -5.82 2.09 -9.79
N TRP A 131 -4.55 2.04 -9.42
CA TRP A 131 -3.88 3.25 -8.98
C TRP A 131 -3.70 4.24 -10.12
N ASP A 132 -3.38 3.76 -11.32
CA ASP A 132 -3.22 4.64 -12.48
C ASP A 132 -4.53 5.32 -12.84
N ARG A 133 -5.67 4.68 -12.55
CA ARG A 133 -6.98 5.26 -12.74
C ARG A 133 -7.29 6.31 -11.68
N SER A 134 -6.80 6.06 -10.46
CA SER A 134 -7.12 6.89 -9.31
C SER A 134 -6.46 8.26 -9.36
N GLY A 135 -5.44 8.45 -10.21
CA GLY A 135 -4.75 9.72 -10.34
C GLY A 135 -3.66 9.91 -9.30
N LEU A 136 -3.31 8.84 -8.55
CA LEU A 136 -2.21 8.89 -7.59
C LEU A 136 -0.90 9.22 -8.31
N PHE A 137 0.13 9.60 -7.54
CA PHE A 137 1.44 9.96 -8.05
C PHE A 137 2.21 8.72 -8.54
N GLN A 138 1.60 8.01 -9.48
CA GLN A 138 2.17 6.82 -10.11
C GLN A 138 3.36 7.19 -10.98
N LYS A 139 4.10 6.18 -11.41
CA LYS A 139 5.30 6.34 -12.22
C LYS A 139 5.21 5.42 -13.43
N SER A 140 6.01 5.70 -14.47
CA SER A 140 6.03 4.89 -15.67
C SER A 140 6.51 3.48 -15.35
N TYR A 141 6.14 2.52 -16.20
CA TYR A 141 6.51 1.12 -16.03
C TYR A 141 7.97 0.90 -16.44
N LEU A 142 8.89 1.69 -15.86
CA LEU A 142 10.31 1.63 -16.22
C LEU A 142 10.92 0.26 -15.92
N ASN A 143 12.17 0.08 -16.36
CA ASN A 143 12.88 -1.20 -16.29
C ASN A 143 12.89 -1.81 -14.89
N ALA A 144 12.73 -0.99 -13.84
CA ALA A 144 12.69 -1.49 -12.48
C ALA A 144 11.39 -2.24 -12.22
N ILE A 145 10.25 -1.61 -12.54
CA ILE A 145 8.95 -2.24 -12.38
C ILE A 145 8.82 -3.43 -13.33
N ARG A 146 9.49 -3.34 -14.49
CA ARG A 146 9.46 -4.40 -15.49
C ARG A 146 10.19 -5.64 -14.97
N SER A 147 11.28 -5.45 -14.22
CA SER A 147 12.04 -6.55 -13.61
C SER A 147 12.26 -7.72 -14.56
N LYS A 148 12.39 -7.42 -15.86
CA LYS A 148 12.68 -8.39 -16.91
C LYS A 148 11.77 -9.64 -16.82
N CYS A 149 12.37 -10.82 -16.70
CA CYS A 149 11.65 -12.09 -16.74
C CYS A 149 10.58 -12.19 -15.65
N PHE A 150 10.79 -11.51 -14.51
CA PHE A 150 9.86 -11.60 -13.41
C PHE A 150 8.50 -11.01 -13.79
N ALA A 151 8.44 -10.14 -14.80
CA ALA A 151 7.18 -9.67 -15.34
C ALA A 151 6.76 -10.52 -16.55
N MET A 152 7.74 -11.08 -17.26
CA MET A 152 7.45 -11.93 -18.41
C MET A 152 6.72 -13.20 -18.01
N ASP A 153 6.71 -13.53 -16.71
CA ASP A 153 5.90 -14.62 -16.19
C ASP A 153 4.41 -14.43 -16.49
N LEU A 154 3.99 -13.20 -16.83
CA LEU A 154 2.61 -12.90 -17.18
C LEU A 154 2.46 -12.72 -18.70
N GLU A 155 3.49 -13.13 -19.45
CA GLU A 155 3.55 -12.92 -20.89
C GLU A 155 3.83 -14.23 -21.65
N HIS A 156 3.68 -15.38 -20.99
CA HIS A 156 3.83 -16.67 -21.64
C HIS A 156 2.74 -16.90 -22.67
N HIS A 157 1.81 -15.95 -22.80
CA HIS A 157 0.69 -16.01 -23.73
C HIS A 157 1.08 -15.62 -25.16
N HIS A 158 2.33 -15.19 -25.37
CA HIS A 158 2.86 -14.77 -26.67
C HIS A 158 3.01 -15.98 -27.59
N HIS A 159 3.06 -15.71 -28.88
CA HIS A 159 3.20 -16.68 -29.97
C HIS A 159 2.08 -17.77 -29.97
N ASP B 1 -3.17 -11.81 15.24
CA ASP B 1 -4.38 -12.65 15.13
C ASP B 1 -5.00 -12.51 13.75
N ASP B 2 -5.80 -13.50 13.34
CA ASP B 2 -6.48 -13.47 12.06
C ASP B 2 -7.79 -12.70 12.13
N ASP B 3 -8.27 -12.25 10.97
CA ASP B 3 -9.50 -11.46 10.86
C ASP B 3 -10.02 -11.58 9.43
N GLU B 4 -11.15 -10.93 9.13
CA GLU B 4 -11.75 -10.97 7.80
C GLU B 4 -10.86 -10.36 6.73
N ASP B 5 -10.83 -11.01 5.56
CA ASP B 5 -10.10 -10.57 4.38
C ASP B 5 -11.05 -9.93 3.37
N ASP B 6 -12.13 -9.32 3.87
CA ASP B 6 -13.21 -8.75 3.07
C ASP B 6 -12.83 -7.44 2.38
N TYR B 7 -11.76 -7.43 1.58
CA TYR B 7 -11.43 -6.26 0.79
C TYR B 7 -10.79 -6.65 -0.54
N THR B 8 -11.18 -5.95 -1.60
CA THR B 8 -10.59 -6.00 -2.93
C THR B 8 -11.28 -4.93 -3.77
N PRO B 9 -10.53 -4.01 -4.39
CA PRO B 9 -11.07 -2.96 -5.22
C PRO B 9 -11.54 -3.52 -6.56
N SER B 10 -12.33 -2.73 -7.31
CA SER B 10 -12.92 -3.22 -8.56
C SER B 10 -13.02 -2.14 -9.62
N ILE B 11 -12.23 -1.06 -9.52
CA ILE B 11 -12.19 -0.02 -10.54
C ILE B 11 -11.40 -0.53 -11.75
N SER B 12 -12.05 -1.39 -12.54
CA SER B 12 -11.47 -1.97 -13.74
C SER B 12 -11.33 -0.93 -14.86
N MET A 1 4.26 12.13 16.33
CA MET A 1 4.40 13.57 16.61
C MET A 1 3.50 13.97 17.78
N GLN A 2 2.21 13.65 17.67
CA GLN A 2 1.23 13.86 18.72
C GLN A 2 1.44 12.80 19.81
N GLN A 3 0.42 12.61 20.67
CA GLN A 3 0.44 11.51 21.63
C GLN A 3 0.33 10.20 20.84
N ASP A 4 1.49 9.66 20.45
CA ASP A 4 1.60 8.52 19.54
C ASP A 4 1.23 7.16 20.13
N ASP A 5 0.47 7.16 21.22
CA ASP A 5 0.03 5.90 21.79
C ASP A 5 -1.21 5.39 21.08
N ASP A 6 -1.65 6.16 20.09
CA ASP A 6 -2.74 5.79 19.21
C ASP A 6 -2.18 4.87 18.13
N PHE A 7 -0.91 5.10 17.80
CA PHE A 7 -0.14 4.37 16.82
C PHE A 7 -0.10 2.90 17.19
N GLN A 8 -0.06 2.61 18.49
CA GLN A 8 0.02 1.27 19.04
C GLN A 8 -1.03 0.36 18.42
N ASN A 9 -2.23 0.88 18.15
CA ASN A 9 -3.31 0.10 17.58
C ASN A 9 -3.04 -0.17 16.10
N PHE A 10 -2.40 0.78 15.43
CA PHE A 10 -2.02 0.66 14.03
C PHE A 10 -0.88 -0.35 13.90
N VAL A 11 0.07 -0.30 14.84
CA VAL A 11 1.20 -1.21 14.85
C VAL A 11 0.67 -2.62 15.04
N ALA A 12 -0.12 -2.84 16.10
CA ALA A 12 -0.69 -4.14 16.40
C ALA A 12 -1.56 -4.66 15.26
N THR A 13 -2.19 -3.78 14.49
CA THR A 13 -2.97 -4.21 13.32
C THR A 13 -2.01 -4.69 12.23
N LEU A 14 -0.86 -4.02 12.09
CA LEU A 14 0.15 -4.40 11.12
C LEU A 14 0.80 -5.72 11.50
N GLU A 15 1.07 -5.90 12.80
CA GLU A 15 1.62 -7.11 13.35
C GLU A 15 0.58 -8.23 13.17
N SER A 16 -0.69 -7.85 13.19
CA SER A 16 -1.78 -8.79 12.99
C SER A 16 -1.86 -9.19 11.52
N PHE A 17 -1.28 -8.39 10.61
CA PHE A 17 -1.12 -8.84 9.24
C PHE A 17 0.03 -9.84 9.15
N LYS A 18 1.11 -9.65 9.94
CA LYS A 18 2.22 -10.59 9.91
C LYS A 18 1.76 -11.97 10.33
N ASP A 19 0.72 -12.00 11.17
CA ASP A 19 0.10 -13.24 11.63
C ASP A 19 -0.55 -14.01 10.47
N LEU A 20 -0.87 -13.34 9.36
CA LEU A 20 -1.58 -13.96 8.25
C LEU A 20 -0.71 -14.96 7.51
N LYS A 21 -1.38 -15.92 6.85
CA LYS A 21 -0.72 -16.88 5.96
C LYS A 21 -0.92 -16.45 4.52
N SER A 22 -1.69 -15.37 4.32
CA SER A 22 -2.02 -14.82 3.01
C SER A 22 -1.57 -13.36 2.89
N GLY A 23 -1.37 -12.71 4.04
CA GLY A 23 -0.86 -11.35 4.12
C GLY A 23 -1.94 -10.28 3.94
N ILE A 24 -3.11 -10.65 3.40
CA ILE A 24 -4.20 -9.70 3.18
C ILE A 24 -5.27 -9.85 4.26
N SER A 25 -5.95 -8.74 4.60
CA SER A 25 -7.00 -8.77 5.61
C SER A 25 -7.87 -7.53 5.48
N GLY A 26 -8.87 -7.56 4.61
CA GLY A 26 -9.69 -6.39 4.34
C GLY A 26 -10.23 -5.77 5.62
N SER A 27 -10.65 -6.58 6.61
CA SER A 27 -11.24 -6.03 7.82
C SER A 27 -10.20 -5.22 8.61
N ARG A 28 -9.01 -5.78 8.83
CA ARG A 28 -7.96 -5.10 9.58
C ARG A 28 -7.36 -3.97 8.75
N ILE A 29 -7.25 -4.15 7.44
CA ILE A 29 -6.82 -3.10 6.54
C ILE A 29 -7.77 -1.92 6.67
N LYS A 30 -9.09 -2.16 6.62
CA LYS A 30 -10.07 -1.09 6.72
C LYS A 30 -10.09 -0.50 8.13
N LYS A 31 -9.64 -1.23 9.15
CA LYS A 31 -9.57 -0.68 10.50
C LYS A 31 -8.53 0.43 10.57
N LEU A 32 -7.28 0.14 10.21
CA LEU A 32 -6.25 1.17 10.29
C LEU A 32 -6.38 2.19 9.16
N THR A 33 -7.09 1.84 8.08
CA THR A 33 -7.34 2.79 7.00
C THR A 33 -8.37 3.82 7.47
N THR A 34 -9.36 3.37 8.24
CA THR A 34 -10.39 4.26 8.74
C THR A 34 -9.80 5.21 9.78
N TYR A 35 -8.85 4.72 10.58
CA TYR A 35 -8.13 5.57 11.52
C TYR A 35 -7.37 6.65 10.78
N ALA A 36 -6.78 6.27 9.64
CA ALA A 36 -6.01 7.21 8.83
C ALA A 36 -6.92 8.22 8.13
N LEU A 37 -8.10 7.80 7.68
CA LEU A 37 -9.03 8.70 7.01
C LEU A 37 -9.62 9.71 7.97
N ASP A 38 -9.83 9.30 9.21
CA ASP A 38 -10.33 10.20 10.24
C ASP A 38 -9.27 11.25 10.60
N HIS A 39 -7.99 10.95 10.37
CA HIS A 39 -6.90 11.83 10.78
C HIS A 39 -5.68 11.69 9.87
N ILE A 40 -5.46 12.67 8.99
CA ILE A 40 -4.28 12.74 8.15
C ILE A 40 -3.09 13.27 8.95
N ASP A 41 -3.34 13.81 10.15
CA ASP A 41 -2.29 14.41 10.98
C ASP A 41 -1.19 13.42 11.35
N ILE A 42 -1.42 12.14 11.08
CA ILE A 42 -0.46 11.07 11.33
C ILE A 42 -0.09 10.34 10.03
N GLU A 43 -0.35 10.94 8.86
CA GLU A 43 0.01 10.32 7.59
C GLU A 43 1.49 9.95 7.56
N SER A 44 2.33 10.68 8.29
CA SER A 44 3.77 10.45 8.30
C SER A 44 4.11 9.08 8.90
N LYS A 45 3.49 8.71 10.03
CA LYS A 45 3.77 7.41 10.65
C LYS A 45 3.09 6.30 9.83
N ILE A 46 2.01 6.64 9.12
CA ILE A 46 1.24 5.69 8.35
C ILE A 46 2.01 5.27 7.10
N ILE A 47 2.49 6.24 6.32
CA ILE A 47 3.24 5.96 5.10
C ILE A 47 4.58 5.31 5.45
N SER A 48 5.23 5.79 6.52
CA SER A 48 6.52 5.24 6.89
C SER A 48 6.40 3.79 7.37
N LEU A 49 5.28 3.44 8.01
CA LEU A 49 5.12 2.10 8.55
C LEU A 49 4.73 1.09 7.46
N ILE A 50 3.89 1.46 6.49
CA ILE A 50 3.53 0.52 5.44
C ILE A 50 4.73 0.21 4.57
N ILE A 51 5.53 1.23 4.19
CA ILE A 51 6.70 0.96 3.37
C ILE A 51 7.74 0.13 4.15
N ASP A 52 7.92 0.39 5.45
CA ASP A 52 8.85 -0.40 6.24
C ASP A 52 8.42 -1.87 6.25
N TYR A 53 7.17 -2.15 6.62
CA TYR A 53 6.65 -3.50 6.64
C TYR A 53 6.71 -4.10 5.25
N SER A 54 6.53 -3.28 4.20
CA SER A 54 6.56 -3.81 2.84
C SER A 54 7.94 -4.36 2.50
N ARG A 55 9.01 -3.73 3.03
CA ARG A 55 10.37 -4.16 2.74
C ARG A 55 10.77 -5.36 3.58
N LEU A 56 10.35 -5.37 4.85
CA LEU A 56 10.70 -6.40 5.81
C LEU A 56 9.89 -7.68 5.64
N CYS A 57 8.57 -7.54 5.44
CA CYS A 57 7.65 -8.67 5.43
C CYS A 57 7.89 -9.65 4.28
N PRO A 58 7.39 -10.89 4.44
CA PRO A 58 7.39 -11.92 3.42
C PRO A 58 6.67 -11.50 2.14
N ASP A 59 6.71 -12.37 1.14
CA ASP A 59 6.18 -12.11 -0.19
C ASP A 59 4.66 -11.91 -0.17
N SER A 60 3.96 -12.74 0.59
CA SER A 60 2.51 -12.69 0.68
C SER A 60 2.07 -11.46 1.47
N HIS A 61 2.86 -11.09 2.48
CA HIS A 61 2.61 -9.92 3.30
C HIS A 61 2.98 -8.65 2.52
N LYS A 62 3.88 -8.78 1.55
CA LYS A 62 4.25 -7.69 0.67
C LYS A 62 3.09 -7.41 -0.30
N LEU A 63 2.37 -8.45 -0.72
CA LEU A 63 1.15 -8.30 -1.49
C LEU A 63 0.15 -7.56 -0.62
N GLY A 64 0.06 -7.97 0.66
CA GLY A 64 -0.84 -7.38 1.62
C GLY A 64 -0.46 -5.92 1.91
N SER A 65 0.83 -5.60 1.81
CA SER A 65 1.28 -4.22 2.01
C SER A 65 0.72 -3.35 0.89
N LEU A 66 0.72 -3.86 -0.34
CA LEU A 66 0.18 -3.12 -1.47
C LEU A 66 -1.33 -2.99 -1.35
N TYR A 67 -1.99 -3.93 -0.66
CA TYR A 67 -3.42 -3.83 -0.39
C TYR A 67 -3.70 -2.71 0.61
N ILE A 68 -2.84 -2.56 1.62
CA ILE A 68 -3.02 -1.50 2.60
C ILE A 68 -2.75 -0.16 1.93
N ILE A 69 -1.56 -0.03 1.32
CA ILE A 69 -1.18 1.12 0.52
C ILE A 69 -2.27 1.51 -0.48
N ASP A 70 -2.97 0.54 -1.07
CA ASP A 70 -4.03 0.87 -2.02
C ASP A 70 -5.21 1.51 -1.31
N SER A 71 -5.58 0.94 -0.16
CA SER A 71 -6.77 1.37 0.56
C SER A 71 -6.57 2.77 1.10
N ILE A 72 -5.50 2.97 1.89
CA ILE A 72 -5.22 4.25 2.52
C ILE A 72 -4.70 5.24 1.49
N GLY A 73 -3.96 4.75 0.48
CA GLY A 73 -3.34 5.60 -0.50
C GLY A 73 -4.36 6.32 -1.35
N ARG A 74 -5.23 5.57 -2.04
CA ARG A 74 -6.23 6.20 -2.89
C ARG A 74 -7.28 6.92 -2.05
N ALA A 75 -7.64 6.37 -0.88
CA ALA A 75 -8.62 7.03 -0.06
C ALA A 75 -8.09 8.38 0.45
N TYR A 76 -6.77 8.53 0.61
CA TYR A 76 -6.20 9.81 0.98
C TYR A 76 -6.27 10.78 -0.18
N LEU A 77 -5.91 10.36 -1.39
CA LEU A 77 -5.93 11.28 -2.50
C LEU A 77 -7.37 11.69 -2.75
N ASP A 78 -8.29 10.71 -2.74
CA ASP A 78 -9.72 10.97 -2.83
C ASP A 78 -10.24 11.91 -1.75
N GLU A 79 -9.87 11.71 -0.48
CA GLU A 79 -10.36 12.54 0.59
C GLU A 79 -9.87 13.97 0.43
N THR A 80 -8.58 14.16 0.17
CA THR A 80 -8.02 15.48 0.01
C THR A 80 -8.53 16.13 -1.27
N ARG A 81 -8.89 15.33 -2.28
CA ARG A 81 -9.53 15.86 -3.48
C ARG A 81 -10.96 16.31 -3.15
N SER A 82 -11.57 15.69 -2.14
CA SER A 82 -12.96 15.96 -1.76
C SER A 82 -13.09 17.13 -0.80
N ASN A 83 -12.14 17.31 0.13
CA ASN A 83 -12.26 18.35 1.16
C ASN A 83 -11.05 19.26 1.28
N SER A 84 -10.17 19.19 0.29
CA SER A 84 -9.02 20.06 0.13
C SER A 84 -7.98 20.03 1.26
N ASN A 85 -8.36 19.61 2.47
CA ASN A 85 -7.50 19.65 3.66
C ASN A 85 -6.99 21.07 3.92
N SER A 86 -6.13 21.23 4.93
CA SER A 86 -5.60 22.54 5.29
C SER A 86 -4.68 23.08 4.20
N SER A 87 -4.77 24.38 3.93
CA SER A 87 -3.99 25.06 2.92
C SER A 87 -2.65 25.56 3.50
N SER A 88 -2.04 24.79 4.39
CA SER A 88 -0.80 25.17 5.05
C SER A 88 0.00 23.93 5.43
N ASN A 89 1.29 24.12 5.75
CA ASN A 89 2.21 23.04 6.06
C ASN A 89 2.26 22.03 4.91
N LYS A 90 2.80 20.83 5.17
CA LYS A 90 2.86 19.77 4.18
C LYS A 90 2.66 18.38 4.82
N PRO A 91 3.38 18.02 5.89
CA PRO A 91 3.08 16.79 6.60
C PRO A 91 1.70 16.91 7.22
N GLY A 92 1.02 15.77 7.36
CA GLY A 92 -0.34 15.76 7.88
C GLY A 92 -1.39 15.89 6.78
N THR A 93 -1.00 15.65 5.52
CA THR A 93 -1.91 15.67 4.38
C THR A 93 -1.40 14.74 3.29
N CYS A 94 -2.24 14.55 2.26
CA CYS A 94 -1.88 13.77 1.09
C CYS A 94 -0.66 14.37 0.41
N ALA A 95 -0.38 15.66 0.66
CA ALA A 95 0.73 16.32 0.01
C ALA A 95 2.03 15.60 0.36
N HIS A 96 2.30 15.45 1.65
CA HIS A 96 3.50 14.79 2.12
C HIS A 96 3.38 13.28 1.97
N ALA A 97 2.15 12.75 2.15
CA ALA A 97 1.91 11.32 2.12
C ALA A 97 2.15 10.76 0.72
N ILE A 98 1.57 11.38 -0.31
CA ILE A 98 1.76 10.91 -1.68
C ILE A 98 3.17 11.23 -2.15
N ASN A 99 3.74 12.36 -1.74
CA ASN A 99 5.09 12.70 -2.13
C ASN A 99 6.10 11.71 -1.55
N THR A 100 5.93 11.30 -0.30
CA THR A 100 6.87 10.39 0.33
C THR A 100 6.69 8.98 -0.18
N LEU A 101 5.44 8.60 -0.48
CA LEU A 101 5.12 7.27 -0.95
C LEU A 101 5.51 7.10 -2.42
N GLY A 102 5.32 8.13 -3.23
CA GLY A 102 5.52 8.04 -4.67
C GLY A 102 6.98 7.84 -5.06
N GLU A 103 7.93 8.23 -4.21
CA GLU A 103 9.35 8.07 -4.50
C GLU A 103 9.77 6.61 -4.35
N VAL A 104 9.18 5.92 -3.37
CA VAL A 104 9.56 4.54 -3.07
C VAL A 104 8.58 3.51 -3.63
N ILE A 105 7.37 3.91 -4.07
CA ILE A 105 6.38 2.94 -4.51
C ILE A 105 6.87 2.14 -5.71
N GLN A 106 7.76 2.72 -6.51
CA GLN A 106 8.36 2.04 -7.65
C GLN A 106 9.25 0.90 -7.16
N GLU A 107 9.85 1.03 -5.97
CA GLU A 107 10.64 -0.05 -5.41
C GLU A 107 9.72 -1.13 -4.84
N LEU A 108 8.63 -0.72 -4.19
CA LEU A 108 7.69 -1.67 -3.59
C LEU A 108 7.02 -2.50 -4.67
N LEU A 109 6.62 -1.87 -5.78
CA LEU A 109 6.00 -2.59 -6.87
C LEU A 109 7.01 -3.55 -7.50
N SER A 110 8.19 -3.06 -7.86
CA SER A 110 9.21 -3.87 -8.50
C SER A 110 9.62 -5.04 -7.61
N ASP A 111 9.85 -4.77 -6.32
CA ASP A 111 10.22 -5.81 -5.38
C ASP A 111 9.09 -6.82 -5.29
N ALA A 112 7.83 -6.34 -5.31
CA ALA A 112 6.70 -7.22 -5.15
C ALA A 112 6.55 -8.15 -6.34
N ILE A 113 6.91 -7.73 -7.55
CA ILE A 113 6.80 -8.64 -8.68
C ILE A 113 7.84 -9.75 -8.55
N ALA A 114 9.08 -9.35 -8.20
CA ALA A 114 10.19 -10.28 -8.05
C ALA A 114 10.07 -11.17 -6.81
N LYS A 115 9.52 -10.64 -5.70
CA LYS A 115 9.39 -11.41 -4.48
C LYS A 115 8.21 -12.35 -4.52
N SER A 116 7.12 -11.92 -5.14
CA SER A 116 5.86 -12.66 -5.09
C SER A 116 5.79 -13.74 -6.18
N ASN A 117 4.85 -14.67 -6.02
CA ASN A 117 4.74 -15.87 -6.83
C ASN A 117 4.12 -15.63 -8.20
N GLN A 118 2.83 -15.94 -8.36
CA GLN A 118 2.14 -15.78 -9.63
C GLN A 118 0.77 -15.17 -9.40
N ASP A 119 0.01 -15.77 -8.47
CA ASP A 119 -1.28 -15.26 -8.06
C ASP A 119 -1.08 -13.88 -7.44
N HIS A 120 0.00 -13.73 -6.68
CA HIS A 120 0.38 -12.47 -6.08
C HIS A 120 0.76 -11.44 -7.15
N LYS A 121 1.49 -11.88 -8.19
CA LYS A 121 1.89 -10.97 -9.26
C LYS A 121 0.65 -10.45 -9.98
N GLU A 122 -0.38 -11.29 -10.12
CA GLU A 122 -1.63 -10.88 -10.76
C GLU A 122 -2.31 -9.78 -9.95
N LYS A 123 -2.43 -9.98 -8.64
CA LYS A 123 -3.05 -9.00 -7.76
C LYS A 123 -2.30 -7.68 -7.80
N ILE A 124 -0.98 -7.71 -8.02
CA ILE A 124 -0.21 -6.47 -8.09
C ILE A 124 -0.47 -5.77 -9.42
N ARG A 125 -0.69 -6.53 -10.50
CA ARG A 125 -0.99 -5.92 -11.79
C ARG A 125 -2.35 -5.25 -11.78
N MET A 126 -3.35 -5.81 -11.08
CA MET A 126 -4.65 -5.15 -11.03
C MET A 126 -4.56 -3.90 -10.15
N LEU A 127 -3.71 -3.93 -9.11
CA LEU A 127 -3.50 -2.75 -8.28
C LEU A 127 -2.71 -1.69 -9.05
N LEU A 128 -1.91 -2.11 -10.04
CA LEU A 128 -1.15 -1.19 -10.87
C LEU A 128 -2.10 -0.39 -11.76
N ASP A 129 -3.09 -1.08 -12.34
CA ASP A 129 -4.12 -0.42 -13.14
C ASP A 129 -4.89 0.56 -12.27
N ILE A 130 -5.29 0.11 -11.08
CA ILE A 130 -6.08 0.92 -10.16
C ILE A 130 -5.34 2.20 -9.78
N TRP A 131 -4.03 2.10 -9.55
CA TRP A 131 -3.25 3.29 -9.22
C TRP A 131 -2.95 4.17 -10.43
N ASP A 132 -2.95 3.60 -11.64
CA ASP A 132 -2.70 4.37 -12.85
C ASP A 132 -3.94 5.20 -13.20
N ARG A 133 -5.12 4.69 -12.82
CA ARG A 133 -6.39 5.38 -12.98
C ARG A 133 -6.52 6.49 -11.95
N SER A 134 -6.10 6.20 -10.71
CA SER A 134 -6.17 7.15 -9.61
C SER A 134 -5.08 8.21 -9.71
N GLY A 135 -4.13 8.04 -10.62
CA GLY A 135 -3.04 8.98 -10.82
C GLY A 135 -1.99 8.91 -9.71
N LEU A 136 -2.17 8.00 -8.74
CA LEU A 136 -1.21 7.85 -7.66
C LEU A 136 0.03 7.07 -8.13
N PHE A 137 -0.07 6.37 -9.27
CA PHE A 137 1.07 5.73 -9.88
C PHE A 137 1.68 6.67 -10.91
N GLN A 138 3.01 6.72 -10.99
CA GLN A 138 3.67 7.56 -11.98
C GLN A 138 3.38 7.01 -13.37
N LYS A 139 2.81 7.84 -14.24
CA LYS A 139 2.45 7.42 -15.59
C LYS A 139 3.68 7.36 -16.50
N SER A 140 4.87 7.19 -15.90
CA SER A 140 6.13 7.03 -16.61
C SER A 140 6.30 5.58 -17.04
N TYR A 141 5.53 4.66 -16.46
CA TYR A 141 5.53 3.24 -16.81
C TYR A 141 6.95 2.67 -16.89
N LEU A 142 7.74 2.81 -15.81
CA LEU A 142 9.13 2.36 -15.82
C LEU A 142 9.25 0.85 -16.01
N ASN A 143 10.41 0.42 -16.50
CA ASN A 143 10.69 -0.99 -16.73
C ASN A 143 10.88 -1.74 -15.42
N ALA A 144 11.19 -1.03 -14.34
CA ALA A 144 11.37 -1.66 -13.04
C ALA A 144 10.07 -2.31 -12.59
N ILE A 145 8.94 -1.62 -12.80
CA ILE A 145 7.63 -2.16 -12.47
C ILE A 145 7.33 -3.41 -13.30
N ARG A 146 7.90 -3.50 -14.52
CA ARG A 146 7.70 -4.66 -15.36
C ARG A 146 8.49 -5.84 -14.80
N SER A 147 9.59 -5.55 -14.10
CA SER A 147 10.44 -6.55 -13.47
C SER A 147 10.92 -7.61 -14.48
N LYS A 148 11.33 -7.15 -15.66
CA LYS A 148 11.73 -8.00 -16.76
C LYS A 148 12.89 -8.94 -16.40
N CYS A 149 13.64 -8.64 -15.34
CA CYS A 149 14.72 -9.54 -14.94
C CYS A 149 14.12 -10.84 -14.39
N PHE A 150 13.17 -10.74 -13.45
CA PHE A 150 12.55 -11.93 -12.89
C PHE A 150 11.63 -12.58 -13.91
N ALA A 151 11.25 -11.83 -14.94
CA ALA A 151 10.44 -12.36 -16.01
C ALA A 151 11.30 -13.25 -16.93
N MET A 152 12.53 -12.83 -17.20
CA MET A 152 13.46 -13.61 -18.01
C MET A 152 14.02 -14.79 -17.22
N ASP A 153 13.94 -14.74 -15.88
CA ASP A 153 14.27 -15.89 -15.04
C ASP A 153 13.23 -17.00 -15.20
N LEU A 154 12.16 -16.76 -15.96
CA LEU A 154 11.11 -17.72 -16.22
C LEU A 154 10.91 -17.91 -17.71
N GLU A 155 10.46 -19.10 -18.12
CA GLU A 155 10.25 -19.43 -19.53
C GLU A 155 9.11 -18.61 -20.12
N HIS A 156 8.31 -17.95 -19.26
CA HIS A 156 7.20 -17.14 -19.69
C HIS A 156 7.65 -15.77 -20.21
N HIS A 157 8.89 -15.37 -19.91
CA HIS A 157 9.43 -14.07 -20.27
C HIS A 157 8.58 -12.89 -19.76
N HIS A 158 7.61 -13.19 -18.89
CA HIS A 158 6.70 -12.22 -18.31
C HIS A 158 6.30 -12.66 -16.91
N HIS A 159 5.60 -11.79 -16.19
CA HIS A 159 5.11 -12.09 -14.85
C HIS A 159 4.02 -13.17 -14.91
N ASP B 1 -5.47 -14.73 13.37
CA ASP B 1 -6.29 -15.44 12.37
C ASP B 1 -6.36 -14.63 11.07
N ASP B 2 -7.04 -15.17 10.06
CA ASP B 2 -7.16 -14.56 8.73
C ASP B 2 -8.65 -14.38 8.40
N ASP B 3 -8.98 -13.57 7.38
CA ASP B 3 -10.36 -13.19 7.12
C ASP B 3 -10.60 -12.81 5.65
N GLU B 4 -10.93 -11.53 5.40
CA GLU B 4 -11.17 -10.96 4.09
C GLU B 4 -9.84 -10.83 3.34
N ASP B 5 -9.18 -11.97 3.09
CA ASP B 5 -7.88 -12.02 2.46
C ASP B 5 -7.87 -11.62 0.99
N ASP B 6 -8.94 -10.95 0.51
CA ASP B 6 -8.97 -10.43 -0.84
C ASP B 6 -9.92 -9.24 -0.94
N TYR B 7 -9.62 -8.17 -0.20
CA TYR B 7 -10.39 -6.94 -0.26
C TYR B 7 -10.55 -6.51 -1.72
N THR B 8 -11.78 -6.21 -2.12
CA THR B 8 -12.08 -5.78 -3.49
C THR B 8 -12.00 -4.27 -3.57
N PRO B 9 -11.00 -3.72 -4.28
CA PRO B 9 -10.81 -2.29 -4.42
C PRO B 9 -11.85 -1.68 -5.37
N SER B 10 -12.53 -0.63 -4.90
CA SER B 10 -13.44 0.14 -5.74
C SER B 10 -12.60 1.12 -6.56
N ILE B 11 -12.84 1.19 -7.88
CA ILE B 11 -12.02 2.00 -8.76
C ILE B 11 -12.78 2.48 -10.00
N SER B 12 -12.70 3.79 -10.25
CA SER B 12 -13.27 4.41 -11.44
C SER B 12 -12.47 3.98 -12.67
N MET A 1 -3.02 9.20 24.44
CA MET A 1 -4.07 9.80 23.62
C MET A 1 -3.63 9.88 22.17
N GLN A 2 -2.54 10.59 21.89
CA GLN A 2 -2.00 10.67 20.54
C GLN A 2 -0.48 10.86 20.57
N GLN A 3 0.14 10.63 21.73
CA GLN A 3 1.59 10.67 21.91
C GLN A 3 2.19 9.39 21.33
N ASP A 4 1.84 9.09 20.07
CA ASP A 4 2.22 7.87 19.37
C ASP A 4 1.72 6.61 20.04
N ASP A 5 0.76 6.77 20.93
CA ASP A 5 0.08 5.64 21.55
C ASP A 5 -1.23 5.35 20.84
N ASP A 6 -1.49 6.13 19.80
CA ASP A 6 -2.60 5.91 18.89
C ASP A 6 -2.08 5.03 17.75
N PHE A 7 -0.79 5.24 17.44
CA PHE A 7 -0.05 4.48 16.45
C PHE A 7 -0.11 3.00 16.79
N GLN A 8 -0.12 2.69 18.10
CA GLN A 8 -0.14 1.34 18.64
C GLN A 8 -1.24 0.50 17.99
N ASN A 9 -2.40 1.10 17.70
CA ASN A 9 -3.50 0.37 17.10
C ASN A 9 -3.19 0.07 15.62
N PHE A 10 -2.50 1.01 14.97
CA PHE A 10 -2.06 0.86 13.59
C PHE A 10 -0.97 -0.21 13.51
N VAL A 11 -0.07 -0.22 14.51
CA VAL A 11 1.01 -1.19 14.56
C VAL A 11 0.40 -2.58 14.73
N ALA A 12 -0.48 -2.76 15.72
CA ALA A 12 -1.12 -4.04 15.96
C ALA A 12 -1.90 -4.52 14.75
N THR A 13 -2.46 -3.59 13.96
CA THR A 13 -3.16 -3.96 12.74
C THR A 13 -2.15 -4.44 11.70
N LEU A 14 -1.01 -3.74 11.61
CA LEU A 14 0.06 -4.09 10.71
C LEU A 14 0.60 -5.47 11.09
N GLU A 15 0.75 -5.72 12.39
CA GLU A 15 1.24 -6.98 12.92
C GLU A 15 0.24 -8.10 12.63
N SER A 16 -1.04 -7.76 12.52
CA SER A 16 -2.05 -8.73 12.17
C SER A 16 -1.90 -9.17 10.71
N PHE A 17 -1.43 -8.26 9.86
CA PHE A 17 -1.12 -8.62 8.49
C PHE A 17 0.12 -9.51 8.42
N LYS A 18 1.08 -9.32 9.33
CA LYS A 18 2.21 -10.25 9.45
C LYS A 18 1.73 -11.61 9.94
N ASP A 19 0.63 -11.60 10.69
CA ASP A 19 0.05 -12.82 11.25
C ASP A 19 -0.70 -13.60 10.17
N LEU A 20 -1.40 -12.90 9.28
CA LEU A 20 -2.07 -13.55 8.15
C LEU A 20 -1.03 -13.93 7.11
N LYS A 21 -1.03 -15.19 6.67
CA LYS A 21 -0.11 -15.64 5.62
C LYS A 21 -0.55 -15.09 4.25
N SER A 22 -1.76 -14.56 4.18
CA SER A 22 -2.26 -13.90 2.98
C SER A 22 -1.89 -12.42 2.99
N GLY A 23 -1.65 -11.86 4.18
CA GLY A 23 -1.23 -10.49 4.39
C GLY A 23 -2.33 -9.46 4.11
N ILE A 24 -3.43 -9.88 3.47
CA ILE A 24 -4.54 -9.00 3.13
C ILE A 24 -5.73 -9.24 4.05
N SER A 25 -6.52 -8.20 4.32
CA SER A 25 -7.75 -8.30 5.09
C SER A 25 -8.53 -7.00 4.93
N GLY A 26 -9.54 -7.00 4.05
CA GLY A 26 -10.31 -5.80 3.79
C GLY A 26 -10.79 -5.14 5.07
N SER A 27 -11.25 -5.91 6.05
CA SER A 27 -11.75 -5.34 7.29
C SER A 27 -10.65 -4.57 8.02
N ARG A 28 -9.50 -5.22 8.26
CA ARG A 28 -8.40 -4.63 9.01
C ARG A 28 -7.74 -3.52 8.20
N ILE A 29 -7.66 -3.70 6.88
CA ILE A 29 -7.15 -2.66 6.01
C ILE A 29 -8.02 -1.41 6.21
N LYS A 30 -9.34 -1.57 6.21
CA LYS A 30 -10.26 -0.45 6.42
C LYS A 30 -10.13 0.13 7.83
N LYS A 31 -9.73 -0.68 8.83
CA LYS A 31 -9.60 -0.16 10.18
C LYS A 31 -8.51 0.91 10.23
N LEU A 32 -7.29 0.56 9.81
CA LEU A 32 -6.21 1.53 9.88
C LEU A 32 -6.32 2.60 8.78
N THR A 33 -7.08 2.31 7.71
CA THR A 33 -7.28 3.29 6.64
C THR A 33 -8.23 4.37 7.17
N THR A 34 -9.19 3.98 8.00
CA THR A 34 -10.15 4.92 8.56
C THR A 34 -9.48 5.78 9.63
N TYR A 35 -8.56 5.19 10.39
CA TYR A 35 -7.78 5.95 11.37
C TYR A 35 -6.96 7.01 10.64
N ALA A 36 -6.41 6.65 9.49
CA ALA A 36 -5.60 7.55 8.69
C ALA A 36 -6.45 8.64 8.07
N LEU A 37 -7.68 8.33 7.69
CA LEU A 37 -8.59 9.30 7.09
C LEU A 37 -9.06 10.32 8.11
N ASP A 38 -9.34 9.86 9.33
CA ASP A 38 -9.74 10.74 10.41
C ASP A 38 -8.60 11.69 10.80
N HIS A 39 -7.35 11.29 10.51
CA HIS A 39 -6.17 12.07 10.90
C HIS A 39 -5.03 11.89 9.90
N ILE A 40 -4.83 12.88 9.03
CA ILE A 40 -3.74 12.87 8.08
C ILE A 40 -2.44 13.34 8.72
N ASP A 41 -2.50 13.97 9.91
CA ASP A 41 -1.36 14.50 10.59
C ASP A 41 -0.30 13.44 10.89
N ILE A 42 -0.70 12.16 10.89
CA ILE A 42 0.19 11.05 11.09
C ILE A 42 0.49 10.31 9.77
N GLU A 43 0.22 10.94 8.62
CA GLU A 43 0.51 10.32 7.33
C GLU A 43 1.96 9.88 7.23
N SER A 44 2.85 10.56 7.96
CA SER A 44 4.27 10.25 7.94
C SER A 44 4.56 8.86 8.48
N LYS A 45 4.00 8.50 9.65
CA LYS A 45 4.23 7.18 10.22
C LYS A 45 3.45 6.12 9.45
N ILE A 46 2.38 6.55 8.76
CA ILE A 46 1.54 5.64 7.99
C ILE A 46 2.26 5.18 6.74
N ILE A 47 2.77 6.13 5.94
CA ILE A 47 3.48 5.80 4.72
C ILE A 47 4.79 5.08 5.05
N SER A 48 5.43 5.48 6.15
CA SER A 48 6.70 4.87 6.54
C SER A 48 6.50 3.43 6.99
N LEU A 49 5.43 3.14 7.73
CA LEU A 49 5.24 1.80 8.25
C LEU A 49 4.75 0.81 7.20
N ILE A 50 3.97 1.26 6.20
CA ILE A 50 3.55 0.36 5.14
C ILE A 50 4.72 0.00 4.24
N ILE A 51 5.54 0.97 3.85
CA ILE A 51 6.71 0.64 3.02
C ILE A 51 7.70 -0.21 3.83
N ASP A 52 7.87 0.08 5.12
CA ASP A 52 8.76 -0.72 5.95
C ASP A 52 8.19 -2.12 6.18
N TYR A 53 6.87 -2.26 6.22
CA TYR A 53 6.28 -3.59 6.31
C TYR A 53 6.73 -4.37 5.08
N SER A 54 6.60 -3.79 3.88
CA SER A 54 7.00 -4.46 2.65
C SER A 54 8.50 -4.67 2.58
N ARG A 55 9.29 -3.81 3.23
CA ARG A 55 10.73 -3.87 3.18
C ARG A 55 11.28 -5.01 4.04
N LEU A 56 10.58 -5.38 5.11
CA LEU A 56 11.03 -6.44 6.02
C LEU A 56 10.32 -7.76 5.74
N CYS A 57 9.01 -7.69 5.51
CA CYS A 57 8.15 -8.86 5.38
C CYS A 57 8.45 -9.68 4.10
N PRO A 58 8.00 -10.94 4.08
CA PRO A 58 8.14 -11.85 2.96
C PRO A 58 7.11 -11.57 1.86
N ASP A 59 7.20 -12.34 0.78
CA ASP A 59 6.46 -12.15 -0.47
C ASP A 59 4.98 -11.83 -0.29
N SER A 60 4.25 -12.67 0.43
CA SER A 60 2.80 -12.55 0.55
C SER A 60 2.44 -11.32 1.37
N HIS A 61 3.30 -10.94 2.32
CA HIS A 61 3.10 -9.75 3.12
C HIS A 61 3.42 -8.49 2.30
N LYS A 62 4.32 -8.60 1.31
CA LYS A 62 4.56 -7.49 0.39
C LYS A 62 3.31 -7.25 -0.45
N LEU A 63 2.57 -8.32 -0.77
CA LEU A 63 1.31 -8.19 -1.48
C LEU A 63 0.33 -7.39 -0.62
N GLY A 64 0.22 -7.79 0.66
CA GLY A 64 -0.70 -7.15 1.58
C GLY A 64 -0.31 -5.70 1.86
N SER A 65 0.98 -5.40 1.90
CA SER A 65 1.45 -4.04 2.11
C SER A 65 0.95 -3.15 0.97
N LEU A 66 1.07 -3.64 -0.27
CA LEU A 66 0.62 -2.89 -1.43
C LEU A 66 -0.91 -2.75 -1.42
N TYR A 67 -1.60 -3.70 -0.79
CA TYR A 67 -3.05 -3.66 -0.68
C TYR A 67 -3.49 -2.56 0.29
N ILE A 68 -2.74 -2.38 1.38
CA ILE A 68 -3.00 -1.28 2.31
C ILE A 68 -2.61 0.04 1.66
N ILE A 69 -1.39 0.10 1.10
CA ILE A 69 -0.90 1.25 0.35
C ILE A 69 -1.94 1.70 -0.69
N ASP A 70 -2.58 0.75 -1.38
CA ASP A 70 -3.59 1.07 -2.37
C ASP A 70 -4.81 1.68 -1.71
N SER A 71 -5.26 1.08 -0.59
CA SER A 71 -6.48 1.48 0.06
C SER A 71 -6.36 2.85 0.70
N ILE A 72 -5.29 3.06 1.48
CA ILE A 72 -5.07 4.34 2.14
C ILE A 72 -4.58 5.36 1.13
N GLY A 73 -3.85 4.92 0.10
CA GLY A 73 -3.29 5.82 -0.88
C GLY A 73 -4.38 6.50 -1.69
N ARG A 74 -5.33 5.71 -2.22
CA ARG A 74 -6.44 6.28 -2.95
C ARG A 74 -7.32 7.08 -2.01
N ALA A 75 -7.61 6.55 -0.83
CA ALA A 75 -8.50 7.21 0.11
C ALA A 75 -7.94 8.57 0.52
N TYR A 76 -6.61 8.70 0.62
CA TYR A 76 -6.00 9.97 0.97
C TYR A 76 -6.13 10.97 -0.18
N LEU A 77 -5.83 10.58 -1.41
CA LEU A 77 -5.94 11.57 -2.46
C LEU A 77 -7.42 11.90 -2.65
N ASP A 78 -8.30 10.90 -2.56
CA ASP A 78 -9.74 11.10 -2.68
C ASP A 78 -10.28 12.06 -1.63
N GLU A 79 -9.92 11.87 -0.35
CA GLU A 79 -10.42 12.70 0.72
C GLU A 79 -9.94 14.14 0.56
N THR A 80 -8.64 14.32 0.30
CA THR A 80 -8.06 15.64 0.18
C THR A 80 -8.55 16.36 -1.07
N ARG A 81 -8.82 15.64 -2.17
CA ARG A 81 -9.36 16.29 -3.36
C ARG A 81 -10.85 16.56 -3.23
N SER A 82 -11.55 15.79 -2.39
CA SER A 82 -12.97 15.95 -2.15
C SER A 82 -13.28 17.11 -1.20
N ASN A 83 -12.42 17.34 -0.21
CA ASN A 83 -12.74 18.27 0.86
C ASN A 83 -11.66 19.33 1.04
N SER A 84 -12.09 20.58 1.23
CA SER A 84 -11.22 21.73 1.38
C SER A 84 -10.65 21.82 2.81
N ASN A 85 -10.11 20.71 3.31
CA ASN A 85 -9.56 20.67 4.67
C ASN A 85 -8.36 21.60 4.80
N SER A 86 -8.10 22.06 6.03
CA SER A 86 -6.97 22.94 6.29
C SER A 86 -5.66 22.17 6.13
N SER A 87 -4.64 22.81 5.57
CA SER A 87 -3.35 22.21 5.36
C SER A 87 -2.57 22.14 6.67
N SER A 88 -2.65 21.00 7.35
CA SER A 88 -1.88 20.75 8.57
C SER A 88 -0.42 20.52 8.19
N ASN A 89 0.29 21.61 7.84
CA ASN A 89 1.67 21.57 7.37
C ASN A 89 1.79 20.75 6.08
N LYS A 90 3.00 20.68 5.50
CA LYS A 90 3.22 19.83 4.34
C LYS A 90 3.09 18.36 4.78
N PRO A 91 3.91 17.89 5.74
CA PRO A 91 3.70 16.59 6.34
C PRO A 91 2.41 16.67 7.16
N GLY A 92 1.50 15.72 6.95
CA GLY A 92 0.19 15.77 7.55
C GLY A 92 -0.93 15.93 6.52
N THR A 93 -0.64 15.66 5.24
CA THR A 93 -1.60 15.71 4.16
C THR A 93 -1.22 14.73 3.06
N CYS A 94 -2.14 14.55 2.10
CA CYS A 94 -1.89 13.72 0.92
C CYS A 94 -0.69 14.28 0.16
N ALA A 95 -0.38 15.56 0.32
CA ALA A 95 0.69 16.18 -0.41
C ALA A 95 2.00 15.46 -0.08
N HIS A 96 2.36 15.43 1.21
CA HIS A 96 3.58 14.77 1.62
C HIS A 96 3.44 13.25 1.61
N ALA A 97 2.21 12.74 1.78
CA ALA A 97 1.98 11.30 1.81
C ALA A 97 2.20 10.70 0.42
N ILE A 98 1.61 11.29 -0.61
CA ILE A 98 1.82 10.80 -1.97
C ILE A 98 3.24 11.10 -2.42
N ASN A 99 3.86 12.19 -1.94
CA ASN A 99 5.24 12.46 -2.26
C ASN A 99 6.15 11.38 -1.69
N THR A 100 5.99 11.06 -0.40
CA THR A 100 6.85 10.12 0.29
C THR A 100 6.62 8.69 -0.21
N LEU A 101 5.43 8.42 -0.75
CA LEU A 101 5.09 7.11 -1.26
C LEU A 101 5.61 6.94 -2.69
N GLY A 102 5.31 7.92 -3.56
CA GLY A 102 5.65 7.81 -4.97
C GLY A 102 7.14 7.88 -5.23
N GLU A 103 7.93 8.39 -4.29
CA GLU A 103 9.37 8.52 -4.47
C GLU A 103 10.11 7.19 -4.21
N VAL A 104 9.42 6.17 -3.71
CA VAL A 104 10.06 4.86 -3.50
C VAL A 104 9.15 3.69 -3.85
N ILE A 105 7.92 3.93 -4.30
CA ILE A 105 6.97 2.83 -4.53
C ILE A 105 7.49 1.85 -5.58
N GLN A 106 8.33 2.31 -6.52
CA GLN A 106 8.87 1.44 -7.55
C GLN A 106 9.82 0.42 -6.92
N GLU A 107 10.43 0.76 -5.78
CA GLU A 107 11.35 -0.14 -5.09
C GLU A 107 10.58 -1.24 -4.38
N LEU A 108 9.47 -0.88 -3.72
CA LEU A 108 8.65 -1.85 -3.01
C LEU A 108 7.90 -2.72 -4.02
N LEU A 109 7.48 -2.13 -5.14
CA LEU A 109 6.82 -2.91 -6.19
C LEU A 109 7.82 -3.89 -6.80
N SER A 110 8.97 -3.39 -7.26
CA SER A 110 9.97 -4.23 -7.93
C SER A 110 10.35 -5.44 -7.09
N ASP A 111 10.53 -5.25 -5.77
CA ASP A 111 10.84 -6.36 -4.89
C ASP A 111 9.64 -7.31 -4.83
N ALA A 112 8.44 -6.74 -4.73
CA ALA A 112 7.24 -7.54 -4.59
C ALA A 112 6.95 -8.34 -5.86
N ILE A 113 7.24 -7.78 -7.04
CA ILE A 113 7.02 -8.51 -8.27
C ILE A 113 8.01 -9.67 -8.36
N ALA A 114 9.24 -9.45 -7.89
CA ALA A 114 10.27 -10.46 -7.88
C ALA A 114 10.03 -11.52 -6.80
N LYS A 115 9.55 -11.11 -5.62
CA LYS A 115 9.36 -12.01 -4.50
C LYS A 115 8.07 -12.82 -4.58
N SER A 116 6.98 -12.18 -5.05
CA SER A 116 5.65 -12.75 -4.98
C SER A 116 5.36 -13.76 -6.09
N ASN A 117 4.37 -14.62 -5.86
CA ASN A 117 3.99 -15.66 -6.80
C ASN A 117 3.11 -15.06 -7.91
N GLN A 118 2.87 -15.82 -8.99
CA GLN A 118 2.20 -15.29 -10.17
C GLN A 118 0.83 -14.69 -9.88
N ASP A 119 0.09 -15.27 -8.94
CA ASP A 119 -1.22 -14.75 -8.56
C ASP A 119 -1.05 -13.42 -7.83
N HIS A 120 -0.01 -13.33 -7.00
CA HIS A 120 0.33 -12.11 -6.30
C HIS A 120 0.78 -11.04 -7.28
N LYS A 121 1.58 -11.41 -8.29
CA LYS A 121 2.02 -10.45 -9.30
C LYS A 121 0.80 -9.83 -9.97
N GLU A 122 -0.22 -10.65 -10.24
CA GLU A 122 -1.41 -10.21 -10.95
C GLU A 122 -2.24 -9.27 -10.07
N LYS A 123 -2.33 -9.54 -8.77
CA LYS A 123 -3.08 -8.66 -7.88
C LYS A 123 -2.34 -7.33 -7.72
N ILE A 124 -1.01 -7.33 -7.86
CA ILE A 124 -0.27 -6.08 -7.84
C ILE A 124 -0.50 -5.34 -9.16
N ARG A 125 -0.59 -6.08 -10.27
CA ARG A 125 -0.86 -5.46 -11.56
C ARG A 125 -2.20 -4.75 -11.56
N MET A 126 -3.26 -5.38 -11.04
CA MET A 126 -4.52 -4.67 -11.00
C MET A 126 -4.38 -3.45 -10.09
N LEU A 127 -3.60 -3.54 -9.01
CA LEU A 127 -3.40 -2.41 -8.12
C LEU A 127 -2.74 -1.22 -8.84
N LEU A 128 -1.82 -1.47 -9.78
CA LEU A 128 -1.19 -0.38 -10.52
C LEU A 128 -2.21 0.25 -11.47
N ASP A 129 -3.00 -0.59 -12.15
CA ASP A 129 -4.02 -0.10 -13.06
C ASP A 129 -5.11 0.62 -12.29
N ILE A 130 -5.36 0.21 -11.04
CA ILE A 130 -6.30 0.88 -10.17
C ILE A 130 -5.80 2.29 -9.86
N TRP A 131 -4.50 2.46 -9.66
CA TRP A 131 -3.97 3.78 -9.41
C TRP A 131 -4.03 4.65 -10.66
N ASP A 132 -4.02 4.03 -11.85
CA ASP A 132 -4.19 4.78 -13.09
C ASP A 132 -5.64 5.25 -13.23
N ARG A 133 -6.59 4.34 -12.98
CA ARG A 133 -8.02 4.63 -13.10
C ARG A 133 -8.46 5.64 -12.06
N SER A 134 -7.89 5.54 -10.85
CA SER A 134 -8.23 6.42 -9.73
C SER A 134 -7.60 7.80 -9.91
N GLY A 135 -6.72 7.98 -10.90
CA GLY A 135 -6.14 9.28 -11.20
C GLY A 135 -5.00 9.67 -10.25
N LEU A 136 -4.46 8.72 -9.47
CA LEU A 136 -3.33 9.02 -8.61
C LEU A 136 -2.07 9.22 -9.45
N PHE A 137 -2.04 8.59 -10.63
CA PHE A 137 -0.93 8.65 -11.57
C PHE A 137 0.42 8.24 -10.96
N GLN A 138 0.41 7.65 -9.77
CA GLN A 138 1.61 7.11 -9.13
C GLN A 138 1.99 5.77 -9.75
N LYS A 139 1.33 5.42 -10.86
CA LYS A 139 1.55 4.17 -11.58
C LYS A 139 2.95 4.14 -12.16
N SER A 140 3.43 2.93 -12.44
CA SER A 140 4.73 2.72 -13.07
C SER A 140 4.74 1.39 -13.80
N TYR A 141 5.42 1.35 -14.95
CA TYR A 141 5.53 0.16 -15.78
C TYR A 141 6.94 0.04 -16.35
N LEU A 142 7.90 0.73 -15.72
CA LEU A 142 9.30 0.69 -16.13
C LEU A 142 9.87 -0.69 -15.84
N ASN A 143 11.02 -1.00 -16.45
CA ASN A 143 11.63 -2.32 -16.34
C ASN A 143 12.03 -2.66 -14.90
N ALA A 144 12.06 -1.66 -14.01
CA ALA A 144 12.33 -1.91 -12.60
C ALA A 144 11.16 -2.69 -12.00
N ILE A 145 9.92 -2.25 -12.28
CA ILE A 145 8.72 -2.94 -11.81
C ILE A 145 8.64 -4.33 -12.43
N ARG A 146 9.08 -4.48 -13.68
CA ARG A 146 9.01 -5.75 -14.39
C ARG A 146 10.03 -6.74 -13.83
N SER A 147 11.10 -6.22 -13.21
CA SER A 147 12.12 -7.02 -12.53
C SER A 147 12.55 -8.17 -13.44
N LYS A 148 12.91 -7.83 -14.68
CA LYS A 148 13.22 -8.77 -15.75
C LYS A 148 14.15 -9.90 -15.33
N CYS A 149 15.10 -9.65 -14.41
CA CYS A 149 16.00 -10.70 -13.97
C CYS A 149 15.24 -11.75 -13.19
N PHE A 150 14.56 -11.31 -12.11
CA PHE A 150 13.84 -12.22 -11.25
C PHE A 150 12.61 -12.79 -11.95
N ALA A 151 12.19 -12.17 -13.06
CA ALA A 151 11.11 -12.72 -13.86
C ALA A 151 11.61 -13.93 -14.66
N MET A 152 12.84 -13.86 -15.17
CA MET A 152 13.45 -14.97 -15.89
C MET A 152 13.95 -16.06 -14.93
N ASP A 153 14.20 -15.69 -13.66
CA ASP A 153 14.64 -16.64 -12.65
C ASP A 153 13.52 -17.57 -12.22
N LEU A 154 12.27 -17.24 -12.57
CA LEU A 154 11.12 -18.08 -12.26
C LEU A 154 10.75 -18.93 -13.48
N GLU A 155 10.29 -20.16 -13.23
CA GLU A 155 9.90 -21.07 -14.30
C GLU A 155 8.49 -20.78 -14.79
N HIS A 156 8.17 -21.25 -15.99
CA HIS A 156 6.88 -21.03 -16.65
C HIS A 156 5.79 -21.94 -16.09
N HIS A 157 5.77 -22.17 -14.77
CA HIS A 157 4.77 -23.03 -14.15
C HIS A 157 3.37 -22.44 -14.29
N HIS A 158 2.35 -23.29 -14.19
CA HIS A 158 0.95 -22.88 -14.31
C HIS A 158 0.37 -22.43 -12.97
N HIS A 159 1.22 -22.16 -11.97
CA HIS A 159 0.79 -21.81 -10.63
C HIS A 159 1.67 -20.71 -10.05
N ASP B 1 -12.82 -10.35 9.47
CA ASP B 1 -11.51 -9.79 9.11
C ASP B 1 -10.68 -10.78 8.30
N ASP B 2 -10.38 -11.94 8.89
CA ASP B 2 -9.61 -13.01 8.27
C ASP B 2 -10.40 -13.69 7.14
N ASP B 3 -11.44 -13.00 6.66
CA ASP B 3 -12.34 -13.47 5.61
C ASP B 3 -12.49 -12.41 4.52
N GLU B 4 -11.83 -11.25 4.67
CA GLU B 4 -11.85 -10.20 3.68
C GLU B 4 -10.55 -10.14 2.90
N ASP B 5 -9.79 -11.23 2.88
CA ASP B 5 -8.54 -11.30 2.12
C ASP B 5 -8.84 -11.06 0.64
N ASP B 6 -7.86 -10.53 -0.09
CA ASP B 6 -8.05 -10.11 -1.48
C ASP B 6 -9.28 -9.23 -1.62
N TYR B 7 -9.50 -8.30 -0.66
CA TYR B 7 -10.69 -7.47 -0.67
C TYR B 7 -10.87 -6.77 -2.02
N THR B 8 -12.13 -6.61 -2.47
CA THR B 8 -12.41 -5.99 -3.76
C THR B 8 -12.37 -4.47 -3.66
N PRO B 9 -11.52 -3.82 -4.47
CA PRO B 9 -11.35 -2.37 -4.47
C PRO B 9 -12.56 -1.67 -5.07
N SER B 10 -13.53 -2.44 -5.59
CA SER B 10 -14.78 -1.96 -6.16
C SER B 10 -14.62 -1.03 -7.37
N ILE B 11 -13.39 -0.68 -7.74
CA ILE B 11 -13.12 0.09 -8.94
C ILE B 11 -13.09 -0.84 -10.15
N SER B 12 -12.98 -2.14 -9.90
CA SER B 12 -12.95 -3.19 -10.91
C SER B 12 -13.28 -4.54 -10.26
N MET A 1 0.93 12.93 17.91
CA MET A 1 1.31 12.90 16.49
C MET A 1 2.74 12.36 16.35
N GLN A 2 3.70 13.09 16.90
CA GLN A 2 5.09 12.64 16.98
C GLN A 2 5.16 11.42 17.90
N GLN A 3 4.22 11.34 18.84
CA GLN A 3 4.00 10.18 19.67
C GLN A 3 2.58 10.23 20.22
N ASP A 4 1.95 9.05 20.28
CA ASP A 4 0.64 8.85 20.86
C ASP A 4 0.50 7.35 21.04
N ASP A 5 0.04 6.91 22.21
CA ASP A 5 -0.03 5.48 22.49
C ASP A 5 -1.22 4.82 21.80
N ASP A 6 -1.90 5.59 20.96
CA ASP A 6 -2.96 5.10 20.10
C ASP A 6 -2.31 4.52 18.84
N PHE A 7 -1.06 4.93 18.57
CA PHE A 7 -0.28 4.41 17.46
C PHE A 7 -0.21 2.89 17.59
N GLN A 8 -0.15 2.40 18.82
CA GLN A 8 -0.07 0.99 19.16
C GLN A 8 -1.14 0.17 18.47
N ASN A 9 -2.33 0.74 18.28
CA ASN A 9 -3.42 0.03 17.63
C ASN A 9 -3.15 -0.06 16.12
N PHE A 10 -2.57 0.99 15.56
CA PHE A 10 -2.16 1.01 14.16
C PHE A 10 -0.98 0.04 13.96
N VAL A 11 -0.10 -0.05 14.95
CA VAL A 11 1.04 -0.96 14.89
C VAL A 11 0.54 -2.40 14.99
N ALA A 12 -0.25 -2.72 16.01
CA ALA A 12 -0.77 -4.07 16.20
C ALA A 12 -1.59 -4.53 14.99
N THR A 13 -2.20 -3.60 14.27
CA THR A 13 -2.92 -3.96 13.05
C THR A 13 -1.91 -4.31 11.96
N LEU A 14 -0.81 -3.55 11.91
CA LEU A 14 0.25 -3.81 10.95
C LEU A 14 0.88 -5.17 11.25
N GLU A 15 1.12 -5.44 12.54
CA GLU A 15 1.68 -6.69 13.01
C GLU A 15 0.71 -7.84 12.73
N SER A 16 -0.59 -7.53 12.67
CA SER A 16 -1.59 -8.53 12.35
C SER A 16 -1.47 -8.94 10.88
N PHE A 17 -1.01 -8.03 10.01
CA PHE A 17 -0.73 -8.43 8.63
C PHE A 17 0.53 -9.28 8.57
N LYS A 18 1.51 -9.02 9.46
CA LYS A 18 2.69 -9.87 9.55
C LYS A 18 2.31 -11.26 10.05
N ASP A 19 1.20 -11.35 10.79
CA ASP A 19 0.67 -12.63 11.24
C ASP A 19 -0.04 -13.35 10.10
N LEU A 20 -0.92 -12.65 9.38
CA LEU A 20 -1.69 -13.25 8.29
C LEU A 20 -0.76 -13.87 7.26
N LYS A 21 -0.97 -15.16 6.97
CA LYS A 21 -0.16 -15.88 6.00
C LYS A 21 -0.47 -15.39 4.59
N SER A 22 -1.65 -14.79 4.39
CA SER A 22 -2.04 -14.20 3.12
C SER A 22 -1.63 -12.73 3.05
N GLY A 23 -1.28 -12.15 4.19
CA GLY A 23 -0.88 -10.75 4.32
C GLY A 23 -2.04 -9.78 4.12
N ILE A 24 -3.16 -10.25 3.54
CA ILE A 24 -4.34 -9.43 3.30
C ILE A 24 -5.41 -9.67 4.36
N SER A 25 -6.17 -8.62 4.68
CA SER A 25 -7.36 -8.73 5.52
C SER A 25 -8.21 -7.50 5.29
N GLY A 26 -9.32 -7.63 4.54
CA GLY A 26 -10.13 -6.48 4.23
C GLY A 26 -10.64 -5.81 5.51
N SER A 27 -10.83 -6.59 6.58
CA SER A 27 -11.33 -6.06 7.84
C SER A 27 -10.24 -5.22 8.53
N ARG A 28 -9.03 -5.75 8.66
CA ARG A 28 -7.94 -5.06 9.33
C ARG A 28 -7.43 -3.92 8.47
N ILE A 29 -7.38 -4.11 7.15
CA ILE A 29 -6.99 -3.06 6.24
C ILE A 29 -7.97 -1.90 6.38
N LYS A 30 -9.29 -2.18 6.42
CA LYS A 30 -10.28 -1.13 6.59
C LYS A 30 -10.16 -0.48 7.96
N LYS A 31 -9.69 -1.19 8.98
CA LYS A 31 -9.57 -0.63 10.32
C LYS A 31 -8.53 0.48 10.35
N LEU A 32 -7.26 0.19 10.01
CA LEU A 32 -6.27 1.25 10.07
C LEU A 32 -6.41 2.22 8.90
N THR A 33 -7.13 1.84 7.84
CA THR A 33 -7.39 2.78 6.75
C THR A 33 -8.38 3.82 7.25
N THR A 34 -9.42 3.38 7.95
CA THR A 34 -10.43 4.28 8.48
C THR A 34 -9.80 5.20 9.53
N TYR A 35 -8.96 4.64 10.40
CA TYR A 35 -8.30 5.43 11.43
C TYR A 35 -7.42 6.50 10.78
N ALA A 36 -6.81 6.17 9.64
CA ALA A 36 -5.99 7.10 8.90
C ALA A 36 -6.83 8.15 8.17
N LEU A 37 -8.08 7.83 7.82
CA LEU A 37 -8.94 8.75 7.09
C LEU A 37 -9.56 9.73 8.08
N ASP A 38 -9.83 9.24 9.29
CA ASP A 38 -10.31 10.04 10.38
C ASP A 38 -9.27 11.07 10.79
N HIS A 39 -7.98 10.77 10.59
CA HIS A 39 -6.90 11.67 10.93
C HIS A 39 -5.68 11.48 10.03
N ILE A 40 -5.45 12.44 9.13
CA ILE A 40 -4.26 12.47 8.30
C ILE A 40 -3.09 13.02 9.12
N ASP A 41 -3.36 13.57 10.31
CA ASP A 41 -2.35 14.18 11.16
C ASP A 41 -1.20 13.23 11.46
N ILE A 42 -1.49 11.92 11.44
CA ILE A 42 -0.51 10.88 11.70
C ILE A 42 -0.07 10.16 10.43
N GLU A 43 -0.34 10.74 9.25
CA GLU A 43 0.06 10.08 8.00
C GLU A 43 1.55 9.77 8.02
N SER A 44 2.34 10.59 8.71
CA SER A 44 3.79 10.42 8.75
C SER A 44 4.18 9.07 9.32
N LYS A 45 3.59 8.66 10.45
CA LYS A 45 3.91 7.37 11.06
C LYS A 45 3.23 6.23 10.27
N ILE A 46 2.13 6.54 9.58
CA ILE A 46 1.39 5.55 8.81
C ILE A 46 2.17 5.18 7.56
N ILE A 47 2.70 6.19 6.86
CA ILE A 47 3.52 5.99 5.69
C ILE A 47 4.81 5.30 6.10
N SER A 48 5.31 5.60 7.30
CA SER A 48 6.51 4.97 7.80
C SER A 48 6.29 3.48 8.01
N LEU A 49 5.09 3.05 8.44
CA LEU A 49 4.81 1.65 8.64
C LEU A 49 4.66 0.88 7.34
N ILE A 50 4.01 1.44 6.31
CA ILE A 50 3.82 0.68 5.08
C ILE A 50 5.15 0.48 4.37
N ILE A 51 6.02 1.51 4.33
CA ILE A 51 7.31 1.35 3.67
C ILE A 51 8.20 0.39 4.44
N ASP A 52 8.18 0.45 5.78
CA ASP A 52 8.97 -0.47 6.59
C ASP A 52 8.47 -1.90 6.39
N TYR A 53 7.16 -2.10 6.54
CA TYR A 53 6.57 -3.41 6.40
C TYR A 53 6.83 -3.93 4.99
N SER A 54 6.49 -3.15 3.96
CA SER A 54 6.59 -3.62 2.59
C SER A 54 8.03 -3.95 2.20
N ARG A 55 9.00 -3.29 2.81
CA ARG A 55 10.41 -3.52 2.52
C ARG A 55 10.91 -4.83 3.14
N LEU A 56 10.83 -4.94 4.48
CA LEU A 56 11.36 -6.08 5.22
C LEU A 56 10.50 -7.34 5.13
N CYS A 57 9.18 -7.19 4.94
CA CYS A 57 8.29 -8.34 4.96
C CYS A 57 8.50 -9.27 3.77
N PRO A 58 8.12 -10.55 3.90
CA PRO A 58 8.23 -11.57 2.87
C PRO A 58 7.19 -11.37 1.76
N ASP A 59 7.26 -12.20 0.72
CA ASP A 59 6.48 -12.06 -0.51
C ASP A 59 4.98 -11.92 -0.28
N SER A 60 4.39 -12.77 0.57
CA SER A 60 2.96 -12.72 0.83
C SER A 60 2.59 -11.42 1.52
N HIS A 61 3.46 -10.96 2.43
CA HIS A 61 3.23 -9.73 3.17
C HIS A 61 3.48 -8.52 2.27
N LYS A 62 4.34 -8.66 1.24
CA LYS A 62 4.53 -7.60 0.27
C LYS A 62 3.24 -7.38 -0.52
N LEU A 63 2.53 -8.45 -0.87
CA LEU A 63 1.25 -8.32 -1.55
C LEU A 63 0.29 -7.56 -0.64
N GLY A 64 0.22 -7.98 0.63
CA GLY A 64 -0.66 -7.36 1.60
C GLY A 64 -0.27 -5.91 1.86
N SER A 65 1.03 -5.58 1.78
CA SER A 65 1.48 -4.22 1.99
C SER A 65 0.96 -3.32 0.89
N LEU A 66 0.92 -3.83 -0.34
CA LEU A 66 0.41 -3.08 -1.48
C LEU A 66 -1.11 -2.96 -1.40
N TYR A 67 -1.77 -3.91 -0.72
CA TYR A 67 -3.19 -3.86 -0.50
C TYR A 67 -3.55 -2.77 0.52
N ILE A 68 -2.73 -2.61 1.56
CA ILE A 68 -2.90 -1.55 2.54
C ILE A 68 -2.62 -0.20 1.90
N ILE A 69 -1.49 -0.11 1.17
CA ILE A 69 -1.13 1.09 0.44
C ILE A 69 -2.23 1.50 -0.54
N ASP A 70 -2.96 0.52 -1.09
CA ASP A 70 -4.03 0.81 -2.02
C ASP A 70 -5.20 1.47 -1.30
N SER A 71 -5.68 0.89 -0.19
CA SER A 71 -6.85 1.41 0.48
C SER A 71 -6.56 2.79 1.08
N ILE A 72 -5.47 2.90 1.84
CA ILE A 72 -5.13 4.14 2.52
C ILE A 72 -4.60 5.16 1.51
N GLY A 73 -3.91 4.70 0.47
CA GLY A 73 -3.31 5.58 -0.51
C GLY A 73 -4.38 6.27 -1.35
N ARG A 74 -5.20 5.48 -2.03
CA ARG A 74 -6.22 6.00 -2.91
C ARG A 74 -7.21 6.85 -2.11
N ALA A 75 -7.58 6.40 -0.91
CA ALA A 75 -8.51 7.14 -0.09
C ALA A 75 -7.90 8.45 0.39
N TYR A 76 -6.56 8.52 0.56
CA TYR A 76 -5.93 9.76 0.98
C TYR A 76 -5.99 10.82 -0.10
N LEU A 77 -5.69 10.48 -1.36
CA LEU A 77 -5.76 11.52 -2.37
C LEU A 77 -7.22 11.84 -2.68
N ASP A 78 -8.09 10.82 -2.68
CA ASP A 78 -9.51 11.04 -2.95
C ASP A 78 -10.16 11.95 -1.91
N GLU A 79 -9.92 11.71 -0.62
CA GLU A 79 -10.51 12.51 0.41
C GLU A 79 -10.02 13.95 0.34
N THR A 80 -8.70 14.13 0.24
CA THR A 80 -8.11 15.46 0.18
C THR A 80 -8.48 16.17 -1.12
N ARG A 81 -8.78 15.42 -2.18
CA ARG A 81 -9.30 16.00 -3.42
C ARG A 81 -10.76 16.40 -3.29
N SER A 82 -11.53 15.65 -2.50
CA SER A 82 -12.95 15.88 -2.29
C SER A 82 -13.25 16.85 -1.16
N ASN A 83 -12.23 17.25 -0.40
CA ASN A 83 -12.40 18.05 0.80
C ASN A 83 -11.33 19.14 0.90
N SER A 84 -11.48 20.03 1.87
CA SER A 84 -10.53 21.11 2.10
C SER A 84 -9.18 20.55 2.54
N ASN A 85 -8.13 21.37 2.43
CA ASN A 85 -6.78 20.97 2.81
C ASN A 85 -6.26 21.89 3.92
N SER A 86 -5.20 21.47 4.61
CA SER A 86 -4.63 22.19 5.74
C SER A 86 -3.81 23.39 5.30
N SER A 87 -4.25 24.11 4.26
CA SER A 87 -3.53 25.25 3.70
C SER A 87 -2.10 24.86 3.33
N SER A 88 -1.20 25.84 3.25
CA SER A 88 0.19 25.61 2.89
C SER A 88 0.87 24.75 3.96
N ASN A 89 1.02 23.46 3.67
CA ASN A 89 1.58 22.48 4.58
C ASN A 89 2.04 21.25 3.79
N LYS A 90 2.77 20.33 4.42
CA LYS A 90 3.20 19.10 3.78
C LYS A 90 2.86 17.87 4.63
N PRO A 91 3.45 17.67 5.81
CA PRO A 91 3.15 16.51 6.64
C PRO A 91 1.74 16.61 7.20
N GLY A 92 1.11 15.45 7.42
CA GLY A 92 -0.25 15.42 7.96
C GLY A 92 -1.31 15.57 6.89
N THR A 93 -0.96 15.32 5.62
CA THR A 93 -1.87 15.40 4.49
C THR A 93 -1.42 14.48 3.37
N CYS A 94 -2.27 14.37 2.35
CA CYS A 94 -1.96 13.63 1.14
C CYS A 94 -0.74 14.23 0.45
N ALA A 95 -0.42 15.49 0.75
CA ALA A 95 0.67 16.17 0.08
C ALA A 95 1.98 15.43 0.35
N HIS A 96 2.32 15.25 1.64
CA HIS A 96 3.53 14.54 2.00
C HIS A 96 3.36 13.04 1.81
N ALA A 97 2.17 12.51 2.11
CA ALA A 97 1.92 11.09 2.00
C ALA A 97 2.09 10.58 0.57
N ILE A 98 1.44 11.22 -0.41
CA ILE A 98 1.54 10.78 -1.79
C ILE A 98 2.91 11.13 -2.36
N ASN A 99 3.51 12.24 -1.93
CA ASN A 99 4.85 12.57 -2.38
C ASN A 99 5.88 11.56 -1.92
N THR A 100 5.76 11.10 -0.67
CA THR A 100 6.73 10.16 -0.11
C THR A 100 6.62 8.82 -0.83
N LEU A 101 5.40 8.36 -1.07
CA LEU A 101 5.21 7.10 -1.75
C LEU A 101 5.52 7.22 -3.24
N GLY A 102 5.35 8.40 -3.83
CA GLY A 102 5.58 8.58 -5.25
C GLY A 102 7.02 8.22 -5.63
N GLU A 103 7.96 8.32 -4.69
CA GLU A 103 9.36 8.00 -4.94
C GLU A 103 9.65 6.51 -4.80
N VAL A 104 9.07 5.88 -3.76
CA VAL A 104 9.41 4.50 -3.43
C VAL A 104 8.36 3.47 -3.84
N ILE A 105 7.21 3.89 -4.37
CA ILE A 105 6.18 2.92 -4.72
C ILE A 105 6.66 1.96 -5.80
N GLN A 106 7.51 2.44 -6.72
CA GLN A 106 8.07 1.63 -7.79
C GLN A 106 9.02 0.58 -7.21
N GLU A 107 9.66 0.90 -6.08
CA GLU A 107 10.56 -0.02 -5.40
C GLU A 107 9.75 -1.11 -4.67
N LEU A 108 8.71 -0.70 -3.95
CA LEU A 108 7.90 -1.65 -3.21
C LEU A 108 7.11 -2.53 -4.17
N LEU A 109 6.70 -1.98 -5.31
CA LEU A 109 6.04 -2.77 -6.34
C LEU A 109 7.01 -3.79 -6.89
N SER A 110 8.11 -3.35 -7.50
CA SER A 110 9.03 -4.26 -8.18
C SER A 110 9.57 -5.33 -7.24
N ASP A 111 9.79 -4.97 -5.98
CA ASP A 111 10.24 -5.92 -4.98
C ASP A 111 9.18 -7.00 -4.82
N ALA A 112 7.91 -6.57 -4.75
CA ALA A 112 6.82 -7.50 -4.56
C ALA A 112 6.59 -8.32 -5.82
N ILE A 113 6.73 -7.72 -7.01
CA ILE A 113 6.51 -8.44 -8.26
C ILE A 113 7.50 -9.59 -8.35
N ALA A 114 8.76 -9.32 -8.01
CA ALA A 114 9.82 -10.32 -8.12
C ALA A 114 9.73 -11.38 -7.04
N LYS A 115 9.37 -10.99 -5.81
CA LYS A 115 9.31 -11.93 -4.70
C LYS A 115 8.05 -12.78 -4.74
N SER A 116 6.94 -12.20 -5.21
CA SER A 116 5.63 -12.81 -5.10
C SER A 116 5.30 -13.73 -6.27
N ASN A 117 4.37 -14.67 -6.03
CA ASN A 117 3.94 -15.66 -7.01
C ASN A 117 3.05 -15.04 -8.07
N GLN A 118 2.79 -15.76 -9.17
CA GLN A 118 2.00 -15.26 -10.29
C GLN A 118 0.62 -14.80 -9.85
N ASP A 119 0.05 -15.47 -8.84
CA ASP A 119 -1.23 -15.09 -8.27
C ASP A 119 -1.07 -13.72 -7.60
N HIS A 120 0.00 -13.55 -6.84
CA HIS A 120 0.27 -12.30 -6.14
C HIS A 120 0.60 -11.21 -7.17
N LYS A 121 1.31 -11.57 -8.23
CA LYS A 121 1.62 -10.63 -9.31
C LYS A 121 0.30 -10.13 -9.90
N GLU A 122 -0.70 -11.00 -10.01
CA GLU A 122 -1.98 -10.65 -10.61
C GLU A 122 -2.69 -9.61 -9.76
N LYS A 123 -2.71 -9.79 -8.44
CA LYS A 123 -3.39 -8.84 -7.56
C LYS A 123 -2.67 -7.50 -7.59
N ILE A 124 -1.34 -7.50 -7.66
CA ILE A 124 -0.60 -6.25 -7.76
C ILE A 124 -0.88 -5.62 -9.12
N ARG A 125 -1.08 -6.46 -10.15
CA ARG A 125 -1.24 -5.96 -11.49
C ARG A 125 -2.56 -5.20 -11.67
N MET A 126 -3.63 -5.65 -11.01
CA MET A 126 -4.88 -4.92 -11.06
C MET A 126 -4.76 -3.66 -10.22
N LEU A 127 -4.09 -3.72 -9.06
CA LEU A 127 -3.83 -2.54 -8.25
C LEU A 127 -2.99 -1.54 -9.05
N LEU A 128 -2.06 -2.03 -9.87
CA LEU A 128 -1.20 -1.16 -10.65
C LEU A 128 -2.02 -0.39 -11.70
N ASP A 129 -2.92 -1.07 -12.38
CA ASP A 129 -3.81 -0.41 -13.34
C ASP A 129 -4.79 0.50 -12.61
N ILE A 130 -5.25 0.11 -11.43
CA ILE A 130 -6.14 0.94 -10.63
C ILE A 130 -5.42 2.22 -10.25
N TRP A 131 -4.13 2.14 -9.93
CA TRP A 131 -3.36 3.32 -9.55
C TRP A 131 -3.01 4.16 -10.78
N ASP A 132 -2.84 3.52 -11.94
CA ASP A 132 -2.54 4.23 -13.17
C ASP A 132 -3.72 5.12 -13.55
N ARG A 133 -4.93 4.62 -13.29
CA ARG A 133 -6.17 5.35 -13.49
C ARG A 133 -6.37 6.40 -12.40
N SER A 134 -5.93 6.10 -11.17
CA SER A 134 -6.09 7.00 -10.04
C SER A 134 -5.12 8.17 -10.12
N GLY A 135 -3.98 7.97 -10.77
CA GLY A 135 -2.98 9.03 -10.97
C GLY A 135 -2.10 9.31 -9.76
N LEU A 136 -2.23 8.54 -8.68
CA LEU A 136 -1.41 8.75 -7.48
C LEU A 136 0.05 8.41 -7.75
N PHE A 137 0.32 7.60 -8.78
CA PHE A 137 1.65 7.06 -9.03
C PHE A 137 1.94 6.97 -10.52
N GLN A 138 3.15 6.49 -10.85
CA GLN A 138 3.61 6.34 -12.22
C GLN A 138 2.73 5.35 -13.00
N LYS A 139 2.90 5.35 -14.32
CA LYS A 139 2.12 4.52 -15.23
C LYS A 139 2.40 3.04 -15.00
N SER A 140 1.43 2.20 -15.35
CA SER A 140 1.43 0.77 -15.13
C SER A 140 2.43 0.01 -16.01
N TYR A 141 3.44 0.68 -16.56
CA TYR A 141 4.39 0.04 -17.46
C TYR A 141 5.80 0.61 -17.32
N LEU A 142 6.09 1.31 -16.21
CA LEU A 142 7.40 1.90 -16.00
C LEU A 142 8.46 0.81 -15.85
N ASN A 143 9.68 1.07 -16.35
CA ASN A 143 10.77 0.10 -16.31
C ASN A 143 11.19 -0.25 -14.88
N ALA A 144 10.85 0.58 -13.91
CA ALA A 144 11.23 0.37 -12.53
C ALA A 144 10.45 -0.76 -11.88
N ILE A 145 9.26 -1.08 -12.40
CA ILE A 145 8.41 -2.13 -11.83
C ILE A 145 8.98 -3.50 -12.16
N ARG A 146 9.60 -3.64 -13.33
CA ARG A 146 10.32 -4.85 -13.69
C ARG A 146 11.73 -4.79 -13.11
N SER A 147 12.53 -3.81 -13.53
CA SER A 147 13.88 -3.53 -13.05
C SER A 147 14.76 -4.77 -12.86
N LYS A 148 14.47 -5.88 -13.56
CA LYS A 148 15.18 -7.14 -13.37
C LYS A 148 15.31 -7.53 -11.89
N CYS A 149 14.38 -7.06 -11.05
CA CYS A 149 14.47 -7.28 -9.62
C CYS A 149 14.50 -8.77 -9.28
N PHE A 150 13.98 -9.62 -10.16
CA PHE A 150 14.02 -11.06 -9.93
C PHE A 150 15.47 -11.56 -10.00
N ALA A 151 16.30 -10.92 -10.82
CA ALA A 151 17.71 -11.25 -10.89
C ALA A 151 18.46 -10.64 -9.71
N MET A 152 17.92 -9.53 -9.16
CA MET A 152 18.50 -8.91 -7.98
C MET A 152 18.20 -9.70 -6.71
N ASP A 153 17.12 -10.51 -6.72
CA ASP A 153 16.73 -11.32 -5.58
C ASP A 153 17.62 -12.54 -5.38
N LEU A 154 18.43 -12.89 -6.39
CA LEU A 154 19.30 -14.05 -6.31
C LEU A 154 20.77 -13.66 -6.44
N GLU A 155 21.66 -14.52 -5.91
CA GLU A 155 23.09 -14.26 -5.84
C GLU A 155 23.78 -14.39 -7.20
N HIS A 156 25.00 -13.87 -7.27
CA HIS A 156 25.87 -13.92 -8.46
C HIS A 156 25.30 -13.23 -9.70
N HIS A 157 24.24 -12.44 -9.54
CA HIS A 157 23.62 -11.71 -10.63
C HIS A 157 23.08 -10.37 -10.13
N HIS A 158 22.71 -9.50 -11.08
CA HIS A 158 22.20 -8.17 -10.79
C HIS A 158 21.39 -7.67 -11.98
N HIS A 159 20.80 -6.49 -11.85
CA HIS A 159 20.01 -5.86 -12.90
C HIS A 159 20.90 -5.39 -14.06
N ASP B 1 -5.64 -15.45 12.06
CA ASP B 1 -6.02 -15.00 10.71
C ASP B 1 -7.50 -14.62 10.66
N ASP B 2 -7.90 -14.02 9.53
CA ASP B 2 -9.26 -13.55 9.31
C ASP B 2 -9.88 -14.27 8.12
N ASP B 3 -11.18 -14.11 7.91
CA ASP B 3 -11.88 -14.72 6.79
C ASP B 3 -12.08 -13.71 5.65
N GLU B 4 -12.01 -12.41 5.94
CA GLU B 4 -12.10 -11.40 4.90
C GLU B 4 -10.76 -11.27 4.19
N ASP B 5 -10.46 -12.21 3.28
CA ASP B 5 -9.17 -12.29 2.61
C ASP B 5 -9.04 -11.30 1.44
N ASP B 6 -10.01 -10.40 1.27
CA ASP B 6 -9.98 -9.39 0.23
C ASP B 6 -10.76 -8.16 0.68
N TYR B 7 -10.51 -7.02 0.02
CA TYR B 7 -11.23 -5.79 0.26
C TYR B 7 -11.86 -5.30 -1.05
N THR B 8 -11.54 -5.99 -2.15
CA THR B 8 -12.14 -5.83 -3.47
C THR B 8 -12.20 -4.36 -3.91
N PRO B 9 -11.07 -3.78 -4.29
CA PRO B 9 -10.99 -2.41 -4.79
C PRO B 9 -11.69 -2.31 -6.15
N SER B 10 -12.11 -1.09 -6.52
CA SER B 10 -12.79 -0.85 -7.77
C SER B 10 -12.53 0.58 -8.25
N ILE B 11 -12.68 0.83 -9.55
CA ILE B 11 -12.42 2.12 -10.15
C ILE B 11 -12.98 2.18 -11.58
N SER B 12 -13.22 3.40 -12.06
CA SER B 12 -13.67 3.65 -13.43
C SER B 12 -12.59 3.22 -14.42
N MET A 1 -3.45 6.79 25.87
CA MET A 1 -4.57 6.68 26.82
C MET A 1 -5.88 7.19 26.23
N GLN A 2 -5.97 8.50 25.94
CA GLN A 2 -7.19 9.10 25.41
C GLN A 2 -6.91 10.21 24.39
N GLN A 3 -5.63 10.53 24.19
CA GLN A 3 -5.18 11.54 23.23
C GLN A 3 -3.77 11.15 22.77
N ASP A 4 -3.41 9.91 23.07
CA ASP A 4 -2.06 9.39 22.98
C ASP A 4 -2.11 7.87 22.96
N ASP A 5 -0.97 7.22 22.72
CA ASP A 5 -0.85 5.77 22.61
C ASP A 5 -1.74 5.18 21.52
N ASP A 6 -2.21 6.02 20.60
CA ASP A 6 -3.11 5.61 19.54
C ASP A 6 -2.34 4.81 18.50
N PHE A 7 -1.07 5.18 18.30
CA PHE A 7 -0.21 4.57 17.31
C PHE A 7 -0.07 3.07 17.54
N GLN A 8 -0.03 2.63 18.81
CA GLN A 8 0.16 1.24 19.15
C GLN A 8 -0.93 0.36 18.54
N ASN A 9 -2.14 0.88 18.39
CA ASN A 9 -3.22 0.12 17.76
C ASN A 9 -2.93 -0.06 16.27
N PHE A 10 -2.29 0.95 15.66
CA PHE A 10 -1.90 0.89 14.27
C PHE A 10 -0.76 -0.10 14.09
N VAL A 11 0.18 -0.10 15.04
CA VAL A 11 1.32 -1.01 15.00
C VAL A 11 0.79 -2.44 15.10
N ALA A 12 0.02 -2.72 16.16
CA ALA A 12 -0.55 -4.04 16.38
C ALA A 12 -1.42 -4.49 15.21
N THR A 13 -2.06 -3.56 14.48
CA THR A 13 -2.86 -3.92 13.31
C THR A 13 -1.93 -4.34 12.18
N LEU A 14 -0.82 -3.62 12.01
CA LEU A 14 0.16 -3.93 10.97
C LEU A 14 0.83 -5.27 11.28
N GLU A 15 1.16 -5.48 12.56
CA GLU A 15 1.74 -6.71 13.06
C GLU A 15 0.74 -7.86 12.88
N SER A 16 -0.56 -7.53 12.99
CA SER A 16 -1.59 -8.52 12.78
C SER A 16 -1.66 -8.92 11.31
N PHE A 17 -1.17 -8.08 10.39
CA PHE A 17 -1.01 -8.50 9.00
C PHE A 17 0.18 -9.44 8.84
N LYS A 18 1.27 -9.18 9.58
CA LYS A 18 2.45 -10.05 9.51
C LYS A 18 2.11 -11.45 10.02
N ASP A 19 1.07 -11.54 10.85
CA ASP A 19 0.56 -12.80 11.37
C ASP A 19 -0.26 -13.58 10.33
N LEU A 20 -0.57 -12.98 9.19
CA LEU A 20 -1.40 -13.61 8.17
C LEU A 20 -0.60 -14.44 7.18
N LYS A 21 -1.31 -15.18 6.33
CA LYS A 21 -0.70 -16.00 5.30
C LYS A 21 -0.25 -15.15 4.11
N SER A 22 -0.91 -14.00 3.91
CA SER A 22 -0.65 -13.13 2.77
C SER A 22 -0.84 -11.66 3.07
N GLY A 23 -1.01 -11.34 4.35
CA GLY A 23 -1.13 -9.97 4.84
C GLY A 23 -2.43 -9.29 4.43
N ILE A 24 -3.18 -9.86 3.48
CA ILE A 24 -4.48 -9.35 3.10
C ILE A 24 -5.41 -9.51 4.30
N SER A 25 -6.10 -8.46 4.70
CA SER A 25 -6.86 -8.47 5.94
C SER A 25 -7.92 -7.38 5.92
N GLY A 26 -8.98 -7.59 5.15
CA GLY A 26 -9.96 -6.55 4.87
C GLY A 26 -10.39 -5.76 6.11
N SER A 27 -10.80 -6.41 7.20
CA SER A 27 -11.32 -5.67 8.33
C SER A 27 -10.23 -4.87 9.03
N ARG A 28 -9.04 -5.45 9.17
CA ARG A 28 -7.93 -4.78 9.84
C ARG A 28 -7.35 -3.69 8.95
N ILE A 29 -7.24 -3.95 7.65
CA ILE A 29 -6.83 -2.93 6.69
C ILE A 29 -7.77 -1.75 6.80
N LYS A 30 -9.09 -1.98 6.85
CA LYS A 30 -10.08 -0.91 6.97
C LYS A 30 -9.98 -0.22 8.32
N LYS A 31 -9.54 -0.92 9.37
CA LYS A 31 -9.44 -0.31 10.70
C LYS A 31 -8.37 0.78 10.72
N LEU A 32 -7.13 0.47 10.34
CA LEU A 32 -6.10 1.49 10.36
C LEU A 32 -6.24 2.46 9.17
N THR A 33 -6.97 2.07 8.11
CA THR A 33 -7.24 2.96 7.00
C THR A 33 -8.22 4.02 7.46
N THR A 34 -9.23 3.62 8.25
CA THR A 34 -10.21 4.55 8.76
C THR A 34 -9.56 5.52 9.74
N TYR A 35 -8.66 5.02 10.59
CA TYR A 35 -7.93 5.88 11.52
C TYR A 35 -7.11 6.90 10.75
N ALA A 36 -6.58 6.51 9.60
CA ALA A 36 -5.81 7.40 8.76
C ALA A 36 -6.69 8.43 8.06
N LEU A 37 -7.95 8.10 7.79
CA LEU A 37 -8.85 9.01 7.08
C LEU A 37 -9.43 10.02 8.06
N ASP A 38 -9.66 9.55 9.29
CA ASP A 38 -10.10 10.38 10.39
C ASP A 38 -9.03 11.41 10.75
N HIS A 39 -7.75 11.09 10.48
CA HIS A 39 -6.64 11.96 10.81
C HIS A 39 -5.47 11.76 9.85
N ILE A 40 -5.27 12.72 8.93
CA ILE A 40 -4.16 12.72 8.01
C ILE A 40 -2.91 13.27 8.69
N ASP A 41 -3.03 13.91 9.85
CA ASP A 41 -1.90 14.49 10.56
C ASP A 41 -0.86 13.46 10.98
N ILE A 42 -1.20 12.17 10.87
CA ILE A 42 -0.29 11.07 11.14
C ILE A 42 0.08 10.33 9.86
N GLU A 43 -0.16 10.92 8.69
CA GLU A 43 0.22 10.30 7.42
C GLU A 43 1.70 9.91 7.44
N SER A 44 2.54 10.68 8.13
CA SER A 44 3.97 10.42 8.20
C SER A 44 4.28 9.04 8.78
N LYS A 45 3.67 8.66 9.91
CA LYS A 45 3.92 7.35 10.50
C LYS A 45 3.26 6.26 9.65
N ILE A 46 2.20 6.62 8.93
CA ILE A 46 1.46 5.66 8.11
C ILE A 46 2.28 5.28 6.88
N ILE A 47 2.81 6.28 6.18
CA ILE A 47 3.63 6.03 5.01
C ILE A 47 4.90 5.29 5.42
N SER A 48 5.43 5.62 6.60
CA SER A 48 6.63 4.97 7.11
C SER A 48 6.41 3.48 7.33
N LEU A 49 5.23 3.09 7.83
CA LEU A 49 4.95 1.69 8.09
C LEU A 49 4.64 0.89 6.85
N ILE A 50 4.01 1.47 5.82
CA ILE A 50 3.73 0.70 4.62
C ILE A 50 5.01 0.39 3.87
N ILE A 51 5.94 1.35 3.78
CA ILE A 51 7.21 1.09 3.10
C ILE A 51 8.05 0.09 3.89
N ASP A 52 8.05 0.20 5.23
CA ASP A 52 8.79 -0.73 6.07
C ASP A 52 8.16 -2.12 6.07
N TYR A 53 6.83 -2.23 6.08
CA TYR A 53 6.19 -3.53 6.03
C TYR A 53 6.48 -4.17 4.68
N SER A 54 6.32 -3.40 3.59
CA SER A 54 6.55 -3.92 2.24
C SER A 54 7.99 -4.37 2.07
N ARG A 55 8.92 -3.70 2.76
CA ARG A 55 10.34 -3.97 2.65
C ARG A 55 10.74 -5.24 3.39
N LEU A 56 10.38 -5.34 4.67
CA LEU A 56 10.81 -6.44 5.52
C LEU A 56 10.05 -7.74 5.26
N CYS A 57 8.74 -7.62 5.05
CA CYS A 57 7.87 -8.78 4.93
C CYS A 57 8.18 -9.64 3.70
N PRO A 58 7.79 -10.92 3.73
CA PRO A 58 7.99 -11.88 2.65
C PRO A 58 7.01 -11.62 1.50
N ASP A 59 7.15 -12.38 0.42
CA ASP A 59 6.44 -12.18 -0.83
C ASP A 59 4.91 -12.07 -0.66
N SER A 60 4.30 -13.00 0.06
CA SER A 60 2.85 -12.96 0.20
C SER A 60 2.43 -11.71 0.98
N HIS A 61 3.24 -11.31 1.96
CA HIS A 61 2.95 -10.11 2.74
C HIS A 61 3.23 -8.86 1.92
N LYS A 62 4.11 -8.94 0.91
CA LYS A 62 4.31 -7.81 0.02
C LYS A 62 3.04 -7.56 -0.80
N LEU A 63 2.32 -8.63 -1.16
CA LEU A 63 1.03 -8.49 -1.82
C LEU A 63 0.07 -7.77 -0.86
N GLY A 64 0.01 -8.25 0.39
CA GLY A 64 -0.87 -7.68 1.40
C GLY A 64 -0.46 -6.26 1.77
N SER A 65 0.82 -5.93 1.62
CA SER A 65 1.30 -4.59 1.90
C SER A 65 0.75 -3.64 0.85
N LEU A 66 0.71 -4.07 -0.41
CA LEU A 66 0.18 -3.27 -1.49
C LEU A 66 -1.35 -3.15 -1.35
N TYR A 67 -1.99 -4.08 -0.66
CA TYR A 67 -3.41 -3.96 -0.34
C TYR A 67 -3.66 -2.86 0.67
N ILE A 68 -2.80 -2.74 1.68
CA ILE A 68 -2.97 -1.70 2.68
C ILE A 68 -2.72 -0.34 2.01
N ILE A 69 -1.66 -0.25 1.19
CA ILE A 69 -1.35 0.94 0.43
C ILE A 69 -2.49 1.30 -0.52
N ASP A 70 -3.24 0.30 -1.01
CA ASP A 70 -4.34 0.58 -1.91
C ASP A 70 -5.50 1.24 -1.18
N SER A 71 -5.86 0.74 0.00
CA SER A 71 -7.01 1.27 0.72
C SER A 71 -6.70 2.67 1.25
N ILE A 72 -5.56 2.83 1.94
CA ILE A 72 -5.20 4.11 2.52
C ILE A 72 -4.71 5.07 1.44
N GLY A 73 -4.02 4.54 0.43
CA GLY A 73 -3.41 5.37 -0.59
C GLY A 73 -4.46 6.08 -1.43
N ARG A 74 -5.43 5.33 -1.95
CA ARG A 74 -6.49 5.94 -2.75
C ARG A 74 -7.41 6.75 -1.86
N ALA A 75 -7.80 6.23 -0.69
CA ALA A 75 -8.70 6.97 0.17
C ALA A 75 -8.08 8.31 0.58
N TYR A 76 -6.75 8.39 0.63
CA TYR A 76 -6.08 9.66 0.89
C TYR A 76 -6.22 10.61 -0.29
N LEU A 77 -5.82 10.21 -1.49
CA LEU A 77 -5.89 11.16 -2.59
C LEU A 77 -7.35 11.50 -2.87
N ASP A 78 -8.23 10.49 -2.90
CA ASP A 78 -9.64 10.69 -3.18
C ASP A 78 -10.27 11.71 -2.22
N GLU A 79 -10.08 11.50 -0.91
CA GLU A 79 -10.66 12.37 0.09
C GLU A 79 -10.06 13.77 0.02
N THR A 80 -8.73 13.86 -0.06
CA THR A 80 -8.04 15.14 -0.10
C THR A 80 -8.30 15.87 -1.40
N ARG A 81 -8.67 15.14 -2.47
CA ARG A 81 -9.09 15.77 -3.71
C ARG A 81 -10.50 16.33 -3.57
N SER A 82 -11.34 15.67 -2.78
CA SER A 82 -12.72 16.08 -2.56
C SER A 82 -12.85 17.27 -1.61
N ASN A 83 -11.86 17.47 -0.74
CA ASN A 83 -11.93 18.46 0.32
C ASN A 83 -10.68 19.32 0.38
N SER A 84 -10.65 20.31 1.28
CA SER A 84 -9.53 21.22 1.44
C SER A 84 -8.28 20.52 2.00
N ASN A 85 -8.37 19.23 2.30
CA ASN A 85 -7.27 18.46 2.85
C ASN A 85 -6.22 18.13 1.77
N SER A 86 -6.29 18.78 0.61
CA SER A 86 -5.39 18.53 -0.51
C SER A 86 -3.93 18.84 -0.17
N SER A 87 -3.69 19.74 0.78
CA SER A 87 -2.34 20.12 1.17
C SER A 87 -2.34 20.85 2.50
N SER A 88 -1.17 20.91 3.16
CA SER A 88 -1.00 21.61 4.41
C SER A 88 0.48 21.96 4.59
N ASN A 89 0.77 22.94 5.44
CA ASN A 89 2.11 23.41 5.69
C ASN A 89 2.93 22.45 6.55
N LYS A 90 2.54 21.17 6.61
CA LYS A 90 3.18 20.19 7.46
C LYS A 90 2.97 18.78 6.91
N PRO A 91 3.74 17.79 7.38
CA PRO A 91 3.42 16.39 7.13
C PRO A 91 2.09 16.12 7.81
N GLY A 92 1.07 15.76 7.03
CA GLY A 92 -0.28 15.67 7.55
C GLY A 92 -1.37 15.79 6.48
N THR A 93 -1.05 15.55 5.21
CA THR A 93 -2.00 15.63 4.10
C THR A 93 -1.51 14.76 2.95
N CYS A 94 -2.42 14.48 2.00
CA CYS A 94 -2.09 13.74 0.79
C CYS A 94 -0.89 14.36 0.09
N ALA A 95 -0.67 15.66 0.25
CA ALA A 95 0.45 16.32 -0.39
C ALA A 95 1.76 15.61 -0.06
N HIS A 96 2.12 15.60 1.23
CA HIS A 96 3.37 15.00 1.65
C HIS A 96 3.30 13.47 1.54
N ALA A 97 2.11 12.90 1.76
CA ALA A 97 1.95 11.46 1.78
C ALA A 97 2.15 10.85 0.39
N ILE A 98 1.45 11.39 -0.62
CA ILE A 98 1.54 10.83 -1.96
C ILE A 98 2.92 11.14 -2.54
N ASN A 99 3.51 12.30 -2.22
CA ASN A 99 4.84 12.61 -2.74
C ASN A 99 5.92 11.74 -2.10
N THR A 100 5.83 11.49 -0.78
CA THR A 100 6.86 10.72 -0.09
C THR A 100 6.76 9.23 -0.42
N LEU A 101 5.58 8.77 -0.81
CA LEU A 101 5.38 7.38 -1.21
C LEU A 101 5.69 7.20 -2.69
N GLY A 102 5.26 8.15 -3.52
CA GLY A 102 5.40 8.06 -4.96
C GLY A 102 6.86 8.18 -5.42
N GLU A 103 7.73 8.76 -4.58
CA GLU A 103 9.13 8.90 -4.94
C GLU A 103 9.90 7.60 -4.73
N VAL A 104 9.25 6.56 -4.18
CA VAL A 104 9.90 5.25 -4.01
C VAL A 104 8.94 4.09 -4.33
N ILE A 105 7.73 4.35 -4.78
CA ILE A 105 6.75 3.30 -5.01
C ILE A 105 7.21 2.35 -6.11
N GLN A 106 7.97 2.84 -7.09
CA GLN A 106 8.46 1.99 -8.16
C GLN A 106 9.48 0.99 -7.62
N GLU A 107 10.20 1.36 -6.55
CA GLU A 107 11.20 0.48 -5.97
C GLU A 107 10.52 -0.62 -5.17
N LEU A 108 9.48 -0.26 -4.40
CA LEU A 108 8.76 -1.22 -3.57
C LEU A 108 7.93 -2.17 -4.44
N LEU A 109 7.38 -1.67 -5.55
CA LEU A 109 6.67 -2.52 -6.49
C LEU A 109 7.65 -3.50 -7.14
N SER A 110 8.77 -2.99 -7.66
CA SER A 110 9.77 -3.83 -8.31
C SER A 110 10.21 -4.97 -7.41
N ASP A 111 10.36 -4.71 -6.11
CA ASP A 111 10.72 -5.75 -5.15
C ASP A 111 9.58 -6.75 -5.02
N ALA A 112 8.34 -6.25 -4.99
CA ALA A 112 7.18 -7.09 -4.78
C ALA A 112 6.90 -7.96 -6.00
N ILE A 113 7.11 -7.42 -7.21
CA ILE A 113 6.86 -8.19 -8.41
C ILE A 113 7.89 -9.31 -8.54
N ALA A 114 9.15 -9.01 -8.21
CA ALA A 114 10.23 -9.98 -8.27
C ALA A 114 10.09 -11.05 -7.20
N LYS A 115 9.47 -10.73 -6.06
CA LYS A 115 9.30 -11.70 -4.98
C LYS A 115 8.02 -12.50 -5.10
N SER A 116 6.92 -11.86 -5.53
CA SER A 116 5.60 -12.47 -5.49
C SER A 116 5.32 -13.30 -6.74
N ASN A 117 4.43 -14.29 -6.61
CA ASN A 117 4.12 -15.23 -7.67
C ASN A 117 3.18 -14.60 -8.71
N GLN A 118 2.96 -15.27 -9.84
CA GLN A 118 2.21 -14.74 -10.96
C GLN A 118 0.79 -14.33 -10.57
N ASP A 119 0.17 -15.06 -9.63
CA ASP A 119 -1.15 -14.70 -9.14
C ASP A 119 -1.06 -13.43 -8.30
N HIS A 120 -0.01 -13.33 -7.49
CA HIS A 120 0.22 -12.14 -6.69
C HIS A 120 0.50 -10.96 -7.62
N LYS A 121 1.26 -11.18 -8.70
CA LYS A 121 1.54 -10.14 -9.68
C LYS A 121 0.22 -9.64 -10.29
N GLU A 122 -0.74 -10.54 -10.48
CA GLU A 122 -2.03 -10.19 -11.07
C GLU A 122 -2.80 -9.25 -10.15
N LYS A 123 -2.82 -9.53 -8.84
CA LYS A 123 -3.55 -8.69 -7.91
C LYS A 123 -2.87 -7.33 -7.79
N ILE A 124 -1.55 -7.25 -7.97
CA ILE A 124 -0.86 -5.98 -7.93
C ILE A 124 -1.18 -5.18 -9.19
N ARG A 125 -1.23 -5.85 -10.35
CA ARG A 125 -1.55 -5.17 -11.59
C ARG A 125 -2.93 -4.54 -11.55
N MET A 126 -3.95 -5.25 -11.04
CA MET A 126 -5.26 -4.62 -10.97
C MET A 126 -5.20 -3.45 -10.00
N LEU A 127 -4.46 -3.58 -8.89
CA LEU A 127 -4.30 -2.49 -7.94
C LEU A 127 -3.62 -1.28 -8.58
N LEU A 128 -2.56 -1.49 -9.37
CA LEU A 128 -1.85 -0.37 -9.97
C LEU A 128 -2.72 0.37 -10.98
N ASP A 129 -3.62 -0.33 -11.67
CA ASP A 129 -4.52 0.33 -12.60
C ASP A 129 -5.62 1.06 -11.83
N ILE A 130 -6.07 0.48 -10.70
CA ILE A 130 -7.02 1.13 -9.82
C ILE A 130 -6.41 2.40 -9.26
N TRP A 131 -5.10 2.41 -9.03
CA TRP A 131 -4.43 3.58 -8.51
C TRP A 131 -4.34 4.70 -9.55
N ASP A 132 -4.05 4.37 -10.80
CA ASP A 132 -4.00 5.40 -11.84
C ASP A 132 -5.37 6.05 -12.02
N ARG A 133 -6.44 5.27 -11.80
CA ARG A 133 -7.81 5.76 -11.89
C ARG A 133 -8.16 6.65 -10.71
N SER A 134 -7.54 6.42 -9.54
CA SER A 134 -7.69 7.30 -8.38
C SER A 134 -6.92 8.60 -8.57
N GLY A 135 -6.01 8.65 -9.55
CA GLY A 135 -5.23 9.84 -9.82
C GLY A 135 -3.88 9.84 -9.09
N LEU A 136 -3.52 8.72 -8.47
CA LEU A 136 -2.24 8.57 -7.82
C LEU A 136 -1.12 8.63 -8.86
N PHE A 137 0.12 8.87 -8.43
CA PHE A 137 1.24 8.91 -9.35
C PHE A 137 1.34 7.53 -10.02
N GLN A 138 1.21 7.51 -11.34
CA GLN A 138 1.19 6.26 -12.09
C GLN A 138 2.56 5.60 -12.10
N LYS A 139 2.57 4.26 -12.22
CA LYS A 139 3.80 3.51 -12.38
C LYS A 139 4.42 3.90 -13.72
N SER A 140 5.75 3.84 -13.81
CA SER A 140 6.48 4.31 -14.99
C SER A 140 7.73 3.48 -15.22
N TYR A 141 8.38 3.72 -16.37
CA TYR A 141 9.54 2.98 -16.88
C TYR A 141 9.24 1.51 -17.17
N LEU A 142 8.38 0.88 -16.35
CA LEU A 142 7.91 -0.49 -16.45
C LEU A 142 9.01 -1.55 -16.38
N ASN A 143 10.25 -1.23 -16.78
CA ASN A 143 11.34 -2.19 -16.76
C ASN A 143 11.72 -2.53 -15.32
N ALA A 144 11.65 -1.54 -14.43
CA ALA A 144 11.92 -1.76 -13.02
C ALA A 144 10.79 -2.58 -12.41
N ILE A 145 9.55 -2.14 -12.60
CA ILE A 145 8.38 -2.85 -12.10
C ILE A 145 8.35 -4.28 -12.60
N ARG A 146 8.73 -4.51 -13.87
CA ARG A 146 8.78 -5.85 -14.43
C ARG A 146 9.98 -6.62 -13.87
N SER A 147 11.01 -5.90 -13.41
CA SER A 147 12.20 -6.49 -12.82
C SER A 147 12.75 -7.60 -13.72
N LYS A 148 13.17 -7.23 -14.93
CA LYS A 148 13.72 -8.15 -15.92
C LYS A 148 14.89 -8.97 -15.36
N CYS A 149 15.45 -8.57 -14.21
CA CYS A 149 16.52 -9.34 -13.60
C CYS A 149 16.00 -10.72 -13.22
N PHE A 150 14.69 -10.83 -12.93
CA PHE A 150 14.08 -12.09 -12.57
C PHE A 150 14.19 -13.09 -13.72
N ALA A 151 14.24 -12.60 -14.96
CA ALA A 151 14.45 -13.43 -16.13
C ALA A 151 15.94 -13.70 -16.33
N MET A 152 16.79 -12.76 -15.93
CA MET A 152 18.24 -12.92 -16.03
C MET A 152 18.76 -13.88 -14.97
N ASP A 153 17.99 -14.08 -13.88
CA ASP A 153 18.32 -15.02 -12.83
C ASP A 153 18.07 -16.46 -13.26
N LEU A 154 17.38 -16.67 -14.39
CA LEU A 154 17.07 -18.00 -14.87
C LEU A 154 18.32 -18.67 -15.47
N GLU A 155 18.43 -19.98 -15.27
CA GLU A 155 19.55 -20.76 -15.78
C GLU A 155 19.13 -22.23 -15.91
N HIS A 156 19.97 -23.04 -16.57
CA HIS A 156 19.69 -24.46 -16.72
C HIS A 156 19.82 -25.18 -15.39
N HIS A 157 19.12 -26.31 -15.22
CA HIS A 157 19.11 -27.05 -13.97
C HIS A 157 20.48 -27.68 -13.71
N HIS A 158 20.88 -27.71 -12.42
CA HIS A 158 22.13 -28.30 -12.00
C HIS A 158 22.06 -28.81 -10.55
N HIS A 159 20.88 -28.71 -9.94
CA HIS A 159 20.67 -29.11 -8.54
C HIS A 159 19.20 -29.47 -8.37
N ASP B 1 -3.20 -15.03 11.97
CA ASP B 1 -4.54 -15.64 12.09
C ASP B 1 -5.33 -15.40 10.80
N ASP B 2 -6.65 -15.24 10.90
CA ASP B 2 -7.52 -15.02 9.75
C ASP B 2 -8.33 -13.73 9.89
N ASP B 3 -8.77 -13.19 8.75
CA ASP B 3 -9.58 -11.98 8.66
C ASP B 3 -10.32 -12.03 7.32
N GLU B 4 -10.87 -10.89 6.88
CA GLU B 4 -11.40 -10.73 5.53
C GLU B 4 -10.27 -10.78 4.51
N ASP B 5 -9.60 -11.93 4.42
CA ASP B 5 -8.47 -12.18 3.53
C ASP B 5 -8.87 -12.19 2.05
N ASP B 6 -9.97 -11.50 1.69
CA ASP B 6 -10.49 -11.48 0.33
C ASP B 6 -10.90 -10.07 -0.08
N TYR B 7 -10.21 -9.05 0.48
CA TYR B 7 -10.46 -7.66 0.13
C TYR B 7 -10.44 -7.50 -1.38
N THR B 8 -11.45 -6.81 -1.92
CA THR B 8 -11.60 -6.63 -3.35
C THR B 8 -12.08 -5.20 -3.63
N PRO B 9 -11.20 -4.36 -4.20
CA PRO B 9 -11.52 -2.98 -4.51
C PRO B 9 -12.37 -2.89 -5.78
N SER B 10 -12.93 -1.70 -6.03
CA SER B 10 -13.71 -1.42 -7.22
C SER B 10 -13.59 0.07 -7.55
N ILE B 11 -13.66 0.42 -8.84
CA ILE B 11 -13.48 1.78 -9.29
C ILE B 11 -13.97 1.93 -10.73
N SER B 12 -14.24 3.18 -11.15
CA SER B 12 -14.62 3.50 -12.51
C SER B 12 -13.47 3.16 -13.46
#